data_9AY2
#
_entry.id   9AY2
#
_cell.length_a   1.00
_cell.length_b   1.00
_cell.length_c   1.00
_cell.angle_alpha   90.00
_cell.angle_beta   90.00
_cell.angle_gamma   90.00
#
_symmetry.space_group_name_H-M   'P 1'
#
_entity_poly.entity_id   1
_entity_poly.type   'polypeptide(L)'
_entity_poly.pdbx_seq_one_letter_code
;MGHNNTKGNRKFIKGRYTANAAKGERLVSSEFLLTFAGHEDISVLVRTSQIPEMTREDVEDYGPNGVKFNQHGPIRNSGE
IQVQCVETIEGDILQFIKDRIAAKDYVDITMAATPESKSSGVNAVTKAATTIEMLDCKIYSDAIDFSTEDVTAAVRPSLR
IVYNWIEWD
;
_entity_poly.pdbx_strand_id   A,B,C,D,E,F,G,H,I,J,K,L,M,N,O,P,Q,R
#
# COMPACT_ATOMS: atom_id res chain seq x y z
N GLY A 2 -41.68 11.85 -6.52
CA GLY A 2 -40.25 11.96 -6.78
C GLY A 2 -39.84 13.32 -7.26
N HIS A 3 -38.72 13.38 -7.99
CA HIS A 3 -38.25 14.64 -8.53
C HIS A 3 -39.20 15.16 -9.60
N ASN A 4 -39.42 16.48 -9.59
CA ASN A 4 -40.38 17.08 -10.52
C ASN A 4 -39.82 17.11 -11.94
N ASN A 5 -38.55 17.49 -12.08
CA ASN A 5 -37.91 17.60 -13.40
C ASN A 5 -37.30 16.24 -13.74
N THR A 6 -38.07 15.40 -14.43
CA THR A 6 -37.60 14.06 -14.76
C THR A 6 -37.91 13.68 -16.21
N LYS A 7 -38.28 14.64 -17.06
CA LYS A 7 -38.61 14.33 -18.44
C LYS A 7 -37.41 13.78 -19.19
N GLY A 8 -37.67 12.87 -20.12
CA GLY A 8 -36.60 12.24 -20.89
C GLY A 8 -36.98 11.96 -22.32
N ASN A 9 -35.98 11.92 -23.21
CA ASN A 9 -36.21 11.65 -24.62
C ASN A 9 -35.16 10.69 -25.15
N ARG A 10 -35.48 10.05 -26.26
CA ARG A 10 -34.57 9.09 -26.90
C ARG A 10 -33.75 9.71 -28.02
N LYS A 11 -34.26 10.75 -28.68
CA LYS A 11 -33.55 11.31 -29.83
C LYS A 11 -32.19 11.85 -29.45
N PHE A 12 -32.05 12.42 -28.25
CA PHE A 12 -30.74 12.87 -27.79
C PHE A 12 -29.78 11.70 -27.62
N ILE A 13 -30.25 10.61 -26.99
CA ILE A 13 -29.42 9.43 -26.82
C ILE A 13 -29.07 8.82 -28.17
N LYS A 14 -30.04 8.77 -29.09
CA LYS A 14 -29.78 8.29 -30.43
C LYS A 14 -28.70 9.12 -31.12
N GLY A 15 -28.79 10.44 -31.00
CA GLY A 15 -27.80 11.31 -31.62
C GLY A 15 -26.41 11.10 -31.04
N ARG A 16 -26.32 11.01 -29.71
CA ARG A 16 -25.02 10.77 -29.09
C ARG A 16 -24.44 9.43 -29.50
N TYR A 17 -25.27 8.38 -29.53
CA TYR A 17 -24.80 7.06 -29.93
C TYR A 17 -24.33 7.07 -31.38
N THR A 18 -25.07 7.72 -32.27
CA THR A 18 -24.67 7.79 -33.68
C THR A 18 -23.37 8.55 -33.83
N ALA A 19 -23.22 9.67 -33.12
CA ALA A 19 -21.99 10.45 -33.20
C ALA A 19 -20.80 9.64 -32.69
N ASN A 20 -21.00 8.88 -31.61
CA ASN A 20 -19.91 8.08 -31.06
C ASN A 20 -19.54 6.92 -31.98
N ALA A 21 -20.54 6.29 -32.62
CA ALA A 21 -20.30 5.08 -33.38
C ALA A 21 -19.86 5.34 -34.82
N ALA A 22 -20.27 6.45 -35.42
CA ALA A 22 -19.96 6.69 -36.83
C ALA A 22 -18.51 7.07 -37.07
N LYS A 23 -17.74 7.35 -36.02
CA LYS A 23 -16.37 7.80 -36.22
C LYS A 23 -15.48 6.67 -36.75
N GLY A 24 -15.58 5.49 -36.15
CA GLY A 24 -14.78 4.37 -36.59
C GLY A 24 -14.44 3.38 -35.48
N GLU A 25 -13.64 2.37 -35.81
CA GLU A 25 -13.27 1.36 -34.83
C GLU A 25 -12.37 1.94 -33.76
N ARG A 26 -12.38 1.30 -32.59
CA ARG A 26 -11.48 1.64 -31.50
C ARG A 26 -10.24 0.76 -31.57
N LEU A 27 -9.09 1.35 -31.30
CA LEU A 27 -7.81 0.64 -31.38
C LEU A 27 -7.69 -0.30 -30.18
N VAL A 28 -7.74 -1.60 -30.45
CA VAL A 28 -7.56 -2.59 -29.39
C VAL A 28 -6.12 -2.54 -28.89
N SER A 29 -5.95 -2.72 -27.59
CA SER A 29 -4.62 -2.61 -26.98
C SER A 29 -3.69 -3.75 -27.39
N SER A 30 -4.20 -4.80 -28.01
CA SER A 30 -3.38 -5.94 -28.40
C SER A 30 -2.88 -5.85 -29.84
N GLU A 31 -3.20 -4.79 -30.56
CA GLU A 31 -2.82 -4.63 -31.97
C GLU A 31 -1.72 -3.58 -32.03
N PHE A 32 -0.47 -4.02 -32.16
CA PHE A 32 0.66 -3.11 -32.25
C PHE A 32 1.85 -3.87 -32.83
N LEU A 33 2.85 -3.11 -33.27
CA LEU A 33 4.06 -3.68 -33.84
C LEU A 33 5.24 -2.76 -33.54
N LEU A 34 6.22 -3.29 -32.82
CA LEU A 34 7.42 -2.56 -32.46
C LEU A 34 8.62 -3.24 -33.14
N THR A 35 9.21 -2.57 -34.12
CA THR A 35 10.26 -3.17 -34.93
C THR A 35 11.56 -2.41 -34.78
N PHE A 36 12.63 -3.14 -34.49
CA PHE A 36 13.96 -2.54 -34.36
C PHE A 36 14.54 -2.31 -35.75
N ALA A 37 15.82 -1.93 -35.80
CA ALA A 37 16.53 -1.71 -37.05
C ALA A 37 17.57 -2.81 -37.24
N GLY A 38 17.43 -3.58 -38.31
CA GLY A 38 18.34 -4.67 -38.60
C GLY A 38 18.10 -5.92 -37.79
N HIS A 39 17.05 -5.96 -36.99
CA HIS A 39 16.71 -7.11 -36.14
C HIS A 39 15.23 -7.44 -36.26
N GLU A 40 14.74 -7.51 -37.51
CA GLU A 40 13.32 -7.74 -37.74
C GLU A 40 12.84 -9.09 -37.21
N ASP A 41 13.74 -10.05 -37.02
CA ASP A 41 13.35 -11.35 -36.49
C ASP A 41 12.99 -11.30 -35.00
N ILE A 42 13.26 -10.18 -34.33
CA ILE A 42 12.96 -10.07 -32.91
C ILE A 42 11.61 -9.39 -32.65
N SER A 43 11.10 -8.60 -33.59
CA SER A 43 9.88 -7.83 -33.37
C SER A 43 8.69 -8.74 -33.04
N VAL A 44 8.70 -9.99 -33.49
CA VAL A 44 7.62 -10.91 -33.18
C VAL A 44 7.62 -11.30 -31.71
N LEU A 45 8.74 -11.12 -31.01
CA LEU A 45 8.89 -11.55 -29.63
C LEU A 45 8.32 -10.57 -28.62
N VAL A 46 8.15 -9.30 -28.99
CA VAL A 46 7.68 -8.30 -28.04
C VAL A 46 6.27 -8.64 -27.58
N ARG A 47 6.01 -8.42 -26.29
CA ARG A 47 4.72 -8.74 -25.68
C ARG A 47 4.03 -7.56 -25.01
N THR A 48 4.78 -6.51 -24.66
CA THR A 48 4.21 -5.33 -24.02
C THR A 48 5.14 -4.16 -24.26
N SER A 49 4.59 -3.03 -24.70
CA SER A 49 5.39 -1.86 -25.01
C SER A 49 4.65 -0.62 -24.51
N GLN A 50 5.19 0.55 -24.87
CA GLN A 50 4.62 1.82 -24.40
C GLN A 50 4.98 2.91 -25.40
N ILE A 51 3.98 3.59 -25.93
CA ILE A 51 4.22 4.78 -26.75
C ILE A 51 4.83 5.87 -25.88
N PRO A 52 5.90 6.53 -26.31
CA PRO A 52 6.64 7.43 -25.41
C PRO A 52 5.85 8.69 -25.08
N GLU A 53 6.43 9.46 -24.16
CA GLU A 53 5.81 10.70 -23.72
C GLU A 53 5.73 11.70 -24.86
N MET A 54 4.63 12.46 -24.90
CA MET A 54 4.45 13.56 -25.86
C MET A 54 4.10 14.79 -25.04
N THR A 55 5.13 15.47 -24.54
CA THR A 55 4.93 16.62 -23.67
C THR A 55 6.19 17.47 -23.69
N ARG A 56 6.06 18.69 -23.17
CA ARG A 56 7.19 19.61 -23.03
C ARG A 56 7.18 20.17 -21.61
N GLU A 57 8.38 20.48 -21.13
CA GLU A 57 8.52 21.04 -19.79
C GLU A 57 7.83 22.39 -19.71
N ASP A 58 7.30 22.71 -18.53
CA ASP A 58 6.60 23.96 -18.29
C ASP A 58 7.44 24.89 -17.42
N VAL A 59 7.18 26.18 -17.54
CA VAL A 59 7.82 27.19 -16.71
C VAL A 59 6.73 27.89 -15.90
N GLU A 60 7.05 28.18 -14.64
CA GLU A 60 6.08 28.68 -13.67
C GLU A 60 6.40 30.13 -13.36
N ASP A 61 5.43 31.02 -13.61
CA ASP A 61 5.61 32.45 -13.41
C ASP A 61 4.61 32.93 -12.36
N TYR A 62 5.08 33.71 -11.41
CA TYR A 62 4.25 34.27 -10.35
C TYR A 62 4.04 35.75 -10.64
N GLY A 63 2.88 36.09 -11.20
CA GLY A 63 2.60 37.46 -11.56
C GLY A 63 2.19 38.28 -10.35
N PRO A 64 1.91 39.55 -10.61
CA PRO A 64 1.54 40.47 -9.52
C PRO A 64 0.23 40.04 -8.85
N ASN A 65 0.11 40.38 -7.57
CA ASN A 65 -1.09 40.13 -6.78
C ASN A 65 -1.39 38.64 -6.65
N GLY A 66 -0.36 37.80 -6.70
CA GLY A 66 -0.50 36.39 -6.43
C GLY A 66 -1.00 35.56 -7.59
N VAL A 67 -1.21 36.15 -8.77
CA VAL A 67 -1.67 35.36 -9.91
C VAL A 67 -0.55 34.42 -10.36
N LYS A 68 -0.94 33.38 -11.09
CA LYS A 68 -0.02 32.30 -11.47
C LYS A 68 -0.17 32.02 -12.95
N PHE A 69 0.92 31.65 -13.60
CA PHE A 69 0.91 31.32 -15.02
C PHE A 69 1.84 30.14 -15.29
N ASN A 70 1.38 29.25 -16.16
CA ASN A 70 2.18 28.13 -16.64
C ASN A 70 2.40 28.33 -18.14
N GLN A 71 3.66 28.35 -18.56
CA GLN A 71 4.01 28.67 -19.93
C GLN A 71 4.81 27.53 -20.55
N HIS A 72 4.57 27.32 -21.85
CA HIS A 72 5.29 26.29 -22.59
C HIS A 72 6.79 26.53 -22.54
N GLY A 73 7.54 25.46 -22.38
CA GLY A 73 8.99 25.53 -22.35
C GLY A 73 9.63 24.64 -23.40
N PRO A 74 10.91 24.31 -23.20
CA PRO A 74 11.59 23.43 -24.15
C PRO A 74 10.97 22.04 -24.18
N ILE A 75 11.03 21.41 -25.35
CA ILE A 75 10.41 20.10 -25.53
C ILE A 75 11.18 19.06 -24.73
N ARG A 76 10.46 18.00 -24.34
CA ARG A 76 11.05 16.87 -23.63
C ARG A 76 11.25 15.74 -24.65
N ASN A 77 12.43 15.71 -25.26
CA ASN A 77 12.68 14.74 -26.33
C ASN A 77 13.09 13.38 -25.76
N SER A 78 14.04 13.36 -24.84
CA SER A 78 14.49 12.09 -24.29
C SER A 78 13.45 11.51 -23.33
N GLY A 79 13.64 10.25 -22.98
CA GLY A 79 12.73 9.60 -22.06
C GLY A 79 13.04 8.12 -21.96
N GLU A 80 12.22 7.46 -21.13
CA GLU A 80 12.45 6.09 -20.69
C GLU A 80 11.15 5.31 -20.79
N ILE A 81 11.20 4.11 -21.37
CA ILE A 81 10.04 3.24 -21.46
C ILE A 81 10.42 1.81 -21.07
N GLN A 82 9.40 1.03 -20.71
CA GLN A 82 9.56 -0.35 -20.29
C GLN A 82 8.86 -1.26 -21.27
N VAL A 83 9.52 -2.36 -21.64
CA VAL A 83 9.00 -3.32 -22.61
C VAL A 83 9.10 -4.71 -21.99
N GLN A 84 8.09 -5.54 -22.21
CA GLN A 84 8.10 -6.91 -21.73
C GLN A 84 8.17 -7.87 -22.91
N CYS A 85 9.15 -8.77 -22.87
CA CYS A 85 9.35 -9.79 -23.88
C CYS A 85 9.19 -11.17 -23.25
N VAL A 86 9.35 -12.21 -24.07
CA VAL A 86 9.21 -13.59 -23.62
C VAL A 86 10.43 -14.37 -24.08
N GLU A 87 11.16 -14.94 -23.13
CA GLU A 87 12.36 -15.71 -23.44
C GLU A 87 11.99 -17.02 -24.14
N THR A 88 12.89 -17.47 -25.01
CA THR A 88 12.73 -18.70 -25.77
C THR A 88 13.73 -19.75 -25.26
N ILE A 89 13.68 -20.93 -25.89
CA ILE A 89 14.57 -22.02 -25.49
C ILE A 89 15.96 -21.88 -26.11
N GLU A 90 16.09 -21.12 -27.20
CA GLU A 90 17.40 -20.84 -27.78
C GLU A 90 18.02 -19.56 -27.26
N GLY A 91 17.32 -18.81 -26.41
CA GLY A 91 17.85 -17.57 -25.89
C GLY A 91 18.09 -16.50 -26.93
N ASP A 92 17.15 -16.34 -27.88
CA ASP A 92 17.29 -15.31 -28.90
C ASP A 92 17.32 -13.92 -28.28
N ILE A 93 16.40 -13.66 -27.34
CA ILE A 93 16.38 -12.37 -26.66
C ILE A 93 17.63 -12.19 -25.82
N LEU A 94 18.07 -13.26 -25.13
CA LEU A 94 19.29 -13.18 -24.34
C LEU A 94 20.49 -12.88 -25.23
N GLN A 95 20.61 -13.56 -26.37
CA GLN A 95 21.72 -13.29 -27.28
C GLN A 95 21.65 -11.86 -27.81
N PHE A 96 20.44 -11.38 -28.11
CA PHE A 96 20.28 -10.03 -28.60
C PHE A 96 20.73 -8.99 -27.58
N ILE A 97 20.34 -9.19 -26.30
CA ILE A 97 20.71 -8.19 -25.30
C ILE A 97 22.20 -8.28 -24.99
N LYS A 98 22.79 -9.48 -25.04
CA LYS A 98 24.25 -9.58 -24.89
C LYS A 98 24.96 -8.84 -26.02
N ASP A 99 24.48 -9.01 -27.24
CA ASP A 99 25.09 -8.30 -28.37
C ASP A 99 24.95 -6.78 -28.20
N ARG A 100 23.78 -6.33 -27.75
CA ARG A 100 23.56 -4.89 -27.58
C ARG A 100 24.47 -4.32 -26.49
N ILE A 101 24.61 -5.03 -25.37
CA ILE A 101 25.44 -4.50 -24.29
C ILE A 101 26.93 -4.56 -24.66
N ALA A 102 27.35 -5.57 -25.44
CA ALA A 102 28.75 -5.65 -25.81
C ALA A 102 29.12 -4.67 -26.91
N ALA A 103 28.20 -4.40 -27.84
CA ALA A 103 28.50 -3.56 -28.99
C ALA A 103 28.53 -2.07 -28.67
N LYS A 104 27.78 -1.63 -27.66
CA LYS A 104 27.70 -0.22 -27.28
C LYS A 104 27.28 0.64 -28.46
N ASP A 105 26.21 0.22 -29.14
CA ASP A 105 25.70 0.89 -30.31
C ASP A 105 24.30 1.42 -30.06
N TYR A 106 23.84 2.26 -30.99
CA TYR A 106 22.52 2.89 -30.92
C TYR A 106 21.66 2.37 -32.05
N VAL A 107 20.43 1.96 -31.72
CA VAL A 107 19.47 1.49 -32.71
C VAL A 107 18.24 2.38 -32.67
N ASP A 108 17.44 2.31 -33.74
CA ASP A 108 16.22 3.08 -33.87
C ASP A 108 15.04 2.13 -34.00
N ILE A 109 13.96 2.42 -33.27
CA ILE A 109 12.79 1.55 -33.26
C ILE A 109 11.59 2.29 -33.84
N THR A 110 10.81 1.57 -34.65
CA THR A 110 9.58 2.08 -35.24
C THR A 110 8.41 1.44 -34.51
N MET A 111 7.53 2.28 -33.96
CA MET A 111 6.31 1.84 -33.29
C MET A 111 5.13 2.13 -34.20
N ALA A 112 4.33 1.10 -34.49
CA ALA A 112 3.20 1.27 -35.39
C ALA A 112 1.98 0.57 -34.81
N ALA A 113 0.80 1.09 -35.12
CA ALA A 113 -0.46 0.44 -34.81
C ALA A 113 -0.95 -0.26 -36.07
N THR A 114 -1.03 -1.60 -36.02
CA THR A 114 -1.35 -2.42 -37.17
C THR A 114 -2.57 -3.28 -36.85
N PRO A 115 -3.76 -2.71 -36.85
CA PRO A 115 -4.96 -3.50 -36.59
C PRO A 115 -5.26 -4.45 -37.73
N GLU A 116 -5.99 -5.51 -37.41
CA GLU A 116 -6.38 -6.48 -38.43
C GLU A 116 -7.34 -5.87 -39.44
N SER A 117 -8.06 -4.81 -39.05
CA SER A 117 -9.05 -4.22 -39.95
C SER A 117 -8.40 -3.64 -41.20
N LYS A 118 -7.29 -2.93 -41.05
CA LYS A 118 -6.62 -2.30 -42.18
C LYS A 118 -5.51 -3.16 -42.77
N SER A 119 -5.25 -4.34 -42.20
CA SER A 119 -4.20 -5.19 -42.72
C SER A 119 -4.61 -5.81 -44.04
N SER A 120 -3.62 -6.05 -44.91
CA SER A 120 -3.83 -6.68 -46.20
C SER A 120 -2.77 -7.76 -46.40
N GLY A 121 -3.21 -8.95 -46.81
CA GLY A 121 -2.27 -10.04 -46.97
C GLY A 121 -1.81 -10.57 -45.61
N VAL A 122 -0.59 -11.12 -45.62
CA VAL A 122 0.01 -11.66 -44.41
C VAL A 122 0.97 -10.63 -43.83
N ASN A 123 0.91 -9.41 -44.32
CA ASN A 123 1.80 -8.33 -43.90
C ASN A 123 0.99 -7.16 -43.37
N ALA A 124 1.47 -6.57 -42.28
CA ALA A 124 0.77 -5.48 -41.64
C ALA A 124 0.82 -4.22 -42.51
N VAL A 125 -0.26 -3.44 -42.44
CA VAL A 125 -0.35 -2.16 -43.14
C VAL A 125 -0.53 -1.07 -42.08
N THR A 126 0.36 -0.09 -42.08
CA THR A 126 0.37 0.97 -41.08
C THR A 126 -0.10 2.28 -41.70
N LYS A 127 -0.17 3.31 -40.86
CA LYS A 127 -0.56 4.65 -41.28
C LYS A 127 0.39 5.67 -40.67
N ALA A 128 0.53 6.81 -41.35
CA ALA A 128 1.41 7.87 -40.86
C ALA A 128 0.88 8.51 -39.58
N ALA A 129 -0.41 8.40 -39.31
CA ALA A 129 -0.97 9.02 -38.11
C ALA A 129 -0.56 8.26 -36.86
N THR A 130 -0.62 6.93 -36.89
CA THR A 130 -0.33 6.10 -35.72
C THR A 130 1.04 5.46 -35.79
N THR A 131 2.03 6.17 -36.33
CA THR A 131 3.39 5.67 -36.44
C THR A 131 4.35 6.65 -35.78
N ILE A 132 5.20 6.15 -34.89
CA ILE A 132 6.21 6.94 -34.20
C ILE A 132 7.55 6.27 -34.42
N GLU A 133 8.62 7.05 -34.33
CA GLU A 133 9.96 6.50 -34.48
C GLU A 133 10.88 7.10 -33.43
N MET A 134 11.73 6.27 -32.84
CA MET A 134 12.67 6.70 -31.82
C MET A 134 14.08 6.40 -32.29
N LEU A 135 14.93 7.42 -32.26
CA LEU A 135 16.31 7.36 -32.73
C LEU A 135 17.27 7.35 -31.55
N ASP A 136 18.48 6.85 -31.81
CA ASP A 136 19.57 6.85 -30.83
C ASP A 136 19.14 6.18 -29.53
N CYS A 137 18.38 5.11 -29.65
CA CYS A 137 17.84 4.43 -28.48
C CYS A 137 18.88 3.48 -27.89
N LYS A 138 18.69 3.18 -26.61
CA LYS A 138 19.56 2.23 -25.90
C LYS A 138 18.69 1.21 -25.19
N ILE A 139 19.10 -0.05 -25.27
CA ILE A 139 18.34 -1.17 -24.70
C ILE A 139 19.16 -1.76 -23.55
N TYR A 140 18.57 -1.80 -22.36
CA TYR A 140 19.17 -2.43 -21.20
C TYR A 140 18.25 -3.54 -20.69
N SER A 141 18.84 -4.54 -20.04
CA SER A 141 18.05 -5.65 -19.53
C SER A 141 17.62 -5.35 -18.09
N ASP A 142 17.04 -6.35 -17.43
CA ASP A 142 16.59 -6.21 -16.06
C ASP A 142 16.54 -7.60 -15.42
N ALA A 143 16.50 -7.61 -14.09
CA ALA A 143 16.43 -8.87 -13.36
C ALA A 143 15.14 -9.62 -13.70
N ILE A 144 15.27 -10.93 -13.89
CA ILE A 144 14.15 -11.78 -14.27
C ILE A 144 13.96 -12.83 -13.17
N ASP A 145 12.73 -12.96 -12.70
CA ASP A 145 12.42 -13.89 -11.63
C ASP A 145 12.44 -15.32 -12.16
N PHE A 146 13.15 -16.20 -11.46
CA PHE A 146 13.23 -17.62 -11.78
C PHE A 146 12.78 -18.38 -10.54
N SER A 147 11.48 -18.57 -10.42
CA SER A 147 10.88 -19.22 -9.25
C SER A 147 10.31 -20.57 -9.65
N THR A 148 10.50 -21.56 -8.78
CA THR A 148 10.00 -22.90 -9.06
C THR A 148 8.48 -22.96 -8.94
N GLU A 149 7.89 -22.15 -8.04
CA GLU A 149 6.45 -22.18 -7.86
C GLU A 149 5.70 -21.75 -9.11
N ASP A 150 6.30 -20.87 -9.91
CA ASP A 150 5.67 -20.40 -11.15
C ASP A 150 5.84 -21.44 -12.26
N VAL A 151 5.24 -22.62 -12.02
CA VAL A 151 5.31 -23.71 -12.99
C VAL A 151 4.53 -23.37 -14.25
N THR A 152 3.42 -22.64 -14.12
CA THR A 152 2.57 -22.29 -15.25
C THR A 152 2.82 -20.87 -15.74
N ALA A 153 4.05 -20.40 -15.69
CA ALA A 153 4.40 -19.06 -16.14
C ALA A 153 5.68 -19.11 -16.96
N ALA A 154 5.72 -18.36 -18.05
CA ALA A 154 6.90 -18.27 -18.89
C ALA A 154 7.79 -17.11 -18.43
N VAL A 155 9.07 -17.21 -18.75
CA VAL A 155 10.02 -16.16 -18.40
C VAL A 155 9.67 -14.90 -19.17
N ARG A 156 9.67 -13.76 -18.48
CA ARG A 156 9.30 -12.47 -19.05
C ARG A 156 10.42 -11.48 -18.85
N PRO A 157 11.41 -11.44 -19.74
CA PRO A 157 12.46 -10.42 -19.65
C PRO A 157 11.89 -9.02 -19.74
N SER A 158 12.47 -8.11 -18.97
CA SER A 158 12.08 -6.71 -18.97
C SER A 158 13.19 -5.88 -19.59
N LEU A 159 12.85 -5.12 -20.61
CA LEU A 159 13.80 -4.30 -21.35
C LEU A 159 13.52 -2.82 -21.08
N ARG A 160 14.54 -2.11 -20.61
CA ARG A 160 14.48 -0.68 -20.41
C ARG A 160 15.00 0.00 -21.66
N ILE A 161 14.14 0.72 -22.36
CA ILE A 161 14.49 1.37 -23.62
C ILE A 161 14.54 2.86 -23.39
N VAL A 162 15.69 3.47 -23.69
CA VAL A 162 15.87 4.91 -23.53
C VAL A 162 15.87 5.53 -24.93
N TYR A 163 15.02 6.52 -25.13
CA TYR A 163 14.89 7.20 -26.41
C TYR A 163 15.36 8.64 -26.28
N ASN A 164 16.02 9.14 -27.32
CA ASN A 164 16.58 10.48 -27.31
C ASN A 164 15.84 11.46 -28.19
N TRP A 165 14.92 11.00 -29.04
CA TRP A 165 14.18 11.90 -29.91
C TRP A 165 12.97 11.16 -30.47
N ILE A 166 11.83 11.84 -30.46
CA ILE A 166 10.60 11.31 -31.02
C ILE A 166 10.41 11.95 -32.40
N GLU A 167 10.15 11.13 -33.41
CA GLU A 167 10.07 11.59 -34.79
C GLU A 167 8.78 11.02 -35.37
N TRP A 168 7.93 11.89 -35.93
CA TRP A 168 6.70 11.45 -36.55
C TRP A 168 6.53 12.13 -37.89
N ASP A 169 6.10 11.37 -38.88
CA ASP A 169 5.97 11.86 -40.24
C ASP A 169 4.65 12.61 -40.42
N GLY B 2 -34.23 -3.49 27.21
CA GLY B 2 -33.24 -2.77 26.43
C GLY B 2 -33.11 -1.31 26.84
N HIS B 3 -32.74 -0.47 25.88
CA HIS B 3 -32.60 0.95 26.16
C HIS B 3 -33.96 1.57 26.49
N ASN B 4 -33.98 2.45 27.48
CA ASN B 4 -35.24 3.03 27.94
C ASN B 4 -35.77 4.06 26.95
N ASN B 5 -34.91 4.91 26.42
CA ASN B 5 -35.31 5.96 25.47
C ASN B 5 -35.23 5.38 24.07
N THR B 6 -36.37 4.85 23.58
CA THR B 6 -36.40 4.22 22.27
C THR B 6 -37.61 4.62 21.45
N LYS B 7 -38.33 5.67 21.84
CA LYS B 7 -39.52 6.07 21.10
C LYS B 7 -39.13 6.57 19.71
N GLY B 8 -40.02 6.32 18.74
CA GLY B 8 -39.77 6.69 17.36
C GLY B 8 -41.02 7.13 16.63
N ASN B 9 -40.85 7.97 15.62
CA ASN B 9 -41.96 8.49 14.84
C ASN B 9 -41.64 8.41 13.35
N ARG B 10 -42.68 8.48 12.53
CA ARG B 10 -42.54 8.46 11.07
C ARG B 10 -42.62 9.84 10.44
N LYS B 11 -43.31 10.78 11.08
CA LYS B 11 -43.49 12.10 10.49
C LYS B 11 -42.16 12.81 10.30
N PHE B 12 -41.20 12.62 11.21
CA PHE B 12 -39.87 13.19 11.03
C PHE B 12 -39.17 12.59 9.82
N ILE B 13 -39.23 11.26 9.68
CA ILE B 13 -38.62 10.61 8.53
C ILE B 13 -39.31 11.03 7.24
N LYS B 14 -40.64 11.15 7.27
CA LYS B 14 -41.38 11.63 6.11
C LYS B 14 -40.93 13.04 5.73
N GLY B 15 -40.78 13.91 6.72
CA GLY B 15 -40.35 15.27 6.43
C GLY B 15 -38.95 15.32 5.84
N ARG B 16 -38.03 14.54 6.40
CA ARG B 16 -36.67 14.52 5.87
C ARG B 16 -36.65 13.97 4.44
N TYR B 17 -37.41 12.89 4.18
CA TYR B 17 -37.46 12.33 2.84
C TYR B 17 -38.05 13.32 1.84
N THR B 18 -39.13 14.00 2.23
CA THR B 18 -39.73 14.99 1.33
C THR B 18 -38.78 16.13 1.06
N ALA B 19 -38.09 16.63 2.08
CA ALA B 19 -37.13 17.71 1.89
C ALA B 19 -35.99 17.28 0.97
N ASN B 20 -35.52 16.05 1.13
CA ASN B 20 -34.42 15.58 0.28
C ASN B 20 -34.87 15.36 -1.15
N ALA B 21 -36.09 14.86 -1.36
CA ALA B 21 -36.55 14.49 -2.69
C ALA B 21 -37.12 15.64 -3.49
N ALA B 22 -37.72 16.64 -2.84
CA ALA B 22 -38.38 17.72 -3.56
C ALA B 22 -37.40 18.69 -4.22
N LYS B 23 -36.12 18.60 -3.92
CA LYS B 23 -35.17 19.57 -4.47
C LYS B 23 -34.98 19.36 -5.97
N GLY B 24 -34.79 18.11 -6.39
CA GLY B 24 -34.61 17.84 -7.80
C GLY B 24 -33.73 16.62 -8.08
N GLU B 25 -33.50 16.35 -9.37
CA GLU B 25 -32.69 15.20 -9.76
C GLU B 25 -31.23 15.40 -9.33
N ARG B 26 -30.55 14.27 -9.12
CA ARG B 26 -29.12 14.27 -8.82
C ARG B 26 -28.34 14.14 -10.12
N LEU B 27 -27.24 14.87 -10.21
CA LEU B 27 -26.41 14.87 -11.41
C LEU B 27 -25.62 13.57 -11.48
N VAL B 28 -25.97 12.71 -12.45
CA VAL B 28 -25.23 11.47 -12.64
C VAL B 28 -23.83 11.79 -13.13
N SER B 29 -22.85 10.99 -12.68
CA SER B 29 -21.46 11.24 -13.02
C SER B 29 -21.14 11.00 -14.49
N SER B 30 -22.04 10.35 -15.24
CA SER B 30 -21.81 10.04 -16.64
C SER B 30 -22.38 11.07 -17.59
N GLU B 31 -22.99 12.14 -17.07
CA GLU B 31 -23.59 13.17 -17.90
C GLU B 31 -22.72 14.42 -17.83
N PHE B 32 -21.90 14.62 -18.86
CA PHE B 32 -21.02 15.78 -18.93
C PHE B 32 -20.60 15.98 -20.38
N LEU B 33 -20.05 17.18 -20.64
CA LEU B 33 -19.59 17.52 -21.98
C LEU B 33 -18.44 18.51 -21.87
N LEU B 34 -17.26 18.10 -22.33
CA LEU B 34 -16.07 18.93 -22.35
C LEU B 34 -15.71 19.22 -23.81
N THR B 35 -15.77 20.49 -24.19
CA THR B 35 -15.57 20.87 -25.59
C THR B 35 -14.42 21.86 -25.72
N PHE B 36 -13.50 21.56 -26.63
CA PHE B 36 -12.36 22.43 -26.89
C PHE B 36 -12.81 23.61 -27.76
N ALA B 37 -11.86 24.41 -28.20
CA ALA B 37 -12.12 25.56 -29.07
C ALA B 37 -11.59 25.24 -30.47
N GLY B 38 -12.50 25.20 -31.45
CA GLY B 38 -12.12 24.89 -32.81
C GLY B 38 -11.89 23.43 -33.10
N HIS B 39 -12.17 22.54 -32.14
CA HIS B 39 -11.98 21.10 -32.30
C HIS B 39 -13.20 20.36 -31.78
N GLU B 40 -14.38 20.80 -32.22
CA GLU B 40 -15.63 20.22 -31.74
C GLU B 40 -15.77 18.75 -32.11
N ASP B 41 -15.08 18.28 -33.15
CA ASP B 41 -15.16 16.88 -33.54
C ASP B 41 -14.44 15.96 -32.55
N ILE B 42 -13.69 16.51 -31.61
CA ILE B 42 -12.97 15.70 -30.64
C ILE B 42 -13.74 15.52 -29.33
N SER B 43 -14.65 16.45 -29.00
CA SER B 43 -15.32 16.42 -27.71
C SER B 43 -16.10 15.12 -27.49
N VAL B 44 -16.53 14.47 -28.57
CA VAL B 44 -17.24 13.20 -28.42
C VAL B 44 -16.33 12.09 -27.92
N LEU B 45 -15.01 12.27 -28.06
CA LEU B 45 -14.04 11.23 -27.71
C LEU B 45 -13.71 11.19 -26.23
N VAL B 46 -13.95 12.27 -25.49
CA VAL B 46 -13.57 12.32 -24.07
C VAL B 46 -14.34 11.27 -23.29
N ARG B 47 -13.68 10.65 -22.33
CA ARG B 47 -14.25 9.57 -21.54
C ARG B 47 -14.21 9.81 -20.04
N THR B 48 -13.29 10.65 -19.55
CA THR B 48 -13.18 10.93 -18.12
C THR B 48 -12.54 12.29 -17.97
N SER B 49 -13.12 13.13 -17.11
CA SER B 49 -12.68 14.50 -16.95
C SER B 49 -12.69 14.84 -15.47
N GLN B 50 -12.43 16.12 -15.16
CA GLN B 50 -12.37 16.60 -13.79
C GLN B 50 -12.63 18.09 -13.78
N ILE B 51 -13.66 18.52 -13.07
CA ILE B 51 -13.86 19.95 -12.84
C ILE B 51 -12.73 20.47 -11.97
N PRO B 52 -12.11 21.60 -12.31
CA PRO B 52 -10.85 21.99 -11.64
C PRO B 52 -11.07 22.43 -10.20
N GLU B 53 -9.95 22.70 -9.54
CA GLU B 53 -9.97 23.14 -8.15
C GLU B 53 -10.70 24.46 -8.02
N MET B 54 -11.42 24.60 -6.90
CA MET B 54 -12.22 25.80 -6.63
C MET B 54 -11.83 26.26 -5.22
N THR B 55 -10.74 27.01 -5.13
CA THR B 55 -10.17 27.35 -3.83
C THR B 55 -9.19 28.49 -3.98
N ARG B 56 -8.77 29.04 -2.85
CA ARG B 56 -7.72 30.03 -2.76
C ARG B 56 -6.73 29.64 -1.69
N GLU B 57 -5.48 30.06 -1.87
CA GLU B 57 -4.46 29.78 -0.87
C GLU B 57 -4.78 30.49 0.44
N ASP B 58 -4.32 29.91 1.54
CA ASP B 58 -4.54 30.45 2.86
C ASP B 58 -3.25 30.96 3.49
N VAL B 59 -3.37 31.93 4.37
CA VAL B 59 -2.25 32.45 5.14
C VAL B 59 -2.45 32.07 6.59
N GLU B 60 -1.35 31.79 7.28
CA GLU B 60 -1.35 31.20 8.61
C GLU B 60 -0.77 32.20 9.59
N ASP B 61 -1.55 32.56 10.62
CA ASP B 61 -1.14 33.55 11.60
C ASP B 61 -1.16 32.92 12.99
N TYR B 62 -0.15 33.23 13.79
CA TYR B 62 -0.04 32.72 15.16
C TYR B 62 -0.23 33.89 16.11
N GLY B 63 -1.41 33.96 16.73
CA GLY B 63 -1.72 35.03 17.64
C GLY B 63 -1.12 34.79 19.02
N PRO B 64 -1.35 35.74 19.92
CA PRO B 64 -0.77 35.64 21.26
C PRO B 64 -1.31 34.45 22.03
N ASN B 65 -0.48 33.92 22.92
CA ASN B 65 -0.83 32.79 23.79
C ASN B 65 -1.20 31.55 22.99
N GLY B 66 -0.61 31.38 21.82
CA GLY B 66 -0.77 30.17 21.04
C GLY B 66 -2.03 30.09 20.20
N VAL B 67 -2.87 31.13 20.18
CA VAL B 67 -4.05 31.08 19.33
C VAL B 67 -3.63 31.15 17.86
N LYS B 68 -4.46 30.56 17.01
CA LYS B 68 -4.09 30.28 15.62
C LYS B 68 -5.21 30.77 14.72
N PHE B 69 -4.83 31.28 13.54
CA PHE B 69 -5.81 31.82 12.61
C PHE B 69 -5.43 31.47 11.18
N ASN B 70 -6.44 31.11 10.38
CA ASN B 70 -6.28 30.87 8.95
C ASN B 70 -7.08 31.93 8.22
N GLN B 71 -6.43 32.66 7.31
CA GLN B 71 -7.05 33.79 6.63
C GLN B 71 -7.01 33.59 5.12
N HIS B 72 -8.06 34.07 4.45
CA HIS B 72 -8.12 33.99 3.00
C HIS B 72 -6.94 34.71 2.36
N GLY B 73 -6.40 34.11 1.31
CA GLY B 73 -5.29 34.69 0.58
C GLY B 73 -5.58 34.86 -0.89
N PRO B 74 -4.54 35.00 -1.70
CA PRO B 74 -4.74 35.15 -3.15
C PRO B 74 -5.36 33.90 -3.75
N ILE B 75 -6.15 34.11 -4.80
CA ILE B 75 -6.85 33.01 -5.44
C ILE B 75 -5.86 32.09 -6.15
N ARG B 76 -6.23 30.82 -6.28
CA ARG B 76 -5.43 29.81 -6.96
C ARG B 76 -6.02 29.59 -8.34
N ASN B 77 -5.52 30.33 -9.33
CA ASN B 77 -6.08 30.27 -10.67
C ASN B 77 -5.52 29.09 -11.46
N SER B 78 -4.20 28.96 -11.51
CA SER B 78 -3.58 27.90 -12.29
C SER B 78 -3.79 26.54 -11.62
N GLY B 79 -3.64 25.49 -12.42
CA GLY B 79 -3.79 24.14 -11.91
C GLY B 79 -3.71 23.12 -13.02
N GLU B 80 -3.86 21.86 -12.62
CA GLU B 80 -3.65 20.72 -13.50
C GLU B 80 -4.79 19.72 -13.31
N ILE B 81 -5.26 19.14 -14.42
CA ILE B 81 -6.29 18.11 -14.39
C ILE B 81 -5.89 16.97 -15.33
N GLN B 82 -6.48 15.80 -15.08
CA GLN B 82 -6.22 14.60 -15.86
C GLN B 82 -7.49 14.18 -16.58
N VAL B 83 -7.36 13.85 -17.86
CA VAL B 83 -8.49 13.48 -18.71
C VAL B 83 -8.16 12.16 -19.40
N GLN B 84 -9.13 11.25 -19.46
CA GLN B 84 -8.95 9.97 -20.13
C GLN B 84 -9.78 9.95 -21.41
N CYS B 85 -9.13 9.59 -22.52
CA CYS B 85 -9.76 9.49 -23.82
C CYS B 85 -9.63 8.06 -24.33
N VAL B 86 -10.15 7.82 -25.54
CA VAL B 86 -10.11 6.50 -26.16
C VAL B 86 -9.58 6.65 -27.57
N GLU B 87 -8.46 5.98 -27.86
CA GLU B 87 -7.86 6.04 -29.18
C GLU B 87 -8.73 5.32 -30.21
N THR B 88 -8.68 5.82 -31.45
CA THR B 88 -9.42 5.25 -32.57
C THR B 88 -8.45 4.55 -33.53
N ILE B 89 -9.01 4.05 -34.62
CA ILE B 89 -8.20 3.35 -35.62
C ILE B 89 -7.50 4.33 -36.56
N GLU B 90 -8.00 5.56 -36.69
CA GLU B 90 -7.39 6.58 -37.53
C GLU B 90 -6.47 7.51 -36.76
N GLY B 91 -6.34 7.32 -35.44
CA GLY B 91 -5.47 8.18 -34.65
C GLY B 91 -5.91 9.63 -34.62
N ASP B 92 -7.21 9.88 -34.48
CA ASP B 92 -7.69 11.26 -34.38
C ASP B 92 -7.13 11.95 -33.15
N ILE B 93 -7.17 11.28 -32.00
CA ILE B 93 -6.61 11.86 -30.79
C ILE B 93 -5.10 11.99 -30.92
N LEU B 94 -4.45 10.99 -31.51
CA LEU B 94 -3.00 11.08 -31.72
C LEU B 94 -2.64 12.24 -32.62
N GLN B 95 -3.38 12.42 -33.72
CA GLN B 95 -3.10 13.55 -34.61
C GLN B 95 -3.35 14.86 -33.89
N PHE B 96 -4.40 14.92 -33.06
CA PHE B 96 -4.70 16.14 -32.32
C PHE B 96 -3.57 16.50 -31.36
N ILE B 97 -3.04 15.50 -30.64
CA ILE B 97 -1.99 15.82 -29.67
C ILE B 97 -0.68 16.17 -30.41
N LYS B 98 -0.42 15.53 -31.55
CA LYS B 98 0.74 15.93 -32.34
C LYS B 98 0.61 17.38 -32.80
N ASP B 99 -0.56 17.77 -33.28
CA ASP B 99 -0.77 19.14 -33.70
C ASP B 99 -0.60 20.10 -32.53
N ARG B 100 -1.13 19.74 -31.37
CA ARG B 100 -1.02 20.62 -30.19
C ARG B 100 0.42 20.80 -29.77
N ILE B 101 1.20 19.70 -29.74
CA ILE B 101 2.58 19.81 -29.30
C ILE B 101 3.44 20.54 -30.33
N ALA B 102 3.13 20.38 -31.63
CA ALA B 102 3.93 21.06 -32.64
C ALA B 102 3.59 22.54 -32.74
N ALA B 103 2.32 22.90 -32.55
CA ALA B 103 1.89 24.28 -32.74
C ALA B 103 2.28 25.20 -31.61
N LYS B 104 2.45 24.68 -30.40
CA LYS B 104 2.80 25.49 -29.22
C LYS B 104 1.77 26.60 -29.01
N ASP B 105 0.50 26.25 -29.06
CA ASP B 105 -0.60 27.20 -28.95
C ASP B 105 -1.41 26.94 -27.69
N TYR B 106 -2.30 27.88 -27.38
CA TYR B 106 -3.17 27.82 -26.22
C TYR B 106 -4.63 27.72 -26.68
N VAL B 107 -5.37 26.79 -26.10
CA VAL B 107 -6.79 26.62 -26.40
C VAL B 107 -7.58 26.80 -25.12
N ASP B 108 -8.89 27.03 -25.29
CA ASP B 108 -9.80 27.22 -24.17
C ASP B 108 -10.87 26.13 -24.22
N ILE B 109 -11.18 25.53 -23.08
CA ILE B 109 -12.13 24.43 -23.00
C ILE B 109 -13.33 24.85 -22.16
N THR B 110 -14.52 24.49 -22.63
CA THR B 110 -15.76 24.72 -21.92
C THR B 110 -16.25 23.40 -21.34
N MET B 111 -16.43 23.36 -20.03
CA MET B 111 -16.92 22.19 -19.32
C MET B 111 -18.36 22.45 -18.91
N ALA B 112 -19.26 21.55 -19.28
CA ALA B 112 -20.68 21.75 -18.99
C ALA B 112 -21.31 20.44 -18.56
N ALA B 113 -22.37 20.55 -17.75
CA ALA B 113 -23.17 19.41 -17.37
C ALA B 113 -24.43 19.41 -18.24
N THR B 114 -24.62 18.35 -19.03
CA THR B 114 -25.71 18.25 -19.99
C THR B 114 -26.48 16.97 -19.71
N PRO B 115 -27.30 16.95 -18.67
CA PRO B 115 -28.10 15.76 -18.38
C PRO B 115 -29.20 15.55 -19.42
N GLU B 116 -29.62 14.29 -19.53
CA GLU B 116 -30.70 13.96 -20.46
C GLU B 116 -32.01 14.63 -20.06
N SER B 117 -32.18 14.96 -18.78
CA SER B 117 -33.43 15.55 -18.32
C SER B 117 -33.69 16.90 -18.96
N LYS B 118 -32.68 17.76 -19.01
CA LYS B 118 -32.84 19.10 -19.57
C LYS B 118 -32.50 19.18 -21.05
N SER B 119 -32.03 18.10 -21.64
CA SER B 119 -31.64 18.13 -23.04
C SER B 119 -32.87 18.29 -23.94
N SER B 120 -32.68 18.99 -25.05
CA SER B 120 -33.75 19.21 -26.03
C SER B 120 -33.20 18.95 -27.43
N GLY B 121 -33.95 18.19 -28.22
CA GLY B 121 -33.48 17.86 -29.55
C GLY B 121 -32.30 16.89 -29.51
N VAL B 122 -31.48 16.97 -30.55
CA VAL B 122 -30.30 16.13 -30.67
C VAL B 122 -29.07 16.90 -30.20
N ASN B 123 -29.30 18.06 -29.59
CA ASN B 123 -28.24 18.92 -29.10
C ASN B 123 -28.32 19.03 -27.60
N ALA B 124 -27.16 19.15 -26.95
CA ALA B 124 -27.11 19.28 -25.51
C ALA B 124 -27.59 20.65 -25.05
N VAL B 125 -28.20 20.68 -23.87
CA VAL B 125 -28.69 21.91 -23.26
C VAL B 125 -27.94 22.11 -21.96
N THR B 126 -27.32 23.27 -21.80
CA THR B 126 -26.49 23.59 -20.64
C THR B 126 -27.14 24.70 -19.82
N LYS B 127 -26.53 24.98 -18.68
CA LYS B 127 -26.99 26.05 -17.79
C LYS B 127 -25.78 26.85 -17.31
N ALA B 128 -26.04 28.11 -16.96
CA ALA B 128 -24.97 28.98 -16.48
C ALA B 128 -24.44 28.55 -15.12
N ALA B 129 -25.23 27.82 -14.34
CA ALA B 129 -24.78 27.40 -13.01
C ALA B 129 -23.71 26.31 -13.10
N THR B 130 -23.92 25.32 -13.97
CA THR B 130 -23.03 24.17 -14.09
C THR B 130 -22.11 24.27 -15.30
N THR B 131 -21.65 25.47 -15.65
CA THR B 131 -20.77 25.68 -16.78
C THR B 131 -19.52 26.41 -16.31
N ILE B 132 -18.35 25.86 -16.66
CA ILE B 132 -17.07 26.45 -16.34
C ILE B 132 -16.28 26.60 -17.63
N GLU B 133 -15.36 27.56 -17.66
CA GLU B 133 -14.53 27.77 -18.84
C GLU B 133 -13.09 27.95 -18.40
N MET B 134 -12.17 27.34 -19.14
CA MET B 134 -10.75 27.41 -18.84
C MET B 134 -10.01 28.00 -20.03
N LEU B 135 -9.25 29.06 -19.77
CA LEU B 135 -8.52 29.81 -20.77
C LEU B 135 -7.03 29.50 -20.70
N ASP B 136 -6.34 29.73 -21.82
CA ASP B 136 -4.89 29.59 -21.91
C ASP B 136 -4.43 28.21 -21.46
N CYS B 137 -5.20 27.19 -21.82
CA CYS B 137 -4.90 25.84 -21.38
C CYS B 137 -3.85 25.20 -22.28
N LYS B 138 -3.16 24.21 -21.72
CA LYS B 138 -2.16 23.45 -22.44
C LYS B 138 -2.44 21.96 -22.29
N ILE B 139 -2.32 21.23 -23.38
CA ILE B 139 -2.62 19.80 -23.42
C ILE B 139 -1.32 19.04 -23.66
N TYR B 140 -0.99 18.13 -22.75
CA TYR B 140 0.16 17.24 -22.90
C TYR B 140 -0.31 15.79 -22.87
N SER B 141 0.42 14.92 -23.53
CA SER B 141 0.05 13.52 -23.57
C SER B 141 0.71 12.77 -22.42
N ASP B 142 0.59 11.45 -22.43
CA ASP B 142 1.18 10.61 -21.40
C ASP B 142 1.43 9.21 -21.96
N ALA B 143 2.26 8.45 -21.27
CA ALA B 143 2.55 7.09 -21.70
C ALA B 143 1.30 6.23 -21.66
N ILE B 144 1.13 5.41 -22.69
CA ILE B 144 -0.04 4.55 -22.82
C ILE B 144 0.43 3.11 -22.86
N ASP B 145 -0.19 2.26 -22.04
CA ASP B 145 0.19 0.86 -21.95
C ASP B 145 -0.31 0.12 -23.19
N PHE B 146 0.59 -0.65 -23.81
CA PHE B 146 0.29 -1.49 -24.96
C PHE B 146 0.68 -2.91 -24.59
N SER B 147 -0.24 -3.63 -23.95
CA SER B 147 0.02 -4.98 -23.47
C SER B 147 -0.80 -5.99 -24.25
N THR B 148 -0.19 -7.15 -24.52
CA THR B 148 -0.89 -8.18 -25.28
C THR B 148 -1.95 -8.87 -24.44
N GLU B 149 -1.74 -9.00 -23.12
CA GLU B 149 -2.70 -9.68 -22.26
C GLU B 149 -4.03 -8.94 -22.22
N ASP B 150 -4.01 -7.62 -22.34
CA ASP B 150 -5.25 -6.82 -22.34
C ASP B 150 -5.94 -6.92 -23.70
N VAL B 151 -6.38 -8.13 -24.02
CA VAL B 151 -7.06 -8.37 -25.28
C VAL B 151 -8.44 -7.70 -25.30
N THR B 152 -9.12 -7.65 -24.16
CA THR B 152 -10.46 -7.07 -24.07
C THR B 152 -10.44 -5.67 -23.48
N ALA B 153 -9.41 -4.88 -23.80
CA ALA B 153 -9.30 -3.51 -23.31
C ALA B 153 -8.89 -2.60 -24.46
N ALA B 154 -9.51 -1.43 -24.52
CA ALA B 154 -9.18 -0.44 -25.53
C ALA B 154 -8.09 0.50 -25.02
N VAL B 155 -7.36 1.10 -25.97
CA VAL B 155 -6.31 2.04 -25.62
C VAL B 155 -6.92 3.28 -24.98
N ARG B 156 -6.34 3.73 -23.88
CA ARG B 156 -6.86 4.86 -23.10
C ARG B 156 -5.77 5.92 -22.96
N PRO B 157 -5.64 6.83 -23.93
CA PRO B 157 -4.70 7.93 -23.78
C PRO B 157 -5.03 8.79 -22.57
N SER B 158 -3.97 9.26 -21.89
CA SER B 158 -4.12 10.13 -20.74
C SER B 158 -3.60 11.52 -21.10
N LEU B 159 -4.42 12.53 -20.90
CA LEU B 159 -4.10 13.90 -21.26
C LEU B 159 -4.01 14.74 -19.99
N ARG B 160 -2.88 15.41 -19.83
CA ARG B 160 -2.68 16.38 -18.75
C ARG B 160 -3.05 17.75 -19.28
N ILE B 161 -4.10 18.35 -18.72
CA ILE B 161 -4.60 19.65 -19.14
C ILE B 161 -4.27 20.66 -18.05
N VAL B 162 -3.48 21.66 -18.40
CA VAL B 162 -3.09 22.72 -17.47
C VAL B 162 -3.93 23.94 -17.77
N TYR B 163 -4.60 24.46 -16.74
CA TYR B 163 -5.47 25.62 -16.86
C TYR B 163 -4.86 26.79 -16.09
N ASN B 164 -4.99 27.99 -16.67
CA ASN B 164 -4.41 29.19 -16.09
C ASN B 164 -5.44 30.14 -15.51
N TRP B 165 -6.73 29.92 -15.76
CA TRP B 165 -7.76 30.77 -15.19
C TRP B 165 -9.11 30.08 -15.32
N ILE B 166 -9.90 30.16 -14.25
CA ILE B 166 -11.25 29.60 -14.22
C ILE B 166 -12.23 30.76 -14.39
N GLU B 167 -13.18 30.62 -15.31
CA GLU B 167 -14.11 31.68 -15.64
C GLU B 167 -15.52 31.11 -15.63
N TRP B 168 -16.42 31.74 -14.87
CA TRP B 168 -17.80 31.27 -14.78
C TRP B 168 -18.74 32.45 -14.94
N ASP B 169 -19.81 32.25 -15.71
CA ASP B 169 -20.79 33.29 -15.96
C ASP B 169 -21.81 33.35 -14.83
N GLY C 2 -8.02 -30.68 30.29
CA GLY C 2 -7.73 -29.33 29.86
C GLY C 2 -7.23 -28.45 30.98
N HIS C 3 -7.50 -27.15 30.87
CA HIS C 3 -7.08 -26.20 31.90
C HIS C 3 -7.86 -26.44 33.18
N ASN C 4 -7.16 -26.38 34.31
CA ASN C 4 -7.79 -26.65 35.60
C ASN C 4 -8.70 -25.50 36.02
N ASN C 5 -8.23 -24.26 35.84
CA ASN C 5 -9.00 -23.07 36.24
C ASN C 5 -9.96 -22.67 35.13
N THR C 6 -11.13 -23.30 35.13
CA THR C 6 -12.10 -23.06 34.06
C THR C 6 -13.51 -22.80 34.59
N LYS C 7 -13.66 -22.46 35.86
CA LYS C 7 -14.97 -22.18 36.42
C LYS C 7 -15.60 -20.94 35.76
N GLY C 8 -16.92 -20.97 35.62
CA GLY C 8 -17.64 -19.90 34.98
C GLY C 8 -18.99 -19.62 35.60
N ASN C 9 -19.44 -18.36 35.52
CA ASN C 9 -20.73 -17.97 36.07
C ASN C 9 -21.45 -17.05 35.09
N ARG C 10 -22.78 -16.99 35.23
CA ARG C 10 -23.62 -16.13 34.40
C ARG C 10 -23.94 -14.80 35.05
N LYS C 11 -23.92 -14.73 36.38
CA LYS C 11 -24.30 -13.49 37.06
C LYS C 11 -23.36 -12.34 36.71
N PHE C 12 -22.07 -12.62 36.54
CA PHE C 12 -21.14 -11.58 36.12
C PHE C 12 -21.46 -11.09 34.71
N ILE C 13 -21.74 -12.01 33.79
CA ILE C 13 -22.09 -11.62 32.43
C ILE C 13 -23.42 -10.85 32.42
N LYS C 14 -24.39 -11.29 33.23
CA LYS C 14 -25.65 -10.57 33.34
C LYS C 14 -25.43 -9.16 33.86
N GLY C 15 -24.57 -9.00 34.87
CA GLY C 15 -24.30 -7.68 35.40
C GLY C 15 -23.65 -6.77 34.39
N ARG C 16 -22.65 -7.29 33.66
CA ARG C 16 -21.99 -6.49 32.63
C ARG C 16 -22.97 -6.10 31.52
N TYR C 17 -23.81 -7.04 31.09
CA TYR C 17 -24.79 -6.74 30.05
C TYR C 17 -25.78 -5.68 30.51
N THR C 18 -26.27 -5.80 31.75
CA THR C 18 -27.21 -4.81 32.27
C THR C 18 -26.55 -3.44 32.38
N ALA C 19 -25.31 -3.39 32.86
CA ALA C 19 -24.60 -2.12 32.97
C ALA C 19 -24.40 -1.48 31.60
N ASN C 20 -24.07 -2.29 30.59
CA ASN C 20 -23.86 -1.76 29.25
C ASN C 20 -25.18 -1.29 28.62
N ALA C 21 -26.26 -2.02 28.86
CA ALA C 21 -27.52 -1.74 28.16
C ALA C 21 -28.36 -0.65 28.83
N ALA C 22 -28.26 -0.50 30.16
CA ALA C 22 -29.13 0.44 30.86
C ALA C 22 -28.76 1.89 30.62
N LYS C 23 -27.62 2.18 29.99
CA LYS C 23 -27.18 3.56 29.84
C LYS C 23 -28.05 4.30 28.82
N GLY C 24 -28.31 3.67 27.67
CA GLY C 24 -29.13 4.31 26.66
C GLY C 24 -28.78 3.90 25.25
N GLU C 25 -29.41 4.52 24.26
CA GLU C 25 -29.17 4.20 22.87
C GLU C 25 -27.77 4.64 22.44
N ARG C 26 -27.25 3.98 21.42
CA ARG C 26 -25.98 4.36 20.81
C ARG C 26 -26.25 5.27 19.62
N LEU C 27 -25.40 6.28 19.44
CA LEU C 27 -25.57 7.26 18.38
C LEU C 27 -25.19 6.61 17.04
N VAL C 28 -26.19 6.39 16.18
CA VAL C 28 -25.92 5.86 14.85
C VAL C 28 -25.16 6.90 14.03
N SER C 29 -24.23 6.43 13.21
CA SER C 29 -23.38 7.33 12.43
C SER C 29 -24.14 8.09 11.35
N SER C 30 -25.36 7.69 11.04
CA SER C 30 -26.14 8.33 9.99
C SER C 30 -27.09 9.41 10.52
N GLU C 31 -27.08 9.67 11.82
CA GLU C 31 -27.97 10.66 12.43
C GLU C 31 -27.14 11.88 12.81
N PHE C 32 -27.21 12.92 11.97
CA PHE C 32 -26.48 14.15 12.24
C PHE C 32 -27.09 15.26 11.40
N LEU C 33 -26.72 16.50 11.74
CA LEU C 33 -27.23 17.66 11.02
C LEU C 33 -26.18 18.77 11.10
N LEU C 34 -25.67 19.18 9.94
CA LEU C 34 -24.69 20.24 9.83
C LEU C 34 -25.34 21.40 9.09
N THR C 35 -25.53 22.53 9.78
CA THR C 35 -26.26 23.66 9.22
C THR C 35 -25.37 24.90 9.19
N PHE C 36 -25.31 25.54 8.02
CA PHE C 36 -24.52 26.75 7.84
C PHE C 36 -25.28 27.94 8.41
N ALA C 37 -24.74 29.15 8.23
CA ALA C 37 -25.36 30.38 8.68
C ALA C 37 -25.90 31.13 7.47
N GLY C 38 -27.22 31.25 7.38
CA GLY C 38 -27.84 31.92 6.26
C GLY C 38 -28.01 31.08 5.02
N HIS C 39 -27.69 29.79 5.08
CA HIS C 39 -27.83 28.87 3.96
C HIS C 39 -28.49 27.58 4.42
N GLU C 40 -29.60 27.70 5.14
CA GLU C 40 -30.28 26.53 5.70
C GLU C 40 -30.80 25.59 4.62
N ASP C 41 -31.02 26.09 3.39
CA ASP C 41 -31.51 25.25 2.31
C ASP C 41 -30.46 24.27 1.81
N ILE C 42 -29.19 24.44 2.20
CA ILE C 42 -28.12 23.56 1.76
C ILE C 42 -27.81 22.47 2.79
N SER C 43 -28.27 22.62 4.03
CA SER C 43 -27.95 21.64 5.07
C SER C 43 -28.48 20.25 4.74
N VAL C 44 -29.57 20.17 3.99
CA VAL C 44 -30.11 18.87 3.61
C VAL C 44 -29.21 18.15 2.61
N LEU C 45 -28.32 18.88 1.93
CA LEU C 45 -27.47 18.32 0.90
C LEU C 45 -26.25 17.59 1.44
N VAL C 46 -25.83 17.88 2.67
CA VAL C 46 -24.62 17.28 3.20
C VAL C 46 -24.80 15.77 3.34
N ARG C 47 -23.74 15.02 3.05
CA ARG C 47 -23.78 13.57 3.08
C ARG C 47 -22.74 12.95 4.00
N THR C 48 -21.66 13.65 4.30
CA THR C 48 -20.61 13.14 5.17
C THR C 48 -19.90 14.32 5.81
N SER C 49 -19.70 14.26 7.12
CA SER C 49 -19.08 15.36 7.85
C SER C 49 -18.10 14.77 8.86
N GLN C 50 -17.54 15.64 9.70
CA GLN C 50 -16.55 15.23 10.69
C GLN C 50 -16.57 16.23 11.83
N ILE C 51 -16.83 15.75 13.04
CA ILE C 51 -16.69 16.61 14.23
C ILE C 51 -15.22 16.97 14.41
N PRO C 52 -14.89 18.24 14.64
CA PRO C 52 -13.48 18.66 14.58
C PRO C 52 -12.68 18.13 15.76
N GLU C 53 -11.38 18.37 15.69
CA GLU C 53 -10.45 17.92 16.72
C GLU C 53 -10.77 18.59 18.05
N MET C 54 -10.63 17.82 19.13
CA MET C 54 -10.76 18.33 20.49
C MET C 54 -9.49 17.93 21.24
N THR C 55 -8.46 18.75 21.10
CA THR C 55 -7.16 18.46 21.67
C THR C 55 -6.36 19.74 21.78
N ARG C 56 -5.27 19.68 22.55
CA ARG C 56 -4.35 20.79 22.69
C ARG C 56 -2.93 20.29 22.47
N GLU C 57 -2.08 21.19 21.97
CA GLU C 57 -0.69 20.83 21.73
C GLU C 57 0.01 20.51 23.04
N ASP C 58 1.00 19.63 22.97
CA ASP C 58 1.76 19.20 24.13
C ASP C 58 3.17 19.75 24.09
N VAL C 59 3.78 19.89 25.27
CA VAL C 59 5.18 20.27 25.39
C VAL C 59 5.93 19.11 26.01
N GLU C 60 7.19 18.95 25.60
CA GLU C 60 8.01 17.79 25.92
C GLU C 60 9.16 18.24 26.80
N ASP C 61 9.29 17.64 27.99
CA ASP C 61 10.32 17.99 28.95
C ASP C 61 11.17 16.76 29.24
N TYR C 62 12.49 16.94 29.21
CA TYR C 62 13.45 15.89 29.51
C TYR C 62 14.03 16.16 30.89
N GLY C 63 13.53 15.44 31.89
CA GLY C 63 14.00 15.61 33.24
C GLY C 63 15.32 14.90 33.47
N PRO C 64 15.84 15.00 34.69
CA PRO C 64 17.13 14.40 35.00
C PRO C 64 17.10 12.89 34.86
N ASN C 65 18.26 12.34 34.50
CA ASN C 65 18.44 10.88 34.37
C ASN C 65 17.52 10.27 33.32
N GLY C 66 17.19 11.02 32.28
CA GLY C 66 16.49 10.49 31.13
C GLY C 66 14.99 10.36 31.28
N VAL C 67 14.40 10.81 32.38
CA VAL C 67 12.96 10.73 32.54
C VAL C 67 12.29 11.69 31.56
N LYS C 68 10.99 11.48 31.34
CA LYS C 68 10.24 12.16 30.30
C LYS C 68 8.97 12.73 30.90
N PHE C 69 8.52 13.86 30.36
CA PHE C 69 7.25 14.44 30.77
C PHE C 69 6.57 15.09 29.58
N ASN C 70 5.27 14.85 29.45
CA ASN C 70 4.42 15.52 28.47
C ASN C 70 3.44 16.40 29.22
N GLN C 71 3.44 17.69 28.90
CA GLN C 71 2.65 18.66 29.64
C GLN C 71 1.67 19.37 28.71
N HIS C 72 0.49 19.69 29.26
CA HIS C 72 -0.52 20.42 28.50
C HIS C 72 0.02 21.75 28.02
N GLY C 73 -0.31 22.10 26.78
CA GLY C 73 0.11 23.36 26.20
C GLY C 73 -1.06 24.19 25.73
N PRO C 74 -0.79 25.15 24.83
CA PRO C 74 -1.88 25.97 24.29
C PRO C 74 -2.86 25.13 23.49
N ILE C 75 -4.13 25.57 23.51
CA ILE C 75 -5.18 24.84 22.84
C ILE C 75 -5.00 24.92 21.32
N ARG C 76 -5.50 23.91 20.63
CA ARG C 76 -5.46 23.84 19.16
C ARG C 76 -6.85 24.21 18.65
N ASN C 77 -7.03 25.49 18.35
CA ASN C 77 -8.35 25.98 17.96
C ASN C 77 -8.63 25.73 16.48
N SER C 78 -7.71 26.16 15.61
CA SER C 78 -7.93 26.04 14.18
C SER C 78 -7.76 24.59 13.73
N GLY C 79 -8.24 24.31 12.52
CA GLY C 79 -8.11 22.99 11.95
C GLY C 79 -8.88 22.89 10.66
N GLU C 80 -8.85 21.68 10.09
CA GLU C 80 -9.41 21.40 8.78
C GLU C 80 -10.22 20.11 8.84
N ILE C 81 -11.38 20.11 8.19
CA ILE C 81 -12.23 18.94 8.09
C ILE C 81 -12.68 18.76 6.64
N GLN C 82 -13.08 17.54 6.32
CA GLN C 82 -13.52 17.17 4.98
C GLN C 82 -14.99 16.80 5.02
N VAL C 83 -15.76 17.31 4.05
CA VAL C 83 -17.19 17.10 3.97
C VAL C 83 -17.53 16.61 2.56
N GLN C 84 -18.42 15.64 2.47
CA GLN C 84 -18.86 15.11 1.18
C GLN C 84 -20.32 15.48 0.95
N CYS C 85 -20.59 16.11 -0.19
CA CYS C 85 -21.92 16.51 -0.59
C CYS C 85 -22.30 15.79 -1.88
N VAL C 86 -23.51 16.05 -2.36
CA VAL C 86 -24.03 15.43 -3.58
C VAL C 86 -24.53 16.53 -4.50
N GLU C 87 -23.95 16.62 -5.69
CA GLU C 87 -24.35 17.64 -6.65
C GLU C 87 -25.74 17.34 -7.21
N THR C 88 -26.47 18.40 -7.54
CA THR C 88 -27.82 18.32 -8.09
C THR C 88 -27.80 18.69 -9.56
N ILE C 89 -28.99 18.67 -10.17
CA ILE C 89 -29.11 19.03 -11.58
C ILE C 89 -29.10 20.55 -11.77
N GLU C 90 -29.45 21.32 -10.74
CA GLU C 90 -29.47 22.77 -10.83
C GLU C 90 -28.19 23.42 -10.33
N GLY C 91 -27.23 22.63 -9.86
CA GLY C 91 -25.99 23.19 -9.37
C GLY C 91 -26.14 24.07 -8.14
N ASP C 92 -26.98 23.67 -7.19
CA ASP C 92 -27.13 24.45 -5.96
C ASP C 92 -25.83 24.49 -5.18
N ILE C 93 -25.18 23.34 -5.02
CA ILE C 93 -23.89 23.31 -4.33
C ILE C 93 -22.84 24.06 -5.13
N LEU C 94 -22.86 23.90 -6.45
CA LEU C 94 -21.90 24.61 -7.29
C LEU C 94 -22.10 26.12 -7.18
N GLN C 95 -23.35 26.59 -7.24
CA GLN C 95 -23.61 28.01 -7.08
C GLN C 95 -23.18 28.50 -5.69
N PHE C 96 -23.43 27.69 -4.67
CA PHE C 96 -23.03 28.06 -3.31
C PHE C 96 -21.52 28.22 -3.20
N ILE C 97 -20.76 27.28 -3.76
CA ILE C 97 -19.32 27.37 -3.63
C ILE C 97 -18.77 28.53 -4.49
N LYS C 98 -19.38 28.79 -5.65
CA LYS C 98 -19.00 29.98 -6.42
C LYS C 98 -19.22 31.25 -5.62
N ASP C 99 -20.38 31.36 -4.96
CA ASP C 99 -20.65 32.53 -4.14
C ASP C 99 -19.66 32.65 -2.99
N ARG C 100 -19.32 31.51 -2.37
CA ARG C 100 -18.38 31.54 -1.25
C ARG C 100 -16.99 31.98 -1.69
N ILE C 101 -16.50 31.47 -2.81
CA ILE C 101 -15.17 31.85 -3.25
C ILE C 101 -15.14 33.31 -3.74
N ALA C 102 -16.19 33.76 -4.42
CA ALA C 102 -16.21 35.13 -4.92
C ALA C 102 -16.38 36.15 -3.80
N ALA C 103 -17.18 35.82 -2.78
CA ALA C 103 -17.51 36.78 -1.72
C ALA C 103 -16.37 37.00 -0.74
N LYS C 104 -15.50 36.01 -0.54
CA LYS C 104 -14.39 36.10 0.42
C LYS C 104 -14.91 36.43 1.82
N ASP C 105 -15.92 35.69 2.25
CA ASP C 105 -16.58 35.91 3.54
C ASP C 105 -16.39 34.72 4.46
N TYR C 106 -16.75 34.91 5.72
CA TYR C 106 -16.63 33.89 6.76
C TYR C 106 -18.03 33.53 7.26
N VAL C 107 -18.30 32.22 7.34
CA VAL C 107 -19.58 31.74 7.84
C VAL C 107 -19.32 30.84 9.05
N ASP C 108 -20.37 30.59 9.82
CA ASP C 108 -20.31 29.74 11.00
C ASP C 108 -21.25 28.57 10.83
N ILE C 109 -20.79 27.37 11.18
CA ILE C 109 -21.58 26.15 11.01
C ILE C 109 -21.85 25.52 12.38
N THR C 110 -23.09 25.09 12.57
CA THR C 110 -23.51 24.37 13.76
C THR C 110 -23.67 22.90 13.41
N MET C 111 -22.95 22.05 14.14
CA MET C 111 -23.02 20.60 13.97
C MET C 111 -23.76 20.02 15.17
N ALA C 112 -24.81 19.25 14.91
CA ALA C 112 -25.62 18.70 15.99
C ALA C 112 -25.97 17.25 15.69
N ALA C 113 -26.16 16.47 16.75
CA ALA C 113 -26.65 15.11 16.62
C ALA C 113 -28.15 15.12 16.87
N THR C 114 -28.93 14.74 15.85
CA THR C 114 -30.39 14.78 15.88
C THR C 114 -30.93 13.40 15.57
N PRO C 115 -30.87 12.46 16.52
CA PRO C 115 -31.42 11.13 16.29
C PRO C 115 -32.94 11.17 16.23
N GLU C 116 -33.50 10.16 15.57
CA GLU C 116 -34.94 10.04 15.46
C GLU C 116 -35.59 9.82 16.83
N SER C 117 -34.84 9.25 17.78
CA SER C 117 -35.41 8.94 19.09
C SER C 117 -35.88 10.19 19.81
N LYS C 118 -35.06 11.25 19.80
CA LYS C 118 -35.39 12.49 20.49
C LYS C 118 -36.10 13.50 19.60
N SER C 119 -36.25 13.22 18.31
CA SER C 119 -36.88 14.18 17.41
C SER C 119 -38.37 14.24 17.66
N SER C 120 -38.93 15.45 17.59
CA SER C 120 -40.35 15.69 17.77
C SER C 120 -40.86 16.51 16.60
N GLY C 121 -42.03 16.14 16.07
CA GLY C 121 -42.58 16.87 14.95
C GLY C 121 -41.80 16.62 13.66
N VAL C 122 -41.89 17.60 12.76
CA VAL C 122 -41.19 17.54 11.49
C VAL C 122 -39.88 18.31 11.59
N ASN C 123 -39.46 18.60 12.82
CA ASN C 123 -38.23 19.34 13.07
C ASN C 123 -37.28 18.50 13.93
N ALA C 124 -36.00 18.80 13.82
CA ALA C 124 -35.01 18.08 14.60
C ALA C 124 -34.87 18.67 16.00
N VAL C 125 -34.67 17.81 16.98
CA VAL C 125 -34.48 18.19 18.38
C VAL C 125 -33.06 17.82 18.78
N THR C 126 -32.30 18.80 19.23
CA THR C 126 -30.90 18.61 19.59
C THR C 126 -30.71 18.77 21.10
N LYS C 127 -29.47 18.63 21.54
CA LYS C 127 -29.10 18.78 22.94
C LYS C 127 -27.82 19.60 23.03
N ALA C 128 -27.65 20.27 24.18
CA ALA C 128 -26.45 21.07 24.39
C ALA C 128 -25.19 20.21 24.51
N ALA C 129 -25.33 18.94 24.87
CA ALA C 129 -24.15 18.09 25.02
C ALA C 129 -23.54 17.72 23.67
N THR C 130 -24.38 17.39 22.69
CA THR C 130 -23.92 16.92 21.39
C THR C 130 -24.03 18.00 20.31
N THR C 131 -23.77 19.25 20.66
CA THR C 131 -23.82 20.36 19.71
C THR C 131 -22.51 21.12 19.76
N ILE C 132 -21.90 21.32 18.59
CA ILE C 132 -20.66 22.07 18.46
C ILE C 132 -20.90 23.19 17.44
N GLU C 133 -20.13 24.27 17.57
CA GLU C 133 -20.26 25.39 16.66
C GLU C 133 -18.87 25.82 16.23
N MET C 134 -18.71 26.11 14.93
CA MET C 134 -17.45 26.56 14.37
C MET C 134 -17.64 27.93 13.75
N LEU C 135 -16.81 28.88 14.17
CA LEU C 135 -16.88 30.27 13.74
C LEU C 135 -15.74 30.59 12.79
N ASP C 136 -15.94 31.65 12.01
CA ASP C 136 -14.92 32.18 11.10
C ASP C 136 -14.41 31.09 10.15
N CYS C 137 -15.32 30.24 9.71
CA CYS C 137 -14.95 29.12 8.87
C CYS C 137 -14.81 29.54 7.41
N LYS C 138 -14.05 28.75 6.66
CA LYS C 138 -13.88 28.97 5.23
C LYS C 138 -14.15 27.67 4.48
N ILE C 139 -14.83 27.78 3.35
CA ILE C 139 -15.22 26.62 2.56
C ILE C 139 -14.49 26.67 1.23
N TYR C 140 -13.73 25.62 0.92
CA TYR C 140 -13.09 25.46 -0.37
C TYR C 140 -13.58 24.18 -1.01
N SER C 141 -13.59 24.15 -2.34
CA SER C 141 -14.03 22.95 -3.04
C SER C 141 -12.83 22.07 -3.38
N ASP C 142 -13.06 21.05 -4.20
CA ASP C 142 -12.01 20.11 -4.57
C ASP C 142 -12.35 19.50 -5.92
N ALA C 143 -11.36 18.88 -6.54
CA ALA C 143 -11.56 18.23 -7.83
C ALA C 143 -12.56 17.10 -7.69
N ILE C 144 -13.48 17.02 -8.64
CA ILE C 144 -14.54 16.01 -8.63
C ILE C 144 -14.38 15.13 -9.86
N ASP C 145 -14.39 13.82 -9.65
CA ASP C 145 -14.19 12.88 -10.74
C ASP C 145 -15.45 12.82 -11.60
N PHE C 146 -15.26 12.96 -12.92
CA PHE C 146 -16.34 12.86 -13.90
C PHE C 146 -15.94 11.75 -14.86
N SER C 147 -16.28 10.51 -14.50
CA SER C 147 -15.92 9.34 -15.27
C SER C 147 -17.16 8.71 -15.89
N THR C 148 -17.04 8.29 -17.14
CA THR C 148 -18.16 7.64 -17.81
C THR C 148 -18.41 6.25 -17.24
N GLU C 149 -17.36 5.60 -16.71
CA GLU C 149 -17.53 4.27 -16.15
C GLU C 149 -18.46 4.26 -14.94
N ASP C 150 -18.45 5.33 -14.15
CA ASP C 150 -19.31 5.43 -12.97
C ASP C 150 -20.73 5.82 -13.38
N VAL C 151 -21.37 4.93 -14.15
CA VAL C 151 -22.73 5.16 -14.61
C VAL C 151 -23.70 5.10 -13.45
N THR C 152 -23.46 4.24 -12.46
CA THR C 152 -24.34 4.07 -11.31
C THR C 152 -23.81 4.80 -10.07
N ALA C 153 -23.19 5.96 -10.26
CA ALA C 153 -22.67 6.75 -9.16
C ALA C 153 -22.99 8.22 -9.37
N ALA C 154 -23.39 8.90 -8.31
CA ALA C 154 -23.68 10.32 -8.36
C ALA C 154 -22.43 11.13 -8.07
N VAL C 155 -22.43 12.37 -8.55
CA VAL C 155 -21.29 13.27 -8.32
C VAL C 155 -21.22 13.60 -6.84
N ARG C 156 -20.01 13.54 -6.28
CA ARG C 156 -19.77 13.76 -4.85
C ARG C 156 -18.74 14.88 -4.67
N PRO C 157 -19.18 16.13 -4.66
CA PRO C 157 -18.24 17.22 -4.37
C PRO C 157 -17.61 17.08 -3.00
N SER C 158 -16.33 17.43 -2.91
CA SER C 158 -15.58 17.39 -1.66
C SER C 158 -15.28 18.80 -1.21
N LEU C 159 -15.65 19.11 0.03
CA LEU C 159 -15.50 20.45 0.59
C LEU C 159 -14.51 20.41 1.74
N ARG C 160 -13.48 21.25 1.65
CA ARG C 160 -12.54 21.44 2.74
C ARG C 160 -13.04 22.62 3.58
N ILE C 161 -13.39 22.34 4.83
CA ILE C 161 -13.92 23.36 5.73
C ILE C 161 -12.86 23.63 6.78
N VAL C 162 -12.41 24.88 6.85
CA VAL C 162 -11.39 25.32 7.80
C VAL C 162 -12.08 26.06 8.93
N TYR C 163 -11.86 25.61 10.16
CA TYR C 163 -12.45 26.21 11.34
C TYR C 163 -11.37 26.89 12.18
N ASN C 164 -11.71 28.06 12.72
CA ASN C 164 -10.75 28.85 13.49
C ASN C 164 -11.03 28.84 14.98
N TRP C 165 -12.18 28.32 15.40
CA TRP C 165 -12.49 28.24 16.83
C TRP C 165 -13.64 27.28 17.04
N ILE C 166 -13.52 26.45 18.07
CA ILE C 166 -14.57 25.50 18.46
C ILE C 166 -15.30 26.06 19.67
N GLU C 167 -16.62 26.08 19.62
CA GLU C 167 -17.44 26.63 20.69
C GLU C 167 -18.51 25.62 21.08
N TRP C 168 -18.73 25.45 22.38
CA TRP C 168 -19.77 24.58 22.88
C TRP C 168 -20.43 25.20 24.10
N ASP C 169 -21.76 25.17 24.12
CA ASP C 169 -22.51 25.75 25.23
C ASP C 169 -22.51 24.83 26.44
N GLY D 2 10.66 -42.56 -0.49
CA GLY D 2 10.74 -41.23 0.08
C GLY D 2 11.96 -41.02 0.97
N HIS D 3 11.85 -40.09 1.90
CA HIS D 3 12.95 -39.81 2.81
C HIS D 3 13.17 -41.00 3.75
N ASN D 4 14.44 -41.30 4.01
CA ASN D 4 14.77 -42.45 4.85
C ASN D 4 14.49 -42.15 6.31
N ASN D 5 14.85 -40.96 6.78
CA ASN D 5 14.64 -40.57 8.18
C ASN D 5 13.24 -39.98 8.30
N THR D 6 12.27 -40.86 8.62
CA THR D 6 10.88 -40.42 8.71
C THR D 6 10.17 -41.03 9.91
N LYS D 7 10.90 -41.56 10.88
CA LYS D 7 10.27 -42.18 12.05
C LYS D 7 9.51 -41.16 12.87
N GLY D 8 8.45 -41.61 13.53
CA GLY D 8 7.62 -40.74 14.33
C GLY D 8 7.05 -41.41 15.56
N ASN D 9 6.81 -40.63 16.61
CA ASN D 9 6.26 -41.14 17.86
C ASN D 9 5.17 -40.20 18.37
N ARG D 10 4.28 -40.76 19.20
CA ARG D 10 3.19 -39.99 19.79
C ARG D 10 3.52 -39.49 21.19
N LYS D 11 4.42 -40.16 21.91
CA LYS D 11 4.71 -39.76 23.29
C LYS D 11 5.31 -38.37 23.36
N PHE D 12 6.15 -37.99 22.38
CA PHE D 12 6.68 -36.64 22.35
C PHE D 12 5.58 -35.61 22.13
N ILE D 13 4.68 -35.88 21.19
CA ILE D 13 3.57 -34.96 20.93
C ILE D 13 2.66 -34.88 22.14
N LYS D 14 2.38 -36.02 22.77
CA LYS D 14 1.56 -36.04 23.98
C LYS D 14 2.20 -35.21 25.09
N GLY D 15 3.52 -35.35 25.27
CA GLY D 15 4.21 -34.58 26.28
C GLY D 15 4.15 -33.09 26.01
N ARG D 16 4.38 -32.69 24.76
CA ARG D 16 4.30 -31.27 24.42
C ARG D 16 2.89 -30.73 24.63
N TYR D 17 1.87 -31.50 24.24
CA TYR D 17 0.49 -31.07 24.44
C TYR D 17 0.17 -30.92 25.92
N THR D 18 0.60 -31.88 26.74
CA THR D 18 0.35 -31.79 28.17
C THR D 18 1.05 -30.59 28.79
N ALA D 19 2.31 -30.35 28.39
CA ALA D 19 3.03 -29.20 28.91
C ALA D 19 2.36 -27.90 28.52
N ASN D 20 1.87 -27.81 27.28
CA ASN D 20 1.20 -26.59 26.83
C ASN D 20 -0.13 -26.39 27.54
N ALA D 21 -0.88 -27.46 27.77
CA ALA D 21 -2.23 -27.35 28.28
C ALA D 21 -2.31 -27.24 29.80
N ALA D 22 -1.35 -27.82 30.53
CA ALA D 22 -1.44 -27.85 31.99
C ALA D 22 -1.15 -26.50 32.62
N LYS D 23 -0.66 -25.52 31.86
CA LYS D 23 -0.29 -24.25 32.46
C LYS D 23 -1.52 -23.46 32.91
N GLY D 24 -2.54 -23.38 32.06
CA GLY D 24 -3.74 -22.65 32.42
C GLY D 24 -4.45 -22.03 31.23
N GLU D 25 -5.52 -21.28 31.49
CA GLU D 25 -6.29 -20.66 30.44
C GLU D 25 -5.50 -19.56 29.74
N ARG D 26 -5.88 -19.28 28.50
CA ARG D 26 -5.31 -18.17 27.74
C ARG D 26 -6.20 -16.95 27.87
N LEU D 27 -5.57 -15.78 28.01
CA LEU D 27 -6.29 -14.54 28.21
C LEU D 27 -6.94 -14.12 26.89
N VAL D 28 -8.27 -14.20 26.84
CA VAL D 28 -8.99 -13.74 25.65
C VAL D 28 -8.85 -12.25 25.50
N SER D 29 -8.74 -11.77 24.26
CA SER D 29 -8.53 -10.36 24.00
C SER D 29 -9.73 -9.49 24.35
N SER D 30 -10.89 -10.09 24.59
CA SER D 30 -12.10 -9.33 24.90
C SER D 30 -12.34 -9.18 26.39
N GLU D 31 -11.46 -9.69 27.24
CA GLU D 31 -11.62 -9.63 28.69
C GLU D 31 -10.62 -8.62 29.24
N PHE D 32 -11.10 -7.42 29.54
CA PHE D 32 -10.25 -6.36 30.08
C PHE D 32 -11.13 -5.31 30.74
N LEU D 33 -10.49 -4.44 31.51
CA LEU D 33 -11.20 -3.36 32.21
C LEU D 33 -10.26 -2.18 32.39
N LEU D 34 -10.62 -1.05 31.80
CA LEU D 34 -9.84 0.19 31.89
C LEU D 34 -10.67 1.22 32.65
N THR D 35 -10.25 1.54 33.88
CA THR D 35 -11.03 2.40 34.75
C THR D 35 -10.28 3.68 35.06
N PHE D 36 -10.93 4.82 34.84
CA PHE D 36 -10.33 6.12 35.13
C PHE D 36 -10.40 6.39 36.63
N ALA D 37 -10.01 7.59 37.04
CA ALA D 37 -10.05 8.00 38.45
C ALA D 37 -11.17 9.02 38.62
N GLY D 38 -12.19 8.66 39.41
CA GLY D 38 -13.32 9.53 39.63
C GLY D 38 -14.36 9.53 38.54
N HIS D 39 -14.22 8.66 37.54
CA HIS D 39 -15.15 8.56 36.41
C HIS D 39 -15.48 7.10 36.14
N GLU D 40 -15.84 6.37 37.20
CA GLU D 40 -16.11 4.94 37.08
C GLU D 40 -17.31 4.65 36.18
N ASP D 41 -18.20 5.61 36.00
CA ASP D 41 -19.36 5.39 35.14
C ASP D 41 -18.99 5.38 33.66
N ILE D 42 -17.77 5.74 33.31
CA ILE D 42 -17.33 5.77 31.91
C ILE D 42 -16.60 4.48 31.51
N SER D 43 -16.04 3.75 32.48
CA SER D 43 -15.23 2.58 32.15
C SER D 43 -16.01 1.52 31.38
N VAL D 44 -17.34 1.49 31.55
CA VAL D 44 -18.15 0.54 30.81
C VAL D 44 -18.20 0.87 29.32
N LEU D 45 -17.89 2.10 28.96
CA LEU D 45 -18.00 2.56 27.57
C LEU D 45 -16.81 2.18 26.70
N VAL D 46 -15.65 1.89 27.29
CA VAL D 46 -14.45 1.61 26.52
C VAL D 46 -14.67 0.35 25.68
N ARG D 47 -14.15 0.36 24.46
CA ARG D 47 -14.32 -0.73 23.52
C ARG D 47 -13.01 -1.31 22.99
N THR D 48 -11.92 -0.53 23.03
CA THR D 48 -10.62 -1.00 22.56
C THR D 48 -9.55 -0.19 23.26
N SER D 49 -8.54 -0.87 23.79
CA SER D 49 -7.48 -0.22 24.55
C SER D 49 -6.15 -0.87 24.18
N GLN D 50 -5.09 -0.47 24.88
CA GLN D 50 -3.74 -0.95 24.60
C GLN D 50 -2.91 -0.86 25.86
N ILE D 51 -2.35 -1.99 26.29
CA ILE D 51 -1.39 -1.97 27.40
C ILE D 51 -0.13 -1.23 26.94
N PRO D 52 0.41 -0.30 27.75
CA PRO D 52 1.47 0.58 27.26
C PRO D 52 2.78 -0.16 27.04
N GLU D 53 3.73 0.58 26.47
CA GLU D 53 5.05 0.02 26.19
C GLU D 53 5.77 -0.35 27.48
N MET D 54 6.52 -1.44 27.43
CA MET D 54 7.36 -1.88 28.54
C MET D 54 8.76 -2.09 27.96
N THR D 55 9.53 -1.00 27.87
CA THR D 55 10.85 -1.04 27.25
C THR D 55 11.65 0.15 27.74
N ARG D 56 12.95 0.08 27.49
CA ARG D 56 13.86 1.18 27.80
C ARG D 56 14.73 1.48 26.59
N GLU D 57 15.12 2.74 26.46
CA GLU D 57 15.97 3.14 25.34
C GLU D 57 17.31 2.43 25.42
N ASP D 58 17.90 2.19 24.25
CA ASP D 58 19.18 1.52 24.15
C ASP D 58 20.27 2.49 23.72
N VAL D 59 21.51 2.17 24.08
CA VAL D 59 22.67 2.94 23.66
C VAL D 59 23.55 2.05 22.80
N GLU D 60 24.12 2.62 21.75
CA GLU D 60 24.81 1.88 20.71
C GLU D 60 26.31 2.20 20.80
N ASP D 61 27.12 1.15 20.96
CA ASP D 61 28.56 1.30 21.09
C ASP D 61 29.26 0.53 19.99
N TYR D 62 30.29 1.13 19.41
CA TYR D 62 31.06 0.51 18.33
C TYR D 62 32.45 0.19 18.87
N GLY D 63 32.68 -1.09 19.17
CA GLY D 63 33.95 -1.52 19.70
C GLY D 63 34.99 -1.68 18.63
N PRO D 64 36.19 -2.07 19.05
CA PRO D 64 37.31 -2.19 18.10
C PRO D 64 37.04 -3.26 17.06
N ASN D 65 37.61 -3.05 15.87
CA ASN D 65 37.52 -4.00 14.75
C ASN D 65 36.09 -4.25 14.31
N GLY D 66 35.23 -3.24 14.48
CA GLY D 66 33.88 -3.30 13.96
C GLY D 66 32.87 -4.04 14.81
N VAL D 67 33.26 -4.55 15.98
CA VAL D 67 32.30 -5.20 16.86
C VAL D 67 31.31 -4.18 17.38
N LYS D 68 30.11 -4.64 17.71
CA LYS D 68 28.99 -3.76 18.01
C LYS D 68 28.31 -4.22 19.29
N PHE D 69 27.81 -3.27 20.08
CA PHE D 69 27.18 -3.59 21.35
C PHE D 69 25.96 -2.70 21.56
N ASN D 70 24.89 -3.31 22.07
CA ASN D 70 23.68 -2.59 22.48
C ASN D 70 23.55 -2.72 23.99
N GLN D 71 23.45 -1.59 24.68
CA GLN D 71 23.44 -1.58 26.14
C GLN D 71 22.17 -0.90 26.66
N HIS D 72 21.69 -1.40 27.79
CA HIS D 72 20.51 -0.83 28.43
C HIS D 72 20.73 0.63 28.77
N GLY D 73 19.70 1.45 28.56
CA GLY D 73 19.76 2.86 28.85
C GLY D 73 18.66 3.29 29.79
N PRO D 74 18.37 4.59 29.82
CA PRO D 74 17.29 5.09 30.69
C PRO D 74 15.94 4.52 30.26
N ILE D 75 15.06 4.35 31.26
CA ILE D 75 13.76 3.76 31.01
C ILE D 75 12.90 4.72 30.19
N ARG D 76 11.98 4.16 29.42
CA ARG D 76 11.02 4.93 28.63
C ARG D 76 9.70 4.94 29.38
N ASN D 77 9.51 5.96 30.22
CA ASN D 77 8.32 6.01 31.07
C ASN D 77 7.12 6.58 30.32
N SER D 78 7.30 7.71 29.65
CA SER D 78 6.19 8.32 28.94
C SER D 78 5.85 7.53 27.68
N GLY D 79 4.68 7.82 27.12
CA GLY D 79 4.25 7.15 25.91
C GLY D 79 2.83 7.54 25.55
N GLU D 80 2.39 6.96 24.44
CA GLU D 80 1.15 7.34 23.76
C GLU D 80 0.38 6.08 23.39
N ILE D 81 -0.92 6.06 23.69
CA ILE D 81 -1.78 4.93 23.34
C ILE D 81 -3.09 5.45 22.75
N GLN D 82 -3.76 4.57 22.01
CA GLN D 82 -5.01 4.87 21.33
C GLN D 82 -6.12 4.00 21.91
N VAL D 83 -7.27 4.61 22.16
CA VAL D 83 -8.42 3.91 22.75
C VAL D 83 -9.63 4.21 21.88
N GLN D 84 -10.47 3.20 21.67
CA GLN D 84 -11.70 3.35 20.90
C GLN D 84 -12.90 3.21 21.83
N CYS D 85 -13.78 4.20 21.81
CA CYS D 85 -15.00 4.22 22.59
C CYS D 85 -16.20 4.25 21.66
N VAL D 86 -17.40 4.26 22.24
CA VAL D 86 -18.65 4.28 21.48
C VAL D 86 -19.53 5.39 22.03
N GLU D 87 -19.89 6.33 21.16
CA GLU D 87 -20.72 7.46 21.56
C GLU D 87 -22.14 7.00 21.86
N THR D 88 -22.79 7.71 22.78
CA THR D 88 -24.17 7.44 23.18
C THR D 88 -25.08 8.55 22.67
N ILE D 89 -26.36 8.45 23.04
CA ILE D 89 -27.33 9.45 22.62
C ILE D 89 -27.37 10.66 23.54
N GLU D 90 -26.87 10.52 24.77
CA GLU D 90 -26.73 11.65 25.69
C GLU D 90 -25.36 12.31 25.62
N GLY D 91 -24.45 11.78 24.81
CA GLY D 91 -23.12 12.36 24.71
C GLY D 91 -22.32 12.32 25.99
N ASP D 92 -22.36 11.19 26.70
CA ASP D 92 -21.59 11.06 27.93
C ASP D 92 -20.10 11.16 27.65
N ILE D 93 -19.62 10.47 26.61
CA ILE D 93 -18.22 10.56 26.24
C ILE D 93 -17.88 11.96 25.75
N LEU D 94 -18.77 12.56 24.98
CA LEU D 94 -18.53 13.93 24.52
C LEU D 94 -18.45 14.90 25.69
N GLN D 95 -19.38 14.78 26.64
CA GLN D 95 -19.32 15.65 27.81
C GLN D 95 -18.05 15.42 28.61
N PHE D 96 -17.63 14.15 28.73
CA PHE D 96 -16.42 13.84 29.47
C PHE D 96 -15.19 14.47 28.82
N ILE D 97 -15.10 14.38 27.49
CA ILE D 97 -13.91 14.92 26.83
C ILE D 97 -13.94 16.45 26.86
N LYS D 98 -15.13 17.06 26.77
CA LYS D 98 -15.21 18.50 26.93
C LYS D 98 -14.75 18.92 28.32
N ASP D 99 -15.18 18.20 29.35
CA ASP D 99 -14.73 18.51 30.70
C ASP D 99 -13.23 18.35 30.85
N ARG D 100 -12.67 17.29 30.25
CA ARG D 100 -11.23 17.07 30.35
C ARG D 100 -10.44 18.17 29.65
N ILE D 101 -10.88 18.59 28.47
CA ILE D 101 -10.14 19.62 27.75
C ILE D 101 -10.30 20.99 28.41
N ALA D 102 -11.46 21.26 29.02
CA ALA D 102 -11.65 22.54 29.68
C ALA D 102 -10.92 22.62 31.03
N ALA D 103 -10.88 21.51 31.76
CA ALA D 103 -10.32 21.51 33.11
C ALA D 103 -8.79 21.56 33.13
N LYS D 104 -8.13 21.04 32.10
CA LYS D 104 -6.67 21.00 32.03
C LYS D 104 -6.09 20.28 33.25
N ASP D 105 -6.66 19.13 33.58
CA ASP D 105 -6.26 18.34 34.73
C ASP D 105 -5.63 17.03 34.28
N TYR D 106 -5.06 16.32 35.24
CA TYR D 106 -4.40 15.03 35.00
C TYR D 106 -5.17 13.94 35.73
N VAL D 107 -5.43 12.84 35.04
CA VAL D 107 -6.13 11.69 35.62
C VAL D 107 -5.22 10.48 35.56
N ASP D 108 -5.54 9.49 36.38
CA ASP D 108 -4.79 8.23 36.45
C ASP D 108 -5.73 7.08 36.11
N ILE D 109 -5.27 6.18 35.25
CA ILE D 109 -6.10 5.06 34.79
C ILE D 109 -5.49 3.74 35.24
N THR D 110 -6.36 2.84 35.67
CA THR D 110 -5.98 1.48 36.07
C THR D 110 -6.41 0.53 34.96
N MET D 111 -5.46 -0.24 34.45
CA MET D 111 -5.72 -1.25 33.43
C MET D 111 -5.62 -2.63 34.07
N ALA D 112 -6.68 -3.41 33.97
CA ALA D 112 -6.72 -4.72 34.60
C ALA D 112 -7.27 -5.75 33.62
N ALA D 113 -6.84 -6.99 33.79
CA ALA D 113 -7.41 -8.12 33.07
C ALA D 113 -8.36 -8.85 34.02
N THR D 114 -9.64 -8.88 33.66
CA THR D 114 -10.70 -9.43 34.51
C THR D 114 -11.44 -10.50 33.73
N PRO D 115 -10.86 -11.68 33.57
CA PRO D 115 -11.55 -12.76 32.88
C PRO D 115 -12.73 -13.29 33.69
N GLU D 116 -13.68 -13.89 32.97
CA GLU D 116 -14.85 -14.45 33.63
C GLU D 116 -14.47 -15.63 34.52
N SER D 117 -13.34 -16.29 34.24
CA SER D 117 -12.95 -17.47 35.00
C SER D 117 -12.68 -17.13 36.46
N LYS D 118 -11.97 -16.03 36.71
CA LYS D 118 -11.61 -15.64 38.07
C LYS D 118 -12.58 -14.65 38.69
N SER D 119 -13.62 -14.25 37.97
CA SER D 119 -14.56 -13.27 38.50
C SER D 119 -15.45 -13.90 39.57
N SER D 120 -15.80 -13.09 40.57
CA SER D 120 -16.67 -13.52 41.66
C SER D 120 -17.76 -12.48 41.85
N GLY D 121 -19.00 -12.95 41.95
CA GLY D 121 -20.11 -12.02 42.11
C GLY D 121 -20.39 -11.23 40.85
N VAL D 122 -20.99 -10.05 41.04
CA VAL D 122 -21.32 -9.16 39.94
C VAL D 122 -20.20 -8.14 39.76
N ASN D 123 -19.06 -8.39 40.39
CA ASN D 123 -17.92 -7.49 40.34
C ASN D 123 -16.72 -8.20 39.71
N ALA D 124 -15.88 -7.43 39.03
CA ALA D 124 -14.69 -7.99 38.42
C ALA D 124 -13.62 -8.27 39.46
N VAL D 125 -12.85 -9.33 39.23
CA VAL D 125 -11.77 -9.74 40.11
C VAL D 125 -10.47 -9.65 39.32
N THR D 126 -9.50 -8.88 39.85
CA THR D 126 -8.22 -8.66 39.19
C THR D 126 -7.10 -9.35 39.95
N LYS D 127 -5.89 -9.24 39.42
CA LYS D 127 -4.70 -9.78 40.03
C LYS D 127 -3.57 -8.78 39.92
N ALA D 128 -2.63 -8.85 40.87
CA ALA D 128 -1.50 -7.94 40.86
C ALA D 128 -0.56 -8.18 39.68
N ALA D 129 -0.57 -9.38 39.11
CA ALA D 129 0.32 -9.68 37.99
C ALA D 129 -0.15 -8.98 36.72
N THR D 130 -1.46 -8.99 36.45
CA THR D 130 -2.02 -8.44 35.22
C THR D 130 -2.67 -7.08 35.45
N THR D 131 -2.12 -6.25 36.33
CA THR D 131 -2.66 -4.94 36.63
C THR D 131 -1.57 -3.90 36.43
N ILE D 132 -1.86 -2.86 35.66
CA ILE D 132 -0.96 -1.75 35.40
C ILE D 132 -1.67 -0.46 35.76
N GLU D 133 -0.91 0.58 36.09
CA GLU D 133 -1.51 1.86 36.40
C GLU D 133 -0.70 2.97 35.74
N MET D 134 -1.40 3.95 35.17
CA MET D 134 -0.76 5.08 34.51
C MET D 134 -1.17 6.36 35.21
N LEU D 135 -0.17 7.15 35.61
CA LEU D 135 -0.35 8.39 36.35
C LEU D 135 -0.10 9.59 35.44
N ASP D 136 -0.65 10.74 35.84
CA ASP D 136 -0.44 12.00 35.16
C ASP D 136 -0.80 11.91 33.68
N CYS D 137 -1.86 11.17 33.39
CA CYS D 137 -2.26 10.94 32.01
C CYS D 137 -3.05 12.12 31.48
N LYS D 138 -3.04 12.25 30.15
CA LYS D 138 -3.81 13.28 29.46
C LYS D 138 -4.65 12.63 28.38
N ILE D 139 -5.90 13.06 28.27
CA ILE D 139 -6.86 12.49 27.33
C ILE D 139 -7.21 13.55 26.30
N TYR D 140 -7.00 13.23 25.02
CA TYR D 140 -7.36 14.10 23.91
C TYR D 140 -8.31 13.35 22.99
N SER D 141 -9.14 14.10 22.27
CA SER D 141 -10.10 13.49 21.35
C SER D 141 -9.49 13.39 19.96
N ASP D 142 -10.29 12.99 18.98
CA ASP D 142 -9.84 12.86 17.61
C ASP D 142 -11.05 13.00 16.69
N ALA D 143 -10.76 13.26 15.40
CA ALA D 143 -11.82 13.41 14.43
C ALA D 143 -12.60 12.11 14.29
N ILE D 144 -13.93 12.23 14.21
CA ILE D 144 -14.82 11.08 14.12
C ILE D 144 -15.61 11.18 12.82
N ASP D 145 -15.62 10.08 12.05
CA ASP D 145 -16.29 10.06 10.77
C ASP D 145 -17.80 10.02 10.98
N PHE D 146 -18.51 10.90 10.27
CA PHE D 146 -19.97 10.96 10.28
C PHE D 146 -20.43 10.82 8.83
N SER D 147 -20.58 9.58 8.38
CA SER D 147 -20.95 9.29 7.01
C SER D 147 -22.35 8.70 6.95
N THR D 148 -23.11 9.10 5.93
CA THR D 148 -24.47 8.59 5.78
C THR D 148 -24.50 7.15 5.31
N GLU D 149 -23.52 6.75 4.49
CA GLU D 149 -23.49 5.38 3.98
C GLU D 149 -23.34 4.36 5.10
N ASP D 150 -22.66 4.73 6.19
CA ASP D 150 -22.47 3.83 7.33
C ASP D 150 -23.73 3.80 8.20
N VAL D 151 -24.80 3.30 7.58
CA VAL D 151 -26.08 3.21 8.28
C VAL D 151 -26.03 2.15 9.39
N THR D 152 -25.27 1.07 9.17
CA THR D 152 -25.17 -0.02 10.14
C THR D 152 -23.88 0.06 10.97
N ALA D 153 -23.45 1.27 11.31
CA ALA D 153 -22.24 1.46 12.12
C ALA D 153 -22.49 2.53 13.15
N ALA D 154 -22.01 2.29 14.37
CA ALA D 154 -22.11 3.25 15.45
C ALA D 154 -20.90 4.17 15.46
N VAL D 155 -21.10 5.36 16.04
CA VAL D 155 -20.01 6.33 16.14
C VAL D 155 -18.94 5.78 17.08
N ARG D 156 -17.68 5.89 16.66
CA ARG D 156 -16.54 5.35 17.40
C ARG D 156 -15.54 6.47 17.69
N PRO D 157 -15.73 7.21 18.78
CA PRO D 157 -14.73 8.22 19.15
C PRO D 157 -13.37 7.59 19.42
N SER D 158 -12.32 8.30 19.03
CA SER D 158 -10.95 7.86 19.24
C SER D 158 -10.30 8.78 20.27
N LEU D 159 -9.75 8.18 21.33
CA LEU D 159 -9.14 8.91 22.42
C LEU D 159 -7.63 8.64 22.44
N ARG D 160 -6.85 9.71 22.38
CA ARG D 160 -5.41 9.64 22.48
C ARG D 160 -5.04 9.85 23.95
N ILE D 161 -4.46 8.82 24.57
CA ILE D 161 -4.12 8.86 25.99
C ILE D 161 -2.61 8.90 26.10
N VAL D 162 -2.09 9.92 26.76
CA VAL D 162 -0.66 10.08 26.98
C VAL D 162 -0.37 9.75 28.44
N TYR D 163 0.56 8.84 28.66
CA TYR D 163 0.94 8.42 30.00
C TYR D 163 2.37 8.84 30.31
N ASN D 164 2.61 9.26 31.55
CA ASN D 164 3.90 9.77 31.95
C ASN D 164 4.68 8.82 32.85
N TRP D 165 4.05 7.76 33.35
CA TRP D 165 4.73 6.80 34.20
C TRP D 165 3.91 5.54 34.30
N ILE D 166 4.58 4.39 34.19
CA ILE D 166 3.96 3.08 34.33
C ILE D 166 4.26 2.56 35.73
N GLU D 167 3.24 2.09 36.43
CA GLU D 167 3.37 1.67 37.82
C GLU D 167 2.70 0.31 37.96
N TRP D 168 3.45 -0.67 38.47
CA TRP D 168 2.93 -2.01 38.68
C TRP D 168 3.31 -2.49 40.08
N ASP D 169 2.35 -3.11 40.76
CA ASP D 169 2.57 -3.59 42.12
C ASP D 169 3.21 -4.97 42.12
N GLY E 2 3.15 -27.24 -34.32
CA GLY E 2 3.70 -26.48 -33.21
C GLY E 2 5.21 -26.36 -33.26
N HIS E 3 5.84 -26.23 -32.10
CA HIS E 3 7.28 -26.13 -32.03
C HIS E 3 7.94 -27.43 -32.46
N ASN E 4 9.03 -27.32 -33.23
CA ASN E 4 9.70 -28.49 -33.76
C ASN E 4 10.48 -29.23 -32.67
N ASN E 5 11.18 -28.48 -31.82
CA ASN E 5 11.98 -29.07 -30.74
C ASN E 5 11.08 -29.27 -29.53
N THR E 6 10.47 -30.45 -29.43
CA THR E 6 9.55 -30.74 -28.34
C THR E 6 9.78 -32.12 -27.73
N LYS E 7 10.92 -32.75 -28.00
CA LYS E 7 11.19 -34.08 -27.46
C LYS E 7 11.25 -34.05 -25.94
N GLY E 8 10.75 -35.11 -25.32
CA GLY E 8 10.74 -35.21 -23.88
C GLY E 8 11.07 -36.60 -23.37
N ASN E 9 11.66 -36.68 -22.18
CA ASN E 9 12.03 -37.95 -21.57
C ASN E 9 11.64 -37.97 -20.11
N ARG E 10 11.51 -39.19 -19.58
CA ARG E 10 11.17 -39.38 -18.17
C ARG E 10 12.37 -39.62 -17.28
N LYS E 11 13.44 -40.22 -17.82
CA LYS E 11 14.59 -40.58 -16.99
C LYS E 11 15.24 -39.35 -16.36
N PHE E 12 15.26 -38.22 -17.07
CA PHE E 12 15.78 -36.99 -16.49
C PHE E 12 14.94 -36.53 -15.31
N ILE E 13 13.61 -36.56 -15.47
CA ILE E 13 12.72 -36.17 -14.38
C ILE E 13 12.85 -37.14 -13.22
N LYS E 14 12.99 -38.44 -13.52
CA LYS E 14 13.20 -39.43 -12.47
C LYS E 14 14.49 -39.13 -11.70
N GLY E 15 15.56 -38.80 -12.42
CA GLY E 15 16.82 -38.50 -11.76
C GLY E 15 16.72 -37.27 -10.87
N ARG E 16 16.09 -36.21 -11.38
CA ARG E 16 15.92 -35.01 -10.57
C ARG E 16 15.07 -35.28 -9.33
N TYR E 17 13.98 -36.03 -9.49
CA TYR E 17 13.13 -36.34 -8.34
C TYR E 17 13.88 -37.17 -7.31
N THR E 18 14.65 -38.17 -7.76
CA THR E 18 15.41 -39.00 -6.84
C THR E 18 16.46 -38.16 -6.11
N ALA E 19 17.16 -37.28 -6.83
CA ALA E 19 18.17 -36.44 -6.20
C ALA E 19 17.53 -35.51 -5.17
N ASN E 20 16.35 -34.97 -5.47
CA ASN E 20 15.69 -34.06 -4.54
C ASN E 20 15.17 -34.81 -3.31
N ALA E 21 14.66 -36.03 -3.50
CA ALA E 21 14.00 -36.74 -2.42
C ALA E 21 14.95 -37.53 -1.53
N ALA E 22 16.09 -38.00 -2.07
CA ALA E 22 16.97 -38.86 -1.28
C ALA E 22 17.76 -38.10 -0.24
N LYS E 23 17.72 -36.76 -0.24
CA LYS E 23 18.54 -36.00 0.70
C LYS E 23 18.00 -36.13 2.13
N GLY E 24 16.68 -36.00 2.29
CA GLY E 24 16.10 -36.11 3.61
C GLY E 24 14.84 -35.29 3.80
N GLU E 25 14.28 -35.33 5.01
CA GLU E 25 13.06 -34.58 5.30
C GLU E 25 13.32 -33.08 5.28
N ARG E 26 12.27 -32.32 4.98
CA ARG E 26 12.31 -30.88 5.02
C ARG E 26 11.89 -30.39 6.40
N LEU E 27 12.56 -29.35 6.89
CA LEU E 27 12.29 -28.81 8.22
C LEU E 27 10.99 -28.01 8.17
N VAL E 28 9.94 -28.52 8.82
CA VAL E 28 8.68 -27.81 8.89
C VAL E 28 8.86 -26.56 9.74
N SER E 29 8.16 -25.48 9.37
CA SER E 29 8.31 -24.20 10.05
C SER E 29 7.73 -24.21 11.46
N SER E 30 6.96 -25.23 11.82
CA SER E 30 6.34 -25.31 13.14
C SER E 30 7.15 -26.10 14.15
N GLU E 31 8.32 -26.62 13.77
CA GLU E 31 9.16 -27.44 14.65
C GLU E 31 10.37 -26.61 15.05
N PHE E 32 10.34 -26.06 16.26
CA PHE E 32 11.44 -25.26 16.78
C PHE E 32 11.32 -25.17 18.29
N LEU E 33 12.40 -24.72 18.92
CA LEU E 33 12.43 -24.58 20.38
C LEU E 33 13.40 -23.47 20.73
N LEU E 34 12.87 -22.42 21.36
CA LEU E 34 13.65 -21.28 21.82
C LEU E 34 13.62 -21.26 23.35
N THR E 35 14.77 -21.50 23.97
CA THR E 35 14.85 -21.64 25.42
C THR E 35 15.75 -20.57 26.02
N PHE E 36 15.23 -19.86 27.02
CA PHE E 36 16.00 -18.84 27.71
C PHE E 36 16.97 -19.51 28.69
N ALA E 37 17.64 -18.70 29.50
CA ALA E 37 18.56 -19.19 30.52
C ALA E 37 17.94 -18.97 31.89
N GLY E 38 17.70 -20.06 32.62
CA GLY E 38 17.09 -19.98 33.93
C GLY E 38 15.59 -19.77 33.93
N HIS E 39 14.95 -19.80 32.77
CA HIS E 39 13.51 -19.59 32.64
C HIS E 39 12.92 -20.64 31.72
N GLU E 40 13.25 -21.91 31.97
CA GLU E 40 12.82 -23.00 31.10
C GLU E 40 11.31 -23.17 31.10
N ASP E 41 10.61 -22.70 32.14
CA ASP E 41 9.16 -22.81 32.18
C ASP E 41 8.46 -21.86 31.21
N ILE E 42 9.20 -20.94 30.59
CA ILE E 42 8.62 -19.99 29.65
C ILE E 42 8.74 -20.45 28.21
N SER E 43 9.74 -21.29 27.89
CA SER E 43 10.01 -21.66 26.51
C SER E 43 8.81 -22.33 25.84
N VAL E 44 7.92 -22.95 26.63
CA VAL E 44 6.73 -23.58 26.06
C VAL E 44 5.76 -22.53 25.54
N LEU E 45 5.88 -21.28 25.98
CA LEU E 45 4.93 -20.23 25.64
C LEU E 45 5.21 -19.57 24.30
N VAL E 46 6.43 -19.68 23.78
CA VAL E 46 6.79 -19.00 22.53
C VAL E 46 5.95 -19.55 21.38
N ARG E 47 5.55 -18.66 20.48
CA ARG E 47 4.69 -19.02 19.36
C ARG E 47 5.26 -18.65 18.00
N THR E 48 6.17 -17.68 17.94
CA THR E 48 6.76 -17.25 16.67
C THR E 48 8.12 -16.66 16.98
N SER E 49 9.13 -17.06 16.21
CA SER E 49 10.51 -16.63 16.46
C SER E 49 11.17 -16.34 15.12
N GLN E 50 12.47 -16.06 15.17
CA GLN E 50 13.24 -15.72 13.99
C GLN E 50 14.71 -16.03 14.25
N ILE E 51 15.30 -16.89 13.44
CA ILE E 51 16.76 -17.09 13.49
C ILE E 51 17.44 -15.81 13.05
N PRO E 52 18.47 -15.34 13.76
CA PRO E 52 18.98 -13.99 13.51
C PRO E 52 19.71 -13.89 12.17
N GLU E 53 20.11 -12.66 11.85
CA GLU E 53 20.84 -12.39 10.63
C GLU E 53 22.17 -13.12 10.62
N MET E 54 22.58 -13.58 9.43
CA MET E 54 23.82 -14.33 9.26
C MET E 54 24.57 -13.67 8.11
N THR E 55 25.32 -12.61 8.43
CA THR E 55 25.94 -11.79 7.40
C THR E 55 27.00 -10.90 8.02
N ARG E 56 27.77 -10.26 7.15
CA ARG E 56 28.76 -9.26 7.54
C ARG E 56 28.60 -8.04 6.64
N GLU E 57 28.95 -6.88 7.18
CA GLU E 57 28.89 -5.65 6.40
C GLU E 57 29.88 -5.71 5.24
N ASP E 58 29.55 -4.99 4.17
CA ASP E 58 30.39 -4.94 2.98
C ASP E 58 30.99 -3.56 2.80
N VAL E 59 32.15 -3.51 2.15
CA VAL E 59 32.81 -2.27 1.77
C VAL E 59 32.76 -2.14 0.26
N GLU E 60 32.63 -0.90 -0.21
CA GLU E 60 32.35 -0.60 -1.60
C GLU E 60 33.55 0.16 -2.18
N ASP E 61 34.13 -0.39 -3.25
CA ASP E 61 35.31 0.20 -3.88
C ASP E 61 35.01 0.50 -5.33
N TYR E 62 35.47 1.65 -5.81
CA TYR E 62 35.28 2.09 -7.19
C TYR E 62 36.64 2.07 -7.88
N GLY E 63 36.86 1.05 -8.70
CA GLY E 63 38.11 0.91 -9.40
C GLY E 63 38.17 1.79 -10.63
N PRO E 64 39.32 1.73 -11.33
CA PRO E 64 39.51 2.60 -12.49
C PRO E 64 38.52 2.28 -13.60
N ASN E 65 38.19 3.31 -14.39
CA ASN E 65 37.30 3.20 -15.53
C ASN E 65 35.90 2.72 -15.14
N GLY E 66 35.48 3.04 -13.91
CA GLY E 66 34.12 2.76 -13.49
C GLY E 66 33.86 1.35 -12.99
N VAL E 67 34.88 0.50 -12.93
CA VAL E 67 34.66 -0.85 -12.40
C VAL E 67 34.38 -0.76 -10.91
N LYS E 68 33.65 -1.75 -10.40
CA LYS E 68 33.06 -1.69 -9.07
C LYS E 68 33.35 -2.99 -8.35
N PHE E 69 33.59 -2.91 -7.03
CA PHE E 69 33.92 -4.08 -6.24
C PHE E 69 33.23 -4.01 -4.88
N ASN E 70 32.73 -5.15 -4.43
CA ASN E 70 32.18 -5.31 -3.09
C ASN E 70 33.05 -6.30 -2.34
N GLN E 71 33.55 -5.88 -1.18
CA GLN E 71 34.51 -6.69 -0.41
C GLN E 71 33.98 -6.96 0.98
N HIS E 72 34.31 -8.14 1.50
CA HIS E 72 33.90 -8.53 2.84
C HIS E 72 34.45 -7.55 3.87
N GLY E 73 33.62 -7.23 4.86
CA GLY E 73 34.02 -6.33 5.91
C GLY E 73 33.86 -6.95 7.29
N PRO E 74 33.80 -6.11 8.32
CA PRO E 74 33.62 -6.63 9.68
C PRO E 74 32.27 -7.33 9.83
N ILE E 75 32.25 -8.34 10.71
CA ILE E 75 31.05 -9.12 10.92
C ILE E 75 29.98 -8.27 11.61
N ARG E 76 28.72 -8.62 11.36
CA ARG E 76 27.57 -7.93 11.97
C ARG E 76 27.06 -8.82 13.10
N ASN E 77 27.55 -8.56 14.31
CA ASN E 77 27.22 -9.42 15.45
C ASN E 77 25.86 -9.05 16.05
N SER E 78 25.67 -7.78 16.38
CA SER E 78 24.45 -7.36 17.04
C SER E 78 23.28 -7.35 16.05
N GLY E 79 22.08 -7.32 16.60
CA GLY E 79 20.88 -7.28 15.77
C GLY E 79 19.64 -7.38 16.63
N GLU E 80 18.50 -7.36 15.93
CA GLU E 80 17.18 -7.31 16.55
C GLU E 80 16.26 -8.33 15.91
N ILE E 81 15.47 -9.03 16.74
CA ILE E 81 14.49 -9.99 16.25
C ILE E 81 13.17 -9.76 16.98
N GLN E 82 12.09 -10.25 16.37
CA GLN E 82 10.75 -10.11 16.89
C GLN E 82 10.19 -11.50 17.21
N VAL E 83 9.58 -11.64 18.38
CA VAL E 83 9.05 -12.91 18.85
C VAL E 83 7.61 -12.69 19.30
N GLN E 84 6.72 -13.61 18.91
CA GLN E 84 5.32 -13.54 19.30
C GLN E 84 5.03 -14.62 20.33
N CYS E 85 4.43 -14.23 21.45
CA CYS E 85 4.04 -15.14 22.52
C CYS E 85 2.53 -15.06 22.74
N VAL E 86 2.05 -15.84 23.70
CA VAL E 86 0.62 -15.89 24.01
C VAL E 86 0.45 -15.68 25.52
N GLU E 87 -0.29 -14.63 25.89
CA GLU E 87 -0.52 -14.33 27.29
C GLU E 87 -1.44 -15.38 27.92
N THR E 88 -1.26 -15.59 29.22
CA THR E 88 -2.05 -16.53 30.00
C THR E 88 -2.95 -15.78 30.97
N ILE E 89 -3.70 -16.55 31.77
CA ILE E 89 -4.61 -15.95 32.74
C ILE E 89 -3.87 -15.53 34.01
N GLU E 90 -2.69 -16.10 34.28
CA GLU E 90 -1.90 -15.73 35.43
C GLU E 90 -0.82 -14.70 35.13
N GLY E 91 -0.71 -14.27 33.87
CA GLY E 91 0.30 -13.29 33.50
C GLY E 91 1.72 -13.75 33.69
N ASP E 92 2.02 -15.00 33.30
CA ASP E 92 3.39 -15.49 33.42
C ASP E 92 4.33 -14.70 32.53
N ILE E 93 3.93 -14.45 31.28
CA ILE E 93 4.75 -13.65 30.38
C ILE E 93 4.84 -12.22 30.86
N LEU E 94 3.72 -11.68 31.36
CA LEU E 94 3.74 -10.32 31.89
C LEU E 94 4.67 -10.22 33.10
N GLN E 95 4.60 -11.18 34.02
CA GLN E 95 5.50 -11.16 35.17
C GLN E 95 6.95 -11.29 34.72
N PHE E 96 7.21 -12.14 33.71
CA PHE E 96 8.57 -12.31 33.22
C PHE E 96 9.12 -11.02 32.63
N ILE E 97 8.31 -10.31 31.84
CA ILE E 97 8.83 -9.09 31.22
C ILE E 97 8.97 -7.98 32.27
N LYS E 98 8.09 -7.94 33.28
CA LYS E 98 8.29 -6.99 34.36
C LYS E 98 9.59 -7.26 35.10
N ASP E 99 9.87 -8.53 35.39
CA ASP E 99 11.12 -8.89 36.05
C ASP E 99 12.32 -8.51 35.19
N ARG E 100 12.24 -8.76 33.88
CA ARG E 100 13.35 -8.43 33.00
C ARG E 100 13.60 -6.93 32.94
N ILE E 101 12.54 -6.13 32.84
CA ILE E 101 12.74 -4.68 32.76
C ILE E 101 13.19 -4.11 34.10
N ALA E 102 12.76 -4.68 35.22
CA ALA E 102 13.18 -4.16 36.52
C ALA E 102 14.60 -4.57 36.86
N ALA E 103 15.02 -5.78 36.47
CA ALA E 103 16.32 -6.31 36.86
C ALA E 103 17.47 -5.70 36.08
N LYS E 104 17.23 -5.24 34.84
CA LYS E 104 18.28 -4.68 33.99
C LYS E 104 19.44 -5.67 33.81
N ASP E 105 19.09 -6.91 33.49
CA ASP E 105 20.05 -7.99 33.36
C ASP E 105 20.09 -8.51 31.92
N TYR E 106 21.09 -9.34 31.64
CA TYR E 106 21.29 -9.93 30.32
C TYR E 106 21.12 -11.44 30.41
N VAL E 107 20.35 -12.00 29.49
CA VAL E 107 20.14 -13.44 29.42
C VAL E 107 20.61 -13.95 28.06
N ASP E 108 20.81 -15.25 27.99
CA ASP E 108 21.26 -15.91 26.76
C ASP E 108 20.20 -16.92 26.34
N ILE E 109 19.87 -16.95 25.05
CA ILE E 109 18.84 -17.82 24.52
C ILE E 109 19.44 -18.81 23.55
N THR E 110 19.00 -20.06 23.65
CA THR E 110 19.40 -21.13 22.73
C THR E 110 18.24 -21.42 21.79
N MET E 111 18.51 -21.31 20.49
CA MET E 111 17.53 -21.58 19.45
C MET E 111 17.89 -22.90 18.79
N ALA E 112 16.94 -23.83 18.75
CA ALA E 112 17.21 -25.15 18.21
C ALA E 112 16.05 -25.62 17.35
N ALA E 113 16.35 -26.47 16.38
CA ALA E 113 15.34 -27.13 15.58
C ALA E 113 15.17 -28.55 16.10
N THR E 114 13.96 -28.86 16.58
CA THR E 114 13.66 -30.14 17.23
C THR E 114 12.47 -30.79 16.51
N PRO E 115 12.71 -31.36 15.33
CA PRO E 115 11.62 -32.04 14.63
C PRO E 115 11.23 -33.34 15.33
N GLU E 116 9.98 -33.74 15.11
CA GLU E 116 9.48 -34.99 15.70
C GLU E 116 10.23 -36.20 15.16
N SER E 117 10.81 -36.09 13.96
CA SER E 117 11.48 -37.23 13.34
C SER E 117 12.67 -37.69 14.16
N LYS E 118 13.50 -36.76 14.62
CA LYS E 118 14.69 -37.09 15.38
C LYS E 118 14.47 -37.10 16.88
N SER E 119 13.28 -36.74 17.34
CA SER E 119 13.02 -36.69 18.77
C SER E 119 12.97 -38.10 19.36
N SER E 120 13.42 -38.22 20.61
CA SER E 120 13.39 -39.48 21.34
C SER E 120 12.77 -39.24 22.71
N GLY E 121 11.84 -40.10 23.09
CA GLY E 121 11.16 -39.91 24.35
C GLY E 121 10.22 -38.71 24.31
N VAL E 122 10.01 -38.12 25.48
CA VAL E 122 9.16 -36.94 25.61
C VAL E 122 10.03 -35.69 25.61
N ASN E 123 11.31 -35.85 25.30
CA ASN E 123 12.27 -34.76 25.31
C ASN E 123 12.79 -34.49 23.92
N ALA E 124 12.99 -33.22 23.60
CA ALA E 124 13.48 -32.83 22.29
C ALA E 124 14.93 -33.26 22.09
N VAL E 125 15.25 -33.61 20.85
CA VAL E 125 16.61 -33.98 20.47
C VAL E 125 17.09 -32.97 19.44
N THR E 126 18.23 -32.34 19.72
CA THR E 126 18.79 -31.29 18.89
C THR E 126 20.07 -31.77 18.21
N LYS E 127 20.57 -30.94 17.30
CA LYS E 127 21.82 -31.21 16.58
C LYS E 127 22.67 -29.96 16.56
N ALA E 128 23.98 -30.15 16.46
CA ALA E 128 24.90 -29.03 16.43
C ALA E 128 24.78 -28.19 15.17
N ALA E 129 24.25 -28.77 14.09
CA ALA E 129 24.13 -28.03 12.83
C ALA E 129 23.02 -26.98 12.93
N THR E 130 21.87 -27.34 13.50
CA THR E 130 20.70 -26.47 13.56
C THR E 130 20.51 -25.86 14.94
N THR E 131 21.60 -25.51 15.63
CA THR E 131 21.54 -24.91 16.95
C THR E 131 22.34 -23.61 16.95
N ILE E 132 21.72 -22.53 17.43
CA ILE E 132 22.35 -21.23 17.54
C ILE E 132 22.20 -20.76 18.97
N GLU E 133 23.11 -19.90 19.42
CA GLU E 133 23.05 -19.37 20.77
C GLU E 133 23.30 -17.87 20.71
N MET E 134 22.53 -17.11 21.48
CA MET E 134 22.65 -15.66 21.53
C MET E 134 22.95 -15.23 22.96
N LEU E 135 24.03 -14.47 23.11
CA LEU E 135 24.52 -14.01 24.40
C LEU E 135 24.21 -12.52 24.59
N ASP E 136 24.18 -12.12 25.86
CA ASP E 136 24.01 -10.71 26.24
C ASP E 136 22.75 -10.11 25.61
N CYS E 137 21.70 -10.91 25.56
CA CYS E 137 20.46 -10.47 24.91
C CYS E 137 19.62 -9.61 25.85
N LYS E 138 18.78 -8.78 25.26
CA LYS E 138 17.86 -7.93 26.00
C LYS E 138 16.46 -8.12 25.46
N ILE E 139 15.49 -8.21 26.37
CA ILE E 139 14.09 -8.45 26.02
C ILE E 139 13.29 -7.22 26.37
N TYR E 140 12.59 -6.66 25.38
CA TYR E 140 11.68 -5.55 25.58
C TYR E 140 10.29 -5.94 25.12
N SER E 141 9.28 -5.34 25.72
CA SER E 141 7.90 -5.66 25.37
C SER E 141 7.42 -4.73 24.27
N ASP E 142 6.13 -4.79 23.96
CA ASP E 142 5.54 -3.96 22.92
C ASP E 142 4.05 -3.80 23.20
N ALA E 143 3.45 -2.81 22.56
CA ALA E 143 2.03 -2.56 22.73
C ALA E 143 1.22 -3.75 22.23
N ILE E 144 0.18 -4.12 22.99
CA ILE E 144 -0.68 -5.25 22.67
C ILE E 144 -2.10 -4.75 22.49
N ASP E 145 -2.72 -5.14 21.38
CA ASP E 145 -4.07 -4.69 21.07
C ASP E 145 -5.07 -5.41 21.97
N PHE E 146 -5.96 -4.65 22.58
CA PHE E 146 -7.03 -5.17 23.43
C PHE E 146 -8.35 -4.65 22.85
N SER E 147 -8.90 -5.38 21.89
CA SER E 147 -10.10 -4.98 21.18
C SER E 147 -11.25 -5.91 21.52
N THR E 148 -12.44 -5.34 21.66
CA THR E 148 -13.62 -6.15 21.99
C THR E 148 -14.09 -6.98 20.81
N GLU E 149 -13.92 -6.46 19.58
CA GLU E 149 -14.38 -7.20 18.41
C GLU E 149 -13.64 -8.52 18.23
N ASP E 150 -12.37 -8.57 18.64
CA ASP E 150 -11.57 -9.80 18.54
C ASP E 150 -11.96 -10.78 19.66
N VAL E 151 -13.21 -11.23 19.59
CA VAL E 151 -13.72 -12.16 20.59
C VAL E 151 -13.05 -13.53 20.44
N THR E 152 -12.75 -13.94 19.21
CA THR E 152 -12.14 -15.24 18.95
C THR E 152 -10.64 -15.15 18.70
N ALA E 153 -9.95 -14.26 19.41
CA ALA E 153 -8.51 -14.11 19.28
C ALA E 153 -7.88 -13.97 20.66
N ALA E 154 -6.75 -14.64 20.85
CA ALA E 154 -6.01 -14.57 22.10
C ALA E 154 -5.00 -13.43 22.05
N VAL E 155 -4.64 -12.95 23.25
CA VAL E 155 -3.66 -11.87 23.36
C VAL E 155 -2.30 -12.38 22.89
N ARG E 156 -1.61 -11.58 22.07
CA ARG E 156 -0.33 -11.95 21.47
C ARG E 156 0.72 -10.92 21.82
N PRO E 157 1.38 -11.03 22.96
CA PRO E 157 2.49 -10.12 23.28
C PRO E 157 3.60 -10.20 22.24
N SER E 158 4.19 -9.05 21.93
CA SER E 158 5.30 -8.95 21.01
C SER E 158 6.55 -8.59 21.78
N LEU E 159 7.60 -9.38 21.62
CA LEU E 159 8.85 -9.21 22.33
C LEU E 159 9.96 -8.87 21.34
N ARG E 160 10.63 -7.76 21.59
CA ARG E 160 11.81 -7.36 20.82
C ARG E 160 13.04 -7.89 21.54
N ILE E 161 13.76 -8.82 20.89
CA ILE E 161 14.93 -9.44 21.48
C ILE E 161 16.15 -8.92 20.73
N VAL E 162 17.05 -8.26 21.46
CA VAL E 162 18.28 -7.72 20.90
C VAL E 162 19.41 -8.66 21.26
N TYR E 163 20.16 -9.11 20.25
CA TYR E 163 21.27 -10.02 20.45
C TYR E 163 22.57 -9.32 20.11
N ASN E 164 23.61 -9.60 20.92
CA ASN E 164 24.89 -8.94 20.76
C ASN E 164 25.96 -9.86 20.17
N TRP E 165 25.71 -11.16 20.07
CA TRP E 165 26.69 -12.06 19.50
C TRP E 165 26.00 -13.38 19.15
N ILE E 166 26.33 -13.92 17.97
CA ILE E 166 25.82 -15.20 17.52
C ILE E 166 26.93 -16.24 17.72
N GLU E 167 26.59 -17.36 18.35
CA GLU E 167 27.58 -18.39 18.69
C GLU E 167 27.03 -19.74 18.24
N TRP E 168 27.82 -20.47 17.46
CA TRP E 168 27.40 -21.78 16.96
C TRP E 168 28.52 -22.78 17.17
N ASP E 169 28.14 -23.96 17.67
CA ASP E 169 29.11 -25.01 17.96
C ASP E 169 29.48 -25.77 16.68
N GLY F 2 -23.05 0.01 -37.33
CA GLY F 2 -21.83 0.15 -36.57
C GLY F 2 -20.73 0.86 -37.33
N HIS F 3 -19.48 0.55 -37.01
CA HIS F 3 -18.35 1.16 -37.69
C HIS F 3 -18.29 0.70 -39.14
N ASN F 4 -17.96 1.64 -40.03
CA ASN F 4 -17.94 1.32 -41.46
C ASN F 4 -16.73 0.48 -41.82
N ASN F 5 -15.56 0.82 -41.27
CA ASN F 5 -14.32 0.10 -41.56
C ASN F 5 -14.21 -1.06 -40.57
N THR F 6 -14.73 -2.22 -40.99
CA THR F 6 -14.73 -3.39 -40.11
C THR F 6 -14.34 -4.67 -40.85
N LYS F 7 -13.68 -4.57 -42.00
CA LYS F 7 -13.29 -5.76 -42.74
C LYS F 7 -12.25 -6.56 -41.97
N GLY F 8 -12.27 -7.88 -42.17
CA GLY F 8 -11.34 -8.76 -41.49
C GLY F 8 -10.92 -9.95 -42.32
N ASN F 9 -9.71 -10.45 -42.08
CA ASN F 9 -9.18 -11.59 -42.80
C ASN F 9 -8.50 -12.55 -41.85
N ARG F 10 -8.41 -13.82 -42.27
CA ARG F 10 -7.76 -14.86 -41.48
C ARG F 10 -6.31 -15.09 -41.87
N LYS F 11 -5.94 -14.81 -43.13
CA LYS F 11 -4.59 -15.09 -43.58
C LYS F 11 -3.55 -14.29 -42.80
N PHE F 12 -3.88 -13.04 -42.43
CA PHE F 12 -2.96 -12.26 -41.61
C PHE F 12 -2.79 -12.88 -40.23
N ILE F 13 -3.88 -13.30 -39.60
CA ILE F 13 -3.81 -13.93 -38.29
C ILE F 13 -3.05 -15.25 -38.39
N LYS F 14 -3.30 -16.03 -39.44
CA LYS F 14 -2.58 -17.27 -39.64
C LYS F 14 -1.08 -17.03 -39.80
N GLY F 15 -0.72 -15.99 -40.56
CA GLY F 15 0.69 -15.68 -40.74
C GLY F 15 1.35 -15.26 -39.43
N ARG F 16 0.67 -14.43 -38.65
CA ARG F 16 1.23 -14.03 -37.36
C ARG F 16 1.38 -15.22 -36.43
N TYR F 17 0.37 -16.11 -36.40
CA TYR F 17 0.45 -17.29 -35.56
C TYR F 17 1.61 -18.20 -35.98
N THR F 18 1.77 -18.40 -37.29
CA THR F 18 2.87 -19.23 -37.77
C THR F 18 4.22 -18.61 -37.43
N ALA F 19 4.36 -17.30 -37.60
CA ALA F 19 5.61 -16.64 -37.27
C ALA F 19 5.92 -16.75 -35.79
N ASN F 20 4.90 -16.63 -34.94
CA ASN F 20 5.12 -16.74 -33.50
C ASN F 20 5.46 -18.16 -33.08
N ALA F 21 4.82 -19.15 -33.71
CA ALA F 21 4.97 -20.53 -33.26
C ALA F 21 6.18 -21.25 -33.84
N ALA F 22 6.62 -20.87 -35.05
CA ALA F 22 7.70 -21.60 -35.69
C ALA F 22 9.06 -21.34 -35.07
N LYS F 23 9.18 -20.36 -34.17
CA LYS F 23 10.49 -20.02 -33.62
C LYS F 23 11.00 -21.12 -32.69
N GLY F 24 10.14 -21.61 -31.80
CA GLY F 24 10.54 -22.65 -30.88
C GLY F 24 9.81 -22.61 -29.55
N GLU F 25 10.21 -23.47 -28.61
CA GLU F 25 9.57 -23.52 -27.31
C GLU F 25 9.88 -22.28 -26.50
N ARG F 26 9.01 -22.00 -25.53
CA ARG F 26 9.22 -20.92 -24.58
C ARG F 26 9.85 -21.47 -23.31
N LEU F 27 10.78 -20.71 -22.75
CA LEU F 27 11.50 -21.14 -21.55
C LEU F 27 10.58 -21.04 -20.35
N VAL F 28 10.18 -22.19 -19.80
CA VAL F 28 9.37 -22.21 -18.59
C VAL F 28 10.19 -21.69 -17.42
N SER F 29 9.54 -20.95 -16.53
CA SER F 29 10.23 -20.32 -15.41
C SER F 29 10.74 -21.34 -14.39
N SER F 30 10.29 -22.59 -14.45
CA SER F 30 10.69 -23.60 -13.49
C SER F 30 11.86 -24.44 -13.95
N GLU F 31 12.41 -24.17 -15.13
CA GLU F 31 13.53 -24.94 -15.69
C GLU F 31 14.79 -24.09 -15.59
N PHE F 32 15.62 -24.36 -14.60
CA PHE F 32 16.86 -23.64 -14.40
C PHE F 32 17.77 -24.46 -13.51
N LEU F 33 19.04 -24.04 -13.45
CA LEU F 33 20.04 -24.73 -12.63
C LEU F 33 21.12 -23.74 -12.23
N LEU F 34 21.27 -23.53 -10.92
CA LEU F 34 22.28 -22.65 -10.37
C LEU F 34 23.26 -23.51 -9.57
N THR F 35 24.51 -23.54 -10.00
CA THR F 35 25.51 -24.43 -9.40
C THR F 35 26.69 -23.63 -8.89
N PHE F 36 27.07 -23.86 -7.63
CA PHE F 36 28.21 -23.19 -7.03
C PHE F 36 29.49 -23.89 -7.48
N ALA F 37 30.61 -23.50 -6.88
CA ALA F 37 31.91 -24.09 -7.17
C ALA F 37 32.37 -24.91 -5.98
N GLY F 38 32.55 -26.22 -6.18
CA GLY F 38 32.97 -27.10 -5.12
C GLY F 38 31.87 -27.52 -4.16
N HIS F 39 30.63 -27.12 -4.42
CA HIS F 39 29.48 -27.44 -3.57
C HIS F 39 28.32 -27.91 -4.44
N GLU F 40 28.59 -28.84 -5.35
CA GLU F 40 27.58 -29.30 -6.29
C GLU F 40 26.42 -30.00 -5.60
N ASP F 41 26.61 -30.49 -4.37
CA ASP F 41 25.54 -31.17 -3.66
C ASP F 41 24.46 -30.20 -3.16
N ILE F 42 24.71 -28.90 -3.23
CA ILE F 42 23.73 -27.91 -2.76
C ILE F 42 22.90 -27.34 -3.91
N SER F 43 23.32 -27.54 -5.16
CA SER F 43 22.60 -26.95 -6.29
C SER F 43 21.18 -27.48 -6.40
N VAL F 44 20.93 -28.70 -5.94
CA VAL F 44 19.59 -29.26 -5.99
C VAL F 44 18.65 -28.57 -5.00
N LEU F 45 19.21 -27.88 -4.01
CA LEU F 45 18.42 -27.26 -2.96
C LEU F 45 17.81 -25.92 -3.35
N VAL F 46 18.35 -25.25 -4.36
CA VAL F 46 17.87 -23.93 -4.73
C VAL F 46 16.43 -24.03 -5.23
N ARG F 47 15.61 -23.03 -4.88
CA ARG F 47 14.20 -23.00 -5.23
C ARG F 47 13.77 -21.77 -5.99
N THR F 48 14.51 -20.66 -5.89
CA THR F 48 14.18 -19.44 -6.59
C THR F 48 15.45 -18.63 -6.76
N SER F 49 15.72 -18.17 -7.97
CA SER F 49 16.94 -17.43 -8.27
C SER F 49 16.59 -16.25 -9.17
N GLN F 50 17.62 -15.56 -9.65
CA GLN F 50 17.43 -14.36 -10.47
C GLN F 50 18.66 -14.17 -11.34
N ILE F 51 18.47 -14.14 -12.65
CA ILE F 51 19.58 -13.76 -13.55
C ILE F 51 19.95 -12.31 -13.31
N PRO F 52 21.24 -11.98 -13.18
CA PRO F 52 21.61 -10.64 -12.73
C PRO F 52 21.35 -9.58 -13.80
N GLU F 53 21.56 -8.33 -13.38
CA GLU F 53 21.35 -7.19 -14.26
C GLU F 53 22.29 -7.24 -15.45
N MET F 54 21.78 -6.82 -16.61
CA MET F 54 22.59 -6.67 -17.82
C MET F 54 22.35 -5.25 -18.32
N THR F 55 23.11 -4.30 -17.78
CA THR F 55 22.92 -2.89 -18.10
C THR F 55 24.19 -2.14 -17.73
N ARG F 56 24.29 -0.91 -18.23
CA ARG F 56 25.39 -0.02 -17.93
C ARG F 56 24.84 1.33 -17.50
N GLU F 57 25.57 2.02 -16.64
CA GLU F 57 25.17 3.34 -16.18
C GLU F 57 25.14 4.32 -17.35
N ASP F 58 24.25 5.29 -17.26
CA ASP F 58 24.09 6.30 -18.29
C ASP F 58 24.60 7.66 -17.81
N VAL F 59 24.98 8.51 -18.76
CA VAL F 59 25.37 9.88 -18.47
C VAL F 59 24.36 10.81 -19.14
N GLU F 60 24.10 11.93 -18.50
CA GLU F 60 23.05 12.86 -18.90
C GLU F 60 23.68 14.16 -19.39
N ASP F 61 23.34 14.56 -20.60
CA ASP F 61 23.87 15.77 -21.22
C ASP F 61 22.73 16.71 -21.56
N TYR F 62 22.88 17.97 -21.20
CA TYR F 62 21.91 19.03 -21.50
C TYR F 62 22.49 19.88 -22.63
N GLY F 63 22.00 19.64 -23.85
CA GLY F 63 22.46 20.40 -24.99
C GLY F 63 21.80 21.76 -25.06
N PRO F 64 22.17 22.52 -26.10
CA PRO F 64 21.63 23.88 -26.23
C PRO F 64 20.12 23.87 -26.44
N ASN F 65 19.47 24.94 -25.97
CA ASN F 65 18.03 25.14 -26.12
C ASN F 65 17.22 24.02 -25.45
N GLY F 66 17.73 23.47 -24.36
CA GLY F 66 16.97 22.55 -23.54
C GLY F 66 16.88 21.12 -24.04
N VAL F 67 17.60 20.78 -25.12
CA VAL F 67 17.56 19.40 -25.60
C VAL F 67 18.27 18.49 -24.60
N LYS F 68 18.03 17.18 -24.74
CA LYS F 68 18.46 16.19 -23.77
C LYS F 68 19.19 15.07 -24.50
N PHE F 69 20.17 14.47 -23.83
CA PHE F 69 20.85 13.31 -24.39
C PHE F 69 21.24 12.35 -23.27
N ASN F 70 20.99 11.07 -23.50
CA ASN F 70 21.43 10.01 -22.60
C ASN F 70 22.47 9.18 -23.33
N GLN F 71 23.66 9.07 -22.76
CA GLN F 71 24.78 8.43 -23.43
C GLN F 71 25.27 7.24 -22.61
N HIS F 72 25.72 6.21 -23.32
CA HIS F 72 26.27 5.02 -22.67
C HIS F 72 27.46 5.39 -21.79
N GLY F 73 27.54 4.78 -20.62
CA GLY F 73 28.61 5.02 -19.70
C GLY F 73 29.34 3.74 -19.32
N PRO F 74 30.06 3.77 -18.20
CA PRO F 74 30.76 2.56 -17.75
C PRO F 74 29.78 1.45 -17.40
N ILE F 75 30.23 0.20 -17.60
CA ILE F 75 29.38 -0.95 -17.36
C ILE F 75 29.12 -1.10 -15.86
N ARG F 76 27.98 -1.71 -15.54
CA ARG F 76 27.58 -1.99 -14.15
C ARG F 76 27.84 -3.46 -13.90
N ASN F 77 29.04 -3.76 -13.38
CA ASN F 77 29.44 -5.16 -13.18
C ASN F 77 28.87 -5.74 -11.90
N SER F 78 29.09 -5.07 -10.77
CA SER F 78 28.65 -5.58 -9.49
C SER F 78 27.13 -5.46 -9.34
N GLY F 79 26.60 -6.19 -8.38
CA GLY F 79 25.18 -6.14 -8.10
C GLY F 79 24.80 -7.17 -7.07
N GLU F 80 23.50 -7.21 -6.77
CA GLU F 80 22.94 -8.04 -5.72
C GLU F 80 21.71 -8.77 -6.23
N ILE F 81 21.58 -10.04 -5.87
CA ILE F 81 20.42 -10.85 -6.23
C ILE F 81 19.93 -11.60 -5.00
N GLN F 82 18.68 -12.02 -5.05
CA GLN F 82 18.01 -12.72 -3.96
C GLN F 82 17.69 -14.14 -4.40
N VAL F 83 17.99 -15.11 -3.54
CA VAL F 83 17.78 -16.52 -3.83
C VAL F 83 16.99 -17.14 -2.68
N GLN F 84 16.03 -18.00 -3.00
CA GLN F 84 15.24 -18.69 -1.99
C GLN F 84 15.57 -20.18 -2.02
N CYS F 85 15.92 -20.72 -0.85
CA CYS F 85 16.24 -22.12 -0.68
C CYS F 85 15.25 -22.75 0.30
N VAL F 86 15.42 -24.05 0.53
CA VAL F 86 14.55 -24.80 1.44
C VAL F 86 15.43 -25.53 2.44
N GLU F 87 15.24 -25.23 3.73
CA GLU F 87 16.02 -25.87 4.78
C GLU F 87 15.63 -27.34 4.92
N THR F 88 16.59 -28.16 5.30
CA THR F 88 16.41 -29.58 5.50
C THR F 88 16.45 -29.91 6.99
N ILE F 89 16.29 -31.20 7.30
CA ILE F 89 16.33 -31.65 8.69
C ILE F 89 17.77 -31.74 9.20
N GLU F 90 18.75 -31.87 8.31
CA GLU F 90 20.16 -31.97 8.70
C GLU F 90 20.88 -30.63 8.66
N GLY F 91 20.20 -29.56 8.26
CA GLY F 91 20.84 -28.26 8.19
C GLY F 91 21.97 -28.17 7.20
N ASP F 92 21.80 -28.77 6.02
CA ASP F 92 22.85 -28.68 4.99
C ASP F 92 23.05 -27.24 4.55
N ILE F 93 21.96 -26.52 4.29
CA ILE F 93 22.06 -25.11 3.91
C ILE F 93 22.60 -24.29 5.08
N LEU F 94 22.14 -24.60 6.29
CA LEU F 94 22.64 -23.88 7.46
C LEU F 94 24.14 -24.11 7.64
N GLN F 95 24.59 -25.36 7.52
CA GLN F 95 26.02 -25.62 7.62
C GLN F 95 26.80 -24.93 6.51
N PHE F 96 26.24 -24.91 5.31
CA PHE F 96 26.91 -24.25 4.19
C PHE F 96 27.07 -22.75 4.46
N ILE F 97 26.02 -22.09 4.96
CA ILE F 97 26.12 -20.66 5.17
C ILE F 97 27.04 -20.36 6.35
N LYS F 98 27.05 -21.23 7.39
CA LYS F 98 28.02 -21.06 8.47
C LYS F 98 29.45 -21.15 7.94
N ASP F 99 29.71 -22.14 7.08
CA ASP F 99 31.05 -22.27 6.50
C ASP F 99 31.40 -21.06 5.65
N ARG F 100 30.45 -20.55 4.88
CA ARG F 100 30.71 -19.40 4.03
C ARG F 100 31.03 -18.15 4.86
N ILE F 101 30.26 -17.90 5.92
CA ILE F 101 30.52 -16.71 6.71
C ILE F 101 31.82 -16.84 7.50
N ALA F 102 32.13 -18.04 8.02
CA ALA F 102 33.35 -18.20 8.79
C ALA F 102 34.60 -18.17 7.91
N ALA F 103 34.51 -18.71 6.69
CA ALA F 103 35.69 -18.83 5.84
C ALA F 103 36.10 -17.52 5.20
N LYS F 104 35.17 -16.58 5.00
CA LYS F 104 35.46 -15.30 4.35
C LYS F 104 36.10 -15.50 2.98
N ASP F 105 35.48 -16.37 2.18
CA ASP F 105 36.00 -16.73 0.87
C ASP F 105 35.04 -16.30 -0.23
N TYR F 106 35.52 -16.38 -1.47
CA TYR F 106 34.75 -16.00 -2.65
C TYR F 106 34.53 -17.23 -3.52
N VAL F 107 33.29 -17.44 -3.95
CA VAL F 107 32.93 -18.55 -4.82
C VAL F 107 32.33 -18.00 -6.11
N ASP F 108 32.30 -18.84 -7.13
CA ASP F 108 31.74 -18.49 -8.43
C ASP F 108 30.57 -19.41 -8.74
N ILE F 109 29.48 -18.84 -9.25
CA ILE F 109 28.27 -19.60 -9.54
C ILE F 109 27.98 -19.56 -11.03
N THR F 110 27.58 -20.71 -11.56
CA THR F 110 27.17 -20.86 -12.95
C THR F 110 25.65 -20.97 -12.99
N MET F 111 25.02 -20.08 -13.76
CA MET F 111 23.58 -20.05 -13.95
C MET F 111 23.26 -20.54 -15.35
N ALA F 112 22.46 -21.60 -15.45
CA ALA F 112 22.16 -22.18 -16.74
C ALA F 112 20.67 -22.46 -16.85
N ALA F 113 20.15 -22.41 -18.07
CA ALA F 113 18.79 -22.86 -18.35
C ALA F 113 18.86 -24.26 -18.94
N THR F 114 18.25 -25.22 -18.24
CA THR F 114 18.34 -26.64 -18.59
C THR F 114 16.93 -27.19 -18.76
N PRO F 115 16.26 -26.88 -19.86
CA PRO F 115 14.93 -27.42 -20.10
C PRO F 115 14.97 -28.92 -20.36
N GLU F 116 13.85 -29.58 -20.08
CA GLU F 116 13.76 -31.01 -20.30
C GLU F 116 13.83 -31.36 -21.78
N SER F 117 13.50 -30.41 -22.65
CA SER F 117 13.48 -30.68 -24.08
C SER F 117 14.87 -31.03 -24.61
N LYS F 118 15.88 -30.27 -24.20
CA LYS F 118 17.25 -30.49 -24.67
C LYS F 118 18.05 -31.42 -23.76
N SER F 119 17.48 -31.88 -22.66
CA SER F 119 18.21 -32.74 -21.75
C SER F 119 18.41 -34.13 -22.35
N SER F 120 19.55 -34.74 -22.04
CA SER F 120 19.87 -36.10 -22.49
C SER F 120 20.35 -36.90 -21.29
N GLY F 121 19.80 -38.10 -21.12
CA GLY F 121 20.16 -38.89 -19.97
C GLY F 121 19.55 -38.32 -18.69
N VAL F 122 20.25 -38.59 -17.58
CA VAL F 122 19.81 -38.10 -16.27
C VAL F 122 20.60 -36.85 -15.91
N ASN F 123 21.37 -36.33 -16.87
CA ASN F 123 22.20 -35.15 -16.68
C ASN F 123 21.71 -34.03 -17.58
N ALA F 124 21.66 -32.82 -17.03
CA ALA F 124 21.17 -31.68 -17.78
C ALA F 124 22.15 -31.28 -18.87
N VAL F 125 21.60 -30.74 -19.97
CA VAL F 125 22.38 -30.25 -21.09
C VAL F 125 22.10 -28.76 -21.23
N THR F 126 23.16 -27.95 -21.21
CA THR F 126 23.05 -26.50 -21.27
C THR F 126 23.51 -26.00 -22.64
N LYS F 127 23.39 -24.69 -22.83
CA LYS F 127 23.82 -24.03 -24.05
C LYS F 127 24.59 -22.77 -23.71
N ALA F 128 25.49 -22.36 -24.61
CA ALA F 128 26.30 -21.17 -24.38
C ALA F 128 25.46 -19.90 -24.41
N ALA F 129 24.30 -19.91 -25.08
CA ALA F 129 23.49 -18.71 -25.17
C ALA F 129 22.83 -18.39 -23.83
N THR F 130 22.29 -19.41 -23.15
CA THR F 130 21.56 -19.22 -21.90
C THR F 130 22.38 -19.60 -20.68
N THR F 131 23.68 -19.31 -20.69
CA THR F 131 24.57 -19.63 -19.58
C THR F 131 25.31 -18.36 -19.16
N ILE F 132 25.27 -18.05 -17.88
CA ILE F 132 25.96 -16.90 -17.30
C ILE F 132 26.83 -17.40 -16.16
N GLU F 133 27.86 -16.63 -15.82
CA GLU F 133 28.74 -17.01 -14.72
C GLU F 133 29.05 -15.77 -13.91
N MET F 134 29.04 -15.91 -12.58
CA MET F 134 29.33 -14.82 -11.66
C MET F 134 30.54 -15.20 -10.82
N LEU F 135 31.55 -14.33 -10.83
CA LEU F 135 32.81 -14.56 -10.14
C LEU F 135 32.91 -13.66 -8.91
N ASP F 136 33.76 -14.08 -7.98
CA ASP F 136 34.05 -13.32 -6.76
C ASP F 136 32.78 -12.98 -6.00
N CYS F 137 31.86 -13.93 -5.97
CA CYS F 137 30.56 -13.70 -5.33
C CYS F 137 30.66 -13.89 -3.82
N LYS F 138 29.69 -13.31 -3.12
CA LYS F 138 29.59 -13.46 -1.67
C LYS F 138 28.15 -13.85 -1.32
N ILE F 139 28.01 -14.76 -0.37
CA ILE F 139 26.71 -15.28 0.04
C ILE F 139 26.46 -14.85 1.48
N TYR F 140 25.35 -14.15 1.71
CA TYR F 140 24.91 -13.80 3.04
C TYR F 140 23.51 -14.37 3.26
N SER F 141 23.19 -14.67 4.52
CA SER F 141 21.87 -15.21 4.81
C SER F 141 20.92 -14.08 5.22
N ASP F 142 19.75 -14.44 5.71
CA ASP F 142 18.73 -13.48 6.09
C ASP F 142 17.84 -14.08 7.15
N ALA F 143 17.08 -13.23 7.83
CA ALA F 143 16.17 -13.69 8.86
C ALA F 143 15.11 -14.60 8.26
N ILE F 144 14.81 -15.69 8.96
CA ILE F 144 13.84 -16.69 8.51
C ILE F 144 12.71 -16.75 9.52
N ASP F 145 11.48 -16.66 9.03
CA ASP F 145 10.31 -16.69 9.89
C ASP F 145 10.07 -18.10 10.42
N PHE F 146 9.89 -18.21 11.72
CA PHE F 146 9.59 -19.47 12.39
C PHE F 146 8.28 -19.27 13.15
N SER F 147 7.17 -19.47 12.46
CA SER F 147 5.84 -19.24 13.02
C SER F 147 5.12 -20.57 13.21
N THR F 148 4.42 -20.70 14.33
CA THR F 148 3.68 -21.92 14.60
C THR F 148 2.44 -22.04 13.71
N GLU F 149 1.86 -20.91 13.33
CA GLU F 149 0.66 -20.94 12.48
C GLU F 149 0.95 -21.56 11.12
N ASP F 150 2.15 -21.35 10.59
CA ASP F 150 2.53 -21.91 9.29
C ASP F 150 2.86 -23.39 9.43
N VAL F 151 1.84 -24.17 9.77
CA VAL F 151 2.00 -25.61 9.94
C VAL F 151 2.25 -26.29 8.59
N THR F 152 1.64 -25.78 7.52
CA THR F 152 1.76 -26.37 6.19
C THR F 152 2.74 -25.61 5.31
N ALA F 153 3.81 -25.09 5.90
CA ALA F 153 4.83 -24.37 5.14
C ALA F 153 6.21 -24.79 5.60
N ALA F 154 7.12 -24.96 4.64
CA ALA F 154 8.49 -25.31 4.93
C ALA F 154 9.34 -24.06 5.11
N VAL F 155 10.44 -24.21 5.84
CA VAL F 155 11.35 -23.10 6.07
C VAL F 155 12.00 -22.70 4.75
N ARG F 156 12.06 -21.40 4.48
CA ARG F 156 12.59 -20.86 3.23
C ARG F 156 13.70 -19.87 3.54
N PRO F 157 14.94 -20.33 3.70
CA PRO F 157 16.05 -19.40 3.87
C PRO F 157 16.21 -18.47 2.68
N SER F 158 16.56 -17.22 2.97
CA SER F 158 16.77 -16.21 1.95
C SER F 158 18.26 -15.87 1.89
N LEU F 159 18.84 -15.96 0.70
CA LEU F 159 20.26 -15.75 0.50
C LEU F 159 20.46 -14.52 -0.39
N ARG F 160 21.25 -13.57 0.11
CA ARG F 160 21.67 -12.41 -0.67
C ARG F 160 23.01 -12.77 -1.32
N ILE F 161 23.02 -12.82 -2.65
CA ILE F 161 24.23 -13.18 -3.40
C ILE F 161 24.72 -11.91 -4.10
N VAL F 162 25.94 -11.52 -3.80
CA VAL F 162 26.56 -10.33 -4.37
C VAL F 162 27.55 -10.79 -5.44
N TYR F 163 27.39 -10.27 -6.65
CA TYR F 163 28.25 -10.62 -7.77
C TYR F 163 29.08 -9.42 -8.18
N ASN F 164 30.34 -9.67 -8.52
CA ASN F 164 31.27 -8.60 -8.87
C ASN F 164 31.59 -8.56 -10.36
N TRP F 165 31.19 -9.56 -11.13
CA TRP F 165 31.43 -9.54 -12.57
C TRP F 165 30.55 -10.57 -13.24
N ILE F 166 29.96 -10.19 -14.37
CA ILE F 166 29.13 -11.08 -15.18
C ILE F 166 29.98 -11.55 -16.35
N GLU F 167 30.00 -12.85 -16.61
CA GLU F 167 30.87 -13.43 -17.62
C GLU F 167 30.04 -14.40 -18.45
N TRP F 168 30.04 -14.22 -19.77
CA TRP F 168 29.30 -15.09 -20.67
C TRP F 168 30.18 -15.48 -21.83
N ASP F 169 30.13 -16.76 -22.19
CA ASP F 169 30.96 -17.30 -23.27
C ASP F 169 30.36 -16.99 -24.63
N GLY G 2 -14.96 36.85 12.16
CA GLY G 2 -13.56 37.12 11.87
C GLY G 2 -13.30 38.58 11.56
N HIS G 3 -12.40 38.82 10.62
CA HIS G 3 -12.08 40.18 10.21
C HIS G 3 -13.28 40.83 9.53
N ASN G 4 -13.44 42.14 9.75
CA ASN G 4 -14.60 42.84 9.22
C ASN G 4 -14.39 43.27 7.78
N ASN G 5 -13.26 43.92 7.49
CA ASN G 5 -12.94 44.36 6.13
C ASN G 5 -12.42 43.17 5.34
N THR G 6 -13.34 42.42 4.72
CA THR G 6 -12.97 41.20 4.01
C THR G 6 -13.57 41.11 2.61
N LYS G 7 -14.16 42.19 2.10
CA LYS G 7 -14.78 42.14 0.78
C LYS G 7 -13.74 41.92 -0.30
N GLY G 8 -14.13 41.21 -1.35
CA GLY G 8 -13.24 40.89 -2.44
C GLY G 8 -13.97 40.90 -3.77
N ASN G 9 -13.22 41.15 -4.83
CA ASN G 9 -13.75 41.21 -6.18
C ASN G 9 -12.86 40.42 -7.13
N ARG G 10 -13.42 40.08 -8.29
CA ARG G 10 -12.69 39.35 -9.33
C ARG G 10 -12.18 40.25 -10.44
N LYS G 11 -12.85 41.37 -10.71
CA LYS G 11 -12.45 42.22 -11.84
C LYS G 11 -11.04 42.76 -11.66
N PHE G 12 -10.64 43.07 -10.42
CA PHE G 12 -9.27 43.51 -10.18
C PHE G 12 -8.26 42.40 -10.50
N ILE G 13 -8.55 41.17 -10.06
CA ILE G 13 -7.66 40.06 -10.35
C ILE G 13 -7.62 39.78 -11.84
N LYS G 14 -8.77 39.86 -12.51
CA LYS G 14 -8.80 39.69 -13.96
C LYS G 14 -7.95 40.75 -14.66
N GLY G 15 -8.06 42.00 -14.22
CA GLY G 15 -7.26 43.05 -14.82
C GLY G 15 -5.76 42.84 -14.62
N ARG G 16 -5.37 42.45 -13.40
CA ARG G 16 -3.96 42.18 -13.14
C ARG G 16 -3.46 41.02 -13.99
N TYR G 17 -4.26 39.95 -14.10
CA TYR G 17 -3.86 38.80 -14.90
C TYR G 17 -3.71 39.18 -16.36
N THR G 18 -4.66 39.96 -16.90
CA THR G 18 -4.57 40.39 -18.29
C THR G 18 -3.35 41.27 -18.53
N ALA G 19 -3.08 42.19 -17.60
CA ALA G 19 -1.91 43.05 -17.74
C ALA G 19 -0.62 42.24 -17.70
N ASN G 20 -0.54 41.24 -16.81
CA ASN G 20 0.65 40.40 -16.74
C ASN G 20 0.81 39.56 -18.01
N ALA G 21 -0.29 39.02 -18.54
CA ALA G 21 -0.20 38.15 -19.71
C ALA G 21 0.05 38.93 -20.99
N ALA G 22 -0.33 40.20 -21.05
CA ALA G 22 -0.17 40.97 -22.28
C ALA G 22 1.29 41.31 -22.58
N LYS G 23 2.21 41.07 -21.65
CA LYS G 23 3.60 41.43 -21.85
C LYS G 23 4.36 40.48 -22.78
N GLY G 24 3.76 39.35 -23.13
CA GLY G 24 4.41 38.39 -24.00
C GLY G 24 5.04 37.23 -23.25
N GLU G 25 5.73 36.40 -24.00
CA GLU G 25 6.38 35.23 -23.41
C GLU G 25 7.50 35.64 -22.47
N ARG G 26 7.78 34.78 -21.49
CA ARG G 26 8.89 34.97 -20.59
C ARG G 26 10.11 34.21 -21.11
N LEU G 27 11.27 34.84 -20.98
CA LEU G 27 12.51 34.25 -21.51
C LEU G 27 12.92 33.06 -20.63
N VAL G 28 12.85 31.86 -21.20
CA VAL G 28 13.30 30.68 -20.49
C VAL G 28 14.82 30.75 -20.30
N SER G 29 15.29 30.25 -19.15
CA SER G 29 16.71 30.34 -18.83
C SER G 29 17.57 29.44 -19.72
N SER G 30 16.96 28.52 -20.46
CA SER G 30 17.71 27.60 -21.30
C SER G 30 17.82 28.06 -22.76
N GLU G 31 17.30 29.24 -23.08
CA GLU G 31 17.34 29.76 -24.45
C GLU G 31 18.38 30.87 -24.51
N PHE G 32 19.57 30.54 -25.00
CA PHE G 32 20.65 31.50 -25.11
C PHE G 32 21.67 30.99 -26.11
N LEU G 33 22.56 31.88 -26.53
CA LEU G 33 23.61 31.54 -27.49
C LEU G 33 24.80 32.46 -27.28
N LEU G 34 25.94 31.88 -26.93
CA LEU G 34 27.18 32.63 -26.72
C LEU G 34 28.18 32.19 -27.78
N THR G 35 28.55 33.12 -28.67
CA THR G 35 29.39 32.80 -29.82
C THR G 35 30.68 33.62 -29.76
N PHE G 36 31.80 32.94 -29.95
CA PHE G 36 33.11 33.60 -29.98
C PHE G 36 33.34 34.17 -31.38
N ALA G 37 34.57 34.64 -31.62
CA ALA G 37 34.96 35.18 -32.91
C ALA G 37 35.94 34.23 -33.57
N GLY G 38 35.56 33.69 -34.73
CA GLY G 38 36.40 32.76 -35.44
C GLY G 38 36.38 31.35 -34.91
N HIS G 39 35.55 31.06 -33.91
CA HIS G 39 35.45 29.74 -33.29
C HIS G 39 34.00 29.34 -33.13
N GLU G 40 33.22 29.51 -34.20
CA GLU G 40 31.79 29.24 -34.15
C GLU G 40 31.48 27.77 -33.89
N ASP G 41 32.43 26.87 -34.15
CA ASP G 41 32.20 25.44 -33.92
C ASP G 41 32.22 25.10 -32.43
N ILE G 42 32.64 26.02 -31.57
CA ILE G 42 32.71 25.75 -30.13
C ILE G 42 31.46 26.24 -29.40
N SER G 43 30.71 27.18 -29.98
CA SER G 43 29.56 27.76 -29.30
C SER G 43 28.49 26.73 -28.96
N VAL G 44 28.44 25.60 -29.69
CA VAL G 44 27.46 24.56 -29.38
C VAL G 44 27.77 23.91 -28.04
N LEU G 45 29.06 23.73 -27.74
CA LEU G 45 29.47 23.01 -26.54
C LEU G 45 29.22 23.78 -25.25
N VAL G 46 28.95 25.08 -25.32
CA VAL G 46 28.70 25.86 -24.11
C VAL G 46 27.43 25.36 -23.43
N ARG G 47 27.42 25.40 -22.10
CA ARG G 47 26.32 24.82 -21.32
C ARG G 47 25.75 25.82 -20.33
N THR G 48 26.56 26.78 -19.89
CA THR G 48 26.12 27.74 -18.88
C THR G 48 26.92 29.02 -19.07
N SER G 49 26.22 30.16 -19.01
CA SER G 49 26.85 31.46 -19.22
C SER G 49 26.27 32.45 -18.22
N GLN G 50 26.62 33.72 -18.40
CA GLN G 50 26.18 34.79 -17.50
C GLN G 50 26.27 36.12 -18.22
N ILE G 51 25.13 36.80 -18.34
CA ILE G 51 25.15 38.17 -18.86
C ILE G 51 25.89 39.07 -17.88
N PRO G 52 26.81 39.92 -18.35
CA PRO G 52 27.72 40.60 -17.42
C PRO G 52 27.07 41.68 -16.57
N GLU G 53 27.84 42.24 -15.64
CA GLU G 53 27.34 43.31 -14.78
C GLU G 53 27.01 44.54 -15.62
N MET G 54 25.91 45.21 -15.29
CA MET G 54 25.49 46.44 -15.96
C MET G 54 25.25 47.48 -14.88
N THR G 55 26.33 48.16 -14.48
CA THR G 55 26.26 49.09 -13.36
C THR G 55 27.47 50.02 -13.43
N ARG G 56 27.42 51.08 -12.63
CA ARG G 56 28.52 52.02 -12.50
C ARG G 56 28.83 52.23 -11.02
N GLU G 57 30.10 52.51 -10.74
CA GLU G 57 30.52 52.76 -9.36
C GLU G 57 29.84 54.01 -8.83
N ASP G 58 29.62 54.02 -7.51
CA ASP G 58 28.97 55.13 -6.84
C ASP G 58 29.95 55.86 -5.93
N VAL G 59 29.68 57.14 -5.69
CA VAL G 59 30.47 57.96 -4.78
C VAL G 59 29.58 58.35 -3.61
N GLU G 60 30.20 58.40 -2.43
CA GLU G 60 29.50 58.57 -1.16
C GLU G 60 29.83 59.96 -0.61
N ASP G 61 28.81 60.77 -0.40
CA ASP G 61 28.97 62.13 0.10
C ASP G 61 28.21 62.29 1.40
N TYR G 62 28.84 62.95 2.37
CA TYR G 62 28.25 63.15 3.69
C TYR G 62 27.93 64.64 3.84
N GLY G 63 26.65 64.98 3.68
CA GLY G 63 26.22 66.35 3.81
C GLY G 63 26.11 66.79 5.25
N PRO G 64 25.74 68.05 5.44
CA PRO G 64 25.66 68.59 6.80
C PRO G 64 24.60 67.87 7.63
N ASN G 65 24.87 67.79 8.93
CA ASN G 65 23.95 67.18 9.90
C ASN G 65 23.67 65.71 9.58
N GLY G 66 24.68 65.00 9.06
CA GLY G 66 24.57 63.59 8.82
C GLY G 66 23.82 63.19 7.56
N VAL G 67 23.39 64.15 6.75
CA VAL G 67 22.70 63.81 5.51
C VAL G 67 23.65 63.10 4.56
N LYS G 68 23.17 62.00 3.98
CA LYS G 68 23.99 61.13 3.14
C LYS G 68 23.47 61.15 1.72
N PHE G 69 24.39 61.08 0.76
CA PHE G 69 24.04 61.07 -0.65
C PHE G 69 24.91 60.07 -1.39
N ASN G 70 24.29 59.34 -2.31
CA ASN G 70 24.99 58.44 -3.22
C ASN G 70 24.84 58.97 -4.63
N GLN G 71 25.96 59.19 -5.31
CA GLN G 71 25.96 59.83 -6.62
C GLN G 71 26.60 58.92 -7.65
N HIS G 72 26.08 59.01 -8.88
CA HIS G 72 26.63 58.23 -9.99
C HIS G 72 28.09 58.58 -10.23
N GLY G 73 28.89 57.56 -10.51
CA GLY G 73 30.29 57.74 -10.80
C GLY G 73 30.68 57.17 -12.15
N PRO G 74 31.98 56.94 -12.35
CA PRO G 74 32.44 56.36 -13.62
C PRO G 74 31.89 54.96 -13.83
N ILE G 75 31.67 54.61 -15.10
CA ILE G 75 31.10 53.31 -15.43
C ILE G 75 32.09 52.21 -15.11
N ARG G 76 31.56 51.03 -14.79
CA ARG G 76 32.38 49.85 -14.51
C ARG G 76 32.38 48.98 -15.76
N ASN G 77 33.39 49.20 -16.61
CA ASN G 77 33.44 48.51 -17.89
C ASN G 77 33.96 47.08 -17.75
N SER G 78 35.13 46.91 -17.15
CA SER G 78 35.71 45.58 -17.04
C SER G 78 34.95 44.75 -16.01
N GLY G 79 35.11 43.43 -16.13
CA GLY G 79 34.43 42.53 -15.23
C GLY G 79 34.77 41.09 -15.53
N GLU G 80 34.19 40.21 -14.73
CA GLU G 80 34.57 38.80 -14.66
C GLU G 80 33.32 37.94 -14.62
N ILE G 81 33.27 36.90 -15.47
CA ILE G 81 32.14 35.99 -15.52
C ILE G 81 32.64 34.55 -15.57
N GLN G 82 31.73 33.63 -15.24
CA GLN G 82 32.02 32.21 -15.19
C GLN G 82 31.13 31.48 -16.19
N VAL G 83 31.71 30.54 -16.92
CA VAL G 83 31.02 29.78 -17.96
C VAL G 83 31.30 28.30 -17.73
N GLN G 84 30.29 27.46 -17.92
CA GLN G 84 30.45 26.02 -17.79
C GLN G 84 30.26 25.36 -19.15
N CYS G 85 31.25 24.57 -19.56
CA CYS G 85 31.22 23.82 -20.80
C CYS G 85 31.25 22.33 -20.51
N VAL G 86 31.12 21.52 -21.56
CA VAL G 86 31.13 20.06 -21.43
C VAL G 86 32.23 19.54 -22.35
N GLU G 87 33.18 18.80 -21.77
CA GLU G 87 34.29 18.26 -22.55
C GLU G 87 33.82 17.14 -23.46
N THR G 88 34.49 17.02 -24.61
CA THR G 88 34.21 15.96 -25.57
C THR G 88 35.36 14.95 -25.59
N ILE G 89 35.12 13.84 -26.29
CA ILE G 89 36.10 12.77 -26.34
C ILE G 89 37.34 13.19 -27.11
N GLU G 90 37.20 14.10 -28.07
CA GLU G 90 38.32 14.57 -28.87
C GLU G 90 39.00 15.79 -28.27
N GLY G 91 38.53 16.29 -27.13
CA GLY G 91 39.15 17.43 -26.49
C GLY G 91 39.11 18.71 -27.30
N ASP G 92 37.97 19.00 -27.92
CA ASP G 92 37.83 20.24 -28.68
C ASP G 92 37.97 21.45 -27.77
N ILE G 93 37.31 21.41 -26.62
CA ILE G 93 37.41 22.52 -25.67
C ILE G 93 38.81 22.58 -25.07
N LEU G 94 39.39 21.42 -24.79
CA LEU G 94 40.76 21.40 -24.28
C LEU G 94 41.73 21.99 -25.29
N GLN G 95 41.61 21.60 -26.56
CA GLN G 95 42.48 22.17 -27.58
C GLN G 95 42.25 23.67 -27.72
N PHE G 96 40.99 24.10 -27.64
CA PHE G 96 40.68 25.52 -27.74
C PHE G 96 41.34 26.31 -26.62
N ILE G 97 41.25 25.82 -25.39
CA ILE G 97 41.83 26.57 -24.28
C ILE G 97 43.36 26.51 -24.35
N LYS G 98 43.93 25.40 -24.83
CA LYS G 98 45.37 25.35 -25.06
C LYS G 98 45.80 26.43 -26.04
N ASP G 99 45.08 26.53 -27.16
CA ASP G 99 45.41 27.56 -28.16
C ASP G 99 45.25 28.95 -27.58
N ARG G 100 44.20 29.18 -26.79
CA ARG G 100 43.97 30.50 -26.21
C ARG G 100 45.09 30.89 -25.26
N ILE G 101 45.52 29.96 -24.39
CA ILE G 101 46.57 30.31 -23.44
C ILE G 101 47.91 30.46 -24.13
N ALA G 102 48.18 29.65 -25.16
CA ALA G 102 49.47 29.76 -25.85
C ALA G 102 49.56 31.00 -26.72
N ALA G 103 48.46 31.40 -27.37
CA ALA G 103 48.48 32.49 -28.33
C ALA G 103 48.55 33.86 -27.68
N LYS G 104 48.05 34.02 -26.45
CA LYS G 104 48.04 35.30 -25.75
C LYS G 104 47.30 36.37 -26.59
N ASP G 105 46.12 36.01 -27.06
CA ASP G 105 45.33 36.88 -27.92
C ASP G 105 44.02 37.28 -27.23
N TYR G 106 43.34 38.25 -27.83
CA TYR G 106 42.06 38.75 -27.34
C TYR G 106 40.96 38.43 -28.35
N VAL G 107 39.83 37.92 -27.85
CA VAL G 107 38.69 37.61 -28.70
C VAL G 107 37.49 38.41 -28.20
N ASP G 108 36.50 38.54 -29.08
CA ASP G 108 35.26 39.25 -28.77
C ASP G 108 34.10 38.26 -28.83
N ILE G 109 33.24 38.30 -27.83
CA ILE G 109 32.13 37.34 -27.72
C ILE G 109 30.81 38.07 -27.88
N THR G 110 29.85 37.40 -28.49
CA THR G 110 28.49 37.91 -28.66
C THR G 110 27.54 37.01 -27.87
N MET G 111 26.76 37.62 -26.99
CA MET G 111 25.79 36.91 -26.16
C MET G 111 24.40 37.33 -26.61
N ALA G 112 23.59 36.37 -27.06
CA ALA G 112 22.28 36.67 -27.61
C ALA G 112 21.24 35.73 -27.03
N ALA G 113 20.02 36.23 -26.89
CA ALA G 113 18.88 35.41 -26.50
C ALA G 113 18.13 34.98 -27.76
N THR G 114 18.09 33.67 -28.01
CA THR G 114 17.51 33.11 -29.24
C THR G 114 16.44 32.10 -28.84
N PRO G 115 15.26 32.57 -28.45
CA PRO G 115 14.18 31.65 -28.11
C PRO G 115 13.63 30.95 -29.34
N GLU G 116 13.01 29.79 -29.09
CA GLU G 116 12.39 29.04 -30.18
C GLU G 116 11.24 29.79 -30.81
N SER G 117 10.60 30.70 -30.06
CA SER G 117 9.43 31.40 -30.56
C SER G 117 9.78 32.27 -31.76
N LYS G 118 10.86 33.02 -31.68
CA LYS G 118 11.26 33.95 -32.74
C LYS G 118 12.19 33.32 -33.77
N SER G 119 12.60 32.07 -33.58
CA SER G 119 13.52 31.43 -34.50
C SER G 119 12.85 31.13 -35.82
N SER G 120 13.63 31.15 -36.89
CA SER G 120 13.16 30.84 -38.23
C SER G 120 14.15 29.90 -38.89
N GLY G 121 13.65 28.82 -39.48
CA GLY G 121 14.54 27.85 -40.08
C GLY G 121 15.32 27.08 -39.03
N VAL G 122 16.51 26.64 -39.42
CA VAL G 122 17.39 25.89 -38.52
C VAL G 122 18.44 26.82 -37.95
N ASN G 123 18.27 28.12 -38.18
CA ASN G 123 19.20 29.14 -37.71
C ASN G 123 18.50 30.03 -36.70
N ALA G 124 19.25 30.44 -35.67
CA ALA G 124 18.69 31.27 -34.61
C ALA G 124 18.43 32.69 -35.12
N VAL G 125 17.40 33.31 -34.56
CA VAL G 125 17.04 34.70 -34.87
C VAL G 125 17.15 35.50 -33.58
N THR G 126 17.92 36.58 -33.61
CA THR G 126 18.18 37.41 -32.44
C THR G 126 17.52 38.77 -32.61
N LYS G 127 17.62 39.58 -31.56
CA LYS G 127 17.09 40.93 -31.56
C LYS G 127 18.13 41.88 -30.96
N ALA G 128 18.06 43.14 -31.37
CA ALA G 128 19.01 44.13 -30.87
C ALA G 128 18.81 44.42 -29.39
N ALA G 129 17.62 44.18 -28.84
CA ALA G 129 17.38 44.46 -27.43
C ALA G 129 18.10 43.47 -26.53
N THR G 130 18.05 42.19 -26.87
CA THR G 130 18.62 41.12 -26.04
C THR G 130 19.95 40.63 -26.58
N THR G 131 20.75 41.50 -27.18
CA THR G 131 22.06 41.14 -27.71
C THR G 131 23.11 42.03 -27.08
N ILE G 132 24.16 41.41 -26.54
CA ILE G 132 25.26 42.11 -25.90
C ILE G 132 26.55 41.63 -26.54
N GLU G 133 27.58 42.49 -26.52
CA GLU G 133 28.88 42.12 -27.03
C GLU G 133 29.94 42.48 -26.01
N MET G 134 30.90 41.57 -25.80
CA MET G 134 32.00 41.80 -24.88
C MET G 134 33.29 41.82 -25.69
N LEU G 135 34.04 42.92 -25.56
CA LEU G 135 35.24 43.14 -26.35
C LEU G 135 36.49 42.89 -25.52
N ASP G 136 37.57 42.50 -26.21
CA ASP G 136 38.88 42.28 -25.58
C ASP G 136 38.78 41.26 -24.45
N CYS G 137 37.97 40.22 -24.65
CA CYS G 137 37.78 39.21 -23.63
C CYS G 137 38.98 38.28 -23.56
N LYS G 138 39.20 37.72 -22.37
CA LYS G 138 40.25 36.75 -22.13
C LYS G 138 39.64 35.52 -21.48
N ILE G 139 40.07 34.34 -21.92
CA ILE G 139 39.51 33.07 -21.46
C ILE G 139 40.60 32.32 -20.70
N TYR G 140 40.32 31.95 -19.46
CA TYR G 140 41.19 31.12 -18.65
C TYR G 140 40.45 29.86 -18.23
N SER G 141 41.20 28.79 -18.01
CA SER G 141 40.60 27.52 -17.62
C SER G 141 40.51 27.45 -16.09
N ASP G 142 40.11 26.29 -15.58
CA ASP G 142 39.99 26.07 -14.14
C ASP G 142 40.13 24.58 -13.86
N ALA G 143 40.40 24.26 -12.59
CA ALA G 143 40.54 22.88 -12.19
C ALA G 143 39.23 22.12 -12.40
N ILE G 144 39.33 20.91 -12.92
CA ILE G 144 38.18 20.07 -13.22
C ILE G 144 38.28 18.80 -12.40
N ASP G 145 37.19 18.46 -11.71
CA ASP G 145 37.17 17.29 -10.86
C ASP G 145 37.11 16.02 -11.71
N PHE G 146 37.98 15.07 -11.41
CA PHE G 146 38.03 13.77 -12.07
C PHE G 146 37.89 12.71 -10.98
N SER G 147 36.66 12.37 -10.64
CA SER G 147 36.37 11.43 -9.56
C SER G 147 35.75 10.16 -10.13
N THR G 148 36.13 9.02 -9.56
CA THR G 148 35.61 7.74 -10.02
C THR G 148 34.15 7.55 -9.61
N GLU G 149 33.76 8.07 -8.45
CA GLU G 149 32.39 7.88 -7.98
C GLU G 149 31.37 8.54 -8.91
N ASP G 150 31.76 9.63 -9.58
CA ASP G 150 30.87 10.32 -10.50
C ASP G 150 30.82 9.57 -11.84
N VAL G 151 30.32 8.34 -11.77
CA VAL G 151 30.19 7.50 -12.96
C VAL G 151 29.13 8.06 -13.90
N THR G 152 28.06 8.64 -13.36
CA THR G 152 26.96 9.17 -14.16
C THR G 152 27.02 10.69 -14.31
N ALA G 153 28.23 11.24 -14.41
CA ALA G 153 28.41 12.67 -14.59
C ALA G 153 29.48 12.92 -15.63
N ALA G 154 29.23 13.90 -16.50
CA ALA G 154 30.19 14.28 -17.53
C ALA G 154 31.14 15.35 -17.01
N VAL G 155 32.33 15.41 -17.61
CA VAL G 155 33.32 16.39 -17.21
C VAL G 155 32.82 17.78 -17.55
N ARG G 156 32.99 18.72 -16.63
CA ARG G 156 32.48 20.09 -16.76
C ARG G 156 33.63 21.08 -16.62
N PRO G 157 34.33 21.39 -17.71
CA PRO G 157 35.34 22.46 -17.65
C PRO G 157 34.71 23.79 -17.27
N SER G 158 35.42 24.55 -16.45
CA SER G 158 34.99 25.87 -16.02
C SER G 158 35.89 26.92 -16.66
N LEU G 159 35.28 27.87 -17.35
CA LEU G 159 35.99 28.91 -18.08
C LEU G 159 35.73 30.25 -17.40
N ARG G 160 36.81 30.91 -17.02
CA ARG G 160 36.76 32.25 -16.45
C ARG G 160 36.96 33.25 -17.57
N ILE G 161 35.95 34.05 -17.87
CA ILE G 161 35.97 34.98 -18.99
C ILE G 161 36.02 36.40 -18.44
N VAL G 162 37.05 37.14 -18.81
CA VAL G 162 37.22 38.51 -18.39
C VAL G 162 36.86 39.41 -19.57
N TYR G 163 35.93 40.34 -19.35
CA TYR G 163 35.51 41.26 -20.39
C TYR G 163 35.98 42.68 -20.05
N ASN G 164 36.48 43.38 -21.05
CA ASN G 164 37.03 44.72 -20.85
C ASN G 164 36.12 45.83 -21.34
N TRP G 165 35.08 45.51 -22.11
CA TRP G 165 34.12 46.52 -22.53
C TRP G 165 32.83 45.86 -22.97
N ILE G 166 31.72 46.39 -22.48
CA ILE G 166 30.37 45.95 -22.83
C ILE G 166 29.83 46.90 -23.89
N GLU G 167 29.27 46.32 -24.96
CA GLU G 167 28.79 47.11 -26.10
C GLU G 167 27.42 46.58 -26.49
N TRP G 168 26.50 47.48 -26.83
CA TRP G 168 25.17 47.07 -27.26
C TRP G 168 24.67 48.00 -28.35
N ASP G 169 24.12 47.42 -29.41
CA ASP G 169 23.59 48.19 -30.53
C ASP G 169 22.27 48.86 -30.17
N GLY H 2 0.69 14.88 38.82
CA GLY H 2 1.60 15.76 38.12
C GLY H 2 1.76 17.11 38.78
N HIS H 3 1.82 18.16 37.97
CA HIS H 3 1.94 19.51 38.51
C HIS H 3 0.68 19.89 39.28
N ASN H 4 0.86 20.65 40.35
CA ASN H 4 -0.27 21.03 41.20
C ASN H 4 -1.04 22.20 40.63
N ASN H 5 -0.34 23.24 40.17
CA ASN H 5 -0.97 24.43 39.60
C ASN H 5 -1.26 24.18 38.13
N THR H 6 -2.44 23.62 37.84
CA THR H 6 -2.78 23.22 36.49
C THR H 6 -4.13 23.76 36.02
N LYS H 7 -4.77 24.64 36.78
CA LYS H 7 -6.10 25.12 36.41
C LYS H 7 -6.04 25.95 35.12
N GLY H 8 -7.10 25.89 34.35
CA GLY H 8 -7.17 26.62 33.10
C GLY H 8 -8.59 27.08 32.82
N ASN H 9 -8.69 28.15 32.03
CA ASN H 9 -9.98 28.73 31.67
C ASN H 9 -10.03 29.03 30.19
N ARG H 10 -11.25 29.19 29.68
CA ARG H 10 -11.47 29.48 28.27
C ARG H 10 -11.77 30.95 28.00
N LYS H 11 -12.28 31.68 28.99
CA LYS H 11 -12.62 33.08 28.79
C LYS H 11 -11.39 33.91 28.44
N PHE H 12 -10.24 33.60 29.05
CA PHE H 12 -9.01 34.30 28.71
C PHE H 12 -8.60 34.04 27.27
N ILE H 13 -8.66 32.79 26.83
CA ILE H 13 -8.30 32.47 25.46
C ILE H 13 -9.28 33.11 24.48
N LYS H 14 -10.57 33.10 24.81
CA LYS H 14 -11.56 33.76 23.98
C LYS H 14 -11.27 35.25 23.86
N GLY H 15 -10.92 35.89 24.98
CA GLY H 15 -10.60 37.31 24.94
C GLY H 15 -9.39 37.62 24.09
N ARG H 16 -8.33 36.81 24.25
CA ARG H 16 -7.13 37.01 23.43
C ARG H 16 -7.42 36.80 21.95
N TYR H 17 -8.21 35.76 21.62
CA TYR H 17 -8.56 35.51 20.23
C TYR H 17 -9.37 36.66 19.64
N THR H 18 -10.35 37.17 20.40
CA THR H 18 -11.15 38.29 19.92
C THR H 18 -10.29 39.53 19.72
N ALA H 19 -9.38 39.81 20.66
CA ALA H 19 -8.51 40.97 20.53
C ALA H 19 -7.62 40.84 19.31
N ASN H 20 -7.08 39.65 19.06
CA ASN H 20 -6.24 39.44 17.89
C ASN H 20 -7.03 39.58 16.60
N ALA H 21 -8.26 39.05 16.57
CA ALA H 21 -9.05 39.08 15.34
C ALA H 21 -9.62 40.46 15.05
N ALA H 22 -9.81 41.29 16.07
CA ALA H 22 -10.40 42.61 15.87
C ALA H 22 -9.48 43.58 15.15
N LYS H 23 -8.21 43.23 14.96
CA LYS H 23 -7.26 44.15 14.34
C LYS H 23 -7.40 44.24 12.83
N GLY H 24 -8.19 43.36 12.22
CA GLY H 24 -8.40 43.40 10.78
C GLY H 24 -7.55 42.36 10.05
N GLU H 25 -7.65 42.40 8.72
CA GLU H 25 -6.92 41.47 7.89
C GLU H 25 -5.42 41.70 7.99
N ARG H 26 -4.65 40.63 7.78
CA ARG H 26 -3.21 40.70 7.74
C ARG H 26 -2.74 40.90 6.30
N LEU H 27 -1.70 41.72 6.14
CA LEU H 27 -1.18 42.03 4.81
C LEU H 27 -0.39 40.83 4.28
N VAL H 28 -0.92 40.20 3.23
CA VAL H 28 -0.21 39.08 2.61
C VAL H 28 1.04 39.60 1.92
N SER H 29 2.09 38.78 1.91
CA SER H 29 3.38 39.20 1.36
C SER H 29 3.33 39.41 -0.15
N SER H 30 2.28 38.93 -0.82
CA SER H 30 2.16 39.08 -2.26
C SER H 30 1.35 40.30 -2.68
N GLU H 31 0.93 41.13 -1.72
CA GLU H 31 0.10 42.30 -2.00
C GLU H 31 1.00 43.54 -1.93
N PHE H 32 1.50 43.97 -3.10
CA PHE H 32 2.37 45.13 -3.16
C PHE H 32 2.37 45.67 -4.58
N LEU H 33 2.85 46.90 -4.72
CA LEU H 33 2.94 47.56 -6.01
C LEU H 33 4.06 48.59 -5.97
N LEU H 34 5.07 48.40 -6.82
CA LEU H 34 6.22 49.28 -6.90
C LEU H 34 6.22 49.94 -8.27
N THR H 35 5.96 51.25 -8.30
CA THR H 35 5.81 51.98 -9.55
C THR H 35 6.91 53.03 -9.69
N PHE H 36 7.56 53.05 -10.84
CA PHE H 36 8.59 54.05 -11.12
C PHE H 36 7.93 55.35 -11.58
N ALA H 37 8.73 56.29 -12.04
CA ALA H 37 8.25 57.58 -12.53
C ALA H 37 8.41 57.61 -14.05
N GLY H 38 7.28 57.72 -14.76
CA GLY H 38 7.30 57.75 -16.21
C GLY H 38 7.47 56.41 -16.88
N HIS H 39 7.48 55.33 -16.12
CA HIS H 39 7.66 53.98 -16.65
C HIS H 39 6.65 53.02 -16.02
N GLU H 40 5.38 53.43 -16.04
CA GLU H 40 4.33 52.64 -15.42
C GLU H 40 4.16 51.27 -16.09
N ASP H 41 4.57 51.13 -17.35
CA ASP H 41 4.44 49.86 -18.05
C ASP H 41 5.41 48.80 -17.54
N ILE H 42 6.39 49.17 -16.72
CA ILE H 42 7.36 48.22 -16.18
C ILE H 42 6.96 47.71 -14.81
N SER H 43 6.11 48.43 -14.07
CA SER H 43 5.76 48.04 -12.72
C SER H 43 5.08 46.68 -12.65
N VAL H 44 4.46 46.23 -13.73
CA VAL H 44 3.82 44.91 -13.72
C VAL H 44 4.88 43.81 -13.66
N LEU H 45 6.02 44.01 -14.33
CA LEU H 45 7.04 42.97 -14.42
C LEU H 45 7.79 42.74 -13.12
N VAL H 46 7.66 43.64 -12.13
CA VAL H 46 8.36 43.44 -10.86
C VAL H 46 7.79 42.22 -10.15
N ARG H 47 8.66 41.51 -9.42
CA ARG H 47 8.28 40.25 -8.80
C ARG H 47 8.60 40.24 -7.30
N THR H 48 9.63 40.97 -6.90
CA THR H 48 10.06 40.98 -5.51
C THR H 48 10.64 42.35 -5.18
N SER H 49 10.27 42.89 -4.03
CA SER H 49 10.72 44.21 -3.60
C SER H 49 11.08 44.16 -2.13
N GLN H 50 11.38 45.33 -1.56
CA GLN H 50 11.77 45.45 -0.16
C GLN H 50 11.50 46.86 0.32
N ILE H 51 10.65 47.00 1.33
CA ILE H 51 10.47 48.30 1.98
C ILE H 51 11.76 48.70 2.68
N PRO H 52 12.24 49.93 2.53
CA PRO H 52 13.60 50.26 2.99
C PRO H 52 13.72 50.36 4.50
N GLU H 53 14.96 50.57 4.97
CA GLU H 53 15.22 50.70 6.39
C GLU H 53 14.53 51.94 6.95
N MET H 54 14.03 51.83 8.17
CA MET H 54 13.46 52.96 8.91
C MET H 54 14.17 53.00 10.26
N THR H 55 15.33 53.66 10.29
CA THR H 55 16.16 53.69 11.47
C THR H 55 17.09 54.89 11.38
N ARG H 56 17.69 55.22 12.52
CA ARG H 56 18.68 56.28 12.61
C ARG H 56 19.90 55.77 13.35
N GLU H 57 21.07 56.30 12.98
CA GLU H 57 22.31 55.90 13.61
C GLU H 57 22.28 56.25 15.10
N ASP H 58 22.94 55.42 15.90
CA ASP H 58 23.01 55.62 17.34
C ASP H 58 24.41 56.04 17.76
N VAL H 59 24.48 56.79 18.85
CA VAL H 59 25.74 57.21 19.44
C VAL H 59 25.91 56.52 20.78
N GLU H 60 27.14 56.09 21.06
CA GLU H 60 27.47 55.26 22.21
C GLU H 60 28.22 56.11 23.22
N ASP H 61 27.71 56.19 24.44
CA ASP H 61 28.31 56.98 25.50
C ASP H 61 28.62 56.08 26.68
N TYR H 62 29.79 56.28 27.29
CA TYR H 62 30.23 55.50 28.44
C TYR H 62 30.23 56.40 29.66
N GLY H 63 29.22 56.24 30.52
CA GLY H 63 29.12 57.02 31.72
C GLY H 63 30.03 56.51 32.81
N PRO H 64 30.01 57.21 33.95
CA PRO H 64 30.89 56.84 35.05
C PRO H 64 30.57 55.45 35.59
N ASN H 65 31.61 54.77 36.09
CA ASN H 65 31.50 53.43 36.65
C ASN H 65 30.91 52.43 35.65
N GLY H 66 31.25 52.57 34.37
CA GLY H 66 30.86 51.61 33.37
C GLY H 66 29.46 51.73 32.84
N VAL H 67 28.68 52.71 33.31
CA VAL H 67 27.32 52.89 32.82
C VAL H 67 27.35 53.26 31.34
N LYS H 68 26.50 52.59 30.57
CA LYS H 68 26.49 52.74 29.11
C LYS H 68 25.14 53.31 28.66
N PHE H 69 25.19 54.16 27.64
CA PHE H 69 23.99 54.79 27.10
C PHE H 69 24.05 54.78 25.59
N ASN H 70 22.91 54.52 24.97
CA ASN H 70 22.74 54.60 23.52
C ASN H 70 21.75 55.73 23.23
N GLN H 71 22.16 56.69 22.42
CA GLN H 71 21.36 57.89 22.18
C GLN H 71 21.08 58.04 20.69
N HIS H 72 19.90 58.58 20.39
CA HIS H 72 19.50 58.81 19.00
C HIS H 72 20.47 59.76 18.32
N GLY H 73 20.77 59.47 17.05
CA GLY H 73 21.64 60.29 16.26
C GLY H 73 20.99 60.75 14.97
N PRO H 74 21.80 61.17 14.00
CA PRO H 74 21.25 61.61 12.72
C PRO H 74 20.55 60.48 11.99
N ILE H 75 19.54 60.84 11.21
CA ILE H 75 18.74 59.85 10.49
C ILE H 75 19.57 59.22 9.38
N ARG H 76 19.24 57.97 9.04
CA ARG H 76 19.90 57.24 7.95
C ARG H 76 18.98 57.31 6.74
N ASN H 77 19.22 58.31 5.89
CA ASN H 77 18.36 58.52 4.73
C ASN H 77 18.72 57.59 3.58
N SER H 78 20.00 57.57 3.19
CA SER H 78 20.42 56.75 2.05
C SER H 78 20.39 55.27 2.41
N GLY H 79 20.36 54.44 1.38
CA GLY H 79 20.36 53.01 1.57
C GLY H 79 20.21 52.27 0.27
N GLU H 80 20.21 50.95 0.37
CA GLU H 80 20.22 50.05 -0.77
C GLU H 80 19.20 48.94 -0.57
N ILE H 81 18.48 48.59 -1.64
CA ILE H 81 17.52 47.50 -1.61
C ILE H 81 17.71 46.64 -2.86
N GLN H 82 17.21 45.41 -2.77
CA GLN H 82 17.31 44.43 -3.84
C GLN H 82 15.93 44.11 -4.38
N VAL H 83 15.78 44.07 -5.70
CA VAL H 83 14.51 43.82 -6.36
C VAL H 83 14.72 42.71 -7.39
N GLN H 84 13.75 41.80 -7.48
CA GLN H 84 13.80 40.71 -8.46
C GLN H 84 12.71 40.92 -9.50
N CYS H 85 13.09 40.91 -10.77
CA CYS H 85 12.16 41.05 -11.88
C CYS H 85 12.21 39.79 -12.74
N VAL H 86 11.36 39.74 -13.75
CA VAL H 86 11.27 38.60 -14.67
C VAL H 86 11.43 39.12 -16.08
N GLU H 87 12.43 38.59 -16.79
CA GLU H 87 12.71 39.03 -18.15
C GLU H 87 11.64 38.55 -19.11
N THR H 88 11.33 39.38 -20.11
CA THR H 88 10.38 39.04 -21.15
C THR H 88 11.11 38.71 -22.46
N ILE H 89 10.34 38.23 -23.43
CA ILE H 89 10.94 37.82 -24.70
C ILE H 89 11.41 39.02 -25.51
N GLU H 90 10.83 40.19 -25.30
CA GLU H 90 11.23 41.40 -26.01
C GLU H 90 12.27 42.21 -25.25
N GLY H 91 12.69 41.77 -24.07
CA GLY H 91 13.70 42.49 -23.31
C GLY H 91 13.27 43.87 -22.88
N ASP H 92 12.04 44.02 -22.40
CA ASP H 92 11.58 45.32 -21.91
C ASP H 92 12.39 45.76 -20.70
N ILE H 93 12.61 44.85 -19.75
CA ILE H 93 13.44 45.17 -18.59
C ILE H 93 14.88 45.42 -19.00
N LEU H 94 15.39 44.62 -19.93
CA LEU H 94 16.75 44.84 -20.41
C LEU H 94 16.88 46.20 -21.07
N GLN H 95 15.93 46.58 -21.92
CA GLN H 95 15.97 47.90 -22.54
C GLN H 95 15.86 49.00 -21.49
N PHE H 96 15.05 48.77 -20.46
CA PHE H 96 14.89 49.76 -19.39
C PHE H 96 16.22 49.98 -18.66
N ILE H 97 16.94 48.91 -18.33
CA ILE H 97 18.19 49.09 -17.61
C ILE H 97 19.24 49.68 -18.55
N LYS H 98 19.19 49.34 -19.84
CA LYS H 98 20.06 49.99 -20.81
C LYS H 98 19.86 51.50 -20.80
N ASP H 99 18.61 51.93 -20.86
CA ASP H 99 18.31 53.37 -20.84
C ASP H 99 18.75 54.00 -19.53
N ARG H 100 18.54 53.31 -18.41
CA ARG H 100 18.92 53.87 -17.12
C ARG H 100 20.43 54.05 -17.01
N ILE H 101 21.21 53.06 -17.45
CA ILE H 101 22.66 53.18 -17.33
C ILE H 101 23.20 54.21 -18.31
N ALA H 102 22.62 54.29 -19.52
CA ALA H 102 23.12 55.25 -20.50
C ALA H 102 22.74 56.69 -20.17
N ALA H 103 21.55 56.90 -19.62
CA ALA H 103 21.05 58.25 -19.38
C ALA H 103 21.66 58.94 -18.18
N LYS H 104 22.10 58.17 -17.16
CA LYS H 104 22.68 58.73 -15.94
C LYS H 104 21.72 59.71 -15.27
N ASP H 105 20.47 59.27 -15.10
CA ASP H 105 19.42 60.10 -14.51
C ASP H 105 18.94 59.50 -13.20
N TYR H 106 18.13 60.27 -12.48
CA TYR H 106 17.56 59.87 -11.21
C TYR H 106 16.04 59.77 -11.34
N VAL H 107 15.48 58.67 -10.84
CA VAL H 107 14.05 58.45 -10.86
C VAL H 107 13.55 58.32 -9.43
N ASP H 108 12.25 58.54 -9.26
CA ASP H 108 11.58 58.42 -7.97
C ASP H 108 10.56 57.29 -8.02
N ILE H 109 10.58 56.43 -7.00
CA ILE H 109 9.74 55.25 -6.97
C ILE H 109 8.71 55.38 -5.86
N THR H 110 7.54 54.81 -6.08
CA THR H 110 6.47 54.77 -5.08
C THR H 110 6.18 53.30 -4.76
N MET H 111 6.25 52.97 -3.47
CA MET H 111 5.99 51.62 -2.98
C MET H 111 4.70 51.65 -2.17
N ALA H 112 3.71 50.87 -2.60
CA ALA H 112 2.41 50.90 -1.95
C ALA H 112 1.92 49.48 -1.69
N ALA H 113 1.11 49.32 -0.65
CA ALA H 113 0.43 48.06 -0.39
C ALA H 113 -0.99 48.17 -0.91
N THR H 114 -1.33 47.31 -1.88
CA THR H 114 -2.63 47.36 -2.56
C THR H 114 -3.29 45.99 -2.44
N PRO H 115 -3.84 45.65 -1.28
CA PRO H 115 -4.54 44.38 -1.14
C PRO H 115 -5.84 44.38 -1.92
N GLU H 116 -6.27 43.18 -2.29
CA GLU H 116 -7.53 43.02 -3.01
C GLU H 116 -8.72 43.48 -2.17
N SER H 117 -8.59 43.41 -0.83
CA SER H 117 -9.71 43.74 0.04
C SER H 117 -10.16 45.19 -0.16
N LYS H 118 -9.21 46.12 -0.22
CA LYS H 118 -9.54 47.53 -0.39
C LYS H 118 -9.54 47.97 -1.84
N SER H 119 -9.20 47.08 -2.77
CA SER H 119 -9.18 47.44 -4.18
C SER H 119 -10.58 47.69 -4.71
N SER H 120 -10.69 48.61 -5.66
CA SER H 120 -11.97 48.95 -6.28
C SER H 120 -11.76 49.11 -7.78
N GLY H 121 -12.65 48.51 -8.56
CA GLY H 121 -12.52 48.59 -10.00
C GLY H 121 -11.34 47.78 -10.52
N VAL H 122 -10.83 48.21 -11.67
CA VAL H 122 -9.69 47.57 -12.30
C VAL H 122 -8.41 48.31 -11.90
N ASN H 123 -8.51 49.18 -10.90
CA ASN H 123 -7.40 49.97 -10.42
C ASN H 123 -7.11 49.64 -8.97
N ALA H 124 -5.84 49.76 -8.58
CA ALA H 124 -5.45 49.49 -7.20
C ALA H 124 -5.75 50.70 -6.32
N VAL H 125 -6.14 50.42 -5.09
CA VAL H 125 -6.47 51.46 -4.10
C VAL H 125 -5.44 51.36 -2.98
N THR H 126 -4.77 52.47 -2.70
CA THR H 126 -3.72 52.54 -1.69
C THR H 126 -4.18 53.39 -0.52
N LYS H 127 -3.32 53.47 0.50
CA LYS H 127 -3.58 54.28 1.66
C LYS H 127 -2.31 55.05 2.03
N ALA H 128 -2.49 56.19 2.70
CA ALA H 128 -1.35 57.00 3.10
C ALA H 128 -0.50 56.32 4.16
N ALA H 129 -1.05 55.38 4.92
CA ALA H 129 -0.29 54.71 5.97
C ALA H 129 0.73 53.74 5.38
N THR H 130 0.33 52.97 4.37
CA THR H 130 1.19 51.93 3.78
C THR H 130 1.78 52.37 2.45
N THR H 131 2.07 53.66 2.28
CA THR H 131 2.66 54.19 1.06
C THR H 131 3.97 54.90 1.40
N ILE H 132 5.03 54.53 0.69
CA ILE H 132 6.35 55.11 0.89
C ILE H 132 6.84 55.61 -0.46
N GLU H 133 7.71 56.63 -0.43
CA GLU H 133 8.28 57.18 -1.65
C GLU H 133 9.79 57.26 -1.50
N MET H 134 10.50 56.84 -2.54
CA MET H 134 11.95 56.87 -2.58
C MET H 134 12.37 57.90 -3.61
N LEU H 135 13.15 58.89 -3.18
CA LEU H 135 13.57 59.98 -4.05
C LEU H 135 15.03 59.80 -4.47
N ASP H 136 15.33 60.30 -5.67
CA ASP H 136 16.68 60.28 -6.22
C ASP H 136 17.26 58.86 -6.26
N CYS H 137 16.42 57.90 -6.62
CA CYS H 137 16.85 56.52 -6.68
C CYS H 137 17.69 56.26 -7.92
N LYS H 138 18.58 55.28 -7.81
CA LYS H 138 19.41 54.83 -8.92
C LYS H 138 19.27 53.32 -9.07
N ILE H 139 19.14 52.86 -10.31
CA ILE H 139 18.91 51.45 -10.61
C ILE H 139 20.15 50.89 -11.29
N TYR H 140 20.71 49.83 -10.70
CA TYR H 140 21.81 49.09 -11.31
C TYR H 140 21.39 47.65 -11.52
N SER H 141 21.98 47.01 -12.53
CA SER H 141 21.65 45.62 -12.83
C SER H 141 22.59 44.69 -12.06
N ASP H 142 22.50 43.39 -12.37
CA ASP H 142 23.34 42.40 -11.72
C ASP H 142 23.46 41.19 -12.65
N ALA H 143 24.45 40.35 -12.36
CA ALA H 143 24.67 39.16 -13.17
C ALA H 143 23.47 38.22 -13.06
N ILE H 144 23.09 37.64 -14.20
CA ILE H 144 21.95 36.73 -14.28
C ILE H 144 22.46 35.37 -14.75
N ASP H 145 22.08 34.32 -14.02
CA ASP H 145 22.50 32.97 -14.36
C ASP H 145 21.75 32.49 -15.59
N PHE H 146 22.50 31.94 -16.55
CA PHE H 146 21.95 31.36 -17.77
C PHE H 146 22.45 29.93 -17.84
N SER H 147 21.71 29.01 -17.21
CA SER H 147 22.10 27.62 -17.12
C SER H 147 21.12 26.76 -17.92
N THR H 148 21.66 25.74 -18.59
CA THR H 148 20.81 24.85 -19.38
C THR H 148 19.98 23.92 -18.51
N GLU H 149 20.52 23.52 -17.36
CA GLU H 149 19.78 22.62 -16.48
C GLU H 149 18.49 23.24 -15.98
N ASP H 150 18.46 24.56 -15.80
CA ASP H 150 17.26 25.25 -15.33
C ASP H 150 16.25 25.41 -16.48
N VAL H 151 15.80 24.26 -16.99
CA VAL H 151 14.83 24.26 -18.09
C VAL H 151 13.48 24.79 -17.62
N THR H 152 13.09 24.52 -16.38
CA THR H 152 11.81 24.93 -15.84
C THR H 152 11.93 26.16 -14.95
N ALA H 153 12.81 27.09 -15.30
CA ALA H 153 12.99 28.32 -14.54
C ALA H 153 13.13 29.49 -15.51
N ALA H 154 12.52 30.61 -15.15
CA ALA H 154 12.59 31.83 -15.95
C ALA H 154 13.77 32.69 -15.51
N VAL H 155 14.24 33.53 -16.43
CA VAL H 155 15.35 34.43 -16.15
C VAL H 155 14.90 35.45 -15.11
N ARG H 156 15.77 35.72 -14.13
CA ARG H 156 15.44 36.58 -13.00
C ARG H 156 16.47 37.69 -12.89
N PRO H 157 16.28 38.81 -13.58
CA PRO H 157 17.17 39.96 -13.38
C PRO H 157 17.11 40.46 -11.94
N SER H 158 18.27 40.84 -11.42
CA SER H 158 18.39 41.38 -10.07
C SER H 158 18.77 42.85 -10.18
N LEU H 159 17.99 43.71 -9.53
CA LEU H 159 18.16 45.15 -9.60
C LEU H 159 18.54 45.67 -8.22
N ARG H 160 19.66 46.38 -8.16
CA ARG H 160 20.08 47.09 -6.96
C ARG H 160 19.54 48.51 -7.05
N ILE H 161 18.64 48.86 -6.14
CA ILE H 161 18.01 50.17 -6.13
C ILE H 161 18.55 50.94 -4.94
N VAL H 162 19.18 52.07 -5.22
CA VAL H 162 19.76 52.92 -4.18
C VAL H 162 18.83 54.11 -3.98
N TYR H 163 18.39 54.30 -2.73
CA TYR H 163 17.50 55.39 -2.39
C TYR H 163 18.24 56.41 -1.54
N ASN H 164 18.04 57.69 -1.85
CA ASN H 164 18.73 58.77 -1.16
C ASN H 164 17.84 59.51 -0.18
N TRP H 165 16.52 59.32 -0.24
CA TRP H 165 15.63 59.94 0.73
C TRP H 165 14.31 59.18 0.75
N ILE H 166 13.83 58.91 1.97
CA ILE H 166 12.58 58.23 2.20
C ILE H 166 11.54 59.27 2.60
N GLU H 167 10.37 59.23 1.99
CA GLU H 167 9.32 60.20 2.25
C GLU H 167 8.00 59.45 2.48
N TRP H 168 7.18 59.98 3.39
CA TRP H 168 5.86 59.42 3.63
C TRP H 168 4.88 60.54 3.95
N ASP H 169 3.72 60.49 3.33
CA ASP H 169 2.69 61.51 3.53
C ASP H 169 1.98 61.32 4.87
N GLY I 2 27.60 -10.22 29.43
CA GLY I 2 27.83 -8.80 29.22
C GLY I 2 28.55 -8.14 30.37
N HIS I 3 28.23 -6.88 30.63
CA HIS I 3 28.85 -6.15 31.73
C HIS I 3 28.42 -6.75 33.07
N ASN I 4 29.37 -6.82 33.99
CA ASN I 4 29.12 -7.42 35.30
C ASN I 4 28.27 -6.50 36.17
N ASN I 5 28.58 -5.20 36.18
CA ASN I 5 27.85 -4.24 37.00
C ASN I 5 26.66 -3.72 36.19
N THR I 6 25.51 -4.37 36.37
CA THR I 6 24.32 -4.02 35.61
C THR I 6 23.07 -3.89 36.47
N LYS I 7 23.19 -3.92 37.80
CA LYS I 7 22.02 -3.86 38.65
C LYS I 7 21.32 -2.50 38.52
N GLY I 8 20.01 -2.53 38.66
CA GLY I 8 19.22 -1.31 38.55
C GLY I 8 18.00 -1.38 39.44
N ASN I 9 17.51 -0.19 39.81
CA ASN I 9 16.35 -0.06 40.68
C ASN I 9 15.39 0.99 40.13
N ARG I 10 14.13 0.86 40.53
CA ARG I 10 13.10 1.80 40.13
C ARG I 10 12.88 2.93 41.12
N LYS I 11 13.22 2.72 42.39
CA LYS I 11 12.97 3.73 43.41
C LYS I 11 13.75 5.00 43.14
N PHE I 12 14.98 4.88 42.64
CA PHE I 12 15.76 6.07 42.29
C PHE I 12 15.11 6.85 41.16
N ILE I 13 14.65 6.15 40.12
CA ILE I 13 13.98 6.82 39.02
C ILE I 13 12.68 7.46 39.48
N LYS I 14 11.94 6.76 40.34
CA LYS I 14 10.70 7.32 40.88
C LYS I 14 10.99 8.60 41.67
N GLY I 15 12.04 8.57 42.49
CA GLY I 15 12.39 9.76 43.26
C GLY I 15 12.78 10.93 42.37
N ARG I 16 13.59 10.66 41.35
CA ARG I 16 13.97 11.73 40.43
C ARG I 16 12.76 12.29 39.69
N TYR I 17 11.85 11.40 39.26
CA TYR I 17 10.65 11.86 38.57
C TYR I 17 9.77 12.71 39.48
N THR I 18 9.60 12.29 40.73
CA THR I 18 8.82 13.07 41.67
C THR I 18 9.45 14.43 41.94
N ALA I 19 10.77 14.47 42.11
CA ALA I 19 11.46 15.73 42.35
C ALA I 19 11.31 16.67 41.14
N ASN I 20 11.42 16.11 39.93
CA ASN I 20 11.26 16.94 38.74
C ASN I 20 9.84 17.46 38.61
N ALA I 21 8.84 16.61 38.90
CA ALA I 21 7.45 17.01 38.73
C ALA I 21 6.98 17.97 39.81
N ALA I 22 7.60 17.94 40.99
CA ALA I 22 7.16 18.80 42.09
C ALA I 22 7.48 20.27 41.86
N LYS I 23 8.27 20.60 40.85
CA LYS I 23 8.67 21.99 40.62
C LYS I 23 7.57 22.84 39.99
N GLY I 24 6.48 22.23 39.53
CA GLY I 24 5.40 22.98 38.91
C GLY I 24 5.46 22.93 37.40
N GLU I 25 4.54 23.66 36.78
CA GLU I 25 4.45 23.69 35.33
C GLU I 25 5.69 24.35 34.73
N ARG I 26 5.98 23.98 33.48
CA ARG I 26 7.05 24.59 32.73
C ARG I 26 6.49 25.72 31.86
N LEU I 27 7.22 26.83 31.79
CA LEU I 27 6.77 28.00 31.06
C LEU I 27 6.85 27.72 29.56
N VAL I 28 5.69 27.65 28.90
CA VAL I 28 5.65 27.45 27.46
C VAL I 28 6.19 28.69 26.77
N SER I 29 6.89 28.49 25.66
CA SER I 29 7.52 29.61 24.95
C SER I 29 6.51 30.53 24.29
N SER I 30 5.25 30.12 24.19
CA SER I 30 4.23 30.92 23.53
C SER I 30 3.43 31.78 24.50
N GLU I 31 3.77 31.76 25.79
CA GLU I 31 3.04 32.52 26.80
C GLU I 31 3.92 33.70 27.24
N PHE I 32 3.64 34.87 26.69
CA PHE I 32 4.38 36.08 27.03
C PHE I 32 3.55 37.29 26.65
N LEU I 33 3.96 38.45 27.16
CA LEU I 33 3.26 39.70 26.91
C LEU I 33 4.26 40.85 26.99
N LEU I 34 4.45 41.55 25.87
CA LEU I 34 5.35 42.68 25.79
C LEU I 34 4.52 43.93 25.53
N THR I 35 4.45 44.82 26.52
CA THR I 35 3.59 45.99 26.45
C THR I 35 4.42 47.27 26.49
N PHE I 36 4.16 48.17 25.54
CA PHE I 36 4.85 49.45 25.51
C PHE I 36 4.18 50.42 26.48
N ALA I 37 4.56 51.69 26.42
CA ALA I 37 3.98 52.74 27.26
C ALA I 37 3.16 53.66 26.37
N GLY I 38 1.86 53.76 26.66
CA GLY I 38 0.98 54.59 25.88
C GLY I 38 0.56 54.02 24.55
N HIS I 39 0.93 52.76 24.26
CA HIS I 39 0.60 52.10 23.00
C HIS I 39 0.13 50.68 23.27
N GLU I 40 -0.78 50.53 24.24
CA GLU I 40 -1.26 49.20 24.63
C GLU I 40 -2.00 48.49 23.50
N ASP I 41 -2.54 49.24 22.53
CA ASP I 41 -3.25 48.63 21.41
C ASP I 41 -2.30 47.91 20.45
N ILE I 42 -0.99 48.11 20.58
CA ILE I 42 -0.04 47.48 19.68
C ILE I 42 0.53 46.18 20.26
N SER I 43 0.46 45.99 21.57
CA SER I 43 1.05 44.82 22.21
C SER I 43 0.45 43.50 21.72
N VAL I 44 -0.78 43.53 21.20
CA VAL I 44 -1.39 42.32 20.69
C VAL I 44 -0.68 41.85 19.42
N LEU I 45 -0.24 42.79 18.58
CA LEU I 45 0.34 42.46 17.29
C LEU I 45 1.74 41.85 17.40
N VAL I 46 2.38 41.91 18.57
CA VAL I 46 3.71 41.33 18.71
C VAL I 46 3.61 39.81 18.57
N ARG I 47 4.66 39.22 18.00
CA ARG I 47 4.66 37.79 17.69
C ARG I 47 5.86 37.08 18.27
N THR I 48 7.00 37.78 18.37
CA THR I 48 8.22 37.17 18.85
C THR I 48 9.04 38.24 19.55
N SER I 49 9.60 37.90 20.71
CA SER I 49 10.37 38.84 21.51
C SER I 49 11.59 38.11 22.08
N GLN I 50 12.30 38.79 22.97
CA GLN I 50 13.51 38.23 23.59
C GLN I 50 13.75 38.94 24.91
N ILE I 51 13.78 38.17 26.00
CA ILE I 51 14.17 38.72 27.29
C ILE I 51 15.64 39.14 27.23
N PRO I 52 16.01 40.31 27.76
CA PRO I 52 17.36 40.84 27.50
C PRO I 52 18.45 40.10 28.27
N GLU I 53 19.71 40.48 28.00
CA GLU I 53 20.85 39.88 28.67
C GLU I 53 20.83 40.19 30.16
N MET I 54 21.30 39.25 30.97
CA MET I 54 21.49 39.44 32.41
C MET I 54 22.90 38.99 32.72
N THR I 55 23.86 39.90 32.52
CA THR I 55 25.27 39.58 32.70
C THR I 55 26.04 40.87 32.94
N ARG I 56 27.26 40.71 33.43
CA ARG I 56 28.17 41.84 33.64
C ARG I 56 29.52 41.51 33.00
N GLU I 57 30.19 42.55 32.54
CA GLU I 57 31.49 42.37 31.91
C GLU I 57 32.49 41.81 32.92
N ASP I 58 33.42 41.00 32.42
CA ASP I 58 34.43 40.37 33.25
C ASP I 58 35.81 40.97 32.96
N VAL I 59 36.65 40.98 33.99
CA VAL I 59 38.02 41.45 33.88
C VAL I 59 38.95 40.26 34.02
N GLU I 60 40.03 40.28 33.24
CA GLU I 60 40.94 39.16 33.10
C GLU I 60 42.25 39.51 33.77
N ASP I 61 42.67 38.69 34.74
CA ASP I 61 43.89 38.91 35.49
C ASP I 61 44.82 37.71 35.32
N TYR I 62 46.10 37.97 35.12
CA TYR I 62 47.10 36.93 34.92
C TYR I 62 48.01 36.91 36.14
N GLY I 63 47.76 35.95 37.04
CA GLY I 63 48.57 35.82 38.23
C GLY I 63 49.91 35.17 37.94
N PRO I 64 50.73 35.05 38.98
CA PRO I 64 52.08 34.50 38.81
C PRO I 64 52.03 33.06 38.32
N ASN I 65 53.04 32.69 37.54
CA ASN I 65 53.21 31.33 37.02
C ASN I 65 52.03 30.90 36.15
N GLY I 66 51.44 31.84 35.42
CA GLY I 66 50.39 31.53 34.48
C GLY I 66 49.01 31.36 35.07
N VAL I 67 48.85 31.54 36.38
CA VAL I 67 47.54 31.42 36.99
C VAL I 67 46.61 32.51 36.47
N LYS I 68 45.40 32.13 36.08
CA LYS I 68 44.46 33.03 35.45
C LYS I 68 43.23 33.20 36.32
N PHE I 69 42.67 34.42 36.33
CA PHE I 69 41.50 34.73 37.13
C PHE I 69 40.55 35.59 36.32
N ASN I 70 39.26 35.30 36.46
CA ASN I 70 38.19 36.11 35.88
C ASN I 70 37.39 36.72 37.02
N GLN I 71 37.27 38.05 37.01
CA GLN I 71 36.65 38.77 38.12
C GLN I 71 35.46 39.59 37.62
N HIS I 72 34.45 39.70 38.48
CA HIS I 72 33.27 40.48 38.15
C HIS I 72 33.64 41.94 37.88
N GLY I 73 33.00 42.53 36.88
CA GLY I 73 33.22 43.91 36.54
C GLY I 73 31.94 44.72 36.55
N PRO I 74 31.96 45.88 35.89
CA PRO I 74 30.74 46.71 35.83
C PRO I 74 29.63 46.01 35.07
N ILE I 75 28.39 46.31 35.47
CA ILE I 75 27.23 45.66 34.87
C ILE I 75 27.06 46.14 33.42
N ARG I 76 26.47 45.26 32.61
CA ARG I 76 26.17 45.57 31.20
C ARG I 76 24.70 45.96 31.12
N ASN I 77 24.42 47.25 31.21
CA ASN I 77 23.04 47.72 31.25
C ASN I 77 22.42 47.78 29.87
N SER I 78 23.04 48.50 28.94
CA SER I 78 22.47 48.65 27.62
C SER I 78 22.58 47.36 26.81
N GLY I 79 21.79 47.28 25.76
CA GLY I 79 21.81 46.11 24.89
C GLY I 79 20.77 46.23 23.80
N GLU I 80 20.75 45.20 22.95
CA GLU I 80 19.93 45.17 21.75
C GLU I 80 19.18 43.86 21.67
N ILE I 81 17.90 43.92 21.31
CA ILE I 81 17.07 42.74 21.12
C ILE I 81 16.30 42.86 19.81
N GLN I 82 15.85 41.71 19.32
CA GLN I 82 15.11 41.62 18.06
C GLN I 82 13.69 41.15 18.34
N VAL I 83 12.71 41.81 17.71
CA VAL I 83 11.30 41.50 17.91
C VAL I 83 10.66 41.32 16.54
N GLN I 84 9.78 40.33 16.41
CA GLN I 84 9.07 40.08 15.18
C GLN I 84 7.59 40.39 15.37
N CYS I 85 7.04 41.24 14.51
CA CYS I 85 5.63 41.61 14.53
C CYS I 85 4.99 41.15 13.21
N VAL I 86 3.67 41.32 13.13
CA VAL I 86 2.91 40.96 11.94
C VAL I 86 2.15 42.19 11.46
N GLU I 87 2.37 42.59 10.22
CA GLU I 87 1.72 43.78 9.68
C GLU I 87 0.24 43.54 9.48
N THR I 88 -0.54 44.60 9.63
CA THR I 88 -1.98 44.57 9.39
C THR I 88 -2.32 45.33 8.12
N ILE I 89 -3.57 45.20 7.68
CA ILE I 89 -4.00 45.84 6.43
C ILE I 89 -4.07 47.35 6.58
N GLU I 90 -4.25 47.85 7.81
CA GLU I 90 -4.33 49.29 8.04
C GLU I 90 -2.98 49.90 8.40
N GLY I 91 -1.92 49.10 8.45
CA GLY I 91 -0.60 49.63 8.76
C GLY I 91 -0.48 50.23 10.14
N ASP I 92 -1.07 49.59 11.15
CA ASP I 92 -0.94 50.08 12.52
C ASP I 92 0.51 50.06 12.97
N ILE I 93 1.21 48.95 12.72
CA ILE I 93 2.62 48.87 13.09
C ILE I 93 3.45 49.83 12.26
N LEU I 94 3.13 49.96 10.97
CA LEU I 94 3.84 50.92 10.13
C LEU I 94 3.66 52.34 10.62
N GLN I 95 2.43 52.72 10.96
CA GLN I 95 2.20 54.05 11.51
C GLN I 95 2.92 54.23 12.84
N PHE I 96 2.97 53.17 13.65
CA PHE I 96 3.65 53.25 14.94
C PHE I 96 5.14 53.53 14.75
N ILE I 97 5.79 52.82 13.82
CA ILE I 97 7.22 53.02 13.62
C ILE I 97 7.46 54.39 12.96
N LYS I 98 6.55 54.83 12.10
CA LYS I 98 6.64 56.19 11.55
C LYS I 98 6.64 57.22 12.67
N ASP I 99 5.69 57.10 13.60
CA ASP I 99 5.62 58.04 14.71
C ASP I 99 6.86 57.96 15.58
N ARG I 100 7.36 56.75 15.83
CA ARG I 100 8.53 56.59 16.68
C ARG I 100 9.77 57.23 16.05
N ILE I 101 9.96 57.04 14.75
CA ILE I 101 11.14 57.60 14.11
C ILE I 101 11.01 59.12 13.96
N ALA I 102 9.79 59.63 13.76
CA ALA I 102 9.62 61.06 13.60
C ALA I 102 9.71 61.80 14.94
N ALA I 103 9.23 61.20 16.02
CA ALA I 103 9.15 61.88 17.31
C ALA I 103 10.49 61.97 18.03
N LYS I 104 11.41 61.02 17.77
CA LYS I 104 12.71 60.98 18.45
C LYS I 104 12.53 60.96 19.96
N ASP I 105 11.66 60.06 20.44
CA ASP I 105 11.34 59.96 21.85
C ASP I 105 11.76 58.59 22.40
N TYR I 106 11.70 58.48 23.73
CA TYR I 106 12.07 57.26 24.44
C TYR I 106 10.85 56.70 25.14
N VAL I 107 10.64 55.40 25.02
CA VAL I 107 9.54 54.71 25.68
C VAL I 107 10.10 53.59 26.55
N ASP I 108 9.29 53.15 27.51
CA ASP I 108 9.65 52.06 28.41
C ASP I 108 8.72 50.88 28.16
N ILE I 109 9.31 49.69 28.08
CA ILE I 109 8.56 48.47 27.77
C ILE I 109 8.57 47.55 28.98
N THR I 110 7.46 46.84 29.18
CA THR I 110 7.33 45.84 30.23
C THR I 110 7.16 44.48 29.59
N MET I 111 8.02 43.54 29.96
CA MET I 111 7.96 42.16 29.50
C MET I 111 7.47 41.30 30.66
N ALA I 112 6.42 40.53 30.42
CA ALA I 112 5.83 39.70 31.47
C ALA I 112 5.52 38.32 30.93
N ALA I 113 5.60 37.32 31.82
CA ALA I 113 5.17 35.97 31.50
C ALA I 113 3.76 35.78 32.05
N THR I 114 2.79 35.54 31.17
CA THR I 114 1.38 35.46 31.53
C THR I 114 0.83 34.12 31.04
N PRO I 115 1.15 33.04 31.72
CA PRO I 115 0.61 31.72 31.33
C PRO I 115 -0.89 31.64 31.60
N GLU I 116 -1.54 30.76 30.84
CA GLU I 116 -2.97 30.55 31.04
C GLU I 116 -3.28 29.99 32.41
N SER I 117 -2.33 29.28 33.03
CA SER I 117 -2.58 28.64 34.31
C SER I 117 -2.86 29.67 35.40
N LYS I 118 -2.05 30.71 35.48
CA LYS I 118 -2.20 31.73 36.51
C LYS I 118 -3.13 32.86 36.09
N SER I 119 -3.57 32.89 34.84
CA SER I 119 -4.43 33.97 34.37
C SER I 119 -5.82 33.86 34.97
N SER I 120 -6.41 35.01 35.26
CA SER I 120 -7.76 35.09 35.82
C SER I 120 -8.56 36.11 35.03
N GLY I 121 -9.80 35.76 34.69
CA GLY I 121 -10.62 36.68 33.93
C GLY I 121 -10.16 36.77 32.47
N VAL I 122 -10.50 37.90 31.86
CA VAL I 122 -10.15 38.17 30.47
C VAL I 122 -8.88 39.01 30.43
N ASN I 123 -8.17 39.07 31.55
CA ASN I 123 -6.96 39.86 31.66
C ASN I 123 -5.79 38.96 32.04
N ALA I 124 -4.59 39.36 31.63
CA ALA I 124 -3.40 38.60 31.95
C ALA I 124 -2.98 38.83 33.40
N VAL I 125 -2.46 37.78 34.03
CA VAL I 125 -1.99 37.83 35.41
C VAL I 125 -0.49 37.58 35.38
N THR I 126 0.28 38.50 35.95
CA THR I 126 1.73 38.42 35.97
C THR I 126 2.24 38.23 37.39
N LYS I 127 3.54 38.06 37.52
CA LYS I 127 4.21 37.92 38.81
C LYS I 127 5.48 38.77 38.81
N ALA I 128 5.88 39.19 40.01
CA ALA I 128 7.08 40.01 40.13
C ALA I 128 8.35 39.23 39.79
N ALA I 129 8.32 37.91 39.87
CA ALA I 129 9.49 37.12 39.55
C ALA I 129 9.79 37.11 38.05
N THR I 130 8.74 36.95 37.24
CA THR I 130 8.89 36.84 35.79
C THR I 130 8.51 38.12 35.06
N THR I 131 8.73 39.27 35.69
CA THR I 131 8.43 40.57 35.09
C THR I 131 9.70 41.39 35.01
N ILE I 132 9.99 41.91 33.82
CA ILE I 132 11.17 42.74 33.57
C ILE I 132 10.70 44.04 32.95
N GLU I 133 11.47 45.10 33.15
CA GLU I 133 11.17 46.39 32.57
C GLU I 133 12.42 46.95 31.90
N MET I 134 12.26 47.48 30.69
CA MET I 134 13.35 48.10 29.96
C MET I 134 13.04 49.58 29.82
N LEU I 135 13.98 50.42 30.28
CA LEU I 135 13.81 51.86 30.30
C LEU I 135 14.60 52.51 29.17
N ASP I 136 14.11 53.68 28.74
CA ASP I 136 14.77 54.49 27.72
C ASP I 136 15.01 53.68 26.43
N CYS I 137 14.05 52.86 26.07
CA CYS I 137 14.19 52.02 24.89
C CYS I 137 13.98 52.82 23.62
N LYS I 138 14.61 52.35 22.54
CA LYS I 138 14.46 52.94 21.22
C LYS I 138 14.09 51.84 20.22
N ILE I 139 13.15 52.15 19.34
CA ILE I 139 12.64 51.17 18.37
C ILE I 139 13.06 51.61 16.98
N TYR I 140 13.73 50.72 16.25
CA TYR I 140 14.09 50.93 14.86
C TYR I 140 13.47 49.82 14.02
N SER I 141 13.16 50.12 12.77
CA SER I 141 12.57 49.14 11.88
C SER I 141 13.66 48.38 11.15
N ASP I 142 13.26 47.55 10.18
CA ASP I 142 14.21 46.77 9.40
C ASP I 142 13.57 46.44 8.05
N ALA I 143 14.41 46.04 7.10
CA ALA I 143 13.92 45.68 5.78
C ALA I 143 13.01 44.47 5.85
N ILE I 144 11.92 44.51 5.10
CA ILE I 144 10.92 43.45 5.09
C ILE I 144 10.84 42.89 3.67
N ASP I 145 10.91 41.57 3.56
CA ASP I 145 10.87 40.92 2.25
C ASP I 145 9.45 40.95 1.70
N PHE I 146 9.32 41.39 0.45
CA PHE I 146 8.05 41.43 -0.26
C PHE I 146 8.21 40.58 -1.52
N SER I 147 7.97 39.28 -1.39
CA SER I 147 8.17 38.34 -2.47
C SER I 147 6.82 37.78 -2.92
N THR I 148 6.66 37.61 -4.24
CA THR I 148 5.41 37.09 -4.77
C THR I 148 5.25 35.61 -4.47
N GLU I 149 6.36 34.86 -4.45
CA GLU I 149 6.28 33.41 -4.21
C GLU I 149 5.73 33.09 -2.83
N ASP I 150 5.99 33.94 -1.85
CA ASP I 150 5.46 33.73 -0.49
C ASP I 150 3.99 34.12 -0.43
N VAL I 151 3.19 33.39 -1.21
CA VAL I 151 1.75 33.62 -1.25
C VAL I 151 1.10 33.23 0.07
N THR I 152 1.60 32.19 0.73
CA THR I 152 1.04 31.70 1.98
C THR I 152 1.84 32.16 3.19
N ALA I 153 2.37 33.38 3.15
CA ALA I 153 3.13 33.94 4.26
C ALA I 153 2.73 35.40 4.47
N ALA I 154 2.61 35.79 5.72
CA ALA I 154 2.27 37.16 6.06
C ALA I 154 3.53 37.99 6.24
N VAL I 155 3.38 39.31 6.06
CA VAL I 155 4.52 40.22 6.21
C VAL I 155 4.95 40.24 7.67
N ARG I 156 6.26 40.19 7.91
CA ARG I 156 6.82 40.10 9.26
C ARG I 156 7.81 41.24 9.47
N PRO I 157 7.34 42.40 9.92
CA PRO I 157 8.27 43.48 10.27
C PRO I 157 9.22 43.05 11.38
N SER I 158 10.46 43.49 11.27
CA SER I 158 11.50 43.21 12.25
C SER I 158 11.86 44.49 12.97
N LEU I 159 11.80 44.47 14.30
CA LEU I 159 12.03 45.65 15.13
C LEU I 159 13.27 45.43 15.97
N ARG I 160 14.22 46.36 15.86
CA ARG I 160 15.40 46.38 16.70
C ARG I 160 15.11 47.27 17.90
N ILE I 161 15.08 46.68 19.10
CA ILE I 161 14.75 47.39 20.32
C ILE I 161 16.02 47.52 21.15
N VAL I 162 16.44 48.75 21.41
CA VAL I 162 17.62 49.03 22.19
C VAL I 162 17.18 49.45 23.59
N TYR I 163 17.68 48.74 24.60
CA TYR I 163 17.35 49.03 25.99
C TYR I 163 18.57 49.60 26.71
N ASN I 164 18.34 50.63 27.52
CA ASN I 164 19.41 51.32 28.21
C ASN I 164 19.48 50.99 29.69
N TRP I 165 18.43 50.39 30.26
CA TRP I 165 18.49 49.96 31.65
C TRP I 165 17.43 48.90 31.90
N ILE I 166 17.85 47.84 32.59
CA ILE I 166 16.99 46.71 32.96
C ILE I 166 16.61 46.88 34.42
N GLU I 167 15.31 46.75 34.72
CA GLU I 167 14.79 46.94 36.06
C GLU I 167 13.88 45.77 36.40
N TRP I 168 13.95 45.30 37.65
CA TRP I 168 13.07 44.23 38.10
C TRP I 168 12.67 44.48 39.54
N ASP I 169 11.37 44.36 39.81
CA ASP I 169 10.84 44.58 41.15
C ASP I 169 11.17 43.42 42.08
N GLY J 2 38.88 -13.32 -6.74
CA GLY J 2 39.05 -12.11 -5.99
C GLY J 2 40.42 -11.98 -5.35
N HIS J 3 40.48 -11.30 -4.22
CA HIS J 3 41.74 -11.14 -3.51
C HIS J 3 42.22 -12.47 -2.96
N ASN J 4 43.54 -12.70 -3.06
CA ASN J 4 44.10 -13.97 -2.60
C ASN J 4 44.16 -14.04 -1.08
N ASN J 5 44.56 -12.95 -0.42
CA ASN J 5 44.68 -12.92 1.03
C ASN J 5 43.34 -12.52 1.64
N THR J 6 42.47 -13.53 1.85
CA THR J 6 41.13 -13.26 2.35
C THR J 6 40.73 -14.15 3.52
N LYS J 7 41.67 -14.90 4.10
CA LYS J 7 41.32 -15.79 5.21
C LYS J 7 40.88 -14.99 6.42
N GLY J 8 39.98 -15.59 7.20
CA GLY J 8 39.44 -14.93 8.38
C GLY J 8 39.15 -15.94 9.47
N ASN J 9 39.15 -15.46 10.71
CA ASN J 9 38.90 -16.28 11.88
C ASN J 9 37.92 -15.58 12.82
N ARG J 10 37.28 -16.38 13.67
CA ARG J 10 36.34 -15.86 14.66
C ARG J 10 36.97 -15.64 16.03
N LYS J 11 37.99 -16.41 16.37
CA LYS J 11 38.57 -16.32 17.71
C LYS J 11 39.14 -14.95 18.00
N PHE J 12 39.72 -14.30 16.98
CA PHE J 12 40.20 -12.93 17.16
C PHE J 12 39.05 -11.98 17.46
N ILE J 13 37.94 -12.10 16.72
CA ILE J 13 36.79 -11.25 16.95
C ILE J 13 36.19 -11.53 18.32
N LYS J 14 36.14 -12.81 18.71
CA LYS J 14 35.66 -13.16 20.05
C LYS J 14 36.52 -12.52 21.13
N GLY J 15 37.85 -12.57 20.96
CA GLY J 15 38.73 -11.97 21.93
C GLY J 15 38.54 -10.47 22.04
N ARG J 16 38.44 -9.80 20.89
CA ARG J 16 38.22 -8.35 20.90
C ARG J 16 36.88 -8.00 21.55
N TYR J 17 35.84 -8.76 21.25
CA TYR J 17 34.53 -8.50 21.85
C TYR J 17 34.56 -8.70 23.36
N THR J 18 35.22 -9.76 23.82
CA THR J 18 35.32 -10.00 25.26
C THR J 18 36.12 -8.90 25.94
N ALA J 19 37.22 -8.47 25.32
CA ALA J 19 38.02 -7.39 25.91
C ALA J 19 37.22 -6.10 25.98
N ASN J 20 36.45 -5.80 24.94
CA ASN J 20 35.63 -4.58 24.95
C ASN J 20 34.53 -4.67 26.01
N ALA J 21 33.89 -5.84 26.15
CA ALA J 21 32.79 -5.98 27.09
C ALA J 21 33.26 -6.04 28.53
N ALA J 22 34.49 -6.48 28.78
CA ALA J 22 34.97 -6.62 30.15
C ALA J 22 35.22 -5.27 30.83
N LYS J 23 35.17 -4.16 30.11
CA LYS J 23 35.48 -2.86 30.69
C LYS J 23 34.33 -2.31 31.52
N GLY J 24 33.15 -2.91 31.49
CA GLY J 24 32.02 -2.44 32.26
C GLY J 24 31.06 -1.62 31.43
N GLU J 25 30.06 -1.07 32.12
CA GLU J 25 29.04 -0.27 31.46
C GLU J 25 29.63 1.01 30.89
N ARG J 26 28.99 1.52 29.83
CA ARG J 26 29.36 2.80 29.26
C ARG J 26 28.49 3.90 29.87
N LEU J 27 29.11 5.04 30.13
CA LEU J 27 28.42 6.16 30.76
C LEU J 27 27.45 6.79 29.77
N VAL J 28 26.15 6.65 30.03
CA VAL J 28 25.15 7.29 29.19
C VAL J 28 25.23 8.80 29.36
N SER J 29 25.01 9.54 28.27
CA SER J 29 25.14 10.99 28.31
C SER J 29 24.06 11.67 29.14
N SER J 30 23.00 10.95 29.50
CA SER J 30 21.89 11.51 30.26
C SER J 30 22.03 11.28 31.76
N GLU J 31 23.11 10.66 32.21
CA GLU J 31 23.32 10.37 33.63
C GLU J 31 24.37 11.33 34.17
N PHE J 32 23.92 12.39 34.82
CA PHE J 32 24.83 13.39 35.39
C PHE J 32 24.09 14.17 36.45
N LEU J 33 24.85 14.90 37.25
CA LEU J 33 24.28 15.72 38.32
C LEU J 33 25.23 16.88 38.59
N LEU J 34 24.78 18.10 38.33
CA LEU J 34 25.55 19.31 38.56
C LEU J 34 24.85 20.12 39.65
N THR J 35 25.46 20.23 40.82
CA THR J 35 24.82 20.89 41.95
C THR J 35 25.71 21.99 42.51
N PHE J 36 25.10 23.15 42.78
CA PHE J 36 25.78 24.34 43.23
C PHE J 36 26.05 24.24 44.73
N ALA J 37 26.42 25.36 45.34
CA ALA J 37 26.60 25.46 46.78
C ALA J 37 25.48 26.32 47.35
N GLY J 38 24.68 25.73 48.24
CA GLY J 38 23.60 26.46 48.88
C GLY J 38 22.35 26.62 48.06
N HIS J 39 22.28 25.99 46.88
CA HIS J 39 21.11 26.07 46.00
C HIS J 39 20.79 24.67 45.47
N GLU J 40 20.70 23.71 46.38
CA GLU J 40 20.43 22.32 45.98
C GLU J 40 19.07 22.15 45.33
N ASP J 41 18.12 23.05 45.60
CA ASP J 41 16.79 22.95 44.99
C ASP J 41 16.79 23.30 43.51
N ILE J 42 17.87 23.87 43.00
CA ILE J 42 17.94 24.26 41.59
C ILE J 42 18.60 23.19 40.72
N SER J 43 19.40 22.29 41.31
CA SER J 43 20.13 21.30 40.53
C SER J 43 19.21 20.37 39.75
N VAL J 44 17.96 20.21 40.19
CA VAL J 44 17.03 19.35 39.46
C VAL J 44 16.68 19.98 38.11
N LEU J 45 16.56 21.31 38.06
CA LEU J 45 16.11 22.00 36.86
C LEU J 45 17.15 22.02 35.75
N VAL J 46 18.42 21.68 36.04
CA VAL J 46 19.44 21.69 35.01
C VAL J 46 19.13 20.61 33.98
N ARG J 47 19.46 20.90 32.71
CA ARG J 47 19.10 20.02 31.61
C ARG J 47 20.30 19.63 30.77
N THR J 48 21.31 20.50 30.70
CA THR J 48 22.47 20.26 29.86
C THR J 48 23.67 20.94 30.50
N SER J 49 24.80 20.23 30.54
CA SER J 49 26.02 20.72 31.18
C SER J 49 27.22 20.33 30.33
N GLN J 50 28.41 20.61 30.86
CA GLN J 50 29.65 20.33 30.15
C GLN J 50 30.78 20.21 31.17
N ILE J 51 31.45 19.06 31.18
CA ILE J 51 32.66 18.91 31.98
C ILE J 51 33.75 19.82 31.40
N PRO J 52 34.47 20.59 32.22
CA PRO J 52 35.32 21.66 31.68
C PRO J 52 36.58 21.16 30.96
N GLU J 53 37.31 22.10 30.37
CA GLU J 53 38.56 21.76 29.69
C GLU J 53 39.58 21.22 30.69
N MET J 54 40.32 20.19 30.27
CA MET J 54 41.37 19.58 31.10
C MET J 54 42.63 19.55 30.24
N THR J 55 43.36 20.66 30.24
CA THR J 55 44.53 20.81 29.38
C THR J 55 45.40 21.94 29.93
N ARG J 56 46.61 22.02 29.38
CA ARG J 56 47.54 23.09 29.72
C ARG J 56 48.08 23.70 28.42
N GLU J 57 48.39 25.00 28.50
CA GLU J 57 48.93 25.70 27.34
C GLU J 57 50.27 25.11 26.95
N ASP J 58 50.57 25.17 25.65
CA ASP J 58 51.82 24.65 25.12
C ASP J 58 52.72 25.78 24.65
N VAL J 59 54.03 25.51 24.63
CA VAL J 59 55.02 26.45 24.14
C VAL J 59 55.68 25.84 22.91
N GLU J 60 55.98 26.70 21.93
CA GLU J 60 56.45 26.30 20.62
C GLU J 60 57.91 26.68 20.48
N ASP J 61 58.77 25.70 20.22
CA ASP J 61 60.20 25.92 20.08
C ASP J 61 60.65 25.47 18.70
N TYR J 62 61.51 26.26 18.07
CA TYR J 62 62.02 25.96 16.73
C TYR J 62 63.50 25.63 16.85
N GLY J 63 63.81 24.33 16.79
CA GLY J 63 65.19 23.89 16.88
C GLY J 63 65.93 24.10 15.58
N PRO J 64 67.21 23.73 15.59
CA PRO J 64 68.04 23.93 14.40
C PRO J 64 67.54 23.11 13.22
N ASN J 65 67.76 23.64 12.02
CA ASN J 65 67.38 22.98 10.77
C ASN J 65 65.89 22.71 10.68
N GLY J 66 65.08 23.60 11.26
CA GLY J 66 63.64 23.50 11.15
C GLY J 66 62.98 22.51 12.09
N VAL J 67 63.74 21.87 12.98
CA VAL J 67 63.14 20.93 13.92
C VAL J 67 62.21 21.68 14.88
N LYS J 68 61.02 21.13 15.08
CA LYS J 68 59.97 21.78 15.85
C LYS J 68 59.68 20.96 17.11
N PHE J 69 59.38 21.65 18.20
CA PHE J 69 59.07 21.00 19.46
C PHE J 69 57.92 21.71 20.14
N ASN J 70 57.01 20.94 20.71
CA ASN J 70 55.92 21.45 21.54
C ASN J 70 56.13 20.97 22.96
N GLN J 71 56.17 21.91 23.90
CA GLN J 71 56.51 21.59 25.29
C GLN J 71 55.39 22.03 26.21
N HIS J 72 55.21 21.25 27.28
CA HIS J 72 54.19 21.56 28.29
C HIS J 72 54.45 22.92 28.91
N GLY J 73 53.37 23.67 29.14
CA GLY J 73 53.47 24.97 29.77
C GLY J 73 52.61 25.07 31.00
N PRO J 74 52.32 26.30 31.43
CA PRO J 74 51.48 26.48 32.62
C PRO J 74 50.06 25.96 32.38
N ILE J 75 49.44 25.48 33.46
CA ILE J 75 48.12 24.90 33.36
C ILE J 75 47.10 25.99 33.03
N ARG J 76 46.02 25.58 32.36
CA ARG J 76 44.92 26.48 32.00
C ARG J 76 43.80 26.24 33.01
N ASN J 77 43.81 27.02 34.09
CA ASN J 77 42.86 26.80 35.17
C ASN J 77 41.48 27.39 34.84
N SER J 78 41.43 28.67 34.50
CA SER J 78 40.15 29.31 34.23
C SER J 78 39.58 28.84 32.90
N GLY J 79 38.27 29.01 32.75
CA GLY J 79 37.61 28.60 31.53
C GLY J 79 36.13 28.92 31.58
N GLU J 80 35.46 28.57 30.49
CA GLU J 80 34.10 29.00 30.20
C GLU J 80 33.28 27.82 29.70
N ILE J 81 32.08 27.64 30.26
CA ILE J 81 31.19 26.55 29.86
C ILE J 81 29.77 27.08 29.70
N GLN J 82 28.96 26.30 28.98
CA GLN J 82 27.58 26.64 28.68
C GLN J 82 26.66 25.59 29.26
N VAL J 83 25.57 26.02 29.89
CA VAL J 83 24.61 25.15 30.55
C VAL J 83 23.22 25.53 30.06
N GLN J 84 22.37 24.53 29.84
CA GLN J 84 20.99 24.77 29.44
C GLN J 84 20.05 24.32 30.53
N CYS J 85 19.18 25.22 30.96
CA CYS J 85 18.17 24.95 31.98
C CYS J 85 16.78 25.10 31.38
N VAL J 86 15.76 24.77 32.16
CA VAL J 86 14.37 24.86 31.73
C VAL J 86 13.63 25.75 32.73
N GLU J 87 13.03 26.83 32.24
CA GLU J 87 12.32 27.75 33.10
C GLU J 87 11.03 27.13 33.62
N THR J 88 10.63 27.55 34.82
CA THR J 88 9.39 27.11 35.44
C THR J 88 8.39 28.26 35.49
N ILE J 89 7.15 27.92 35.85
CA ILE J 89 6.08 28.90 35.88
C ILE J 89 6.31 29.93 37.00
N GLU J 90 6.99 29.53 38.07
CA GLU J 90 7.26 30.43 39.18
C GLU J 90 8.57 31.18 39.04
N GLY J 91 9.31 30.95 37.96
CA GLY J 91 10.57 31.67 37.74
C GLY J 91 11.63 31.39 38.78
N ASP J 92 11.79 30.14 39.19
CA ASP J 92 12.84 29.79 40.15
C ASP J 92 14.22 30.08 39.58
N ILE J 93 14.45 29.69 38.32
CA ILE J 93 15.74 29.95 37.70
C ILE J 93 15.91 31.45 37.45
N LEU J 94 14.84 32.13 37.05
CA LEU J 94 14.91 33.58 36.87
C LEU J 94 15.25 34.28 38.18
N GLN J 95 14.59 33.89 39.27
CA GLN J 95 14.90 34.49 40.57
C GLN J 95 16.33 34.18 40.99
N PHE J 96 16.79 32.95 40.71
CA PHE J 96 18.15 32.58 41.05
C PHE J 96 19.17 33.43 40.32
N ILE J 97 18.97 33.64 39.02
CA ILE J 97 19.93 34.43 38.26
C ILE J 97 19.84 35.90 38.66
N LYS J 98 18.64 36.39 39.00
CA LYS J 98 18.51 37.75 39.53
C LYS J 98 19.34 37.91 40.81
N ASP J 99 19.21 36.94 41.72
CA ASP J 99 19.97 37.00 42.97
C ASP J 99 21.47 36.93 42.70
N ARG J 100 21.88 36.08 41.75
CA ARG J 100 23.31 35.95 41.44
C ARG J 100 23.87 37.24 40.87
N ILE J 101 23.14 37.89 39.95
CA ILE J 101 23.65 39.12 39.35
C ILE J 101 23.62 40.26 40.36
N ALA J 102 22.64 40.29 41.26
CA ALA J 102 22.56 41.38 42.23
C ALA J 102 23.59 41.22 43.34
N ALA J 103 23.87 39.99 43.77
CA ALA J 103 24.73 39.77 44.93
C ALA J 103 26.21 39.95 44.63
N LYS J 104 26.63 39.74 43.37
CA LYS J 104 28.03 39.83 42.98
C LYS J 104 28.90 38.91 43.84
N ASP J 105 28.46 37.66 43.97
CA ASP J 105 29.12 36.67 44.80
C ASP J 105 29.68 35.54 43.94
N TYR J 106 30.50 34.69 44.56
CA TYR J 106 31.11 33.54 43.92
C TYR J 106 30.60 32.27 44.57
N VAL J 107 30.20 31.31 43.74
CA VAL J 107 29.72 30.02 44.23
C VAL J 107 30.63 28.93 43.67
N ASP J 108 30.59 27.78 44.32
CA ASP J 108 31.35 26.60 43.90
C ASP J 108 30.38 25.51 43.50
N ILE J 109 30.63 24.90 42.33
CA ILE J 109 29.75 23.88 41.79
C ILE J 109 30.49 22.54 41.79
N THR J 110 29.74 21.45 41.98
CA THR J 110 30.31 20.12 41.88
C THR J 110 29.53 19.33 40.82
N MET J 111 30.28 18.70 39.92
CA MET J 111 29.74 17.93 38.81
C MET J 111 30.07 16.46 39.04
N ALA J 112 29.06 15.61 39.02
CA ALA J 112 29.27 14.19 39.30
C ALA J 112 28.52 13.35 38.28
N ALA J 113 29.06 12.18 37.98
CA ALA J 113 28.39 11.20 37.16
C ALA J 113 27.70 10.20 38.08
N THR J 114 26.36 10.17 38.02
CA THR J 114 25.54 9.37 38.93
C THR J 114 24.64 8.45 38.10
N PRO J 115 25.19 7.36 37.56
CA PRO J 115 24.36 6.43 36.81
C PRO J 115 23.43 5.66 37.72
N GLU J 116 22.34 5.16 37.11
CA GLU J 116 21.37 4.36 37.85
C GLU J 116 21.98 3.06 38.36
N SER J 117 23.03 2.57 37.69
CA SER J 117 23.62 1.29 38.07
C SER J 117 24.21 1.32 39.47
N LYS J 118 24.97 2.37 39.78
CA LYS J 118 25.63 2.47 41.08
C LYS J 118 24.79 3.18 42.13
N SER J 119 23.63 3.72 41.76
CA SER J 119 22.81 4.46 42.70
C SER J 119 22.15 3.51 43.71
N SER J 120 22.04 3.98 44.94
CA SER J 120 21.40 3.21 46.02
C SER J 120 20.39 4.11 46.72
N GLY J 121 19.22 3.57 47.00
CA GLY J 121 18.19 4.36 47.65
C GLY J 121 17.58 5.39 46.71
N VAL J 122 17.06 6.46 47.32
CA VAL J 122 16.43 7.54 46.57
C VAL J 122 17.44 8.67 46.38
N ASN J 123 18.72 8.38 46.59
CA ASN J 123 19.78 9.36 46.48
C ASN J 123 20.84 8.87 45.51
N ALA J 124 21.48 9.81 44.81
CA ALA J 124 22.52 9.47 43.86
C ALA J 124 23.79 9.05 44.58
N VAL J 125 24.50 8.10 43.98
CA VAL J 125 25.78 7.60 44.49
C VAL J 125 26.86 7.96 43.49
N THR J 126 27.88 8.67 43.95
CA THR J 126 28.95 9.16 43.09
C THR J 126 30.26 8.44 43.42
N LYS J 127 31.28 8.73 42.62
CA LYS J 127 32.61 8.17 42.81
C LYS J 127 33.65 9.28 42.68
N ALA J 128 34.78 9.08 43.36
CA ALA J 128 35.84 10.09 43.31
C ALA J 128 36.48 10.20 41.93
N ALA J 129 36.37 9.16 41.10
CA ALA J 129 36.97 9.20 39.77
C ALA J 129 36.21 10.14 38.85
N THR J 130 34.88 10.08 38.86
CA THR J 130 34.03 10.85 37.96
C THR J 130 33.40 12.05 38.65
N THR J 131 34.10 12.66 39.61
CA THR J 131 33.61 13.83 40.32
C THR J 131 34.60 14.97 40.15
N ILE J 132 34.10 16.13 39.72
CA ILE J 132 34.91 17.32 39.50
C ILE J 132 34.29 18.46 40.29
N GLU J 133 35.11 19.44 40.69
CA GLU J 133 34.63 20.60 41.39
C GLU J 133 35.19 21.85 40.73
N MET J 134 34.34 22.86 40.54
CA MET J 134 34.75 24.13 39.97
C MET J 134 34.57 25.19 41.05
N LEU J 135 35.65 25.91 41.35
CA LEU J 135 35.68 26.90 42.41
C LEU J 135 35.60 28.31 41.84
N ASP J 136 35.07 29.22 42.65
CA ASP J 136 34.97 30.64 42.29
C ASP J 136 34.23 30.83 40.98
N CYS J 137 33.18 30.04 40.76
CA CYS J 137 32.41 30.12 39.53
C CYS J 137 31.54 31.35 39.53
N LYS J 138 31.25 31.85 38.33
CA LYS J 138 30.34 32.96 38.11
C LYS J 138 29.30 32.56 37.08
N ILE J 139 28.05 32.92 37.34
CA ILE J 139 26.92 32.53 36.50
C ILE J 139 26.35 33.79 35.87
N TYR J 140 26.27 33.79 34.54
CA TYR J 140 25.63 34.86 33.78
C TYR J 140 24.50 34.28 32.95
N SER J 141 23.51 35.09 32.65
CA SER J 141 22.37 34.64 31.86
C SER J 141 22.64 34.89 30.37
N ASP J 142 21.63 34.66 29.55
CA ASP J 142 21.74 34.88 28.11
C ASP J 142 20.35 35.12 27.55
N ALA J 143 20.31 35.68 26.34
CA ALA J 143 19.04 35.96 25.68
C ALA J 143 18.28 34.66 25.43
N ILE J 144 16.97 34.71 25.67
CA ILE J 144 16.11 33.54 25.51
C ILE J 144 15.06 33.87 24.46
N ASP J 145 14.88 32.97 23.50
CA ASP J 145 13.93 33.18 22.42
C ASP J 145 12.51 32.97 22.93
N PHE J 146 11.64 33.94 22.63
CA PHE J 146 10.23 33.88 22.98
C PHE J 146 9.44 34.02 21.68
N SER J 147 9.21 32.91 21.01
CA SER J 147 8.53 32.90 19.72
C SER J 147 7.18 32.22 19.84
N THR J 148 6.19 32.76 19.13
CA THR J 148 4.85 32.20 19.17
C THR J 148 4.76 30.87 18.42
N GLU J 149 5.53 30.72 17.34
CA GLU J 149 5.47 29.49 16.56
C GLU J 149 5.93 28.28 17.35
N ASP J 150 6.83 28.48 18.32
CA ASP J 150 7.31 27.39 19.16
C ASP J 150 6.28 27.07 20.24
N VAL J 151 5.11 26.63 19.79
CA VAL J 151 4.03 26.27 20.71
C VAL J 151 4.38 25.02 21.49
N THR J 152 5.07 24.06 20.87
CA THR J 152 5.42 22.80 21.50
C THR J 152 6.87 22.78 21.98
N ALA J 153 7.37 23.92 22.47
CA ALA J 153 8.72 23.99 22.99
C ALA J 153 8.71 24.79 24.29
N ALA J 154 9.49 24.32 25.26
CA ALA J 154 9.62 25.01 26.53
C ALA J 154 10.77 26.03 26.48
N VAL J 155 10.66 27.05 27.33
CA VAL J 155 11.70 28.07 27.40
C VAL J 155 12.99 27.44 27.92
N ARG J 156 14.11 27.79 27.28
CA ARG J 156 15.41 27.21 27.60
C ARG J 156 16.40 28.32 27.95
N PRO J 157 16.45 28.76 29.20
CA PRO J 157 17.48 29.71 29.61
C PRO J 157 18.88 29.13 29.39
N SER J 158 19.80 29.98 28.96
CA SER J 158 21.19 29.60 28.74
C SER J 158 22.05 30.29 29.78
N LEU J 159 22.83 29.51 30.51
CA LEU J 159 23.67 30.00 31.58
C LEU J 159 25.13 29.85 31.18
N ARG J 160 25.86 30.97 31.20
CA ARG J 160 27.29 30.99 30.94
C ARG J 160 28.01 30.91 32.28
N ILE J 161 28.73 29.81 32.50
CA ILE J 161 29.38 29.55 33.78
C ILE J 161 30.89 29.67 33.58
N VAL J 162 31.51 30.57 34.33
CA VAL J 162 32.94 30.77 34.28
C VAL J 162 33.56 30.13 35.51
N TYR J 163 34.52 29.23 35.31
CA TYR J 163 35.19 28.55 36.40
C TYR J 163 36.64 29.03 36.50
N ASN J 164 37.09 29.29 37.71
CA ASN J 164 38.43 29.81 37.94
C ASN J 164 39.41 28.77 38.45
N TRP J 165 38.95 27.60 38.88
CA TRP J 165 39.85 26.54 39.28
C TRP J 165 39.11 25.21 39.27
N ILE J 166 39.77 24.21 38.67
CA ILE J 166 39.26 22.85 38.60
C ILE J 166 39.95 22.04 39.70
N GLU J 167 39.18 21.28 40.46
CA GLU J 167 39.68 20.54 41.60
C GLU J 167 39.11 19.13 41.55
N TRP J 168 39.93 18.13 41.86
CA TRP J 168 39.46 16.75 41.88
C TRP J 168 40.13 15.98 43.01
N ASP J 169 39.35 15.21 43.75
CA ASP J 169 39.87 14.41 44.85
C ASP J 169 40.61 13.18 44.36
N GLY K 2 23.19 8.68 -33.48
CA GLY K 2 23.93 9.29 -32.39
C GLY K 2 25.39 9.54 -32.73
N HIS K 3 26.26 9.43 -31.72
CA HIS K 3 27.68 9.62 -31.94
C HIS K 3 28.24 8.52 -32.82
N ASN K 4 29.14 8.91 -33.73
CA ASN K 4 29.73 7.95 -34.66
C ASN K 4 30.74 7.05 -33.97
N ASN K 5 31.58 7.61 -33.10
CA ASN K 5 32.61 6.84 -32.40
C ASN K 5 32.01 6.26 -31.13
N THR K 6 31.45 5.05 -31.24
CA THR K 6 30.80 4.41 -30.11
C THR K 6 31.27 2.98 -29.86
N LYS K 7 32.35 2.55 -30.50
CA LYS K 7 32.80 1.17 -30.34
C LYS K 7 33.25 0.90 -28.91
N GLY K 8 32.92 -0.29 -28.43
CA GLY K 8 33.27 -0.69 -27.08
C GLY K 8 33.69 -2.15 -27.05
N ASN K 9 34.57 -2.46 -26.08
CA ASN K 9 35.08 -3.81 -25.91
C ASN K 9 35.06 -4.19 -24.43
N ARG K 10 35.03 -5.50 -24.19
CA ARG K 10 35.02 -6.02 -22.83
C ARG K 10 36.39 -6.41 -22.31
N LYS K 11 37.32 -6.76 -23.21
CA LYS K 11 38.64 -7.22 -22.78
C LYS K 11 39.40 -6.13 -22.02
N PHE K 12 39.24 -4.87 -22.43
CA PHE K 12 39.87 -3.78 -21.70
C PHE K 12 39.31 -3.67 -20.29
N ILE K 13 37.99 -3.76 -20.14
CA ILE K 13 37.39 -3.69 -18.82
C ILE K 13 37.81 -4.89 -17.97
N LYS K 14 37.89 -6.07 -18.58
CA LYS K 14 38.36 -7.25 -17.88
C LYS K 14 39.80 -7.04 -17.38
N GLY K 15 40.66 -6.49 -18.22
CA GLY K 15 42.03 -6.25 -17.82
C GLY K 15 42.12 -5.25 -16.66
N ARG K 16 41.36 -4.15 -16.76
CA ARG K 16 41.36 -3.18 -15.67
C ARG K 16 40.84 -3.78 -14.37
N TYR K 17 39.77 -4.58 -14.45
CA TYR K 17 39.22 -5.21 -13.26
C TYR K 17 40.22 -6.18 -12.64
N THR K 18 40.91 -6.97 -13.47
CA THR K 18 41.90 -7.91 -12.95
C THR K 18 43.06 -7.16 -12.30
N ALA K 19 43.52 -6.08 -12.93
CA ALA K 19 44.61 -5.30 -12.36
C ALA K 19 44.21 -4.69 -11.02
N ASN K 20 42.98 -4.18 -10.93
CA ASN K 20 42.51 -3.61 -9.68
C ASN K 20 42.37 -4.67 -8.60
N ALA K 21 41.87 -5.85 -8.95
CA ALA K 21 41.64 -6.90 -7.96
C ALA K 21 42.93 -7.57 -7.51
N ALA K 22 43.97 -7.56 -8.34
CA ALA K 22 45.20 -8.24 -7.99
C ALA K 22 45.98 -7.54 -6.89
N LYS K 23 45.59 -6.32 -6.50
CA LYS K 23 46.33 -5.57 -5.49
C LYS K 23 46.06 -6.05 -4.07
N GLY K 24 45.08 -6.92 -3.85
CA GLY K 24 44.80 -7.44 -2.53
C GLY K 24 43.62 -6.72 -1.88
N GLU K 25 43.36 -7.11 -0.64
CA GLU K 25 42.25 -6.54 0.11
C GLU K 25 42.49 -5.06 0.39
N ARG K 26 41.38 -4.33 0.53
CA ARG K 26 41.43 -2.92 0.90
C ARG K 26 41.31 -2.78 2.41
N LEU K 27 42.08 -1.86 2.98
CA LEU K 27 42.07 -1.66 4.43
C LEU K 27 40.78 -0.99 4.85
N VAL K 28 39.94 -1.72 5.59
CA VAL K 28 38.71 -1.15 6.12
C VAL K 28 39.04 -0.10 7.16
N SER K 29 38.25 0.97 7.22
CA SER K 29 38.52 2.07 8.13
C SER K 29 38.33 1.69 9.59
N SER K 30 37.70 0.54 9.87
CA SER K 30 37.43 0.12 11.23
C SER K 30 38.49 -0.83 11.78
N GLU K 31 39.55 -1.10 11.02
CA GLU K 31 40.61 -2.01 11.45
C GLU K 31 41.84 -1.19 11.78
N PHE K 32 42.07 -0.96 13.07
CA PHE K 32 43.21 -0.19 13.52
C PHE K 32 43.45 -0.47 15.00
N LEU K 33 44.62 -0.07 15.48
CA LEU K 33 44.99 -0.27 16.87
C LEU K 33 45.98 0.81 17.29
N LEU K 34 45.59 1.61 18.28
CA LEU K 34 46.41 2.69 18.81
C LEU K 34 46.75 2.36 20.26
N THR K 35 48.01 2.05 20.52
CA THR K 35 48.45 1.58 21.84
C THR K 35 49.44 2.58 22.44
N PHE K 36 49.20 2.97 23.68
CA PHE K 36 50.09 3.88 24.39
C PHE K 36 51.27 3.09 24.96
N ALA K 37 52.08 3.74 25.78
CA ALA K 37 53.23 3.12 26.42
C ALA K 37 52.92 2.95 27.90
N GLY K 38 52.88 1.70 28.37
CA GLY K 38 52.58 1.42 29.75
C GLY K 38 51.12 1.50 30.13
N HIS K 39 50.23 1.71 29.16
CA HIS K 39 48.80 1.83 29.39
C HIS K 39 48.03 0.99 28.39
N GLU K 40 48.44 -0.27 28.22
CA GLU K 40 47.82 -1.15 27.24
C GLU K 40 46.36 -1.43 27.54
N ASP K 41 45.92 -1.27 28.79
CA ASP K 41 44.53 -1.51 29.15
C ASP K 41 43.59 -0.43 28.62
N ILE K 42 44.12 0.69 28.14
CA ILE K 42 43.30 1.78 27.64
C ILE K 42 43.10 1.71 26.13
N SER K 43 43.98 1.03 25.40
CA SER K 43 43.90 0.99 23.95
C SER K 43 42.60 0.40 23.43
N VAL K 44 41.93 -0.43 24.22
CA VAL K 44 40.66 -1.01 23.79
C VAL K 44 39.58 0.06 23.70
N LEU K 45 39.60 1.03 24.63
CA LEU K 45 38.55 2.03 24.72
C LEU K 45 38.61 3.06 23.60
N VAL K 46 39.71 3.13 22.84
CA VAL K 46 39.80 4.10 21.76
C VAL K 46 38.77 3.76 20.68
N ARG K 47 38.23 4.80 20.03
CA ARG K 47 37.14 4.62 19.08
C ARG K 47 37.46 5.25 17.73
N THR K 48 38.28 6.31 17.74
CA THR K 48 38.58 7.04 16.51
C THR K 48 39.97 7.64 16.65
N SER K 49 40.77 7.53 15.58
CA SER K 49 42.13 8.02 15.58
C SER K 49 42.42 8.69 14.23
N GLN K 50 43.68 9.05 14.03
CA GLN K 50 44.11 9.73 12.81
C GLN K 50 45.60 9.52 12.61
N ILE K 51 45.97 8.91 11.49
CA ILE K 51 47.39 8.82 11.12
C ILE K 51 47.91 10.23 10.83
N PRO K 52 49.08 10.60 11.35
CA PRO K 52 49.48 12.02 11.29
C PRO K 52 49.92 12.48 9.91
N GLU K 53 50.21 13.77 9.78
CA GLU K 53 50.65 14.33 8.52
C GLU K 53 51.99 13.75 8.11
N MET K 54 52.16 13.54 6.80
CA MET K 54 53.43 13.09 6.23
C MET K 54 53.77 14.08 5.12
N THR K 55 54.40 15.20 5.50
CA THR K 55 54.68 16.26 4.57
C THR K 55 55.82 17.12 5.12
N ARG K 56 56.39 17.93 4.24
CA ARG K 56 57.43 18.87 4.62
C ARG K 56 57.08 20.24 4.08
N GLU K 57 57.50 21.28 4.81
CA GLU K 57 57.23 22.64 4.38
C GLU K 57 57.90 22.94 3.05
N ASP K 58 57.25 23.79 2.25
CA ASP K 58 57.77 24.16 0.95
C ASP K 58 58.25 25.61 0.95
N VAL K 59 59.24 25.88 0.11
CA VAL K 59 59.77 27.23 -0.07
C VAL K 59 59.38 27.70 -1.46
N GLU K 60 59.04 28.99 -1.55
CA GLU K 60 58.48 29.60 -2.74
C GLU K 60 59.52 30.53 -3.36
N ASP K 61 59.88 30.29 -4.61
CA ASP K 61 60.88 31.08 -5.31
C ASP K 61 60.26 31.67 -6.57
N TYR K 62 60.58 32.93 -6.84
CA TYR K 62 60.05 33.64 -8.00
C TYR K 62 61.19 33.89 -8.98
N GLY K 63 61.25 33.10 -10.04
CA GLY K 63 62.29 33.24 -11.04
C GLY K 63 62.01 34.39 -11.98
N PRO K 64 62.94 34.59 -12.91
CA PRO K 64 62.81 35.72 -13.85
C PRO K 64 61.57 35.57 -14.73
N ASN K 65 61.01 36.71 -15.12
CA ASN K 65 59.82 36.78 -15.98
C ASN K 65 58.63 36.03 -15.38
N GLY K 66 58.50 36.08 -14.04
CA GLY K 66 57.34 35.51 -13.38
C GLY K 66 57.36 34.02 -13.18
N VAL K 67 58.44 33.33 -13.57
CA VAL K 67 58.52 31.89 -13.38
C VAL K 67 58.55 31.57 -11.90
N LYS K 68 57.74 30.59 -11.50
CA LYS K 68 57.54 30.26 -10.09
C LYS K 68 58.02 28.83 -9.84
N PHE K 69 58.61 28.62 -8.66
CA PHE K 69 59.13 27.32 -8.28
C PHE K 69 58.78 27.03 -6.82
N ASN K 70 58.40 25.79 -6.55
CA ASN K 70 58.17 25.30 -5.19
C ASN K 70 59.22 24.23 -4.90
N GLN K 71 59.97 24.42 -3.81
CA GLN K 71 61.09 23.55 -3.50
C GLN K 71 60.91 22.92 -2.12
N HIS K 72 61.38 21.68 -1.98
CA HIS K 72 61.32 20.98 -0.71
C HIS K 72 62.06 21.74 0.38
N GLY K 73 61.49 21.77 1.57
CA GLY K 73 62.10 22.42 2.70
C GLY K 73 62.28 21.48 3.89
N PRO K 74 62.47 22.04 5.07
CA PRO K 74 62.62 21.20 6.27
C PRO K 74 61.35 20.41 6.56
N ILE K 75 61.54 19.23 7.15
CA ILE K 75 60.42 18.34 7.43
C ILE K 75 59.56 18.92 8.53
N ARG K 76 58.27 18.57 8.51
CA ARG K 76 57.30 19.00 9.53
C ARG K 76 57.11 17.83 10.49
N ASN K 77 57.90 17.84 11.57
CA ASN K 77 57.85 16.73 12.52
C ASN K 77 56.68 16.87 13.50
N SER K 78 56.56 18.03 14.14
CA SER K 78 55.51 18.22 15.13
C SER K 78 54.14 18.33 14.47
N GLY K 79 53.10 18.10 15.26
CA GLY K 79 51.75 18.20 14.75
C GLY K 79 50.75 17.79 15.80
N GLU K 80 49.47 17.87 15.41
CA GLU K 80 48.35 17.66 16.29
C GLU K 80 47.32 16.75 15.63
N ILE K 81 46.75 15.83 16.40
CA ILE K 81 45.71 14.94 15.92
C ILE K 81 44.59 14.88 16.95
N GLN K 82 43.42 14.45 16.50
CA GLN K 82 42.22 14.35 17.32
C GLN K 82 41.81 12.90 17.44
N VAL K 83 41.48 12.46 18.65
CA VAL K 83 41.10 11.09 18.94
C VAL K 83 39.79 11.10 19.72
N GLN K 84 38.89 10.18 19.39
CA GLN K 84 37.62 10.05 20.10
C GLN K 84 37.60 8.75 20.88
N CYS K 85 37.32 8.84 22.17
CA CYS K 85 37.21 7.69 23.06
C CYS K 85 35.78 7.60 23.59
N VAL K 86 35.50 6.53 24.34
CA VAL K 86 34.18 6.32 24.93
C VAL K 86 34.37 6.16 26.43
N GLU K 87 33.70 7.00 27.21
CA GLU K 87 33.83 6.95 28.66
C GLU K 87 33.15 5.73 29.23
N THR K 88 33.74 5.17 30.28
CA THR K 88 33.19 4.00 30.97
C THR K 88 32.58 4.42 32.30
N ILE K 89 31.89 3.47 32.94
CA ILE K 89 31.20 3.77 34.18
C ILE K 89 32.17 4.04 35.32
N GLU K 90 33.37 3.43 35.27
CA GLU K 90 34.36 3.61 36.32
C GLU K 90 35.32 4.77 36.04
N GLY K 91 35.15 5.47 34.92
CA GLY K 91 36.02 6.59 34.61
C GLY K 91 37.48 6.22 34.40
N ASP K 92 37.73 5.11 33.69
CA ASP K 92 39.11 4.72 33.39
C ASP K 92 39.79 5.77 32.52
N ILE K 93 39.11 6.24 31.48
CA ILE K 93 39.68 7.28 30.62
C ILE K 93 39.82 8.59 31.38
N LEU K 94 38.82 8.92 32.21
CA LEU K 94 38.91 10.12 33.02
C LEU K 94 40.09 10.06 33.97
N GLN K 95 40.27 8.93 34.65
CA GLN K 95 41.42 8.79 35.54
C GLN K 95 42.73 8.86 34.76
N PHE K 96 42.75 8.29 33.55
CA PHE K 96 43.95 8.33 32.72
C PHE K 96 44.32 9.78 32.38
N ILE K 97 43.34 10.59 31.97
CA ILE K 97 43.67 11.97 31.61
C ILE K 97 44.03 12.76 32.87
N LYS K 98 43.41 12.45 34.01
CA LYS K 98 43.81 13.07 35.27
C LYS K 98 45.29 12.82 35.55
N ASP K 99 45.72 11.56 35.44
CA ASP K 99 47.11 11.22 35.68
C ASP K 99 48.02 11.90 34.66
N ARG K 100 47.60 11.95 33.40
CA ARG K 100 48.43 12.55 32.37
C ARG K 100 48.64 14.05 32.62
N ILE K 101 47.57 14.76 32.99
CA ILE K 101 47.71 16.20 33.20
C ILE K 101 48.48 16.48 34.49
N ALA K 102 48.29 15.65 35.53
CA ALA K 102 48.97 15.91 36.79
C ALA K 102 50.46 15.55 36.72
N ALA K 103 50.80 14.50 35.97
CA ALA K 103 52.18 14.01 35.94
C ALA K 103 53.11 14.87 35.10
N LYS K 104 52.58 15.54 34.07
CA LYS K 104 53.39 16.38 33.16
C LYS K 104 54.50 15.55 32.53
N ASP K 105 54.13 14.40 31.99
CA ASP K 105 55.08 13.47 31.38
C ASP K 105 54.79 13.31 29.89
N TYR K 106 55.71 12.64 29.20
CA TYR K 106 55.62 12.39 27.77
C TYR K 106 55.51 10.90 27.52
N VAL K 107 54.54 10.49 26.69
CA VAL K 107 54.36 9.09 26.33
C VAL K 107 54.55 8.94 24.84
N ASP K 108 54.82 7.70 24.42
CA ASP K 108 54.99 7.35 23.03
C ASP K 108 53.90 6.38 22.61
N ILE K 109 53.28 6.64 21.46
CA ILE K 109 52.15 5.85 20.98
C ILE K 109 52.55 5.10 19.72
N THR K 110 51.97 3.92 19.54
CA THR K 110 52.15 3.11 18.34
C THR K 110 50.81 2.96 17.65
N MET K 111 50.76 3.31 16.37
CA MET K 111 49.56 3.21 15.55
C MET K 111 49.80 2.14 14.50
N ALA K 112 48.94 1.11 14.50
CA ALA K 112 49.12 -0.02 13.60
C ALA K 112 47.81 -0.38 12.93
N ALA K 113 47.91 -0.84 11.69
CA ALA K 113 46.76 -1.39 10.98
C ALA K 113 46.74 -2.91 11.19
N THR K 114 45.71 -3.40 11.84
CA THR K 114 45.61 -4.81 12.24
C THR K 114 44.32 -5.39 11.68
N PRO K 115 44.27 -5.69 10.39
CA PRO K 115 43.08 -6.30 9.81
C PRO K 115 42.91 -7.73 10.29
N GLU K 116 41.66 -8.20 10.27
CA GLU K 116 41.37 -9.57 10.67
C GLU K 116 42.01 -10.57 9.72
N SER K 117 42.23 -10.18 8.46
CA SER K 117 42.75 -11.11 7.47
C SER K 117 44.13 -11.63 7.86
N LYS K 118 45.01 -10.75 8.31
CA LYS K 118 46.37 -11.12 8.68
C LYS K 118 46.51 -11.49 10.16
N SER K 119 45.44 -11.37 10.93
CA SER K 119 45.51 -11.68 12.35
C SER K 119 45.63 -13.19 12.57
N SER K 120 46.36 -13.56 13.62
CA SER K 120 46.52 -14.96 14.02
C SER K 120 46.27 -15.07 15.51
N GLY K 121 45.48 -16.07 15.90
CA GLY K 121 45.14 -16.20 17.31
C GLY K 121 44.16 -15.12 17.76
N VAL K 122 44.22 -14.83 19.05
CA VAL K 122 43.35 -13.81 19.65
C VAL K 122 44.13 -12.51 19.78
N ASN K 123 45.30 -12.44 19.17
CA ASN K 123 46.17 -11.27 19.23
C ASN K 123 46.41 -10.74 17.83
N ALA K 124 46.38 -9.41 17.69
CA ALA K 124 46.55 -8.78 16.39
C ALA K 124 47.98 -8.96 15.88
N VAL K 125 48.09 -9.07 14.56
CA VAL K 125 49.38 -9.18 13.88
C VAL K 125 49.53 -7.97 12.97
N THR K 126 50.61 -7.23 13.14
CA THR K 126 50.87 -6.00 12.39
C THR K 126 51.98 -6.23 11.37
N LYS K 127 52.26 -5.17 10.60
CA LYS K 127 53.31 -5.20 9.59
C LYS K 127 54.12 -3.93 9.69
N ALA K 128 55.38 -4.00 9.26
CA ALA K 128 56.26 -2.84 9.30
C ALA K 128 55.83 -1.74 8.36
N ALA K 129 55.08 -2.07 7.30
CA ALA K 129 54.67 -1.06 6.34
C ALA K 129 53.59 -0.14 6.92
N THR K 130 52.61 -0.71 7.61
CA THR K 130 51.47 0.03 8.13
C THR K 130 51.58 0.30 9.62
N THR K 131 52.79 0.50 10.13
CA THR K 131 53.02 0.79 11.54
C THR K 131 53.77 2.10 11.66
N ILE K 132 53.24 3.00 12.50
CA ILE K 132 53.83 4.31 12.74
C ILE K 132 54.01 4.47 14.24
N GLU K 133 54.99 5.28 14.63
CA GLU K 133 55.25 5.55 16.04
C GLU K 133 55.33 7.05 16.25
N MET K 134 54.68 7.53 17.31
CA MET K 134 54.69 8.94 17.68
C MET K 134 55.46 9.07 18.98
N LEU K 135 56.51 9.90 18.96
CA LEU K 135 57.37 10.07 20.11
C LEU K 135 57.10 11.40 20.80
N ASP K 136 57.33 11.42 22.12
CA ASP K 136 57.16 12.62 22.93
C ASP K 136 55.77 13.22 22.79
N CYS K 137 54.76 12.37 22.75
CA CYS K 137 53.39 12.84 22.59
C CYS K 137 52.85 13.40 23.90
N LYS K 138 51.90 14.33 23.77
CA LYS K 138 51.20 14.90 24.90
C LYS K 138 49.70 14.77 24.68
N ILE K 139 48.97 14.41 25.73
CA ILE K 139 47.54 14.16 25.64
C ILE K 139 46.81 15.23 26.45
N TYR K 140 45.90 15.95 25.79
CA TYR K 140 45.04 16.92 26.44
C TYR K 140 43.58 16.53 26.23
N SER K 141 42.73 16.90 27.17
CA SER K 141 41.31 16.55 27.08
C SER K 141 40.56 17.67 26.37
N ASP K 142 39.23 17.57 26.34
CA ASP K 142 38.40 18.57 25.70
C ASP K 142 37.00 18.53 26.34
N ALA K 143 36.24 19.59 26.09
CA ALA K 143 34.89 19.68 26.65
C ALA K 143 34.02 18.58 26.07
N ILE K 144 33.21 17.98 26.93
CA ILE K 144 32.32 16.88 26.56
C ILE K 144 30.88 17.31 26.81
N ASP K 145 30.03 17.14 25.82
CA ASP K 145 28.63 17.53 25.93
C ASP K 145 27.88 16.54 26.83
N PHE K 146 27.15 17.08 27.79
CA PHE K 146 26.31 16.29 28.70
C PHE K 146 24.89 16.82 28.56
N SER K 147 24.16 16.28 27.59
CA SER K 147 22.81 16.72 27.28
C SER K 147 21.80 15.62 27.64
N THR K 148 20.65 16.04 28.17
CA THR K 148 19.62 15.07 28.55
C THR K 148 18.92 14.49 27.32
N GLU K 149 18.78 15.28 26.25
CA GLU K 149 18.11 14.80 25.06
C GLU K 149 18.84 13.61 24.42
N ASP K 150 20.16 13.58 24.55
CA ASP K 150 20.95 12.48 23.98
C ASP K 150 20.87 11.25 24.90
N VAL K 151 19.64 10.73 25.02
CA VAL K 151 19.41 9.55 25.84
C VAL K 151 20.05 8.31 25.21
N THR K 152 20.04 8.22 23.88
CA THR K 152 20.59 7.08 23.18
C THR K 152 21.99 7.34 22.63
N ALA K 153 22.81 8.09 23.37
CA ALA K 153 24.17 8.39 22.96
C ALA K 153 25.09 8.26 24.16
N ALA K 154 26.28 7.71 23.92
CA ALA K 154 27.28 7.55 24.97
C ALA K 154 28.21 8.75 25.01
N VAL K 155 28.82 8.97 26.17
CA VAL K 155 29.76 10.07 26.33
C VAL K 155 30.99 9.82 25.47
N ARG K 156 31.45 10.85 24.77
CA ARG K 156 32.56 10.75 23.82
C ARG K 156 33.65 11.75 24.19
N PRO K 157 34.57 11.39 25.08
CA PRO K 157 35.71 12.27 25.34
C PRO K 157 36.53 12.51 24.07
N SER K 158 36.99 13.75 23.92
CA SER K 158 37.83 14.14 22.80
C SER K 158 39.24 14.43 23.31
N LEU K 159 40.23 13.78 22.70
CA LEU K 159 41.62 13.88 23.13
C LEU K 159 42.43 14.54 22.03
N ARG K 160 43.12 15.61 22.38
CA ARG K 160 44.08 16.26 21.48
C ARG K 160 45.45 15.67 21.76
N ILE K 161 46.00 14.97 20.78
CA ILE K 161 47.30 14.31 20.91
C ILE K 161 48.30 15.07 20.07
N VAL K 162 49.34 15.60 20.73
CA VAL K 162 50.38 16.36 20.06
C VAL K 162 51.60 15.45 19.92
N TYR K 163 52.08 15.29 18.69
CA TYR K 163 53.23 14.45 18.40
C TYR K 163 54.40 15.33 17.99
N ASN K 164 55.58 15.02 18.54
CA ASN K 164 56.78 15.80 18.28
C ASN K 164 57.74 15.11 17.31
N TRP K 165 57.54 13.82 17.03
CA TRP K 165 58.36 13.15 16.03
C TRP K 165 57.64 11.90 15.55
N ILE K 166 57.66 11.71 14.23
CA ILE K 166 57.06 10.56 13.57
C ILE K 166 58.19 9.60 13.19
N GLU K 167 58.03 8.33 13.51
CA GLU K 167 59.05 7.31 13.24
C GLU K 167 58.40 6.12 12.56
N TRP K 168 59.11 5.52 11.61
CA TRP K 168 58.65 4.29 10.97
C TRP K 168 59.82 3.37 10.72
N ASP K 169 59.66 2.10 11.04
CA ASP K 169 60.72 1.11 10.87
C ASP K 169 60.88 0.72 9.40
N GLY L 2 -3.77 33.77 -24.03
CA GLY L 2 -2.42 33.88 -23.47
C GLY L 2 -1.54 34.83 -24.25
N HIS L 3 -0.25 34.52 -24.30
CA HIS L 3 0.69 35.35 -25.04
C HIS L 3 0.41 35.26 -26.54
N ASN L 4 0.56 36.41 -27.21
CA ASN L 4 0.26 36.46 -28.64
C ASN L 4 1.36 35.78 -29.47
N ASN L 5 2.62 36.02 -29.12
CA ASN L 5 3.75 35.45 -29.85
C ASN L 5 4.08 34.09 -29.23
N THR L 6 3.51 33.03 -29.82
CA THR L 6 3.70 31.69 -29.27
C THR L 6 4.05 30.66 -30.34
N LYS L 7 4.31 31.07 -31.57
CA LYS L 7 4.59 30.10 -32.63
C LYS L 7 5.90 29.35 -32.36
N GLY L 8 5.93 28.10 -32.79
CA GLY L 8 7.10 27.27 -32.59
C GLY L 8 7.25 26.28 -33.72
N ASN L 9 8.49 25.83 -33.93
CA ASN L 9 8.83 24.90 -34.98
C ASN L 9 9.73 23.80 -34.44
N ARG L 10 9.73 22.67 -35.15
CA ARG L 10 10.54 21.52 -34.79
C ARG L 10 11.87 21.46 -35.52
N LYS L 11 11.95 22.05 -36.72
CA LYS L 11 13.17 21.97 -37.50
C LYS L 11 14.34 22.66 -36.82
N PHE L 12 14.07 23.75 -36.10
CA PHE L 12 15.13 24.42 -35.34
C PHE L 12 15.67 23.51 -34.23
N ILE L 13 14.76 22.87 -33.49
CA ILE L 13 15.18 21.96 -32.43
C ILE L 13 15.93 20.76 -33.01
N LYS L 14 15.45 20.25 -34.15
CA LYS L 14 16.14 19.14 -34.82
C LYS L 14 17.55 19.55 -35.22
N GLY L 15 17.71 20.76 -35.77
CA GLY L 15 19.02 21.23 -36.16
C GLY L 15 19.95 21.37 -34.97
N ARG L 16 19.45 21.94 -33.88
CA ARG L 16 20.27 22.08 -32.68
C ARG L 16 20.67 20.72 -32.12
N TYR L 17 19.74 19.76 -32.11
CA TYR L 17 20.04 18.43 -31.62
C TYR L 17 21.09 17.74 -32.50
N THR L 18 20.96 17.88 -33.81
CA THR L 18 21.95 17.28 -34.71
C THR L 18 23.32 17.92 -34.52
N ALA L 19 23.37 19.24 -34.38
CA ALA L 19 24.65 19.92 -34.16
C ALA L 19 25.29 19.48 -32.85
N ASN L 20 24.48 19.33 -31.80
CA ASN L 20 25.02 18.88 -30.51
C ASN L 20 25.52 17.44 -30.60
N ALA L 21 24.78 16.58 -31.29
CA ALA L 21 25.14 15.16 -31.34
C ALA L 21 26.33 14.91 -32.26
N ALA L 22 26.56 15.77 -33.25
CA ALA L 22 27.64 15.55 -34.20
C ALA L 22 29.02 15.76 -33.60
N LYS L 23 29.11 16.30 -32.38
CA LYS L 23 30.40 16.58 -31.76
C LYS L 23 31.10 15.34 -31.22
N GLY L 24 30.42 14.20 -31.16
CA GLY L 24 31.02 12.98 -30.66
C GLY L 24 30.64 12.70 -29.22
N GLU L 25 31.23 11.64 -28.69
CA GLU L 25 30.93 11.23 -27.31
C GLU L 25 31.43 12.28 -26.31
N ARG L 26 30.77 12.31 -25.17
CA ARG L 26 31.19 13.17 -24.07
C ARG L 26 32.10 12.39 -23.12
N LEU L 27 33.15 13.05 -22.64
CA LEU L 27 34.13 12.40 -21.79
C LEU L 27 33.53 12.16 -20.42
N VAL L 28 33.33 10.88 -20.07
CA VAL L 28 32.81 10.54 -18.74
C VAL L 28 33.86 10.86 -17.70
N SER L 29 33.41 11.31 -16.52
CA SER L 29 34.33 11.72 -15.47
C SER L 29 35.10 10.56 -14.86
N SER L 30 34.69 9.32 -15.15
CA SER L 30 35.34 8.15 -14.57
C SER L 30 36.40 7.55 -15.48
N GLU L 31 36.67 8.17 -16.63
CA GLU L 31 37.65 7.67 -17.59
C GLU L 31 38.88 8.56 -17.55
N PHE L 32 39.91 8.11 -16.83
CA PHE L 32 41.15 8.88 -16.72
C PHE L 32 42.26 7.94 -16.28
N LEU L 33 43.50 8.41 -16.42
CA LEU L 33 44.67 7.63 -16.06
C LEU L 33 45.79 8.56 -15.66
N LEU L 34 46.22 8.47 -14.40
CA LEU L 34 47.30 9.30 -13.87
C LEU L 34 48.48 8.39 -13.54
N THR L 35 49.56 8.51 -14.30
CA THR L 35 50.70 7.60 -14.17
C THR L 35 51.94 8.37 -13.74
N PHE L 36 52.61 7.88 -12.71
CA PHE L 36 53.85 8.49 -12.24
C PHE L 36 55.01 8.02 -13.12
N ALA L 37 56.24 8.32 -12.70
CA ALA L 37 57.44 7.91 -13.41
C ALA L 37 58.16 6.85 -12.60
N GLY L 38 58.31 5.66 -13.19
CA GLY L 38 58.98 4.57 -12.52
C GLY L 38 58.16 3.85 -11.48
N HIS L 39 56.89 4.20 -11.32
CA HIS L 39 56.00 3.61 -10.33
C HIS L 39 54.65 3.29 -10.96
N GLU L 40 54.68 2.63 -12.11
CA GLU L 40 53.46 2.33 -12.85
C GLU L 40 52.52 1.40 -12.08
N ASP L 41 53.05 0.63 -11.12
CA ASP L 41 52.21 -0.27 -10.34
C ASP L 41 51.29 0.46 -9.37
N ILE L 42 51.50 1.77 -9.16
CA ILE L 42 50.68 2.54 -8.24
C ILE L 42 49.53 3.25 -8.95
N SER L 43 49.64 3.47 -10.25
CA SER L 43 48.62 4.25 -10.98
C SER L 43 47.25 3.60 -10.93
N VAL L 44 47.17 2.29 -10.71
CA VAL L 44 45.87 1.62 -10.62
C VAL L 44 45.13 2.05 -9.36
N LEU L 45 45.86 2.25 -8.26
CA LEU L 45 45.24 2.55 -6.98
C LEU L 45 44.65 3.96 -6.91
N VAL L 46 44.98 4.84 -7.84
CA VAL L 46 44.42 6.18 -7.82
C VAL L 46 42.91 6.13 -8.04
N ARG L 47 42.19 7.04 -7.39
CA ARG L 47 40.73 7.01 -7.41
C ARG L 47 40.15 8.35 -7.86
N THR L 48 40.84 9.44 -7.54
CA THR L 48 40.33 10.78 -7.87
C THR L 48 41.53 11.70 -8.11
N SER L 49 41.45 12.50 -9.17
CA SER L 49 42.52 13.40 -9.54
C SER L 49 41.92 14.74 -9.97
N GLN L 50 42.78 15.61 -10.51
CA GLN L 50 42.36 16.94 -10.94
C GLN L 50 43.34 17.43 -11.99
N ILE L 51 42.83 17.74 -13.18
CA ILE L 51 43.65 18.38 -14.20
C ILE L 51 44.03 19.78 -13.73
N PRO L 52 45.28 20.23 -13.89
CA PRO L 52 45.71 21.46 -13.23
C PRO L 52 45.16 22.72 -13.88
N GLU L 53 45.46 23.87 -13.27
CA GLU L 53 45.00 25.15 -13.78
C GLU L 53 45.65 25.44 -15.13
N MET L 54 44.90 26.11 -16.00
CA MET L 54 45.42 26.60 -17.28
C MET L 54 45.04 28.07 -17.38
N THR L 55 45.87 28.92 -16.79
CA THR L 55 45.57 30.35 -16.71
C THR L 55 46.88 31.09 -16.48
N ARG L 56 46.82 32.41 -16.69
CA ARG L 56 47.94 33.29 -16.43
C ARG L 56 47.45 34.47 -15.59
N GLU L 57 48.35 35.00 -14.77
CA GLU L 57 48.01 36.14 -13.93
C GLU L 57 47.66 37.34 -14.78
N ASP L 58 46.77 38.18 -14.27
CA ASP L 58 46.33 39.38 -14.97
C ASP L 58 46.84 40.63 -14.26
N VAL L 59 47.07 41.68 -15.05
CA VAL L 59 47.49 42.97 -14.53
C VAL L 59 46.34 43.96 -14.71
N GLU L 60 46.17 44.83 -13.73
CA GLU L 60 45.03 45.73 -13.62
C GLU L 60 45.50 47.15 -13.89
N ASP L 61 44.92 47.78 -14.91
CA ASP L 61 45.28 49.14 -15.29
C ASP L 61 44.06 50.04 -15.20
N TYR L 62 44.25 51.24 -14.67
CA TYR L 62 43.17 52.21 -14.50
C TYR L 62 43.41 53.37 -15.45
N GLY L 63 42.67 53.38 -16.57
CA GLY L 63 42.80 54.42 -17.55
C GLY L 63 42.10 55.70 -17.11
N PRO L 64 42.21 56.72 -17.94
CA PRO L 64 41.61 58.02 -17.60
C PRO L 64 40.11 57.93 -17.48
N ASN L 65 39.55 58.76 -16.59
CA ASN L 65 38.12 58.86 -16.35
C ASN L 65 37.51 57.54 -15.88
N GLY L 66 38.28 56.77 -15.11
CA GLY L 66 37.77 55.55 -14.52
C GLY L 66 37.76 54.34 -15.44
N VAL L 67 38.24 54.47 -16.68
CA VAL L 67 38.28 53.33 -17.58
C VAL L 67 39.24 52.28 -17.05
N LYS L 68 38.80 51.02 -17.05
CA LYS L 68 39.53 49.92 -16.45
C LYS L 68 39.93 48.92 -17.53
N PHE L 69 41.10 48.32 -17.37
CA PHE L 69 41.61 47.35 -18.32
C PHE L 69 42.28 46.20 -17.58
N ASN L 70 42.04 44.98 -18.05
CA ASN L 70 42.71 43.78 -17.56
C ASN L 70 43.57 43.23 -18.69
N GLN L 71 44.87 43.06 -18.42
CA GLN L 71 45.82 42.67 -19.45
C GLN L 71 46.53 41.38 -19.06
N HIS L 72 46.84 40.57 -20.08
CA HIS L 72 47.55 39.32 -19.86
C HIS L 72 48.91 39.56 -19.20
N GLY L 73 49.26 38.70 -18.26
CA GLY L 73 50.53 38.79 -17.58
C GLY L 73 51.34 37.51 -17.69
N PRO L 74 52.32 37.34 -16.81
CA PRO L 74 53.13 36.11 -16.84
C PRO L 74 52.29 34.89 -16.52
N ILE L 75 52.69 33.76 -17.11
CA ILE L 75 51.94 32.51 -16.94
C ILE L 75 52.08 32.01 -15.50
N ARG L 76 51.06 31.28 -15.04
CA ARG L 76 51.05 30.67 -13.72
C ARG L 76 51.43 29.21 -13.90
N ASN L 77 52.71 28.91 -13.75
CA ASN L 77 53.20 27.56 -14.02
C ASN L 77 52.94 26.64 -12.83
N SER L 78 53.42 27.01 -11.65
CA SER L 78 53.29 26.14 -10.49
C SER L 78 51.85 26.14 -9.97
N GLY L 79 51.54 25.14 -9.16
CA GLY L 79 50.22 25.02 -8.59
C GLY L 79 50.11 23.76 -7.76
N GLU L 80 48.92 23.59 -7.18
CA GLU L 80 48.63 22.53 -6.23
C GLU L 80 47.33 21.83 -6.62
N ILE L 81 47.33 20.50 -6.54
CA ILE L 81 46.15 19.69 -6.80
C ILE L 81 45.99 18.65 -5.71
N GLN L 82 44.76 18.14 -5.60
CA GLN L 82 44.41 17.14 -4.59
C GLN L 82 44.03 15.84 -5.27
N VAL L 83 44.54 14.73 -4.75
CA VAL L 83 44.31 13.41 -5.32
C VAL L 83 43.83 12.48 -4.21
N GLN L 84 42.84 11.65 -4.50
CA GLN L 84 42.34 10.68 -3.54
C GLN L 84 42.69 9.28 -3.99
N CYS L 85 43.34 8.52 -3.12
CA CYS L 85 43.72 7.13 -3.35
C CYS L 85 42.98 6.23 -2.36
N VAL L 86 43.17 4.92 -2.52
CA VAL L 86 42.56 3.92 -1.64
C VAL L 86 43.67 3.04 -1.09
N GLU L 87 43.77 2.97 0.23
CA GLU L 87 44.82 2.18 0.86
C GLU L 87 44.55 0.68 0.67
N THR L 88 45.63 -0.08 0.57
CA THR L 88 45.56 -1.54 0.48
C THR L 88 46.03 -2.17 1.79
N ILE L 89 45.82 -3.50 1.87
CA ILE L 89 46.17 -4.22 3.10
C ILE L 89 47.68 -4.29 3.28
N GLU L 90 48.45 -4.21 2.19
CA GLU L 90 49.90 -4.29 2.25
C GLU L 90 50.56 -2.92 2.37
N GLY L 91 49.77 -1.85 2.38
CA GLY L 91 50.34 -0.51 2.50
C GLY L 91 51.23 -0.11 1.36
N ASP L 92 50.83 -0.43 0.12
CA ASP L 92 51.63 -0.03 -1.04
C ASP L 92 51.68 1.49 -1.15
N ILE L 93 50.54 2.16 -1.01
CA ILE L 93 50.52 3.62 -1.07
C ILE L 93 51.27 4.20 0.12
N LEU L 94 51.11 3.60 1.30
CA LEU L 94 51.84 4.08 2.48
C LEU L 94 53.34 3.96 2.27
N GLN L 95 53.80 2.82 1.76
CA GLN L 95 55.23 2.66 1.49
C GLN L 95 55.70 3.65 0.43
N PHE L 96 54.85 3.92 -0.56
CA PHE L 96 55.20 4.87 -1.62
C PHE L 96 55.40 6.28 -1.04
N ILE L 97 54.49 6.71 -0.16
CA ILE L 97 54.64 8.06 0.39
C ILE L 97 55.81 8.10 1.37
N LYS L 98 56.06 7.00 2.09
CA LYS L 98 57.26 6.92 2.93
C LYS L 98 58.51 7.13 2.09
N ASP L 99 58.61 6.42 0.96
CA ASP L 99 59.78 6.55 0.10
C ASP L 99 59.88 7.97 -0.47
N ARG L 100 58.76 8.56 -0.86
CA ARG L 100 58.78 9.91 -1.41
C ARG L 100 59.25 10.93 -0.39
N ILE L 101 58.77 10.83 0.85
CA ILE L 101 59.17 11.81 1.86
C ILE L 101 60.60 11.59 2.30
N ALA L 102 61.08 10.33 2.31
CA ALA L 102 62.44 10.07 2.73
C ALA L 102 63.45 10.44 1.66
N ALA L 103 63.10 10.23 0.38
CA ALA L 103 64.06 10.42 -0.70
C ALA L 103 64.28 11.88 -1.08
N LYS L 104 63.30 12.74 -0.85
CA LYS L 104 63.39 14.16 -1.21
C LYS L 104 63.70 14.33 -2.69
N ASP L 105 62.94 13.62 -3.53
CA ASP L 105 63.15 13.60 -4.97
C ASP L 105 61.95 14.19 -5.70
N TYR L 106 62.14 14.44 -7.00
CA TYR L 106 61.11 15.01 -7.86
C TYR L 106 60.73 13.99 -8.93
N VAL L 107 59.43 13.81 -9.16
CA VAL L 107 58.94 12.91 -10.18
C VAL L 107 58.03 13.69 -11.12
N ASP L 108 57.83 13.12 -12.31
CA ASP L 108 56.96 13.71 -13.34
C ASP L 108 55.78 12.81 -13.57
N ILE L 109 54.59 13.40 -13.63
CA ILE L 109 53.34 12.65 -13.76
C ILE L 109 52.70 12.95 -15.11
N THR L 110 52.08 11.95 -15.70
CA THR L 110 51.34 12.09 -16.95
C THR L 110 49.87 11.83 -16.68
N MET L 111 49.03 12.80 -17.05
CA MET L 111 47.58 12.70 -16.93
C MET L 111 47.01 12.50 -18.33
N ALA L 112 46.21 11.45 -18.51
CA ALA L 112 45.65 11.14 -19.81
C ALA L 112 44.18 10.77 -19.68
N ALA L 113 43.40 11.10 -20.71
CA ALA L 113 42.02 10.66 -20.80
C ALA L 113 41.98 9.43 -21.69
N THR L 114 41.54 8.31 -21.11
CA THR L 114 41.57 7.01 -21.78
C THR L 114 40.15 6.42 -21.75
N PRO L 115 39.27 6.92 -22.60
CA PRO L 115 37.91 6.35 -22.66
C PRO L 115 37.92 4.96 -23.26
N GLU L 116 36.89 4.19 -22.91
CA GLU L 116 36.76 2.84 -23.45
C GLU L 116 36.53 2.85 -24.95
N SER L 117 35.99 3.95 -25.49
CA SER L 117 35.66 4.00 -26.91
C SER L 117 36.91 3.90 -27.77
N LYS L 118 37.96 4.63 -27.42
CA LYS L 118 39.19 4.65 -28.21
C LYS L 118 40.20 3.62 -27.76
N SER L 119 39.92 2.87 -26.68
CA SER L 119 40.84 1.86 -26.20
C SER L 119 40.91 0.69 -27.16
N SER L 120 42.09 0.07 -27.24
CA SER L 120 42.31 -1.10 -28.07
C SER L 120 43.05 -2.14 -27.26
N GLY L 121 42.59 -3.40 -27.33
CA GLY L 121 43.21 -4.42 -26.52
C GLY L 121 42.90 -4.22 -25.04
N VAL L 122 43.88 -4.63 -24.22
CA VAL L 122 43.76 -4.49 -22.77
C VAL L 122 44.61 -3.30 -22.31
N ASN L 123 45.06 -2.48 -23.26
CA ASN L 123 45.91 -1.35 -22.99
C ASN L 123 45.23 -0.07 -23.43
N ALA L 124 45.26 0.94 -22.57
CA ALA L 124 44.62 2.22 -22.87
C ALA L 124 45.34 2.94 -24.01
N VAL L 125 44.55 3.61 -24.84
CA VAL L 125 45.06 4.40 -25.95
C VAL L 125 44.68 5.86 -25.70
N THR L 126 45.68 6.73 -25.68
CA THR L 126 45.48 8.14 -25.39
C THR L 126 45.62 8.97 -26.66
N LYS L 127 45.44 10.28 -26.51
CA LYS L 127 45.57 11.23 -27.61
C LYS L 127 46.37 12.42 -27.15
N ALA L 128 47.01 13.09 -28.10
CA ALA L 128 47.82 14.26 -27.78
C ALA L 128 46.99 15.44 -27.28
N ALA L 129 45.71 15.50 -27.64
CA ALA L 129 44.87 16.61 -27.22
C ALA L 129 44.55 16.53 -25.74
N THR L 130 44.20 15.33 -25.25
CA THR L 130 43.77 15.14 -23.87
C THR L 130 44.88 14.56 -23.01
N THR L 131 46.13 14.91 -23.27
CA THR L 131 47.27 14.44 -22.49
C THR L 131 48.03 15.63 -21.94
N ILE L 132 48.28 15.62 -20.63
CA ILE L 132 49.01 16.68 -19.95
C ILE L 132 50.15 16.04 -19.17
N GLU L 133 51.22 16.81 -18.96
CA GLU L 133 52.36 16.34 -18.19
C GLU L 133 52.74 17.38 -17.16
N MET L 134 52.98 16.94 -15.93
CA MET L 134 53.41 17.81 -14.85
C MET L 134 54.83 17.44 -14.47
N LEU L 135 55.74 18.41 -14.50
CA LEU L 135 57.15 18.19 -14.25
C LEU L 135 57.52 18.69 -12.85
N ASP L 136 58.56 18.07 -12.30
CA ASP L 136 59.11 18.45 -10.99
C ASP L 136 58.03 18.45 -9.91
N CYS L 137 57.16 17.46 -9.95
CA CYS L 137 56.08 17.36 -8.99
C CYS L 137 56.58 16.85 -7.64
N LYS L 138 55.87 17.24 -6.59
CA LYS L 138 56.14 16.78 -5.23
C LYS L 138 54.86 16.25 -4.61
N ILE L 139 54.97 15.13 -3.91
CA ILE L 139 53.82 14.45 -3.33
C ILE L 139 53.93 14.54 -1.81
N TYR L 140 52.88 15.06 -1.17
CA TYR L 140 52.77 15.09 0.27
C TYR L 140 51.51 14.35 0.69
N SER L 141 51.54 13.76 1.88
CA SER L 141 50.39 13.02 2.37
C SER L 141 49.46 13.96 3.14
N ASP L 142 48.44 13.39 3.79
CA ASP L 142 47.50 14.16 4.57
C ASP L 142 46.89 13.26 5.62
N ALA L 143 46.27 13.89 6.64
CA ALA L 143 45.63 13.13 7.70
C ALA L 143 44.48 12.30 7.15
N ILE L 144 44.37 11.06 7.64
CA ILE L 144 43.34 10.13 7.21
C ILE L 144 42.49 9.77 8.41
N ASP L 145 41.17 9.86 8.25
CA ASP L 145 40.25 9.56 9.33
C ASP L 145 40.17 8.05 9.53
N PHE L 146 40.32 7.63 10.79
CA PHE L 146 40.21 6.22 11.18
C PHE L 146 39.11 6.14 12.23
N SER L 147 37.86 6.00 11.77
CA SER L 147 36.71 5.99 12.63
C SER L 147 36.07 4.60 12.65
N THR L 148 35.62 4.17 13.83
CA THR L 148 35.01 2.86 13.97
C THR L 148 33.62 2.81 13.33
N GLU L 149 32.87 3.93 13.38
CA GLU L 149 31.53 3.95 12.83
C GLU L 149 31.53 3.73 11.32
N ASP L 150 32.60 4.14 10.64
CA ASP L 150 32.71 3.95 9.18
C ASP L 150 33.11 2.50 8.88
N VAL L 151 32.23 1.58 9.27
CA VAL L 151 32.47 0.17 9.02
C VAL L 151 32.40 -0.16 7.54
N THR L 152 31.52 0.51 6.79
CA THR L 152 31.34 0.26 5.37
C THR L 152 32.04 1.29 4.50
N ALA L 153 33.21 1.75 4.93
CA ALA L 153 33.99 2.71 4.15
C ALA L 153 35.47 2.32 4.19
N ALA L 154 36.13 2.46 3.05
CA ALA L 154 37.55 2.15 2.95
C ALA L 154 38.38 3.40 3.25
N VAL L 155 39.62 3.17 3.68
CA VAL L 155 40.53 4.26 3.97
C VAL L 155 40.86 5.01 2.69
N ARG L 156 40.85 6.34 2.75
CA ARG L 156 41.05 7.18 1.57
C ARG L 156 42.20 8.15 1.84
N PRO L 157 43.44 7.75 1.55
CA PRO L 157 44.56 8.70 1.67
C PRO L 157 44.38 9.88 0.74
N SER L 158 44.76 11.06 1.24
CA SER L 158 44.69 12.29 0.47
C SER L 158 46.11 12.75 0.16
N LEU L 159 46.38 12.98 -1.13
CA LEU L 159 47.71 13.34 -1.60
C LEU L 159 47.68 14.75 -2.17
N ARG L 160 48.54 15.61 -1.66
CA ARG L 160 48.74 16.95 -2.19
C ARG L 160 49.87 16.90 -3.20
N ILE L 161 49.57 17.16 -4.46
CA ILE L 161 50.55 17.08 -5.54
C ILE L 161 50.84 18.50 -6.01
N VAL L 162 52.09 18.91 -5.90
CA VAL L 162 52.52 20.24 -6.32
C VAL L 162 53.24 20.09 -7.66
N TYR L 163 52.78 20.83 -8.66
CA TYR L 163 53.37 20.81 -9.98
C TYR L 163 54.07 22.12 -10.26
N ASN L 164 55.27 22.04 -10.85
CA ASN L 164 56.08 23.21 -11.11
C ASN L 164 56.09 23.62 -12.57
N TRP L 165 55.64 22.76 -13.48
CA TRP L 165 55.53 23.13 -14.88
C TRP L 165 54.55 22.19 -15.58
N ILE L 166 53.68 22.79 -16.39
CA ILE L 166 52.68 22.07 -17.18
C ILE L 166 53.18 22.02 -18.61
N GLU L 167 53.10 20.83 -19.23
CA GLU L 167 53.61 20.61 -20.57
C GLU L 167 52.55 19.85 -21.36
N TRP L 168 52.38 20.20 -22.64
CA TRP L 168 51.46 19.48 -23.50
C TRP L 168 52.04 19.39 -24.90
N ASP L 169 52.03 18.19 -25.46
CA ASP L 169 52.57 17.96 -26.79
C ASP L 169 51.66 18.53 -27.88
N GLY M 2 -65.68 -16.17 -24.95
CA GLY M 2 -64.28 -16.00 -24.63
C GLY M 2 -63.63 -14.87 -25.40
N HIS M 3 -62.40 -15.08 -25.84
CA HIS M 3 -61.68 -14.07 -26.60
C HIS M 3 -62.36 -13.84 -27.95
N ASN M 4 -62.29 -12.60 -28.43
CA ASN M 4 -62.96 -12.24 -29.68
C ASN M 4 -62.08 -12.54 -30.88
N ASN M 5 -60.85 -12.05 -30.88
CA ASN M 5 -59.92 -12.28 -31.99
C ASN M 5 -59.39 -13.71 -31.87
N THR M 6 -60.13 -14.65 -32.48
CA THR M 6 -59.79 -16.06 -32.36
C THR M 6 -59.74 -16.78 -33.70
N LYS M 7 -59.77 -16.06 -34.82
CA LYS M 7 -59.78 -16.71 -36.12
C LYS M 7 -58.46 -17.43 -36.37
N GLY M 8 -58.54 -18.54 -37.10
CA GLY M 8 -57.36 -19.33 -37.40
C GLY M 8 -57.47 -19.96 -38.78
N ASN M 9 -56.31 -20.22 -39.37
CA ASN M 9 -56.22 -20.81 -40.69
C ASN M 9 -55.16 -21.91 -40.71
N ARG M 10 -55.32 -22.84 -41.65
CA ARG M 10 -54.40 -23.96 -41.82
C ARG M 10 -53.31 -23.69 -42.84
N LYS M 11 -53.57 -22.80 -43.80
CA LYS M 11 -52.59 -22.56 -44.85
C LYS M 11 -51.30 -21.97 -44.31
N PHE M 12 -51.37 -21.12 -43.29
CA PHE M 12 -50.16 -20.59 -42.67
C PHE M 12 -49.35 -21.71 -42.01
N ILE M 13 -50.03 -22.60 -41.29
CA ILE M 13 -49.33 -23.72 -40.66
C ILE M 13 -48.74 -24.64 -41.72
N LYS M 14 -49.47 -24.88 -42.81
CA LYS M 14 -48.96 -25.68 -43.91
C LYS M 14 -47.70 -25.05 -44.50
N GLY M 15 -47.71 -23.74 -44.70
CA GLY M 15 -46.54 -23.07 -45.25
C GLY M 15 -45.34 -23.16 -44.32
N ARG M 16 -45.56 -22.94 -43.02
CA ARG M 16 -44.46 -23.05 -42.07
C ARG M 16 -43.91 -24.46 -42.02
N TYR M 17 -44.79 -25.47 -42.03
CA TYR M 17 -44.34 -26.86 -42.01
C TYR M 17 -43.54 -27.20 -43.26
N THR M 18 -44.00 -26.75 -44.43
CA THR M 18 -43.26 -27.01 -45.66
C THR M 18 -41.91 -26.33 -45.65
N ALA M 19 -41.85 -25.08 -45.18
CA ALA M 19 -40.58 -24.37 -45.11
C ALA M 19 -39.62 -25.07 -44.15
N ASN M 20 -40.12 -25.54 -43.01
CA ASN M 20 -39.26 -26.25 -42.06
C ASN M 20 -38.77 -27.57 -42.64
N ALA M 21 -39.64 -28.30 -43.33
CA ALA M 21 -39.27 -29.61 -43.84
C ALA M 21 -38.36 -29.53 -45.07
N ALA M 22 -38.41 -28.43 -45.82
CA ALA M 22 -37.60 -28.31 -47.02
C ALA M 22 -36.11 -28.16 -46.74
N LYS M 23 -35.72 -27.94 -45.49
CA LYS M 23 -34.32 -27.69 -45.15
C LYS M 23 -33.48 -28.96 -45.13
N GLY M 24 -34.09 -30.14 -45.19
CA GLY M 24 -33.35 -31.38 -45.16
C GLY M 24 -33.35 -32.02 -43.78
N GLU M 25 -32.62 -33.13 -43.69
CA GLU M 25 -32.54 -33.85 -42.42
C GLU M 25 -31.82 -33.04 -41.36
N ARG M 26 -32.14 -33.34 -40.10
CA ARG M 26 -31.45 -32.74 -38.97
C ARG M 26 -30.31 -33.66 -38.53
N LEU M 27 -29.18 -33.06 -38.16
CA LEU M 27 -28.00 -33.82 -37.78
C LEU M 27 -28.23 -34.46 -36.42
N VAL M 28 -28.36 -35.80 -36.40
CA VAL M 28 -28.50 -36.51 -35.15
C VAL M 28 -27.21 -36.41 -34.35
N SER M 29 -27.34 -36.27 -33.03
CA SER M 29 -26.18 -36.07 -32.17
C SER M 29 -25.27 -37.29 -32.09
N SER M 30 -25.71 -38.45 -32.56
CA SER M 30 -24.91 -39.66 -32.50
C SER M 30 -24.11 -39.92 -33.78
N GLU M 31 -24.22 -39.04 -34.77
CA GLU M 31 -23.53 -39.20 -36.04
C GLU M 31 -22.36 -38.21 -36.09
N PHE M 32 -21.15 -38.71 -35.83
CA PHE M 32 -19.95 -37.88 -35.85
C PHE M 32 -18.74 -38.78 -35.97
N LEU M 33 -17.60 -38.17 -36.28
CA LEU M 33 -16.35 -38.92 -36.40
C LEU M 33 -15.20 -37.98 -36.09
N LEU M 34 -14.46 -38.28 -35.03
CA LEU M 34 -13.30 -37.50 -34.61
C LEU M 34 -12.07 -38.38 -34.73
N THR M 35 -11.18 -38.06 -35.68
CA THR M 35 -10.03 -38.90 -35.94
C THR M 35 -8.74 -38.10 -35.87
N PHE M 36 -7.76 -38.67 -35.16
CA PHE M 36 -6.47 -38.05 -34.90
C PHE M 36 -5.60 -38.14 -36.15
N ALA M 37 -4.31 -37.89 -35.98
CA ALA M 37 -3.33 -38.04 -37.05
C ALA M 37 -2.41 -39.20 -36.70
N GLY M 38 -2.38 -40.21 -37.58
CA GLY M 38 -1.51 -41.35 -37.38
C GLY M 38 -2.00 -42.37 -36.38
N HIS M 39 -3.20 -42.20 -35.83
CA HIS M 39 -3.78 -43.12 -34.85
C HIS M 39 -5.23 -43.40 -35.21
N GLU M 40 -5.47 -43.75 -36.48
CA GLU M 40 -6.83 -43.99 -36.95
C GLU M 40 -7.50 -45.16 -36.24
N ASP M 41 -6.73 -46.08 -35.66
CA ASP M 41 -7.31 -47.22 -34.96
C ASP M 41 -7.96 -46.83 -33.64
N ILE M 42 -7.74 -45.62 -33.15
CA ILE M 42 -8.31 -45.19 -31.88
C ILE M 42 -9.62 -44.42 -32.07
N SER M 43 -9.86 -43.87 -33.26
CA SER M 43 -11.05 -43.05 -33.49
C SER M 43 -12.34 -43.82 -33.28
N VAL M 44 -12.32 -45.15 -33.42
CA VAL M 44 -13.53 -45.93 -33.19
C VAL M 44 -13.93 -45.91 -31.73
N LEU M 45 -12.96 -45.90 -30.81
CA LEU M 45 -13.24 -45.99 -29.38
C LEU M 45 -13.81 -44.70 -28.80
N VAL M 46 -13.77 -43.59 -29.53
CA VAL M 46 -14.33 -42.34 -29.01
C VAL M 46 -15.84 -42.48 -28.85
N ARG M 47 -16.38 -41.82 -27.82
CA ARG M 47 -17.78 -41.98 -27.48
C ARG M 47 -18.49 -40.63 -27.38
N THR M 48 -17.76 -39.58 -27.02
CA THR M 48 -18.35 -38.27 -26.82
C THR M 48 -17.31 -37.21 -27.15
N SER M 49 -17.72 -36.17 -27.87
CA SER M 49 -16.80 -35.13 -28.30
C SER M 49 -17.52 -33.78 -28.21
N GLN M 50 -16.85 -32.73 -28.67
CA GLN M 50 -17.40 -31.38 -28.61
C GLN M 50 -16.74 -30.54 -29.68
N ILE M 51 -17.52 -29.98 -30.58
CA ILE M 51 -17.00 -29.03 -31.58
C ILE M 51 -16.53 -27.77 -30.85
N PRO M 52 -15.35 -27.23 -31.16
CA PRO M 52 -14.78 -26.16 -30.34
C PRO M 52 -15.52 -24.84 -30.53
N GLU M 53 -15.12 -23.88 -29.71
CA GLU M 53 -15.73 -22.55 -29.75
C GLU M 53 -15.47 -21.87 -31.09
N MET M 54 -16.45 -21.10 -31.55
CA MET M 54 -16.31 -20.27 -32.74
C MET M 54 -16.73 -18.86 -32.33
N THR M 55 -15.79 -18.11 -31.77
CA THR M 55 -16.09 -16.79 -31.23
C THR M 55 -14.80 -16.00 -31.13
N ARG M 56 -14.95 -14.69 -30.93
CA ARG M 56 -13.82 -13.79 -30.73
C ARG M 56 -14.10 -12.91 -29.52
N GLU M 57 -13.02 -12.50 -28.85
CA GLU M 57 -13.16 -11.64 -27.69
C GLU M 57 -13.74 -10.29 -28.10
N ASP M 58 -14.46 -9.67 -27.15
CA ASP M 58 -15.09 -8.38 -27.39
C ASP M 58 -14.42 -7.29 -26.57
N VAL M 59 -14.55 -6.05 -27.05
CA VAL M 59 -14.04 -4.88 -26.35
C VAL M 59 -15.23 -3.99 -26.00
N GLU M 60 -15.20 -3.42 -24.80
CA GLU M 60 -16.32 -2.71 -24.20
C GLU M 60 -15.97 -1.23 -24.15
N ASP M 61 -16.78 -0.39 -24.80
CA ASP M 61 -16.50 1.03 -24.90
C ASP M 61 -17.64 1.82 -24.26
N TYR M 62 -17.28 2.73 -23.37
CA TYR M 62 -18.22 3.66 -22.74
C TYR M 62 -18.25 4.95 -23.55
N GLY M 63 -19.33 5.15 -24.31
CA GLY M 63 -19.52 6.40 -25.01
C GLY M 63 -20.07 7.48 -24.12
N PRO M 64 -20.25 8.67 -24.70
CA PRO M 64 -20.78 9.78 -23.91
C PRO M 64 -22.18 9.51 -23.41
N ASN M 65 -22.49 10.06 -22.23
CA ASN M 65 -23.81 9.97 -21.62
C ASN M 65 -24.22 8.52 -21.33
N GLY M 66 -23.24 7.67 -21.02
CA GLY M 66 -23.52 6.34 -20.52
C GLY M 66 -23.79 5.27 -21.56
N VAL M 67 -23.77 5.61 -22.85
CA VAL M 67 -24.02 4.61 -23.88
C VAL M 67 -22.86 3.62 -23.92
N LYS M 68 -23.16 2.40 -24.35
CA LYS M 68 -22.20 1.31 -24.39
C LYS M 68 -22.11 0.77 -25.80
N PHE M 69 -20.90 0.43 -26.22
CA PHE M 69 -20.69 -0.23 -27.51
C PHE M 69 -19.82 -1.47 -27.29
N ASN M 70 -20.21 -2.56 -27.93
CA ASN M 70 -19.44 -3.80 -27.92
C ASN M 70 -18.85 -4.00 -29.31
N GLN M 71 -17.52 -4.09 -29.39
CA GLN M 71 -16.85 -4.14 -30.67
C GLN M 71 -16.03 -5.42 -30.79
N HIS M 72 -15.97 -5.95 -32.02
CA HIS M 72 -15.20 -7.16 -32.27
C HIS M 72 -13.74 -6.95 -31.92
N GLY M 73 -13.13 -7.98 -31.33
CA GLY M 73 -11.74 -7.94 -30.96
C GLY M 73 -10.96 -9.06 -31.61
N PRO M 74 -9.76 -9.34 -31.08
CA PRO M 74 -8.95 -10.44 -31.63
C PRO M 74 -9.66 -11.78 -31.47
N ILE M 75 -9.41 -12.68 -32.42
CA ILE M 75 -10.06 -13.98 -32.41
C ILE M 75 -9.53 -14.82 -31.26
N ARG M 76 -10.40 -15.69 -30.74
CA ARG M 76 -10.04 -16.64 -29.68
C ARG M 76 -9.71 -17.97 -30.35
N ASN M 77 -8.42 -18.22 -30.56
CA ASN M 77 -7.97 -19.39 -31.31
C ASN M 77 -7.94 -20.65 -30.44
N SER M 78 -7.24 -20.58 -29.31
CA SER M 78 -7.06 -21.76 -28.48
C SER M 78 -8.31 -22.03 -27.65
N GLY M 79 -8.28 -23.14 -26.92
CA GLY M 79 -9.38 -23.52 -26.07
C GLY M 79 -9.25 -24.95 -25.61
N GLU M 80 -10.24 -25.38 -24.84
CA GLU M 80 -10.24 -26.67 -24.18
C GLU M 80 -11.57 -27.38 -24.42
N ILE M 81 -11.52 -28.67 -24.71
CA ILE M 81 -12.72 -29.49 -24.88
C ILE M 81 -12.55 -30.79 -24.11
N GLN M 82 -13.69 -31.42 -23.83
CA GLN M 82 -13.74 -32.66 -23.07
C GLN M 82 -14.27 -33.78 -23.96
N VAL M 83 -13.59 -34.93 -23.93
CA VAL M 83 -13.92 -36.07 -24.77
C VAL M 83 -14.04 -37.31 -23.90
N GLN M 84 -15.10 -38.08 -24.07
CA GLN M 84 -15.31 -39.30 -23.31
C GLN M 84 -15.06 -40.51 -24.19
N CYS M 85 -14.21 -41.41 -23.73
CA CYS M 85 -13.88 -42.65 -24.42
C CYS M 85 -14.30 -43.83 -23.56
N VAL M 86 -14.10 -45.04 -24.09
CA VAL M 86 -14.45 -46.27 -23.40
C VAL M 86 -13.22 -47.18 -23.39
N GLU M 87 -12.75 -47.53 -22.20
CA GLU M 87 -11.56 -48.36 -22.06
C GLU M 87 -11.82 -49.77 -22.57
N THR M 88 -10.79 -50.38 -23.15
CA THR M 88 -10.84 -51.76 -23.60
C THR M 88 -10.01 -52.64 -22.67
N ILE M 89 -10.14 -53.96 -22.87
CA ILE M 89 -9.46 -54.91 -22.00
C ILE M 89 -7.97 -54.97 -22.27
N GLU M 90 -7.51 -54.52 -23.44
CA GLU M 90 -6.08 -54.44 -23.74
C GLU M 90 -5.48 -53.09 -23.42
N GLY M 91 -6.27 -52.14 -22.93
CA GLY M 91 -5.77 -50.82 -22.60
C GLY M 91 -5.23 -50.03 -23.78
N ASP M 92 -5.91 -50.09 -24.92
CA ASP M 92 -5.46 -49.34 -26.10
C ASP M 92 -5.47 -47.84 -25.82
N ILE M 93 -6.57 -47.35 -25.22
CA ILE M 93 -6.65 -45.93 -24.88
C ILE M 93 -5.63 -45.58 -23.81
N LEU M 94 -5.46 -46.46 -22.81
CA LEU M 94 -4.46 -46.21 -21.79
C LEU M 94 -3.06 -46.15 -22.37
N GLN M 95 -2.72 -47.08 -23.26
CA GLN M 95 -1.42 -47.05 -23.90
C GLN M 95 -1.26 -45.77 -24.74
N PHE M 96 -2.33 -45.36 -25.41
CA PHE M 96 -2.27 -44.15 -26.23
C PHE M 96 -1.98 -42.91 -25.37
N ILE M 97 -2.67 -42.78 -24.24
CA ILE M 97 -2.44 -41.60 -23.41
C ILE M 97 -1.06 -41.67 -22.77
N LYS M 98 -0.60 -42.87 -22.40
CA LYS M 98 0.76 -43.01 -21.89
C LYS M 98 1.78 -42.55 -22.92
N ASP M 99 1.61 -42.97 -24.18
CA ASP M 99 2.52 -42.54 -25.23
C ASP M 99 2.46 -41.03 -25.44
N ARG M 100 1.26 -40.46 -25.39
CA ARG M 100 1.12 -39.02 -25.58
C ARG M 100 1.81 -38.23 -24.48
N ILE M 101 1.64 -38.65 -23.22
CA ILE M 101 2.26 -37.91 -22.13
C ILE M 101 3.78 -38.11 -22.13
N ALA M 102 4.26 -39.30 -22.48
CA ALA M 102 5.71 -39.52 -22.49
C ALA M 102 6.39 -38.83 -23.67
N ALA M 103 5.75 -38.78 -24.82
CA ALA M 103 6.37 -38.26 -26.03
C ALA M 103 6.46 -36.73 -26.06
N LYS M 104 5.53 -36.04 -25.39
CA LYS M 104 5.49 -34.57 -25.39
C LYS M 104 5.40 -34.02 -26.81
N ASP M 105 4.50 -34.61 -27.60
CA ASP M 105 4.33 -34.22 -28.99
C ASP M 105 2.96 -33.57 -29.21
N TYR M 106 2.80 -32.98 -30.38
CA TYR M 106 1.57 -32.32 -30.77
C TYR M 106 0.94 -33.06 -31.94
N VAL M 107 -0.35 -33.33 -31.84
CA VAL M 107 -1.09 -33.99 -32.90
C VAL M 107 -2.24 -33.08 -33.34
N ASP M 108 -2.74 -33.34 -34.55
CA ASP M 108 -3.86 -32.59 -35.11
C ASP M 108 -5.03 -33.53 -35.33
N ILE M 109 -6.22 -33.10 -34.94
CA ILE M 109 -7.43 -33.92 -35.05
C ILE M 109 -8.36 -33.29 -36.07
N THR M 110 -9.09 -34.13 -36.80
CA THR M 110 -10.13 -33.66 -37.69
C THR M 110 -11.48 -34.21 -37.22
N MET M 111 -12.45 -33.31 -37.10
CA MET M 111 -13.79 -33.61 -36.65
C MET M 111 -14.74 -33.45 -37.83
N ALA M 112 -15.55 -34.47 -38.09
CA ALA M 112 -16.44 -34.44 -39.24
C ALA M 112 -17.81 -34.98 -38.84
N ALA M 113 -18.84 -34.47 -39.50
CA ALA M 113 -20.18 -35.01 -39.36
C ALA M 113 -20.40 -36.00 -40.49
N THR M 114 -20.62 -37.27 -40.13
CA THR M 114 -20.71 -38.36 -41.11
C THR M 114 -22.05 -39.08 -40.89
N PRO M 115 -23.15 -38.50 -41.34
CA PRO M 115 -24.44 -39.16 -41.19
C PRO M 115 -24.55 -40.36 -42.12
N GLU M 116 -25.45 -41.28 -41.74
CA GLU M 116 -25.70 -42.45 -42.57
C GLU M 116 -26.32 -42.08 -43.92
N SER M 117 -27.00 -40.93 -43.98
CA SER M 117 -27.68 -40.54 -45.21
C SER M 117 -26.69 -40.30 -46.35
N LYS M 118 -25.59 -39.61 -46.06
CA LYS M 118 -24.62 -39.28 -47.09
C LYS M 118 -23.50 -40.31 -47.22
N SER M 119 -23.49 -41.34 -46.39
CA SER M 119 -22.44 -42.35 -46.44
C SER M 119 -22.58 -43.23 -47.67
N SER M 120 -21.45 -43.78 -48.12
CA SER M 120 -21.42 -44.68 -49.26
C SER M 120 -20.45 -45.81 -48.95
N GLY M 121 -20.87 -47.04 -49.22
CA GLY M 121 -20.03 -48.17 -48.90
C GLY M 121 -19.91 -48.37 -47.39
N VAL M 122 -18.74 -48.85 -46.98
CA VAL M 122 -18.45 -49.05 -45.56
C VAL M 122 -17.56 -47.91 -45.07
N ASN M 123 -17.48 -46.84 -45.84
CA ASN M 123 -16.63 -45.70 -45.51
C ASN M 123 -17.47 -44.44 -45.39
N ALA M 124 -17.20 -43.67 -44.35
CA ALA M 124 -17.93 -42.44 -44.10
C ALA M 124 -17.60 -41.39 -45.16
N VAL M 125 -18.60 -40.59 -45.51
CA VAL M 125 -18.46 -39.50 -46.47
C VAL M 125 -18.71 -38.19 -45.74
N THR M 126 -17.76 -37.28 -45.81
CA THR M 126 -17.83 -35.99 -45.12
C THR M 126 -18.07 -34.87 -46.12
N LYS M 127 -18.27 -33.67 -45.58
CA LYS M 127 -18.48 -32.48 -46.40
C LYS M 127 -17.62 -31.34 -45.84
N ALA M 128 -17.26 -30.41 -46.73
CA ALA M 128 -16.43 -29.28 -46.32
C ALA M 128 -17.15 -28.35 -45.37
N ALA M 129 -18.49 -28.35 -45.38
CA ALA M 129 -19.23 -27.45 -44.50
C ALA M 129 -19.16 -27.91 -43.04
N THR M 130 -19.31 -29.21 -42.81
CA THR M 130 -19.36 -29.77 -41.45
C THR M 130 -18.05 -30.46 -41.07
N THR M 131 -16.91 -29.93 -41.51
CA THR M 131 -15.60 -30.49 -41.18
C THR M 131 -14.74 -29.40 -40.55
N ILE M 132 -14.17 -29.71 -39.39
CA ILE M 132 -13.31 -28.79 -38.66
C ILE M 132 -11.98 -29.50 -38.39
N GLU M 133 -10.92 -28.73 -38.24
CA GLU M 133 -9.62 -29.29 -37.91
C GLU M 133 -9.01 -28.49 -36.77
N MET M 134 -8.44 -29.21 -35.79
CA MET M 134 -7.76 -28.59 -34.66
C MET M 134 -6.29 -28.96 -34.74
N LEU M 135 -5.43 -27.93 -34.76
CA LEU M 135 -4.00 -28.10 -34.94
C LEU M 135 -3.26 -27.87 -33.62
N ASP M 136 -2.08 -28.48 -33.53
CA ASP M 136 -1.20 -28.33 -32.36
C ASP M 136 -1.93 -28.66 -31.07
N CYS M 137 -2.73 -29.72 -31.10
CA CYS M 137 -3.53 -30.11 -29.96
C CYS M 137 -2.70 -30.89 -28.96
N LYS M 138 -3.17 -30.90 -27.71
CA LYS M 138 -2.56 -31.67 -26.64
C LYS M 138 -3.64 -32.47 -25.92
N ILE M 139 -3.32 -33.71 -25.59
CA ILE M 139 -4.27 -34.63 -24.96
C ILE M 139 -3.78 -34.93 -23.55
N TYR M 140 -4.62 -34.67 -22.55
CA TYR M 140 -4.35 -35.01 -21.18
C TYR M 140 -5.45 -35.93 -20.67
N SER M 141 -5.11 -36.78 -19.71
CA SER M 141 -6.07 -37.72 -19.15
C SER M 141 -6.79 -37.10 -17.96
N ASP M 142 -7.59 -37.91 -17.26
CA ASP M 142 -8.31 -37.44 -16.09
C ASP M 142 -8.61 -38.64 -15.20
N ALA M 143 -8.96 -38.35 -13.94
CA ALA M 143 -9.27 -39.40 -12.99
C ALA M 143 -10.50 -40.17 -13.44
N ILE M 144 -10.44 -41.49 -13.29
CA ILE M 144 -11.52 -42.38 -13.71
C ILE M 144 -12.03 -43.11 -12.48
N ASP M 145 -13.35 -43.09 -12.29
CA ASP M 145 -13.95 -43.73 -11.13
C ASP M 145 -13.93 -45.24 -11.30
N PHE M 146 -13.46 -45.94 -10.28
CA PHE M 146 -13.43 -47.40 -10.23
C PHE M 146 -14.21 -47.82 -9.00
N SER M 147 -15.52 -47.98 -9.16
CA SER M 147 -16.41 -48.32 -8.06
C SER M 147 -16.97 -49.71 -8.26
N THR M 148 -17.09 -50.45 -7.14
CA THR M 148 -17.61 -51.81 -7.22
C THR M 148 -19.12 -51.83 -7.45
N GLU M 149 -19.84 -50.84 -6.92
CA GLU M 149 -21.30 -50.82 -7.08
C GLU M 149 -21.69 -50.66 -8.54
N ASP M 150 -20.88 -49.98 -9.34
CA ASP M 150 -21.15 -49.79 -10.76
C ASP M 150 -20.81 -51.07 -11.52
N VAL M 151 -21.58 -52.12 -11.21
CA VAL M 151 -21.36 -53.42 -11.85
C VAL M 151 -21.78 -53.39 -13.32
N THR M 152 -22.82 -52.63 -13.65
CA THR M 152 -23.34 -52.54 -15.01
C THR M 152 -22.89 -51.28 -15.71
N ALA M 153 -21.66 -50.83 -15.48
CA ALA M 153 -21.14 -49.63 -16.12
C ALA M 153 -19.71 -49.89 -16.57
N ALA M 154 -19.39 -49.42 -17.78
CA ALA M 154 -18.04 -49.55 -18.33
C ALA M 154 -17.20 -48.34 -17.94
N VAL M 155 -15.88 -48.55 -17.92
CA VAL M 155 -14.95 -47.47 -17.60
C VAL M 155 -15.00 -46.42 -18.69
N ARG M 156 -15.05 -45.15 -18.28
CA ARG M 156 -15.18 -44.03 -19.21
C ARG M 156 -14.05 -43.04 -18.97
N PRO M 157 -12.89 -43.24 -19.61
CA PRO M 157 -11.82 -42.25 -19.50
C PRO M 157 -12.25 -40.90 -20.03
N SER M 158 -11.81 -39.84 -19.35
CA SER M 158 -12.07 -38.47 -19.74
C SER M 158 -10.79 -37.84 -20.23
N LEU M 159 -10.84 -37.25 -21.43
CA LEU M 159 -9.67 -36.67 -22.07
C LEU M 159 -9.90 -35.17 -22.25
N ARG M 160 -8.96 -34.38 -21.75
CA ARG M 160 -8.94 -32.94 -21.97
C ARG M 160 -8.10 -32.67 -23.20
N ILE M 161 -8.73 -32.16 -24.26
CA ILE M 161 -8.06 -31.86 -25.51
C ILE M 161 -7.96 -30.35 -25.65
N VAL M 162 -6.72 -29.85 -25.72
CA VAL M 162 -6.45 -28.44 -25.85
C VAL M 162 -6.11 -28.16 -27.31
N TYR M 163 -6.85 -27.26 -27.93
CA TYR M 163 -6.63 -26.88 -29.32
C TYR M 163 -6.05 -25.48 -29.41
N ASN M 164 -5.05 -25.32 -30.26
CA ASN M 164 -4.35 -24.06 -30.40
C ASN M 164 -4.70 -23.31 -31.68
N TRP M 165 -5.33 -23.97 -32.66
CA TRP M 165 -5.81 -23.27 -33.84
C TRP M 165 -6.89 -24.09 -34.51
N ILE M 166 -7.95 -23.40 -34.92
CA ILE M 166 -9.10 -24.00 -35.60
C ILE M 166 -9.00 -23.65 -37.08
N GLU M 167 -9.20 -24.64 -37.93
CA GLU M 167 -9.09 -24.47 -39.37
C GLU M 167 -10.31 -25.10 -40.05
N TRP M 168 -10.84 -24.42 -41.06
CA TRP M 168 -11.94 -24.96 -41.85
C TRP M 168 -11.72 -24.62 -43.31
N ASP M 169 -11.87 -25.62 -44.17
CA ASP M 169 -11.66 -25.44 -45.60
C ASP M 169 -12.84 -24.73 -46.25
N GLY N 2 -67.10 -23.21 12.28
CA GLY N 2 -65.86 -22.74 11.72
C GLY N 2 -65.73 -21.23 11.73
N HIS N 3 -65.10 -20.69 10.70
CA HIS N 3 -64.94 -19.25 10.59
C HIS N 3 -66.30 -18.57 10.41
N ASN N 4 -66.43 -17.37 10.97
CA ASN N 4 -67.71 -16.67 10.94
C ASN N 4 -67.89 -15.87 9.65
N ASN N 5 -66.90 -15.05 9.31
CA ASN N 5 -66.96 -14.25 8.08
C ASN N 5 -66.62 -15.16 6.90
N THR N 6 -67.65 -15.80 6.34
CA THR N 6 -67.45 -16.76 5.27
C THR N 6 -68.41 -16.56 4.10
N LYS N 7 -69.11 -15.43 4.03
CA LYS N 7 -70.05 -15.20 2.94
C LYS N 7 -69.33 -15.11 1.61
N GLY N 8 -70.01 -15.55 0.55
CA GLY N 8 -69.42 -15.54 -0.78
C GLY N 8 -70.48 -15.22 -1.82
N ASN N 9 -70.02 -14.64 -2.92
CA ASN N 9 -70.89 -14.27 -4.03
C ASN N 9 -70.26 -14.69 -5.35
N ARG N 10 -71.10 -14.85 -6.36
CA ARG N 10 -70.68 -15.24 -7.70
C ARG N 10 -70.49 -14.07 -8.64
N LYS N 11 -71.22 -12.96 -8.42
CA LYS N 11 -71.14 -11.83 -9.34
C LYS N 11 -69.74 -11.23 -9.37
N PHE N 12 -69.05 -11.21 -8.23
CA PHE N 12 -67.67 -10.72 -8.21
C PHE N 12 -66.75 -11.61 -9.05
N ILE N 13 -66.87 -12.93 -8.89
CA ILE N 13 -66.06 -13.85 -9.66
C ILE N 13 -66.38 -13.75 -11.15
N LYS N 14 -67.67 -13.63 -11.48
CA LYS N 14 -68.07 -13.47 -12.87
C LYS N 14 -67.49 -12.19 -13.46
N GLY N 15 -67.52 -11.10 -12.70
CA GLY N 15 -66.96 -9.85 -13.18
C GLY N 15 -65.45 -9.94 -13.41
N ARG N 16 -64.74 -10.56 -12.47
CA ARG N 16 -63.31 -10.74 -12.64
C ARG N 16 -62.99 -11.61 -13.85
N TYR N 17 -63.76 -12.69 -14.05
CA TYR N 17 -63.54 -13.56 -15.20
C TYR N 17 -63.80 -12.83 -16.50
N THR N 18 -64.88 -12.02 -16.56
CA THR N 18 -65.15 -11.26 -17.77
C THR N 18 -64.07 -10.23 -18.05
N ALA N 19 -63.59 -9.55 -17.00
CA ALA N 19 -62.52 -8.57 -17.19
C ALA N 19 -61.25 -9.24 -17.69
N ASN N 20 -60.92 -10.41 -17.14
CA ASN N 20 -59.73 -11.12 -17.59
C ASN N 20 -59.87 -11.61 -19.03
N ALA N 21 -61.06 -12.10 -19.40
CA ALA N 21 -61.26 -12.64 -20.74
C ALA N 21 -61.36 -11.56 -21.80
N ALA N 22 -61.79 -10.35 -21.43
CA ALA N 22 -61.96 -9.29 -22.41
C ALA N 22 -60.65 -8.75 -22.96
N LYS N 23 -59.51 -9.13 -22.38
CA LYS N 23 -58.22 -8.60 -22.82
C LYS N 23 -57.72 -9.22 -24.12
N GLY N 24 -58.33 -10.30 -24.58
CA GLY N 24 -57.90 -10.96 -25.81
C GLY N 24 -57.05 -12.18 -25.54
N GLU N 25 -56.56 -12.76 -26.63
CA GLU N 25 -55.76 -13.97 -26.54
C GLU N 25 -54.43 -13.70 -25.84
N ARG N 26 -53.89 -14.75 -25.22
CA ARG N 26 -52.57 -14.69 -24.61
C ARG N 26 -51.54 -15.17 -25.61
N LEU N 27 -50.38 -14.51 -25.63
CA LEU N 27 -49.32 -14.83 -26.57
C LEU N 27 -48.67 -16.15 -26.16
N VAL N 28 -48.87 -17.19 -26.98
CA VAL N 28 -48.21 -18.47 -26.73
C VAL N 28 -46.71 -18.32 -26.94
N SER N 29 -45.93 -19.01 -26.11
CA SER N 29 -44.48 -18.89 -26.17
C SER N 29 -43.87 -19.49 -27.43
N SER N 30 -44.64 -20.24 -28.21
CA SER N 30 -44.14 -20.87 -29.43
C SER N 30 -44.39 -20.03 -30.68
N GLU N 31 -45.03 -18.87 -30.55
CA GLU N 31 -45.37 -18.02 -31.69
C GLU N 31 -44.42 -16.83 -31.70
N PHE N 32 -43.40 -16.89 -32.55
CA PHE N 32 -42.43 -15.81 -32.66
C PHE N 32 -41.69 -15.96 -33.98
N LEU N 33 -40.96 -14.90 -34.35
CA LEU N 33 -40.19 -14.89 -35.58
C LEU N 33 -39.01 -13.95 -35.43
N LEU N 34 -37.80 -14.49 -35.53
CA LEU N 34 -36.56 -13.73 -35.45
C LEU N 34 -35.88 -13.78 -36.81
N THR N 35 -35.84 -12.64 -37.50
CA THR N 35 -35.33 -12.60 -38.87
C THR N 35 -34.11 -11.69 -38.96
N PHE N 36 -33.02 -12.23 -39.51
CA PHE N 36 -31.79 -11.46 -39.66
C PHE N 36 -31.93 -10.53 -40.86
N ALA N 37 -30.82 -9.89 -41.24
CA ALA N 37 -30.77 -9.00 -42.39
C ALA N 37 -29.99 -9.66 -43.51
N GLY N 38 -30.67 -9.90 -44.63
CA GLY N 38 -30.05 -10.54 -45.77
C GLY N 38 -29.87 -12.03 -45.66
N HIS N 39 -30.41 -12.65 -44.61
CA HIS N 39 -30.30 -14.08 -44.38
C HIS N 39 -31.65 -14.66 -43.98
N GLU N 40 -32.68 -14.31 -44.75
CA GLU N 40 -34.04 -14.75 -44.43
C GLU N 40 -34.20 -16.26 -44.49
N ASP N 41 -33.32 -16.96 -45.21
CA ASP N 41 -33.40 -18.42 -45.29
C ASP N 41 -32.98 -19.11 -44.01
N ILE N 42 -32.38 -18.39 -43.06
CA ILE N 42 -31.93 -19.00 -41.82
C ILE N 42 -32.94 -18.82 -40.68
N SER N 43 -33.85 -17.85 -40.80
CA SER N 43 -34.80 -17.57 -39.73
C SER N 43 -35.71 -18.75 -39.42
N VAL N 44 -35.92 -19.66 -40.37
CA VAL N 44 -36.75 -20.82 -40.12
C VAL N 44 -36.09 -21.76 -39.12
N LEU N 45 -34.76 -21.90 -39.18
CA LEU N 45 -34.05 -22.85 -38.35
C LEU N 45 -33.96 -22.45 -36.88
N VAL N 46 -34.32 -21.21 -36.53
CA VAL N 46 -34.26 -20.78 -35.14
C VAL N 46 -35.29 -21.55 -34.33
N ARG N 47 -34.95 -21.85 -33.08
CA ARG N 47 -35.78 -22.70 -32.24
C ARG N 47 -36.10 -22.03 -30.90
N THR N 48 -35.20 -21.20 -30.41
CA THR N 48 -35.39 -20.54 -29.13
C THR N 48 -34.65 -19.21 -29.13
N SER N 49 -35.31 -18.17 -28.65
CA SER N 49 -34.73 -16.82 -28.64
C SER N 49 -35.11 -16.14 -27.33
N GLN N 50 -34.83 -14.85 -27.24
CA GLN N 50 -35.09 -14.07 -26.03
C GLN N 50 -35.24 -12.61 -26.38
N ILE N 51 -36.37 -12.03 -26.01
CA ILE N 51 -36.54 -10.57 -26.13
C ILE N 51 -35.59 -9.88 -25.17
N PRO N 52 -34.91 -8.80 -25.58
CA PRO N 52 -33.81 -8.27 -24.78
C PRO N 52 -34.31 -7.53 -23.55
N GLU N 53 -33.35 -7.15 -22.71
CA GLU N 53 -33.65 -6.39 -21.50
C GLU N 53 -34.26 -5.04 -21.85
N MET N 54 -35.19 -4.59 -21.01
CA MET N 54 -35.83 -3.29 -21.16
C MET N 54 -35.70 -2.59 -19.82
N THR N 55 -34.57 -1.95 -19.59
CA THR N 55 -34.27 -1.35 -18.30
C THR N 55 -33.19 -0.30 -18.47
N ARG N 56 -33.02 0.52 -17.42
CA ARG N 56 -31.97 1.51 -17.36
C ARG N 56 -31.28 1.41 -16.02
N GLU N 57 -30.00 1.80 -15.98
CA GLU N 57 -29.25 1.76 -14.74
C GLU N 57 -29.84 2.73 -13.73
N ASP N 58 -29.69 2.39 -12.46
CA ASP N 58 -30.20 3.22 -11.36
C ASP N 58 -29.04 3.80 -10.55
N VAL N 59 -29.31 4.92 -9.90
CA VAL N 59 -28.34 5.57 -9.02
C VAL N 59 -28.91 5.60 -7.61
N GLU N 60 -28.06 5.31 -6.64
CA GLU N 60 -28.45 5.15 -5.25
C GLU N 60 -27.96 6.35 -4.45
N ASP N 61 -28.88 7.07 -3.82
CA ASP N 61 -28.55 8.26 -3.05
C ASP N 61 -28.93 8.05 -1.59
N TYR N 62 -27.97 8.30 -0.71
CA TYR N 62 -28.20 8.22 0.73
C TYR N 62 -28.59 9.61 1.23
N GLY N 63 -29.87 9.79 1.52
CA GLY N 63 -30.34 11.04 2.08
C GLY N 63 -30.07 11.12 3.56
N PRO N 64 -30.41 12.27 4.14
CA PRO N 64 -30.14 12.48 5.57
C PRO N 64 -30.93 11.49 6.43
N ASN N 65 -30.33 11.14 7.57
CA ASN N 65 -30.92 10.22 8.55
C ASN N 65 -31.19 8.85 7.95
N GLY N 66 -30.36 8.41 7.01
CA GLY N 66 -30.39 7.05 6.53
C GLY N 66 -31.37 6.76 5.42
N VAL N 67 -32.17 7.74 4.99
CA VAL N 67 -33.14 7.49 3.94
C VAL N 67 -32.43 7.23 2.62
N LYS N 68 -33.09 6.48 1.75
CA LYS N 68 -32.51 6.06 0.47
C LYS N 68 -33.43 6.50 -0.66
N PHE N 69 -32.82 6.93 -1.77
CA PHE N 69 -33.58 7.21 -2.97
C PHE N 69 -32.92 6.52 -4.16
N ASN N 70 -33.73 5.87 -4.99
CA ASN N 70 -33.26 5.25 -6.22
C ASN N 70 -33.76 6.09 -7.39
N GLN N 71 -32.84 6.56 -8.21
CA GLN N 71 -33.17 7.50 -9.29
C GLN N 71 -32.77 6.91 -10.63
N HIS N 72 -33.59 7.21 -11.64
CA HIS N 72 -33.32 6.76 -13.00
C HIS N 72 -31.97 7.28 -13.48
N GLY N 73 -31.22 6.43 -14.17
CA GLY N 73 -29.95 6.80 -14.72
C GLY N 73 -29.89 6.63 -16.22
N PRO N 74 -28.68 6.59 -16.78
CA PRO N 74 -28.55 6.38 -18.23
C PRO N 74 -29.10 5.03 -18.65
N ILE N 75 -29.64 4.99 -19.86
CA ILE N 75 -30.27 3.77 -20.36
C ILE N 75 -29.22 2.70 -20.62
N ARG N 76 -29.63 1.44 -20.48
CA ARG N 76 -28.78 0.29 -20.82
C ARG N 76 -29.15 -0.14 -22.23
N ASN N 77 -28.35 0.28 -23.20
CA ASN N 77 -28.66 0.05 -24.60
C ASN N 77 -28.28 -1.36 -25.05
N SER N 78 -27.03 -1.74 -24.80
CA SER N 78 -26.56 -3.03 -25.28
C SER N 78 -27.06 -4.16 -24.39
N GLY N 79 -26.62 -5.37 -24.71
CA GLY N 79 -26.96 -6.53 -23.91
C GLY N 79 -26.58 -7.81 -24.63
N GLU N 80 -26.85 -8.92 -23.94
CA GLU N 80 -26.39 -10.24 -24.33
C GLU N 80 -27.54 -11.22 -24.23
N ILE N 81 -27.79 -11.98 -25.30
CA ILE N 81 -28.89 -12.94 -25.33
C ILE N 81 -28.40 -14.26 -25.90
N GLN N 82 -29.14 -15.32 -25.60
CA GLN N 82 -28.83 -16.67 -26.03
C GLN N 82 -29.94 -17.20 -26.93
N VAL N 83 -29.55 -17.78 -28.07
CA VAL N 83 -30.50 -18.30 -29.05
C VAL N 83 -30.14 -19.74 -29.38
N GLN N 84 -31.13 -20.62 -29.36
CA GLN N 84 -30.92 -22.03 -29.66
C GLN N 84 -31.44 -22.34 -31.06
N CYS N 85 -30.59 -22.92 -31.89
CA CYS N 85 -30.94 -23.34 -33.25
C CYS N 85 -30.79 -24.85 -33.36
N VAL N 86 -31.14 -25.39 -34.52
CA VAL N 86 -31.05 -26.82 -34.79
C VAL N 86 -30.23 -27.01 -36.05
N GLU N 87 -29.12 -27.74 -35.94
CA GLU N 87 -28.24 -27.96 -37.08
C GLU N 87 -28.90 -28.87 -38.12
N THR N 88 -28.62 -28.59 -39.39
CA THR N 88 -29.09 -29.41 -40.50
C THR N 88 -27.96 -30.28 -41.04
N ILE N 89 -28.33 -31.20 -41.93
CA ILE N 89 -27.36 -32.12 -42.50
C ILE N 89 -26.39 -31.43 -43.45
N GLU N 90 -26.76 -30.28 -43.99
CA GLU N 90 -25.89 -29.54 -44.90
C GLU N 90 -25.08 -28.46 -44.20
N GLY N 91 -25.24 -28.31 -42.89
CA GLY N 91 -24.49 -27.31 -42.14
C GLY N 91 -24.79 -25.89 -42.55
N ASP N 92 -26.06 -25.55 -42.79
CA ASP N 92 -26.43 -24.19 -43.13
C ASP N 92 -26.10 -23.24 -41.99
N ILE N 93 -26.46 -23.62 -40.75
CA ILE N 93 -26.15 -22.78 -39.61
C ILE N 93 -24.65 -22.72 -39.37
N LEU N 94 -23.95 -23.85 -39.55
CA LEU N 94 -22.51 -23.87 -39.39
C LEU N 94 -21.83 -22.96 -40.42
N GLN N 95 -22.27 -23.03 -41.67
CA GLN N 95 -21.72 -22.15 -42.70
C GLN N 95 -22.02 -20.69 -42.36
N PHE N 96 -23.22 -20.41 -41.86
CA PHE N 96 -23.59 -19.05 -41.49
C PHE N 96 -22.68 -18.50 -40.40
N ILE N 97 -22.43 -19.29 -39.35
CA ILE N 97 -21.61 -18.78 -38.26
C ILE N 97 -20.16 -18.65 -38.72
N LYS N 98 -19.69 -19.57 -39.57
CA LYS N 98 -18.35 -19.43 -40.13
C LYS N 98 -18.20 -18.14 -40.93
N ASP N 99 -19.21 -17.84 -41.76
CA ASP N 99 -19.18 -16.59 -42.53
C ASP N 99 -19.21 -15.38 -41.60
N ARG N 100 -20.01 -15.44 -40.54
CA ARG N 100 -20.09 -14.32 -39.61
C ARG N 100 -18.76 -14.08 -38.90
N ILE N 101 -18.10 -15.15 -38.44
CA ILE N 101 -16.85 -14.96 -37.73
C ILE N 101 -15.73 -14.53 -38.68
N ALA N 102 -15.74 -15.03 -39.92
CA ALA N 102 -14.69 -14.65 -40.86
C ALA N 102 -14.87 -13.23 -41.40
N ALA N 103 -16.12 -12.79 -41.58
CA ALA N 103 -16.38 -11.50 -42.20
C ALA N 103 -16.20 -10.32 -41.25
N LYS N 104 -16.37 -10.53 -39.94
CA LYS N 104 -16.24 -9.47 -38.94
C LYS N 104 -17.19 -8.31 -39.25
N ASP N 105 -18.45 -8.64 -39.55
CA ASP N 105 -19.46 -7.66 -39.91
C ASP N 105 -20.55 -7.58 -38.85
N TYR N 106 -21.39 -6.57 -38.99
CA TYR N 106 -22.50 -6.32 -38.07
C TYR N 106 -23.81 -6.47 -38.81
N VAL N 107 -24.75 -7.22 -38.22
CA VAL N 107 -26.07 -7.42 -38.80
C VAL N 107 -27.12 -6.94 -37.80
N ASP N 108 -28.32 -6.67 -38.31
CA ASP N 108 -29.44 -6.23 -37.51
C ASP N 108 -30.56 -7.25 -37.62
N ILE N 109 -31.21 -7.56 -36.50
CA ILE N 109 -32.26 -8.56 -36.46
C ILE N 109 -33.59 -7.92 -36.08
N THR N 110 -34.67 -8.48 -36.61
CA THR N 110 -36.02 -8.06 -36.28
C THR N 110 -36.70 -9.17 -35.49
N MET N 111 -37.18 -8.83 -34.30
CA MET N 111 -37.91 -9.73 -33.42
C MET N 111 -39.39 -9.39 -33.52
N ALA N 112 -40.21 -10.37 -33.87
CA ALA N 112 -41.63 -10.14 -34.04
C ALA N 112 -42.44 -11.25 -33.38
N ALA N 113 -43.61 -10.89 -32.89
CA ALA N 113 -44.58 -11.86 -32.40
C ALA N 113 -45.64 -12.05 -33.49
N THR N 114 -45.70 -13.24 -34.07
CA THR N 114 -46.57 -13.52 -35.22
C THR N 114 -47.47 -14.70 -34.87
N PRO N 115 -48.52 -14.47 -34.09
CA PRO N 115 -49.44 -15.55 -33.76
C PRO N 115 -50.28 -15.95 -34.97
N GLU N 116 -50.79 -17.18 -34.91
CA GLU N 116 -51.64 -17.69 -35.99
C GLU N 116 -52.95 -16.91 -36.09
N SER N 117 -53.37 -16.28 -34.99
CA SER N 117 -54.66 -15.60 -34.97
C SER N 117 -54.68 -14.43 -35.95
N LYS N 118 -53.63 -13.62 -35.96
CA LYS N 118 -53.59 -12.44 -36.81
C LYS N 118 -52.92 -12.69 -38.16
N SER N 119 -52.39 -13.90 -38.39
CA SER N 119 -51.72 -14.18 -39.64
C SER N 119 -52.69 -14.22 -40.81
N SER N 120 -52.19 -13.88 -41.99
CA SER N 120 -52.99 -13.89 -43.21
C SER N 120 -52.17 -14.53 -44.32
N GLY N 121 -52.79 -15.47 -45.03
CA GLY N 121 -52.06 -16.18 -46.06
C GLY N 121 -51.02 -17.12 -45.48
N VAL N 122 -49.95 -17.32 -46.24
CA VAL N 122 -48.85 -18.17 -45.81
C VAL N 122 -47.71 -17.28 -45.30
N ASN N 123 -48.02 -16.03 -44.99
CA ASN N 123 -47.05 -15.06 -44.52
C ASN N 123 -47.46 -14.51 -43.17
N ALA N 124 -46.48 -14.27 -42.32
CA ALA N 124 -46.73 -13.77 -40.98
C ALA N 124 -47.20 -12.32 -41.01
N VAL N 125 -48.05 -11.96 -40.05
CA VAL N 125 -48.54 -10.61 -39.88
C VAL N 125 -48.07 -10.10 -38.53
N THR N 126 -47.37 -8.96 -38.54
CA THR N 126 -46.77 -8.40 -37.33
C THR N 126 -47.48 -7.11 -36.95
N LYS N 127 -47.13 -6.59 -35.77
CA LYS N 127 -47.67 -5.34 -35.27
C LYS N 127 -46.54 -4.49 -34.71
N ALA N 128 -46.75 -3.17 -34.71
CA ALA N 128 -45.74 -2.27 -34.19
C ALA N 128 -45.55 -2.39 -32.68
N ALA N 129 -46.57 -2.89 -31.97
CA ALA N 129 -46.45 -3.02 -30.52
C ALA N 129 -45.51 -4.14 -30.13
N THR N 130 -45.61 -5.29 -30.79
CA THR N 130 -44.84 -6.49 -30.46
C THR N 130 -43.67 -6.69 -31.42
N THR N 131 -43.06 -5.61 -31.91
CA THR N 131 -41.93 -5.69 -32.82
C THR N 131 -40.76 -4.92 -32.23
N ILE N 132 -39.60 -5.58 -32.18
CA ILE N 132 -38.36 -4.98 -31.68
C ILE N 132 -37.30 -5.15 -32.75
N GLU N 133 -36.28 -4.29 -32.72
CA GLU N 133 -35.18 -4.39 -33.66
C GLU N 133 -33.87 -4.22 -32.92
N MET N 134 -32.91 -5.07 -33.24
CA MET N 134 -31.57 -5.03 -32.64
C MET N 134 -30.59 -4.60 -33.71
N LEU N 135 -29.86 -3.52 -33.43
CA LEU N 135 -28.91 -2.95 -34.38
C LEU N 135 -27.47 -3.24 -33.96
N ASP N 136 -26.59 -3.31 -34.95
CA ASP N 136 -25.15 -3.49 -34.73
C ASP N 136 -24.87 -4.73 -33.89
N CYS N 137 -25.58 -5.81 -34.18
CA CYS N 137 -25.45 -7.04 -33.41
C CYS N 137 -24.23 -7.84 -33.85
N LYS N 138 -23.78 -8.72 -32.96
CA LYS N 138 -22.71 -9.66 -33.25
C LYS N 138 -23.15 -11.06 -32.82
N ILE N 139 -22.85 -12.05 -33.65
CA ILE N 139 -23.24 -13.43 -33.42
C ILE N 139 -21.98 -14.26 -33.19
N TYR N 140 -21.93 -14.96 -32.06
CA TYR N 140 -20.85 -15.89 -31.76
C TYR N 140 -21.44 -17.28 -31.52
N SER N 141 -20.64 -18.30 -31.75
CA SER N 141 -21.09 -19.67 -31.56
C SER N 141 -20.78 -20.13 -30.14
N ASP N 142 -21.00 -21.42 -29.88
CA ASP N 142 -20.74 -21.99 -28.57
C ASP N 142 -20.50 -23.48 -28.75
N ALA N 143 -19.90 -24.09 -27.71
CA ALA N 143 -19.63 -25.52 -27.75
C ALA N 143 -20.93 -26.31 -27.83
N ILE N 144 -20.92 -27.35 -28.66
CA ILE N 144 -22.09 -28.19 -28.88
C ILE N 144 -21.75 -29.61 -28.46
N ASP N 145 -22.62 -30.20 -27.63
CA ASP N 145 -22.37 -31.54 -27.14
C ASP N 145 -22.63 -32.57 -28.24
N PHE N 146 -21.68 -33.47 -28.43
CA PHE N 146 -21.77 -34.56 -29.41
C PHE N 146 -21.59 -35.87 -28.63
N SER N 147 -22.69 -36.39 -28.10
CA SER N 147 -22.67 -37.58 -27.27
C SER N 147 -23.37 -38.72 -28.00
N THR N 148 -22.82 -39.93 -27.85
CA THR N 148 -23.40 -41.10 -28.50
C THR N 148 -24.68 -41.55 -27.80
N GLU N 149 -24.77 -41.36 -26.48
CA GLU N 149 -25.95 -41.80 -25.74
C GLU N 149 -27.20 -41.04 -26.18
N ASP N 150 -27.05 -39.78 -26.57
CA ASP N 150 -28.18 -38.97 -27.02
C ASP N 150 -28.55 -39.37 -28.45
N VAL N 151 -29.02 -40.61 -28.57
CA VAL N 151 -29.40 -41.13 -29.89
C VAL N 151 -30.68 -40.47 -30.38
N THR N 152 -31.59 -40.12 -29.48
CA THR N 152 -32.87 -39.51 -29.83
C THR N 152 -32.87 -38.00 -29.60
N ALA N 153 -31.75 -37.34 -29.85
CA ALA N 153 -31.65 -35.90 -29.69
C ALA N 153 -30.92 -35.29 -30.87
N ALA N 154 -31.41 -34.17 -31.37
CA ALA N 154 -30.78 -33.45 -32.46
C ALA N 154 -29.77 -32.46 -31.92
N VAL N 155 -28.78 -32.13 -32.76
CA VAL N 155 -27.76 -31.17 -32.38
C VAL N 155 -28.40 -29.79 -32.24
N ARG N 156 -28.08 -29.09 -31.16
CA ARG N 156 -28.67 -27.79 -30.83
C ARG N 156 -27.56 -26.77 -30.65
N PRO N 157 -27.11 -26.13 -31.73
CA PRO N 157 -26.11 -25.06 -31.58
C PRO N 157 -26.65 -23.91 -30.74
N SER N 158 -25.77 -23.34 -29.94
CA SER N 158 -26.09 -22.18 -29.11
C SER N 158 -25.38 -20.96 -29.67
N LEU N 159 -26.15 -19.89 -29.91
CA LEU N 159 -25.64 -18.66 -30.48
C LEU N 159 -25.76 -17.55 -29.46
N ARG N 160 -24.62 -16.92 -29.16
CA ARG N 160 -24.58 -15.77 -28.28
C ARG N 160 -24.70 -14.51 -29.14
N ILE N 161 -25.79 -13.78 -28.96
CA ILE N 161 -26.08 -12.58 -29.76
C ILE N 161 -25.92 -11.37 -28.87
N VAL N 162 -25.01 -10.48 -29.25
CA VAL N 162 -24.78 -9.23 -28.52
C VAL N 162 -25.43 -8.11 -29.32
N TYR N 163 -26.32 -7.36 -28.66
CA TYR N 163 -27.01 -6.25 -29.30
C TYR N 163 -26.51 -4.93 -28.73
N ASN N 164 -26.30 -3.96 -29.61
CA ASN N 164 -25.76 -2.67 -29.21
C ASN N 164 -26.79 -1.56 -29.15
N TRP N 165 -27.97 -1.76 -29.75
CA TRP N 165 -29.04 -0.77 -29.62
C TRP N 165 -30.38 -1.42 -29.92
N ILE N 166 -31.35 -1.12 -29.07
CA ILE N 166 -32.72 -1.60 -29.19
C ILE N 166 -33.55 -0.48 -29.79
N GLU N 167 -34.37 -0.80 -30.78
CA GLU N 167 -35.21 0.17 -31.47
C GLU N 167 -36.63 -0.37 -31.58
N TRP N 168 -37.62 0.49 -31.38
CA TRP N 168 -39.01 0.09 -31.56
C TRP N 168 -39.78 1.21 -32.23
N ASP N 169 -40.59 0.88 -33.22
CA ASP N 169 -41.37 1.86 -33.95
C ASP N 169 -42.60 2.30 -33.15
N GLY O 2 -44.54 -49.61 27.47
CA GLY O 2 -43.89 -48.47 26.83
C GLY O 2 -43.63 -47.32 27.78
N HIS O 3 -43.82 -46.10 27.28
CA HIS O 3 -43.63 -44.92 28.11
C HIS O 3 -44.68 -44.86 29.21
N ASN O 4 -44.28 -44.30 30.36
CA ASN O 4 -45.16 -44.28 31.51
C ASN O 4 -46.07 -43.05 31.50
N ASN O 5 -45.51 -41.87 31.27
CA ASN O 5 -46.28 -40.63 31.23
C ASN O 5 -46.95 -40.50 29.86
N THR O 6 -48.11 -41.14 29.72
CA THR O 6 -48.80 -41.19 28.43
C THR O 6 -50.24 -40.72 28.50
N LYS O 7 -50.68 -40.10 29.59
CA LYS O 7 -52.06 -39.65 29.69
C LYS O 7 -52.34 -38.54 28.68
N GLY O 8 -53.58 -38.53 28.19
CA GLY O 8 -53.99 -37.55 27.21
C GLY O 8 -55.43 -37.13 27.42
N ASN O 9 -55.76 -35.93 26.96
CA ASN O 9 -57.10 -35.38 27.10
C ASN O 9 -57.53 -34.72 25.80
N ARG O 10 -58.84 -34.57 25.65
CA ARG O 10 -59.43 -33.96 24.46
C ARG O 10 -59.81 -32.50 24.67
N LYS O 11 -60.07 -32.09 25.91
CA LYS O 11 -60.49 -30.72 26.16
C LYS O 11 -59.41 -29.72 25.78
N PHE O 12 -58.13 -30.07 25.97
CA PHE O 12 -57.04 -29.20 25.55
C PHE O 12 -57.02 -29.04 24.04
N ILE O 13 -57.17 -30.15 23.31
CA ILE O 13 -57.18 -30.09 21.86
C ILE O 13 -58.40 -29.31 21.37
N LYS O 14 -59.55 -29.52 22.01
CA LYS O 14 -60.74 -28.75 21.66
C LYS O 14 -60.52 -27.26 21.86
N GLY O 15 -59.91 -26.89 22.98
CA GLY O 15 -59.64 -25.48 23.24
C GLY O 15 -58.69 -24.87 22.22
N ARG O 16 -57.62 -25.59 21.89
CA ARG O 16 -56.68 -25.09 20.88
C ARG O 16 -57.35 -24.95 19.52
N TYR O 17 -58.17 -25.94 19.14
CA TYR O 17 -58.86 -25.86 17.86
C TYR O 17 -59.83 -24.70 17.82
N THR O 18 -60.58 -24.48 18.90
CA THR O 18 -61.50 -23.35 18.94
C THR O 18 -60.76 -22.03 18.88
N ALA O 19 -59.64 -21.91 19.61
CA ALA O 19 -58.86 -20.67 19.56
C ALA O 19 -58.31 -20.42 18.17
N ASN O 20 -57.84 -21.47 17.49
CA ASN O 20 -57.32 -21.29 16.14
C ASN O 20 -58.43 -20.91 15.17
N ALA O 21 -59.61 -21.52 15.29
CA ALA O 21 -60.69 -21.26 14.36
C ALA O 21 -61.35 -19.91 14.60
N ALA O 22 -61.30 -19.38 15.82
CA ALA O 22 -61.96 -18.12 16.12
C ALA O 22 -61.28 -16.91 15.48
N LYS O 23 -60.08 -17.08 14.91
CA LYS O 23 -59.35 -15.96 14.34
C LYS O 23 -59.89 -15.50 12.99
N GLY O 24 -60.77 -16.27 12.37
CA GLY O 24 -61.33 -15.90 11.09
C GLY O 24 -60.69 -16.63 9.92
N GLU O 25 -61.13 -16.28 8.73
CA GLU O 25 -60.64 -16.91 7.52
C GLU O 25 -59.16 -16.58 7.30
N ARG O 26 -58.46 -17.50 6.65
CA ARG O 26 -57.06 -17.29 6.27
C ARG O 26 -57.00 -16.69 4.88
N LEU O 27 -56.08 -15.74 4.69
CA LEU O 27 -55.93 -15.06 3.41
C LEU O 27 -55.29 -16.01 2.40
N VAL O 28 -56.06 -16.42 1.40
CA VAL O 28 -55.53 -17.27 0.35
C VAL O 28 -54.53 -16.47 -0.48
N SER O 29 -53.47 -17.15 -0.94
CA SER O 29 -52.42 -16.48 -1.69
C SER O 29 -52.85 -16.00 -3.06
N SER O 30 -54.01 -16.43 -3.55
CA SER O 30 -54.49 -16.04 -4.87
C SER O 30 -55.42 -14.83 -4.82
N GLU O 31 -55.70 -14.29 -3.64
CA GLU O 31 -56.61 -13.16 -3.48
C GLU O 31 -55.78 -11.91 -3.20
N PHE O 32 -55.58 -11.09 -4.23
CA PHE O 32 -54.82 -9.86 -4.10
C PHE O 32 -55.15 -8.95 -5.27
N LEU O 33 -54.72 -7.70 -5.16
CA LEU O 33 -54.96 -6.72 -6.22
C LEU O 33 -53.87 -5.65 -6.14
N LEU O 34 -53.06 -5.56 -7.18
CA LEU O 34 -52.01 -4.56 -7.27
C LEU O 34 -52.32 -3.63 -8.44
N THR O 35 -52.62 -2.37 -8.14
CA THR O 35 -53.03 -1.43 -9.18
C THR O 35 -52.17 -0.17 -9.15
N PHE O 36 -51.76 0.27 -10.33
CA PHE O 36 -50.87 1.40 -10.50
C PHE O 36 -51.66 2.70 -10.39
N ALA O 37 -51.05 3.80 -10.82
CA ALA O 37 -51.71 5.10 -10.86
C ALA O 37 -51.94 5.48 -12.32
N GLY O 38 -53.21 5.63 -12.70
CA GLY O 38 -53.57 6.02 -14.05
C GLY O 38 -53.52 4.91 -15.08
N HIS O 39 -53.30 3.67 -14.66
CA HIS O 39 -53.24 2.53 -15.57
C HIS O 39 -54.05 1.36 -15.01
N GLU O 40 -55.29 1.66 -14.61
CA GLU O 40 -56.15 0.65 -14.00
C GLU O 40 -56.46 -0.51 -14.95
N ASP O 41 -56.36 -0.28 -16.26
CA ASP O 41 -56.64 -1.34 -17.23
C ASP O 41 -55.54 -2.40 -17.27
N ILE O 42 -54.40 -2.15 -16.65
CA ILE O 42 -53.30 -3.12 -16.65
C ILE O 42 -53.30 -4.00 -15.40
N SER O 43 -53.96 -3.56 -14.32
CA SER O 43 -53.93 -4.30 -13.07
C SER O 43 -54.54 -5.69 -13.20
N VAL O 44 -55.41 -5.92 -14.18
CA VAL O 44 -55.99 -7.24 -14.36
C VAL O 44 -54.94 -8.24 -14.84
N LEU O 45 -54.01 -7.80 -15.67
CA LEU O 45 -53.03 -8.69 -16.28
C LEU O 45 -51.95 -9.17 -15.31
N VAL O 46 -51.86 -8.57 -14.11
CA VAL O 46 -50.86 -9.01 -13.15
C VAL O 46 -51.18 -10.43 -12.68
N ARG O 47 -50.13 -11.21 -12.41
CA ARG O 47 -50.29 -12.62 -12.09
C ARG O 47 -49.59 -12.99 -10.80
N THR O 48 -48.50 -12.29 -10.48
CA THR O 48 -47.72 -12.60 -9.28
C THR O 48 -47.05 -11.33 -8.80
N SER O 49 -47.12 -11.07 -7.50
CA SER O 49 -46.55 -9.86 -6.92
C SER O 49 -45.91 -10.22 -5.58
N GLN O 50 -45.51 -9.20 -4.83
CA GLN O 50 -44.81 -9.39 -3.56
C GLN O 50 -45.00 -8.16 -2.70
N ILE O 51 -45.54 -8.34 -1.50
CA ILE O 51 -45.59 -7.24 -0.53
C ILE O 51 -44.17 -6.90 -0.10
N PRO O 52 -43.79 -5.63 -0.04
CA PRO O 52 -42.37 -5.28 0.15
C PRO O 52 -41.91 -5.54 1.58
N GLU O 53 -40.60 -5.33 1.78
CA GLU O 53 -39.98 -5.54 3.08
C GLU O 53 -40.54 -4.56 4.11
N MET O 54 -40.68 -5.04 5.34
CA MET O 54 -41.08 -4.21 6.48
C MET O 54 -40.05 -4.44 7.57
N THR O 55 -38.95 -3.69 7.50
CA THR O 55 -37.84 -3.89 8.42
C THR O 55 -36.99 -2.62 8.43
N ARG O 56 -36.09 -2.56 9.40
CA ARG O 56 -35.14 -1.46 9.52
C ARG O 56 -33.74 -2.02 9.76
N GLU O 57 -32.74 -1.25 9.36
CA GLU O 57 -31.35 -1.68 9.54
C GLU O 57 -31.03 -1.77 11.03
N ASP O 58 -30.08 -2.64 11.35
CA ASP O 58 -29.64 -2.84 12.72
C ASP O 58 -28.19 -2.39 12.90
N VAL O 59 -27.84 -2.05 14.13
CA VAL O 59 -26.46 -1.69 14.49
C VAL O 59 -25.98 -2.66 15.55
N GLU O 60 -24.71 -3.06 15.42
CA GLU O 60 -24.12 -4.09 16.26
C GLU O 60 -23.09 -3.45 17.18
N ASP O 61 -23.34 -3.51 18.49
CA ASP O 61 -22.46 -2.90 19.48
C ASP O 61 -21.84 -3.99 20.33
N TYR O 62 -20.51 -4.03 20.40
CA TYR O 62 -19.79 -5.04 21.17
C TYR O 62 -19.52 -4.49 22.56
N GLY O 63 -20.27 -5.00 23.54
CA GLY O 63 -20.10 -4.56 24.90
C GLY O 63 -18.92 -5.24 25.58
N PRO O 64 -18.66 -4.82 26.82
CA PRO O 64 -17.50 -5.36 27.53
C PRO O 64 -17.62 -6.85 27.79
N ASN O 65 -16.46 -7.52 27.83
CA ASN O 65 -16.36 -8.95 28.14
C ASN O 65 -17.09 -9.81 27.10
N GLY O 66 -17.18 -9.34 25.87
CA GLY O 66 -17.69 -10.13 24.77
C GLY O 66 -19.18 -10.06 24.56
N VAL O 67 -19.93 -9.42 25.44
CA VAL O 67 -21.37 -9.29 25.24
C VAL O 67 -21.64 -8.38 24.04
N LYS O 68 -22.73 -8.64 23.35
CA LYS O 68 -23.07 -7.91 22.14
C LYS O 68 -24.54 -7.53 22.15
N PHE O 69 -24.86 -6.43 21.47
CA PHE O 69 -26.20 -5.88 21.44
C PHE O 69 -26.57 -5.51 20.02
N ASN O 70 -27.81 -5.79 19.65
CA ASN O 70 -28.36 -5.38 18.36
C ASN O 70 -29.39 -4.30 18.61
N GLN O 71 -29.20 -3.13 18.01
CA GLN O 71 -30.05 -1.97 18.27
C GLN O 71 -30.70 -1.51 16.97
N HIS O 72 -31.94 -1.04 17.10
CA HIS O 72 -32.68 -0.51 15.96
C HIS O 72 -31.93 0.65 15.32
N GLY O 73 -31.92 0.68 13.99
CA GLY O 73 -31.28 1.74 13.26
C GLY O 73 -32.26 2.46 12.34
N PRO O 74 -31.74 3.22 11.38
CA PRO O 74 -32.61 3.92 10.44
C PRO O 74 -33.44 2.94 9.62
N ILE O 75 -34.66 3.36 9.29
CA ILE O 75 -35.59 2.51 8.58
C ILE O 75 -35.11 2.27 7.15
N ARG O 76 -35.45 1.11 6.61
CA ARG O 76 -35.16 0.77 5.21
C ARG O 76 -36.41 1.11 4.40
N ASN O 77 -36.31 2.15 3.59
CA ASN O 77 -37.45 2.63 2.81
C ASN O 77 -37.47 2.03 1.40
N SER O 78 -36.37 2.18 0.67
CA SER O 78 -36.34 1.70 -0.70
C SER O 78 -36.22 0.19 -0.74
N GLY O 79 -36.36 -0.37 -1.94
CA GLY O 79 -36.24 -1.80 -2.12
C GLY O 79 -36.72 -2.20 -3.49
N GLU O 80 -36.61 -3.51 -3.74
CA GLU O 80 -36.88 -4.09 -5.04
C GLU O 80 -37.79 -5.30 -4.89
N ILE O 81 -38.78 -5.44 -5.77
CA ILE O 81 -39.67 -6.59 -5.80
C ILE O 81 -39.80 -7.08 -7.24
N GLN O 82 -40.23 -8.33 -7.36
CA GLN O 82 -40.40 -8.98 -8.65
C GLN O 82 -41.88 -9.28 -8.87
N VAL O 83 -42.39 -8.93 -10.05
CA VAL O 83 -43.79 -9.10 -10.40
C VAL O 83 -43.88 -9.85 -11.73
N GLN O 84 -44.70 -10.89 -11.78
CA GLN O 84 -44.88 -11.67 -12.99
C GLN O 84 -46.23 -11.33 -13.62
N CYS O 85 -46.20 -10.97 -14.89
CA CYS O 85 -47.39 -10.66 -15.67
C CYS O 85 -47.53 -11.68 -16.80
N VAL O 86 -48.60 -11.55 -17.58
CA VAL O 86 -48.86 -12.44 -18.71
C VAL O 86 -49.11 -11.58 -19.94
N GLU O 87 -48.30 -11.78 -20.99
CA GLU O 87 -48.42 -10.98 -22.19
C GLU O 87 -49.69 -11.32 -22.95
N THR O 88 -50.26 -10.30 -23.59
CA THR O 88 -51.44 -10.47 -24.44
C THR O 88 -51.05 -10.36 -25.92
N ILE O 89 -52.01 -10.69 -26.78
CA ILE O 89 -51.75 -10.69 -28.21
C ILE O 89 -51.57 -9.28 -28.77
N GLU O 90 -52.10 -8.26 -28.10
CA GLU O 90 -51.95 -6.89 -28.54
C GLU O 90 -50.77 -6.17 -27.89
N GLY O 91 -50.02 -6.86 -27.03
CA GLY O 91 -48.87 -6.26 -26.38
C GLY O 91 -49.20 -5.09 -25.48
N ASP O 92 -50.27 -5.19 -24.69
CA ASP O 92 -50.61 -4.12 -23.76
C ASP O 92 -49.52 -3.92 -22.72
N ILE O 93 -49.02 -5.02 -22.15
CA ILE O 93 -47.93 -4.92 -21.17
C ILE O 93 -46.66 -4.44 -21.85
N LEU O 94 -46.40 -4.93 -23.06
CA LEU O 94 -45.22 -4.47 -23.80
C LEU O 94 -45.29 -2.99 -24.09
N GLN O 95 -46.45 -2.51 -24.53
CA GLN O 95 -46.61 -1.07 -24.77
C GLN O 95 -46.46 -0.29 -23.47
N PHE O 96 -46.97 -0.83 -22.37
CA PHE O 96 -46.86 -0.14 -21.08
C PHE O 96 -45.40 0.00 -20.66
N ILE O 97 -44.61 -1.06 -20.81
CA ILE O 97 -43.21 -0.95 -20.39
C ILE O 97 -42.44 -0.05 -21.36
N LYS O 98 -42.80 -0.07 -22.65
CA LYS O 98 -42.21 0.87 -23.60
C LYS O 98 -42.46 2.30 -23.15
N ASP O 99 -43.71 2.62 -22.80
CA ASP O 99 -44.05 3.96 -22.37
C ASP O 99 -43.32 4.34 -21.08
N ARG O 100 -43.23 3.40 -20.14
CA ARG O 100 -42.54 3.68 -18.88
C ARG O 100 -41.06 3.95 -19.10
N ILE O 101 -40.40 3.16 -19.94
CA ILE O 101 -38.97 3.37 -20.17
C ILE O 101 -38.72 4.62 -20.98
N ALA O 102 -39.63 4.99 -21.89
CA ALA O 102 -39.43 6.19 -22.68
C ALA O 102 -39.73 7.47 -21.90
N ALA O 103 -40.72 7.44 -21.01
CA ALA O 103 -41.16 8.64 -20.32
C ALA O 103 -40.27 9.04 -19.15
N LYS O 104 -39.55 8.09 -18.55
CA LYS O 104 -38.68 8.38 -17.40
C LYS O 104 -39.46 9.04 -16.27
N ASP O 105 -40.63 8.49 -15.96
CA ASP O 105 -41.51 9.04 -14.94
C ASP O 105 -41.62 8.09 -13.76
N TYR O 106 -42.22 8.60 -12.68
CA TYR O 106 -42.42 7.85 -11.46
C TYR O 106 -43.92 7.66 -11.23
N VAL O 107 -44.33 6.43 -10.95
CA VAL O 107 -45.71 6.11 -10.67
C VAL O 107 -45.80 5.56 -9.24
N ASP O 108 -47.01 5.62 -8.68
CA ASP O 108 -47.28 5.11 -7.35
C ASP O 108 -48.23 3.93 -7.46
N ILE O 109 -47.89 2.83 -6.79
CA ILE O 109 -48.69 1.60 -6.85
C ILE O 109 -49.34 1.37 -5.51
N THR O 110 -50.53 0.79 -5.53
CA THR O 110 -51.23 0.41 -4.31
C THR O 110 -51.54 -1.08 -4.33
N MET O 111 -51.22 -1.74 -3.22
CA MET O 111 -51.38 -3.18 -3.04
C MET O 111 -52.48 -3.40 -2.01
N ALA O 112 -53.47 -4.21 -2.36
CA ALA O 112 -54.57 -4.49 -1.45
C ALA O 112 -54.85 -5.98 -1.44
N ALA O 113 -55.33 -6.48 -0.30
CA ALA O 113 -55.83 -7.84 -0.19
C ALA O 113 -57.35 -7.78 -0.29
N THR O 114 -57.90 -8.36 -1.36
CA THR O 114 -59.33 -8.26 -1.66
C THR O 114 -59.90 -9.67 -1.80
N PRO O 115 -60.14 -10.34 -0.67
CA PRO O 115 -60.75 -11.68 -0.73
C PRO O 115 -62.20 -11.62 -1.15
N GLU O 116 -62.68 -12.75 -1.68
CA GLU O 116 -64.07 -12.84 -2.10
C GLU O 116 -65.02 -12.70 -0.91
N SER O 117 -64.56 -13.04 0.30
CA SER O 117 -65.42 -13.01 1.47
C SER O 117 -65.91 -11.59 1.76
N LYS O 118 -65.00 -10.61 1.71
CA LYS O 118 -65.35 -9.23 1.99
C LYS O 118 -65.77 -8.44 0.76
N SER O 119 -65.65 -9.03 -0.43
CA SER O 119 -66.01 -8.31 -1.64
C SER O 119 -67.52 -8.18 -1.77
N SER O 120 -67.95 -7.00 -2.24
CA SER O 120 -69.36 -6.73 -2.47
C SER O 120 -69.54 -6.21 -3.88
N GLY O 121 -70.58 -6.71 -4.57
CA GLY O 121 -70.80 -6.29 -5.93
C GLY O 121 -69.76 -6.89 -6.88
N VAL O 122 -69.57 -6.20 -7.99
CA VAL O 122 -68.59 -6.62 -9.00
C VAL O 122 -67.27 -5.89 -8.78
N ASN O 123 -67.15 -5.23 -7.63
CA ASN O 123 -65.97 -4.45 -7.30
C ASN O 123 -65.31 -5.01 -6.04
N ALA O 124 -63.99 -4.91 -5.98
CA ALA O 124 -63.26 -5.38 -4.82
C ALA O 124 -63.44 -4.43 -3.65
N VAL O 125 -63.52 -5.00 -2.44
CA VAL O 125 -63.64 -4.24 -1.20
C VAL O 125 -62.40 -4.54 -0.37
N THR O 126 -61.67 -3.48 0.00
CA THR O 126 -60.41 -3.61 0.72
C THR O 126 -60.57 -3.12 2.15
N LYS O 127 -59.47 -3.19 2.89
CA LYS O 127 -59.42 -2.72 4.27
C LYS O 127 -58.14 -1.93 4.49
N ALA O 128 -58.17 -1.01 5.44
CA ALA O 128 -57.00 -0.21 5.75
C ALA O 128 -55.89 -1.03 6.38
N ALA O 129 -56.22 -2.17 6.99
CA ALA O 129 -55.19 -2.99 7.63
C ALA O 129 -54.31 -3.69 6.61
N THR O 130 -54.91 -4.25 5.57
CA THR O 130 -54.18 -5.03 4.56
C THR O 130 -53.96 -4.25 3.28
N THR O 131 -53.71 -2.95 3.38
CA THR O 131 -53.47 -2.10 2.22
C THR O 131 -52.13 -1.38 2.40
N ILE O 132 -51.27 -1.48 1.38
CA ILE O 132 -49.97 -0.83 1.38
C ILE O 132 -49.87 0.02 0.13
N GLU O 133 -49.04 1.06 0.17
CA GLU O 133 -48.83 1.90 -0.99
C GLU O 133 -47.34 2.19 -1.15
N MET O 134 -46.85 2.04 -2.37
CA MET O 134 -45.45 2.30 -2.69
C MET O 134 -45.37 3.53 -3.57
N LEU O 135 -44.57 4.51 -3.13
CA LEU O 135 -44.42 5.78 -3.80
C LEU O 135 -43.14 5.81 -4.62
N ASP O 136 -43.17 6.64 -5.67
CA ASP O 136 -42.00 6.87 -6.53
C ASP O 136 -41.44 5.57 -7.08
N CYS O 137 -42.33 4.64 -7.44
CA CYS O 137 -41.91 3.35 -7.96
C CYS O 137 -41.41 3.49 -9.38
N LYS O 138 -40.48 2.60 -9.75
CA LYS O 138 -39.95 2.52 -11.10
C LYS O 138 -40.09 1.09 -11.60
N ILE O 139 -40.51 0.95 -12.85
CA ILE O 139 -40.78 -0.36 -13.45
C ILE O 139 -39.74 -0.61 -14.52
N TYR O 140 -39.01 -1.72 -14.40
CA TYR O 140 -38.10 -2.19 -15.43
C TYR O 140 -38.53 -3.59 -15.86
N SER O 141 -38.25 -3.92 -17.11
CA SER O 141 -38.62 -5.23 -17.63
C SER O 141 -37.46 -6.21 -17.43
N ASP O 142 -37.59 -7.39 -18.03
CA ASP O 142 -36.58 -8.43 -17.92
C ASP O 142 -36.66 -9.33 -19.13
N ALA O 143 -35.60 -10.11 -19.35
CA ALA O 143 -35.58 -11.04 -20.47
C ALA O 143 -36.67 -12.09 -20.32
N ILE O 144 -37.34 -12.40 -21.43
CA ILE O 144 -38.43 -13.35 -21.45
C ILE O 144 -38.05 -14.50 -22.37
N ASP O 145 -38.21 -15.73 -21.88
CA ASP O 145 -37.85 -16.90 -22.66
C ASP O 145 -38.87 -17.14 -23.76
N PHE O 146 -38.38 -17.33 -24.99
CA PHE O 146 -39.22 -17.64 -26.15
C PHE O 146 -38.71 -18.95 -26.72
N SER O 147 -39.24 -20.05 -26.20
CA SER O 147 -38.80 -21.39 -26.59
C SER O 147 -39.92 -22.10 -27.34
N THR O 148 -39.54 -22.87 -28.36
CA THR O 148 -40.54 -23.60 -29.14
C THR O 148 -41.06 -24.81 -28.38
N GLU O 149 -40.24 -25.42 -27.53
CA GLU O 149 -40.68 -26.61 -26.80
C GLU O 149 -41.83 -26.29 -25.85
N ASP O 150 -41.84 -25.08 -25.28
CA ASP O 150 -42.91 -24.67 -24.36
C ASP O 150 -44.16 -24.33 -25.17
N VAL O 151 -44.72 -25.36 -25.80
CA VAL O 151 -45.92 -25.17 -26.61
C VAL O 151 -47.14 -24.90 -25.72
N THR O 152 -47.18 -25.47 -24.52
CA THR O 152 -48.30 -25.31 -23.60
C THR O 152 -47.99 -24.31 -22.49
N ALA O 153 -47.24 -23.25 -22.80
CA ALA O 153 -46.90 -22.23 -21.82
C ALA O 153 -47.08 -20.85 -22.43
N ALA O 154 -47.64 -19.94 -21.64
CA ALA O 154 -47.82 -18.56 -22.07
C ALA O 154 -46.62 -17.72 -21.68
N VAL O 155 -46.40 -16.63 -22.42
CA VAL O 155 -45.29 -15.74 -22.14
C VAL O 155 -45.54 -15.05 -20.80
N ARG O 156 -44.51 -15.01 -19.96
CA ARG O 156 -44.60 -14.46 -18.60
C ARG O 156 -43.54 -13.38 -18.43
N PRO O 157 -43.85 -12.13 -18.79
CA PRO O 157 -42.89 -11.04 -18.54
C PRO O 157 -42.60 -10.89 -17.06
N SER O 158 -41.35 -10.58 -16.75
CA SER O 158 -40.90 -10.33 -15.38
C SER O 158 -40.58 -8.85 -15.24
N LEU O 159 -41.13 -8.23 -14.20
CA LEU O 159 -40.98 -6.80 -13.96
C LEU O 159 -40.30 -6.58 -12.63
N ARG O 160 -39.21 -5.81 -12.65
CA ARG O 160 -38.54 -5.38 -11.44
C ARG O 160 -39.13 -4.03 -11.04
N ILE O 161 -39.79 -4.00 -9.89
CA ILE O 161 -40.43 -2.79 -9.39
C ILE O 161 -39.62 -2.29 -8.21
N VAL O 162 -39.13 -1.06 -8.31
CA VAL O 162 -38.32 -0.44 -7.27
C VAL O 162 -39.21 0.55 -6.54
N TYR O 163 -39.32 0.39 -5.23
CA TYR O 163 -40.12 1.28 -4.38
C TYR O 163 -39.20 2.12 -3.52
N ASN O 164 -39.50 3.43 -3.44
CA ASN O 164 -38.68 4.36 -2.70
C ASN O 164 -39.29 4.77 -1.36
N TRP O 165 -40.57 4.47 -1.13
CA TRP O 165 -41.17 4.74 0.17
C TRP O 165 -42.43 3.90 0.33
N ILE O 166 -42.59 3.33 1.51
CA ILE O 166 -43.75 2.51 1.86
C ILE O 166 -44.65 3.33 2.77
N GLU O 167 -45.95 3.31 2.49
CA GLU O 167 -46.93 4.10 3.24
C GLU O 167 -48.12 3.20 3.56
N TRP O 168 -48.67 3.36 4.76
CA TRP O 168 -49.86 2.63 5.16
C TRP O 168 -50.75 3.54 6.01
N ASP O 169 -52.05 3.54 5.70
CA ASP O 169 -53.00 4.38 6.41
C ASP O 169 -53.36 3.78 7.77
N GLY P 2 -20.47 -68.96 5.49
CA GLY P 2 -20.28 -67.53 5.58
C GLY P 2 -19.32 -67.13 6.68
N HIS P 3 -19.62 -66.01 7.34
CA HIS P 3 -18.78 -65.53 8.44
C HIS P 3 -18.85 -66.50 9.62
N ASN P 4 -17.73 -66.61 10.32
CA ASN P 4 -17.65 -67.55 11.44
C ASN P 4 -18.24 -66.95 12.72
N ASN P 5 -17.85 -65.72 13.04
CA ASN P 5 -18.35 -65.03 14.23
C ASN P 5 -19.73 -64.46 13.90
N THR P 6 -20.77 -65.25 14.16
CA THR P 6 -22.13 -64.84 13.81
C THR P 6 -23.13 -65.05 14.94
N LYS P 7 -22.67 -65.34 16.16
CA LYS P 7 -23.60 -65.59 17.25
C LYS P 7 -24.37 -64.33 17.60
N GLY P 8 -25.60 -64.53 18.08
CA GLY P 8 -26.46 -63.42 18.44
C GLY P 8 -27.37 -63.80 19.59
N ASN P 9 -27.77 -62.78 20.36
CA ASN P 9 -28.64 -62.98 21.51
C ASN P 9 -29.73 -61.91 21.51
N ARG P 10 -30.84 -62.24 22.16
CA ARG P 10 -31.98 -61.33 22.28
C ARG P 10 -31.96 -60.51 23.55
N LYS P 11 -31.31 -60.99 24.61
CA LYS P 11 -31.33 -60.29 25.88
C LYS P 11 -30.64 -58.92 25.78
N PHE P 12 -29.60 -58.82 24.97
CA PHE P 12 -28.95 -57.52 24.76
C PHE P 12 -29.90 -56.55 24.07
N ILE P 13 -30.61 -57.00 23.04
CA ILE P 13 -31.57 -56.15 22.35
C ILE P 13 -32.71 -55.77 23.29
N LYS P 14 -33.16 -56.72 24.10
CA LYS P 14 -34.21 -56.42 25.09
C LYS P 14 -33.74 -55.35 26.06
N GLY P 15 -32.50 -55.46 26.55
CA GLY P 15 -31.99 -54.46 27.47
C GLY P 15 -31.88 -53.10 26.85
N ARG P 16 -31.38 -53.02 25.61
CA ARG P 16 -31.28 -51.74 24.92
C ARG P 16 -32.66 -51.14 24.69
N TYR P 17 -33.63 -51.97 24.28
CA TYR P 17 -34.98 -51.47 24.05
C TYR P 17 -35.60 -50.95 25.34
N THR P 18 -35.43 -51.67 26.45
CA THR P 18 -35.97 -51.22 27.72
C THR P 18 -35.31 -49.91 28.17
N ALA P 19 -33.98 -49.81 28.01
CA ALA P 19 -33.31 -48.58 28.38
C ALA P 19 -33.78 -47.40 27.54
N ASN P 20 -33.98 -47.62 26.24
CA ASN P 20 -34.47 -46.55 25.37
C ASN P 20 -35.90 -46.15 25.74
N ALA P 21 -36.76 -47.12 26.04
CA ALA P 21 -38.15 -46.83 26.32
C ALA P 21 -38.35 -46.21 27.71
N ALA P 22 -37.44 -46.47 28.65
CA ALA P 22 -37.61 -45.96 30.00
C ALA P 22 -37.41 -44.44 30.10
N LYS P 23 -36.93 -43.79 29.04
CA LYS P 23 -36.62 -42.37 29.10
C LYS P 23 -37.87 -41.49 28.99
N GLY P 24 -39.02 -42.06 28.65
CA GLY P 24 -40.24 -41.28 28.52
C GLY P 24 -40.55 -40.94 27.07
N GLU P 25 -41.61 -40.17 26.90
CA GLU P 25 -42.06 -39.79 25.57
C GLU P 25 -41.04 -38.88 24.89
N ARG P 26 -41.05 -38.91 23.56
CA ARG P 26 -40.22 -38.01 22.76
C ARG P 26 -41.03 -36.77 22.39
N LEU P 27 -40.38 -35.62 22.43
CA LEU P 27 -41.06 -34.35 22.16
C LEU P 27 -41.37 -34.26 20.67
N VAL P 28 -42.65 -34.32 20.33
CA VAL P 28 -43.07 -34.16 18.95
C VAL P 28 -42.80 -32.73 18.50
N SER P 29 -42.38 -32.57 17.25
CA SER P 29 -41.99 -31.25 16.74
C SER P 29 -43.18 -30.31 16.59
N SER P 30 -44.41 -30.80 16.68
CA SER P 30 -45.59 -29.97 16.54
C SER P 30 -46.14 -29.47 17.87
N GLU P 31 -45.51 -29.83 18.98
CA GLU P 31 -45.97 -29.42 20.31
C GLU P 31 -45.02 -28.33 20.83
N PHE P 32 -45.46 -27.08 20.74
CA PHE P 32 -44.67 -25.95 21.22
C PHE P 32 -45.59 -24.76 21.40
N LEU P 33 -45.09 -23.74 22.08
CA LEU P 33 -45.85 -22.52 22.33
C LEU P 33 -44.88 -21.36 22.49
N LEU P 34 -44.94 -20.40 21.57
CA LEU P 34 -44.10 -19.21 21.61
C LEU P 34 -45.01 -18.01 21.81
N THR P 35 -44.91 -17.36 22.97
CA THR P 35 -45.81 -16.27 23.30
C THR P 35 -45.03 -15.02 23.68
N PHE P 36 -45.43 -13.91 23.08
CA PHE P 36 -44.77 -12.62 23.23
C PHE P 36 -45.12 -12.02 24.59
N ALA P 37 -44.79 -10.75 24.79
CA ALA P 37 -45.16 -10.01 25.99
C ALA P 37 -46.23 -9.00 25.63
N GLY P 38 -47.43 -9.17 26.19
CA GLY P 38 -48.52 -8.25 25.95
C GLY P 38 -49.26 -8.45 24.65
N HIS P 39 -49.01 -9.54 23.94
CA HIS P 39 -49.68 -9.87 22.69
C HIS P 39 -50.05 -11.35 22.66
N GLU P 40 -50.66 -11.82 23.75
CA GLU P 40 -51.03 -13.23 23.85
C GLU P 40 -52.02 -13.66 22.79
N ASP P 41 -52.78 -12.72 22.22
CA ASP P 41 -53.74 -13.07 21.17
C ASP P 41 -53.07 -13.41 19.84
N ILE P 42 -51.78 -13.16 19.70
CA ILE P 42 -51.08 -13.45 18.46
C ILE P 42 -50.34 -14.79 18.51
N SER P 43 -50.07 -15.31 19.70
CA SER P 43 -49.30 -16.55 19.83
C SER P 43 -49.99 -17.74 19.18
N VAL P 44 -51.32 -17.69 19.02
CA VAL P 44 -52.02 -18.79 18.35
C VAL P 44 -51.65 -18.85 16.87
N LEU P 45 -51.46 -17.71 16.24
CA LEU P 45 -51.21 -17.65 14.80
C LEU P 45 -49.82 -18.14 14.40
N VAL P 46 -48.90 -18.30 15.35
CA VAL P 46 -47.56 -18.77 15.00
C VAL P 46 -47.64 -20.20 14.48
N ARG P 47 -46.76 -20.53 13.53
CA ARG P 47 -46.83 -21.82 12.85
C ARG P 47 -45.48 -22.54 12.90
N THR P 48 -44.39 -21.79 12.95
CA THR P 48 -43.06 -22.37 12.93
C THR P 48 -42.12 -21.45 13.69
N SER P 49 -41.25 -22.06 14.51
CA SER P 49 -40.34 -21.30 15.35
C SER P 49 -39.00 -22.03 15.40
N GLN P 50 -38.09 -21.53 16.24
CA GLN P 50 -36.75 -22.10 16.36
C GLN P 50 -36.18 -21.71 17.72
N ILE P 51 -35.82 -22.71 18.52
CA ILE P 51 -35.13 -22.44 19.78
C ILE P 51 -33.74 -21.87 19.47
N PRO P 52 -33.31 -20.81 20.15
CA PRO P 52 -32.09 -20.12 19.74
C PRO P 52 -30.83 -20.93 20.04
N GLU P 53 -29.71 -20.40 19.57
CA GLU P 53 -28.41 -21.05 19.76
C GLU P 53 -28.06 -21.11 21.23
N MET P 54 -27.40 -22.20 21.63
CA MET P 54 -26.86 -22.37 22.97
C MET P 54 -25.38 -22.74 22.80
N THR P 55 -24.54 -21.73 22.64
CA THR P 55 -23.13 -21.95 22.35
C THR P 55 -22.35 -20.69 22.72
N ARG P 56 -21.03 -20.85 22.79
CA ARG P 56 -20.12 -19.73 23.05
C ARG P 56 -18.99 -19.78 22.04
N GLU P 57 -18.46 -18.60 21.73
CA GLU P 57 -17.35 -18.51 20.79
C GLU P 57 -16.13 -19.22 21.33
N ASP P 58 -15.31 -19.73 20.42
CA ASP P 58 -14.09 -20.45 20.77
C ASP P 58 -12.85 -19.66 20.39
N VAL P 59 -11.75 -19.93 21.07
CA VAL P 59 -10.46 -19.34 20.76
C VAL P 59 -9.50 -20.45 20.36
N GLU P 60 -8.69 -20.17 19.35
CA GLU P 60 -7.84 -21.15 18.68
C GLU P 60 -6.40 -20.87 19.04
N ASP P 61 -5.71 -21.84 19.64
CA ASP P 61 -4.34 -21.66 20.09
C ASP P 61 -3.43 -22.67 19.40
N TYR P 62 -2.36 -22.17 18.79
CA TYR P 62 -1.31 -23.00 18.20
C TYR P 62 -0.23 -23.25 19.25
N GLY P 63 -0.21 -24.45 19.80
CA GLY P 63 0.83 -24.83 20.73
C GLY P 63 2.10 -25.23 20.01
N PRO P 64 3.13 -25.51 20.79
CA PRO P 64 4.42 -25.88 20.21
C PRO P 64 4.32 -27.16 19.37
N ASN P 65 5.14 -27.21 18.32
CA ASN P 65 5.22 -28.36 17.43
C ASN P 65 3.89 -28.64 16.72
N GLY P 66 3.09 -27.60 16.48
CA GLY P 66 1.91 -27.71 15.65
C GLY P 66 0.66 -28.17 16.36
N VAL P 67 0.72 -28.46 17.66
CA VAL P 67 -0.47 -28.90 18.37
C VAL P 67 -1.47 -27.75 18.48
N LYS P 68 -2.74 -28.09 18.57
CA LYS P 68 -3.83 -27.12 18.58
C LYS P 68 -4.67 -27.31 19.84
N PHE P 69 -5.14 -26.19 20.40
CA PHE P 69 -6.09 -26.24 21.50
C PHE P 69 -7.25 -25.30 21.20
N ASN P 70 -8.47 -25.77 21.45
CA ASN P 70 -9.67 -24.96 21.32
C ASN P 70 -10.20 -24.68 22.73
N GLN P 71 -10.32 -23.40 23.08
CA GLN P 71 -10.66 -23.02 24.44
C GLN P 71 -11.95 -22.21 24.45
N HIS P 72 -12.74 -22.41 25.50
CA HIS P 72 -13.99 -21.67 25.67
C HIS P 72 -13.73 -20.17 25.69
N GLY P 73 -14.60 -19.42 25.04
CA GLY P 73 -14.50 -17.98 25.02
C GLY P 73 -15.75 -17.31 25.57
N PRO P 74 -15.92 -16.03 25.27
CA PRO P 74 -17.13 -15.33 25.73
C PRO P 74 -18.39 -15.91 25.12
N ILE P 75 -19.48 -15.85 25.88
CA ILE P 75 -20.73 -16.43 25.44
C ILE P 75 -21.31 -15.63 24.28
N ARG P 76 -22.03 -16.33 23.40
CA ARG P 76 -22.72 -15.71 22.27
C ARG P 76 -24.17 -15.48 22.68
N ASN P 77 -24.47 -14.26 23.12
CA ASN P 77 -25.79 -13.95 23.67
C ASN P 77 -26.82 -13.68 22.56
N SER P 78 -26.51 -12.75 21.67
CA SER P 78 -27.48 -12.34 20.66
C SER P 78 -27.54 -13.37 19.53
N GLY P 79 -28.47 -13.13 18.61
CA GLY P 79 -28.63 -14.01 17.47
C GLY P 79 -29.92 -13.73 16.75
N GLU P 80 -30.16 -14.50 15.70
CA GLU P 80 -31.27 -14.30 14.78
C GLU P 80 -31.99 -15.63 14.56
N ILE P 81 -33.31 -15.60 14.56
CA ILE P 81 -34.13 -16.78 14.28
C ILE P 81 -35.23 -16.40 13.29
N GLN P 82 -35.77 -17.42 12.64
CA GLN P 82 -36.80 -17.26 11.63
C GLN P 82 -38.09 -17.93 12.11
N VAL P 83 -39.21 -17.21 11.98
CA VAL P 83 -40.50 -17.69 12.46
C VAL P 83 -41.52 -17.55 11.32
N GLN P 84 -42.29 -18.60 11.09
CA GLN P 84 -43.31 -18.59 10.04
C GLN P 84 -44.69 -18.49 10.67
N CYS P 85 -45.48 -17.53 10.22
CA CYS P 85 -46.84 -17.31 10.67
C CYS P 85 -47.80 -17.49 9.50
N VAL P 86 -49.10 -17.36 9.78
CA VAL P 86 -50.14 -17.51 8.78
C VAL P 86 -51.04 -16.27 8.84
N GLU P 87 -51.12 -15.54 7.74
CA GLU P 87 -51.92 -14.32 7.70
C GLU P 87 -53.40 -14.63 7.81
N THR P 88 -54.13 -13.73 8.45
CA THR P 88 -55.58 -13.83 8.56
C THR P 88 -56.24 -12.77 7.68
N ILE P 89 -57.56 -12.90 7.54
CA ILE P 89 -58.31 -12.01 6.66
C ILE P 89 -58.45 -10.61 7.24
N GLU P 90 -58.28 -10.44 8.55
CA GLU P 90 -58.28 -9.12 9.18
C GLU P 90 -56.90 -8.51 9.30
N GLY P 91 -55.85 -9.22 8.87
CA GLY P 91 -54.50 -8.71 8.96
C GLY P 91 -54.01 -8.46 10.37
N ASP P 92 -54.31 -9.37 11.29
CA ASP P 92 -53.84 -9.21 12.68
C ASP P 92 -52.33 -9.23 12.73
N ILE P 93 -51.70 -10.19 12.03
CA ILE P 93 -50.24 -10.24 12.01
C ILE P 93 -49.66 -9.02 11.30
N LEU P 94 -50.30 -8.60 10.19
CA LEU P 94 -49.84 -7.42 9.50
C LEU P 94 -49.93 -6.18 10.38
N GLN P 95 -51.05 -6.01 11.09
CA GLN P 95 -51.17 -4.88 12.00
C GLN P 95 -50.12 -4.96 13.11
N PHE P 96 -49.85 -6.17 13.60
CA PHE P 96 -48.85 -6.33 14.66
C PHE P 96 -47.47 -5.91 14.18
N ILE P 97 -47.07 -6.34 12.97
CA ILE P 97 -45.74 -5.98 12.51
C ILE P 97 -45.69 -4.49 12.18
N LYS P 98 -46.78 -3.91 11.68
CA LYS P 98 -46.82 -2.47 11.47
C LYS P 98 -46.61 -1.72 12.78
N ASP P 99 -47.29 -2.14 13.83
CA ASP P 99 -47.13 -1.51 15.14
C ASP P 99 -45.70 -1.67 15.64
N ARG P 100 -45.11 -2.85 15.45
CA ARG P 100 -43.75 -3.08 15.92
C ARG P 100 -42.75 -2.19 15.19
N ILE P 101 -42.88 -2.06 13.86
CA ILE P 101 -41.93 -1.25 13.13
C ILE P 101 -42.14 0.24 13.42
N ALA P 102 -43.38 0.68 13.62
CA ALA P 102 -43.63 2.09 13.91
C ALA P 102 -43.22 2.47 15.32
N ALA P 103 -43.41 1.59 16.30
CA ALA P 103 -43.18 1.92 17.70
C ALA P 103 -41.70 1.93 18.09
N LYS P 104 -40.86 1.15 17.40
CA LYS P 104 -39.43 1.06 17.70
C LYS P 104 -39.22 0.64 19.16
N ASP P 105 -39.95 -0.39 19.58
CA ASP P 105 -39.89 -0.88 20.95
C ASP P 105 -39.27 -2.27 20.99
N TYR P 106 -38.96 -2.72 22.20
CA TYR P 106 -38.39 -4.04 22.44
C TYR P 106 -39.37 -4.87 23.24
N VAL P 107 -39.60 -6.11 22.80
CA VAL P 107 -40.48 -7.04 23.50
C VAL P 107 -39.67 -8.29 23.86
N ASP P 108 -40.17 -9.03 24.83
CA ASP P 108 -39.56 -10.28 25.28
C ASP P 108 -40.51 -11.43 25.02
N ILE P 109 -39.99 -12.53 24.47
CA ILE P 109 -40.79 -13.69 24.13
C ILE P 109 -40.39 -14.84 25.04
N THR P 110 -41.36 -15.70 25.37
CA THR P 110 -41.08 -16.94 26.08
C THR P 110 -41.49 -18.13 25.22
N MET P 111 -40.57 -19.08 25.08
CA MET P 111 -40.75 -20.27 24.29
C MET P 111 -40.86 -21.47 25.24
N ALA P 112 -41.90 -22.26 25.09
CA ALA P 112 -42.11 -23.39 25.99
C ALA P 112 -42.55 -24.60 25.19
N ALA P 113 -42.22 -25.78 25.70
CA ALA P 113 -42.71 -27.04 25.14
C ALA P 113 -43.92 -27.46 25.95
N THR P 114 -45.08 -27.54 25.30
CA THR P 114 -46.36 -27.81 25.96
C THR P 114 -46.99 -29.04 25.30
N PRO P 115 -46.49 -30.23 25.59
CA PRO P 115 -47.09 -31.44 25.01
C PRO P 115 -48.45 -31.73 25.61
N GLU P 116 -49.24 -32.48 24.84
CA GLU P 116 -50.57 -32.87 25.31
C GLU P 116 -50.50 -33.77 26.53
N SER P 117 -49.39 -34.51 26.69
CA SER P 117 -49.28 -35.44 27.80
C SER P 117 -49.30 -34.71 29.15
N LYS P 118 -48.55 -33.63 29.26
CA LYS P 118 -48.47 -32.89 30.51
C LYS P 118 -49.51 -31.78 30.63
N SER P 119 -50.25 -31.50 29.56
CA SER P 119 -51.24 -30.43 29.59
C SER P 119 -52.44 -30.83 30.45
N SER P 120 -52.97 -29.86 31.16
CA SER P 120 -54.13 -30.06 32.02
C SER P 120 -55.15 -28.96 31.77
N GLY P 121 -56.42 -29.34 31.68
CA GLY P 121 -57.45 -28.36 31.42
C GLY P 121 -57.38 -27.82 29.99
N VAL P 122 -57.90 -26.60 29.83
CA VAL P 122 -57.92 -25.94 28.53
C VAL P 122 -56.70 -25.02 28.42
N ASN P 123 -55.75 -25.18 29.34
CA ASN P 123 -54.54 -24.37 29.36
C ASN P 123 -53.32 -25.26 29.21
N ALA P 124 -52.24 -24.69 28.70
CA ALA P 124 -51.00 -25.43 28.54
C ALA P 124 -50.21 -25.46 29.85
N VAL P 125 -49.58 -26.60 30.11
CA VAL P 125 -48.75 -26.80 31.30
C VAL P 125 -47.31 -26.98 30.83
N THR P 126 -46.42 -26.13 31.32
CA THR P 126 -45.02 -26.12 30.91
C THR P 126 -44.13 -26.60 32.06
N LYS P 127 -42.83 -26.67 31.79
CA LYS P 127 -41.84 -27.06 32.77
C LYS P 127 -40.65 -26.12 32.68
N ALA P 128 -39.93 -25.99 33.80
CA ALA P 128 -38.76 -25.11 33.83
C ALA P 128 -37.62 -25.62 32.97
N ALA P 129 -37.57 -26.92 32.70
CA ALA P 129 -36.48 -27.47 31.90
C ALA P 129 -36.61 -27.08 30.43
N THR P 130 -37.81 -27.16 29.87
CA THR P 130 -38.04 -26.90 28.45
C THR P 130 -38.62 -25.51 28.22
N THR P 131 -38.24 -24.52 29.03
CA THR P 131 -38.72 -23.15 28.89
C THR P 131 -37.53 -22.23 28.72
N ILE P 132 -37.58 -21.40 27.68
CA ILE P 132 -36.53 -20.43 27.38
C ILE P 132 -37.18 -19.05 27.26
N GLU P 133 -36.40 -18.01 27.53
CA GLU P 133 -36.89 -16.65 27.39
C GLU P 133 -35.88 -15.83 26.61
N MET P 134 -36.37 -15.04 25.65
CA MET P 134 -35.53 -14.15 24.87
C MET P 134 -35.91 -12.71 25.19
N LEU P 135 -34.92 -11.93 25.62
CA LEU P 135 -35.15 -10.56 26.07
C LEU P 135 -34.63 -9.56 25.04
N ASP P 136 -35.22 -8.36 25.08
CA ASP P 136 -34.83 -7.26 24.21
C ASP P 136 -34.85 -7.67 22.74
N CYS P 137 -35.89 -8.41 22.37
CA CYS P 137 -36.00 -8.92 21.01
C CYS P 137 -36.55 -7.87 20.07
N LYS P 138 -36.27 -8.04 18.79
CA LYS P 138 -36.78 -7.18 17.74
C LYS P 138 -37.38 -8.04 16.63
N ILE P 139 -38.53 -7.62 16.12
CA ILE P 139 -39.27 -8.37 15.11
C ILE P 139 -39.26 -7.56 13.81
N TYR P 140 -38.77 -8.18 12.73
CA TYR P 140 -38.80 -7.59 11.41
C TYR P 140 -39.57 -8.52 10.48
N SER P 141 -40.19 -7.95 9.46
CA SER P 141 -40.96 -8.73 8.51
C SER P 141 -40.08 -9.18 7.35
N ASP P 142 -40.70 -9.78 6.33
CA ASP P 142 -39.98 -10.25 5.16
C ASP P 142 -40.94 -10.29 3.99
N ALA P 143 -40.37 -10.36 2.78
CA ALA P 143 -41.18 -10.41 1.57
C ALA P 143 -42.02 -11.69 1.55
N ILE P 144 -43.27 -11.55 1.14
CA ILE P 144 -44.22 -12.66 1.09
C ILE P 144 -44.65 -12.86 -0.34
N ASP P 145 -44.57 -14.10 -0.82
CA ASP P 145 -44.92 -14.40 -2.19
C ASP P 145 -46.44 -14.37 -2.36
N PHE P 146 -46.90 -13.66 -3.39
CA PHE P 146 -48.31 -13.56 -3.73
C PHE P 146 -48.45 -14.03 -5.18
N SER P 147 -48.61 -15.34 -5.35
CA SER P 147 -48.68 -15.96 -6.66
C SER P 147 -50.08 -16.49 -6.92
N THR P 148 -50.55 -16.35 -8.16
CA THR P 148 -51.88 -16.83 -8.51
C THR P 148 -51.93 -18.34 -8.63
N GLU P 149 -50.84 -18.97 -9.08
CA GLU P 149 -50.83 -20.41 -9.25
C GLU P 149 -51.00 -21.14 -7.92
N ASP P 150 -50.53 -20.54 -6.82
CA ASP P 150 -50.66 -21.13 -5.49
C ASP P 150 -52.08 -20.92 -4.99
N VAL P 151 -53.03 -21.55 -5.68
CA VAL P 151 -54.44 -21.43 -5.31
C VAL P 151 -54.72 -22.16 -4.01
N THR P 152 -54.04 -23.27 -3.75
CA THR P 152 -54.26 -24.08 -2.56
C THR P 152 -53.19 -23.85 -1.50
N ALA P 153 -52.72 -22.62 -1.35
CA ALA P 153 -51.71 -22.28 -0.36
C ALA P 153 -52.08 -20.99 0.33
N ALA P 154 -51.89 -20.96 1.64
CA ALA P 154 -52.15 -19.77 2.44
C ALA P 154 -50.90 -18.91 2.53
N VAL P 155 -51.12 -17.61 2.76
CA VAL P 155 -50.01 -16.67 2.89
C VAL P 155 -49.23 -16.99 4.16
N ARG P 156 -47.89 -17.01 4.04
CA ARG P 156 -47.00 -17.38 5.14
C ARG P 156 -46.01 -16.25 5.38
N PRO P 157 -46.36 -15.27 6.20
CA PRO P 157 -45.38 -14.23 6.55
C PRO P 157 -44.18 -14.82 7.26
N SER P 158 -43.00 -14.28 6.94
CA SER P 158 -41.75 -14.68 7.55
C SER P 158 -41.26 -13.55 8.46
N LEU P 159 -40.95 -13.89 9.70
CA LEU P 159 -40.54 -12.93 10.71
C LEU P 159 -39.12 -13.23 11.15
N ARG P 160 -38.25 -12.24 11.07
CA ARG P 160 -36.89 -12.32 11.60
C ARG P 160 -36.92 -11.78 13.01
N ILE P 161 -36.65 -12.65 13.99
CA ILE P 161 -36.66 -12.28 15.39
C ILE P 161 -35.21 -12.26 15.88
N VAL P 162 -34.76 -11.11 16.33
CA VAL P 162 -33.41 -10.92 16.83
C VAL P 162 -33.47 -10.92 18.35
N TYR P 163 -32.72 -11.81 18.98
CA TYR P 163 -32.68 -11.93 20.43
C TYR P 163 -31.34 -11.42 20.95
N ASN P 164 -31.38 -10.63 22.02
CA ASN P 164 -30.18 -10.04 22.58
C ASN P 164 -29.74 -10.70 23.88
N TRP P 165 -30.59 -11.50 24.52
CA TRP P 165 -30.16 -12.26 25.69
C TRP P 165 -31.10 -13.44 25.89
N ILE P 166 -30.50 -14.59 26.20
CA ILE P 166 -31.22 -15.84 26.45
C ILE P 166 -31.21 -16.07 27.96
N GLU P 167 -32.37 -16.42 28.51
CA GLU P 167 -32.54 -16.63 29.94
C GLU P 167 -33.28 -17.94 30.18
N TRP P 168 -32.83 -18.71 31.16
CA TRP P 168 -33.52 -19.93 31.54
C TRP P 168 -33.51 -20.07 33.06
N ASP P 169 -34.68 -20.37 33.63
CA ASP P 169 -34.82 -20.52 35.07
C ASP P 169 -34.27 -21.85 35.54
N GLY Q 2 -18.98 -61.86 -31.80
CA GLY Q 2 -18.62 -60.81 -30.87
C GLY Q 2 -17.15 -60.77 -30.54
N HIS Q 3 -16.82 -60.39 -29.32
CA HIS Q 3 -15.43 -60.34 -28.88
C HIS Q 3 -14.83 -61.74 -28.84
N ASN Q 4 -13.54 -61.83 -29.16
CA ASN Q 4 -12.88 -63.12 -29.22
C ASN Q 4 -12.39 -63.56 -27.85
N ASN Q 5 -11.75 -62.66 -27.11
CA ASN Q 5 -11.23 -62.97 -25.77
C ASN Q 5 -12.39 -62.86 -24.79
N THR Q 6 -13.14 -63.96 -24.63
CA THR Q 6 -14.32 -63.95 -23.77
C THR Q 6 -14.36 -65.14 -22.82
N LYS Q 7 -13.28 -65.90 -22.68
CA LYS Q 7 -13.28 -67.07 -21.80
C LYS Q 7 -13.48 -66.64 -20.35
N GLY Q 8 -14.19 -67.47 -19.61
CA GLY Q 8 -14.45 -67.20 -18.20
C GLY Q 8 -14.39 -68.47 -17.39
N ASN Q 9 -14.08 -68.31 -16.10
CA ASN Q 9 -13.98 -69.42 -15.18
C ASN Q 9 -14.68 -69.08 -13.86
N ARG Q 10 -15.09 -70.12 -13.14
CA ARG Q 10 -15.77 -69.98 -11.86
C ARG Q 10 -14.82 -70.05 -10.67
N LYS Q 11 -13.71 -70.77 -10.80
CA LYS Q 11 -12.82 -70.96 -9.66
C LYS Q 11 -12.23 -69.63 -9.18
N PHE Q 12 -11.95 -68.71 -10.10
CA PHE Q 12 -11.46 -67.39 -9.70
C PHE Q 12 -12.51 -66.64 -8.89
N ILE Q 13 -13.76 -66.65 -9.36
CA ILE Q 13 -14.84 -65.99 -8.64
C ILE Q 13 -15.06 -66.64 -7.27
N LYS Q 14 -15.00 -67.97 -7.23
CA LYS Q 14 -15.14 -68.67 -5.95
C LYS Q 14 -14.03 -68.29 -4.98
N GLY Q 15 -12.80 -68.19 -5.48
CA GLY Q 15 -11.69 -67.80 -4.63
C GLY Q 15 -11.86 -66.39 -4.10
N ARG Q 16 -12.25 -65.45 -4.97
CA ARG Q 16 -12.48 -64.08 -4.51
C ARG Q 16 -13.61 -64.02 -3.48
N TYR Q 17 -14.69 -64.76 -3.71
CA TYR Q 17 -15.79 -64.78 -2.76
C TYR Q 17 -15.36 -65.34 -1.41
N THR Q 18 -14.58 -66.42 -1.43
CA THR Q 18 -14.10 -67.00 -0.17
C THR Q 18 -13.18 -66.04 0.56
N ALA Q 19 -12.28 -65.37 -0.17
CA ALA Q 19 -11.39 -64.41 0.45
C ALA Q 19 -12.16 -63.25 1.06
N ASN Q 20 -13.19 -62.77 0.37
CA ASN Q 20 -14.00 -61.68 0.90
C ASN Q 20 -14.79 -62.12 2.13
N ALA Q 21 -15.33 -63.33 2.11
CA ALA Q 21 -16.16 -63.80 3.21
C ALA Q 21 -15.33 -64.19 4.43
N ALA Q 22 -14.07 -64.56 4.25
CA ALA Q 22 -13.24 -64.99 5.37
C ALA Q 22 -12.87 -63.85 6.32
N LYS Q 23 -13.13 -62.60 5.95
CA LYS Q 23 -12.73 -61.46 6.77
C LYS Q 23 -13.64 -61.23 7.97
N GLY Q 24 -14.80 -61.88 8.03
CA GLY Q 24 -15.71 -61.71 9.14
C GLY Q 24 -16.86 -60.78 8.80
N GLU Q 25 -17.68 -60.52 9.81
CA GLU Q 25 -18.85 -59.67 9.63
C GLU Q 25 -18.43 -58.24 9.34
N ARG Q 26 -19.31 -57.52 8.64
CA ARG Q 26 -19.12 -56.11 8.38
C ARG Q 26 -19.84 -55.29 9.45
N LEU Q 27 -19.20 -54.20 9.88
CA LEU Q 27 -19.76 -53.37 10.95
C LEU Q 27 -20.95 -52.59 10.42
N VAL Q 28 -22.14 -52.92 10.91
CA VAL Q 28 -23.33 -52.19 10.54
C VAL Q 28 -23.26 -50.78 11.11
N SER Q 29 -23.76 -49.81 10.35
CA SER Q 29 -23.68 -48.41 10.74
C SER Q 29 -24.55 -48.08 11.95
N SER Q 30 -25.46 -48.97 12.35
CA SER Q 30 -26.34 -48.73 13.48
C SER Q 30 -25.80 -49.28 14.79
N GLU Q 31 -24.63 -49.92 14.78
CA GLU Q 31 -24.06 -50.52 15.97
C GLU Q 31 -22.91 -49.64 16.46
N PHE Q 32 -23.17 -48.85 17.48
CA PHE Q 32 -22.16 -47.95 18.05
C PHE Q 32 -22.60 -47.52 19.43
N LEU Q 33 -21.67 -46.93 20.17
CA LEU Q 33 -21.95 -46.45 21.53
C LEU Q 33 -21.01 -45.30 21.84
N LEU Q 34 -21.59 -44.14 22.11
CA LEU Q 34 -20.86 -42.93 22.46
C LEU Q 34 -21.20 -42.55 23.89
N THR Q 35 -20.24 -42.72 24.81
CA THR Q 35 -20.51 -42.53 26.23
C THR Q 35 -19.67 -41.39 26.79
N PHE Q 36 -20.33 -40.44 27.42
CA PHE Q 36 -19.64 -39.30 28.02
C PHE Q 36 -19.00 -39.73 29.34
N ALA Q 37 -18.49 -38.76 30.10
CA ALA Q 37 -17.88 -39.00 31.40
C ALA Q 37 -18.79 -38.43 32.48
N GLY Q 38 -19.28 -39.30 33.36
CA GLY Q 38 -20.17 -38.87 34.42
C GLY Q 38 -21.60 -38.65 34.01
N HIS Q 39 -21.96 -38.94 32.76
CA HIS Q 39 -23.31 -38.75 32.24
C HIS Q 39 -23.73 -39.97 31.42
N GLU Q 40 -23.54 -41.16 32.01
CA GLU Q 40 -23.86 -42.41 31.32
C GLU Q 40 -25.34 -42.52 31.00
N ASP Q 41 -26.21 -41.81 31.73
CA ASP Q 41 -27.64 -41.87 31.46
C ASP Q 41 -28.04 -41.14 30.18
N ILE Q 42 -27.14 -40.36 29.60
CA ILE Q 42 -27.45 -39.62 28.38
C ILE Q 42 -27.02 -40.36 27.12
N SER Q 43 -26.09 -41.31 27.24
CA SER Q 43 -25.56 -42.01 26.07
C SER Q 43 -26.63 -42.79 25.32
N VAL Q 44 -27.73 -43.17 25.98
CA VAL Q 44 -28.79 -43.89 25.29
C VAL Q 44 -29.48 -42.99 24.29
N LEU Q 45 -29.64 -41.70 24.60
CA LEU Q 45 -30.40 -40.79 23.76
C LEU Q 45 -29.68 -40.40 22.48
N VAL Q 46 -28.39 -40.70 22.35
CA VAL Q 46 -27.66 -40.35 21.13
C VAL Q 46 -28.22 -41.15 19.95
N ARG Q 47 -28.24 -40.52 18.78
CA ARG Q 47 -28.87 -41.13 17.61
C ARG Q 47 -27.91 -41.17 16.43
N THR Q 48 -27.00 -40.22 16.34
CA THR Q 48 -26.07 -40.14 15.22
C THR Q 48 -24.79 -39.47 15.69
N SER Q 49 -23.64 -40.04 15.31
CA SER Q 49 -22.35 -39.53 15.73
C SER Q 49 -21.39 -39.64 14.55
N GLN Q 50 -20.10 -39.39 14.82
CA GLN Q 50 -19.08 -39.41 13.78
C GLN Q 50 -17.73 -39.70 14.41
N ILE Q 51 -17.05 -40.74 13.93
CA ILE Q 51 -15.66 -40.98 14.34
C ILE Q 51 -14.78 -39.86 13.80
N PRO Q 52 -13.86 -39.32 14.59
CA PRO Q 52 -13.17 -38.09 14.18
C PRO Q 52 -12.14 -38.35 13.09
N GLU Q 53 -11.59 -37.25 12.59
CA GLU Q 53 -10.56 -37.32 11.55
C GLU Q 53 -9.32 -38.03 12.09
N MET Q 54 -8.69 -38.81 11.21
CA MET Q 54 -7.41 -39.45 11.51
C MET Q 54 -6.46 -39.08 10.38
N THR Q 55 -5.82 -37.91 10.50
CA THR Q 55 -4.96 -37.39 9.45
C THR Q 55 -4.00 -36.38 10.06
N ARG Q 56 -2.97 -36.06 9.29
CA ARG Q 56 -1.99 -35.04 9.67
C ARG Q 56 -1.80 -34.07 8.52
N GLU Q 57 -1.44 -32.83 8.86
CA GLU Q 57 -1.21 -31.82 7.85
C GLU Q 57 -0.02 -32.21 6.98
N ASP Q 58 -0.05 -31.76 5.73
CA ASP Q 58 1.01 -32.04 4.78
C ASP Q 58 1.77 -30.77 4.43
N VAL Q 59 3.01 -30.93 4.00
CA VAL Q 59 3.84 -29.82 3.56
C VAL Q 59 4.19 -30.05 2.09
N GLU Q 60 4.14 -28.97 1.32
CA GLU Q 60 4.22 -29.02 -0.14
C GLU Q 60 5.55 -28.43 -0.57
N ASP Q 61 6.37 -29.23 -1.24
CA ASP Q 61 7.71 -28.83 -1.65
C ASP Q 61 7.82 -28.84 -3.16
N TYR Q 62 8.31 -27.74 -3.72
CA TYR Q 62 8.59 -27.64 -5.15
C TYR Q 62 10.05 -27.96 -5.40
N GLY Q 63 10.31 -29.13 -5.96
CA GLY Q 63 11.67 -29.50 -6.32
C GLY Q 63 12.08 -28.92 -7.65
N PRO Q 64 13.33 -29.17 -8.02
CA PRO Q 64 13.85 -28.61 -9.27
C PRO Q 64 13.09 -29.15 -10.47
N ASN Q 65 13.00 -28.31 -11.51
CA ASN Q 65 12.36 -28.68 -12.78
C ASN Q 65 10.88 -29.02 -12.61
N GLY Q 66 10.22 -28.39 -11.64
CA GLY Q 66 8.79 -28.50 -11.49
C GLY Q 66 8.28 -29.68 -10.72
N VAL Q 67 9.16 -30.58 -10.27
CA VAL Q 67 8.70 -31.74 -9.51
C VAL Q 67 8.13 -31.29 -8.18
N LYS Q 68 7.24 -32.09 -7.63
CA LYS Q 68 6.51 -31.75 -6.41
C LYS Q 68 6.58 -32.93 -5.44
N PHE Q 69 6.74 -32.60 -4.15
CA PHE Q 69 6.75 -33.61 -3.11
C PHE Q 69 5.79 -33.20 -1.99
N ASN Q 70 5.03 -34.18 -1.49
CA ASN Q 70 4.15 -33.97 -0.35
C ASN Q 70 4.71 -34.76 0.82
N GLN Q 71 4.99 -34.06 1.92
CA GLN Q 71 5.66 -34.66 3.06
C GLN Q 71 4.79 -34.57 4.30
N HIS Q 72 4.87 -35.60 5.15
CA HIS Q 72 4.13 -35.62 6.39
C HIS Q 72 4.51 -34.43 7.27
N GLY Q 73 3.50 -33.83 7.91
CA GLY Q 73 3.72 -32.72 8.79
C GLY Q 73 3.21 -32.99 10.19
N PRO Q 74 3.03 -31.93 10.98
CA PRO Q 74 2.50 -32.10 12.33
C PRO Q 74 1.10 -32.68 12.32
N ILE Q 75 0.79 -33.47 13.34
CA ILE Q 75 -0.50 -34.14 13.41
C ILE Q 75 -1.62 -33.13 13.66
N ARG Q 76 -2.81 -33.46 13.17
CA ARG Q 76 -4.01 -32.67 13.42
C ARG Q 76 -4.75 -33.31 14.58
N ASN Q 77 -4.59 -32.75 15.78
CA ASN Q 77 -5.15 -33.33 16.98
C ASN Q 77 -6.61 -32.95 17.17
N SER Q 78 -6.90 -31.64 17.14
CA SER Q 78 -8.25 -31.17 17.38
C SER Q 78 -9.14 -31.41 16.16
N GLY Q 79 -10.40 -31.03 16.30
CA GLY Q 79 -11.34 -31.15 15.21
C GLY Q 79 -12.75 -30.96 15.71
N GLU Q 80 -13.69 -31.05 14.76
CA GLU Q 80 -15.08 -30.71 14.99
C GLU Q 80 -15.97 -31.81 14.40
N ILE Q 81 -16.94 -32.27 15.19
CA ILE Q 81 -17.87 -33.30 14.75
C ILE Q 81 -19.29 -32.89 15.11
N GLN Q 82 -20.24 -33.50 14.41
CA GLN Q 82 -21.67 -33.22 14.59
C GLN Q 82 -22.37 -34.49 15.08
N VAL Q 83 -23.20 -34.33 16.11
CA VAL Q 83 -23.92 -35.44 16.73
C VAL Q 83 -25.40 -35.10 16.78
N GLN Q 84 -26.25 -36.05 16.38
CA GLN Q 84 -27.69 -35.85 16.40
C GLN Q 84 -28.30 -36.66 17.54
N CYS Q 85 -29.06 -35.99 18.39
CA CYS Q 85 -29.77 -36.60 19.51
C CYS Q 85 -31.27 -36.43 19.30
N VAL Q 86 -32.05 -37.01 20.22
CA VAL Q 86 -33.50 -36.92 20.17
C VAL Q 86 -34.00 -36.40 21.52
N GLU Q 87 -34.72 -35.28 21.48
CA GLU Q 87 -35.20 -34.66 22.71
C GLU Q 87 -36.29 -35.51 23.36
N THR Q 88 -36.32 -35.50 24.69
CA THR Q 88 -37.34 -36.18 25.46
C THR Q 88 -38.33 -35.17 26.04
N ILE Q 89 -39.41 -35.69 26.62
CA ILE Q 89 -40.46 -34.83 27.16
C ILE Q 89 -40.00 -34.13 28.44
N GLU Q 90 -39.00 -34.65 29.13
CA GLU Q 90 -38.48 -34.04 30.35
C GLU Q 90 -37.29 -33.14 30.09
N GLY Q 91 -36.86 -33.00 28.85
CA GLY Q 91 -35.73 -32.16 28.52
C GLY Q 91 -34.42 -32.58 29.15
N ASP Q 92 -34.13 -33.89 29.16
CA ASP Q 92 -32.87 -34.36 29.71
C ASP Q 92 -31.68 -33.82 28.91
N ILE Q 93 -31.78 -33.89 27.58
CA ILE Q 93 -30.72 -33.36 26.74
C ILE Q 93 -30.62 -31.85 26.88
N LEU Q 94 -31.77 -31.17 26.94
CA LEU Q 94 -31.76 -29.72 27.11
C LEU Q 94 -31.13 -29.33 28.44
N GLN Q 95 -31.47 -30.03 29.52
CA GLN Q 95 -30.84 -29.76 30.80
C GLN Q 95 -29.35 -30.03 30.75
N PHE Q 96 -28.94 -31.09 30.05
CA PHE Q 96 -27.52 -31.42 29.93
C PHE Q 96 -26.76 -30.31 29.21
N ILE Q 97 -27.30 -29.81 28.10
CA ILE Q 97 -26.56 -28.79 27.35
C ILE Q 97 -26.57 -27.48 28.14
N LYS Q 98 -27.66 -27.18 28.86
CA LYS Q 98 -27.67 -26.00 29.72
C LYS Q 98 -26.59 -26.09 30.78
N ASP Q 99 -26.46 -27.26 31.42
CA ASP Q 99 -25.42 -27.45 32.42
C ASP Q 99 -24.04 -27.31 31.81
N ARG Q 100 -23.84 -27.85 30.60
CA ARG Q 100 -22.54 -27.76 29.95
C ARG Q 100 -22.17 -26.31 29.62
N ILE Q 101 -23.12 -25.54 29.11
CA ILE Q 101 -22.79 -24.16 28.75
C ILE Q 101 -22.61 -23.31 29.99
N ALA Q 102 -23.37 -23.57 31.06
CA ALA Q 102 -23.22 -22.78 32.28
C ALA Q 102 -21.95 -23.12 33.05
N ALA Q 103 -21.55 -24.39 33.06
CA ALA Q 103 -20.42 -24.83 33.87
C ALA Q 103 -19.06 -24.50 33.27
N LYS Q 104 -18.97 -24.37 31.94
CA LYS Q 104 -17.71 -24.06 31.26
C LYS Q 104 -16.64 -25.10 31.60
N ASP Q 105 -17.02 -26.38 31.52
CA ASP Q 105 -16.13 -27.48 31.86
C ASP Q 105 -15.81 -28.31 30.62
N TYR Q 106 -14.83 -29.19 30.79
CA TYR Q 106 -14.37 -30.09 29.72
C TYR Q 106 -14.67 -31.53 30.11
N VAL Q 107 -15.25 -32.27 29.17
CA VAL Q 107 -15.56 -33.68 29.38
C VAL Q 107 -14.85 -34.50 28.30
N ASP Q 108 -14.70 -35.80 28.59
CA ASP Q 108 -14.07 -36.74 27.67
C ASP Q 108 -15.07 -37.82 27.30
N ILE Q 109 -15.11 -38.18 26.01
CA ILE Q 109 -16.08 -39.16 25.52
C ILE Q 109 -15.35 -40.39 25.01
N THR Q 110 -16.00 -41.54 25.14
CA THR Q 110 -15.50 -42.80 24.61
C THR Q 110 -16.40 -43.25 23.47
N MET Q 111 -15.80 -43.48 22.31
CA MET Q 111 -16.48 -43.97 21.11
C MET Q 111 -16.14 -45.44 20.96
N ALA Q 112 -17.16 -46.29 20.91
CA ALA Q 112 -16.93 -47.72 20.81
C ALA Q 112 -17.87 -48.32 19.76
N ALA Q 113 -17.40 -49.38 19.12
CA ALA Q 113 -18.24 -50.19 18.25
C ALA Q 113 -18.64 -51.44 19.00
N THR Q 114 -19.94 -51.59 19.29
CA THR Q 114 -20.46 -52.67 20.12
C THR Q 114 -21.51 -53.43 19.33
N PRO Q 115 -21.10 -54.27 18.38
CA PRO Q 115 -22.08 -55.06 17.62
C PRO Q 115 -22.72 -56.13 18.48
N GLU Q 116 -23.91 -56.56 18.05
CA GLU Q 116 -24.62 -57.61 18.75
C GLU Q 116 -23.87 -58.93 18.72
N SER Q 117 -23.00 -59.12 17.72
CA SER Q 117 -22.30 -60.40 17.58
C SER Q 117 -21.39 -60.67 18.77
N LYS Q 118 -20.62 -59.68 19.19
CA LYS Q 118 -19.66 -59.87 20.27
C LYS Q 118 -20.23 -59.52 21.64
N SER Q 119 -21.46 -59.01 21.71
CA SER Q 119 -22.04 -58.62 22.98
C SER Q 119 -22.34 -59.84 23.85
N SER Q 120 -22.28 -59.64 25.16
CA SER Q 120 -22.56 -60.70 26.12
C SER Q 120 -23.38 -60.11 27.26
N GLY Q 121 -24.47 -60.79 27.62
CA GLY Q 121 -25.34 -60.28 28.66
C GLY Q 121 -26.12 -59.06 28.21
N VAL Q 122 -26.48 -58.24 29.19
CA VAL Q 122 -27.25 -57.02 28.94
C VAL Q 122 -26.29 -55.84 28.83
N ASN Q 123 -24.99 -56.13 28.80
CA ASN Q 123 -23.96 -55.10 28.71
C ASN Q 123 -23.20 -55.27 27.39
N ALA Q 124 -22.79 -54.14 26.81
CA ALA Q 124 -22.07 -54.16 25.56
C ALA Q 124 -20.63 -54.63 25.77
N VAL Q 125 -20.06 -55.21 24.72
CA VAL Q 125 -18.68 -55.69 24.72
C VAL Q 125 -17.93 -54.93 23.64
N THR Q 126 -16.82 -54.30 24.02
CA THR Q 126 -16.02 -53.50 23.11
C THR Q 126 -14.67 -54.17 22.88
N LYS Q 127 -13.90 -53.58 21.95
CA LYS Q 127 -12.56 -54.06 21.64
C LYS Q 127 -11.61 -52.88 21.55
N ALA Q 128 -10.33 -53.14 21.82
CA ALA Q 128 -9.33 -52.08 21.77
C ALA Q 128 -9.11 -51.55 20.36
N ALA Q 129 -9.39 -52.34 19.33
CA ALA Q 129 -9.17 -51.89 17.96
C ALA Q 129 -10.20 -50.84 17.55
N THR Q 130 -11.47 -51.07 17.88
CA THR Q 130 -12.56 -50.19 17.47
C THR Q 130 -12.99 -49.25 18.59
N THR Q 131 -12.05 -48.80 19.42
CA THR Q 131 -12.35 -47.90 20.52
C THR Q 131 -11.48 -46.65 20.41
N ILE Q 132 -12.12 -45.49 20.47
CA ILE Q 132 -11.44 -44.20 20.40
C ILE Q 132 -11.86 -43.39 21.62
N GLU Q 133 -11.02 -42.43 22.01
CA GLU Q 133 -11.33 -41.56 23.13
C GLU Q 133 -11.02 -40.12 22.76
N MET Q 134 -11.94 -39.23 23.09
CA MET Q 134 -11.79 -37.80 22.83
C MET Q 134 -11.61 -37.08 24.16
N LEU Q 135 -10.52 -36.35 24.29
CA LEU Q 135 -10.18 -35.65 25.53
C LEU Q 135 -10.39 -34.16 25.38
N ASP Q 136 -10.69 -33.52 26.51
CA ASP Q 136 -10.84 -32.05 26.58
C ASP Q 136 -11.85 -31.54 25.57
N CYS Q 137 -12.96 -32.26 25.44
CA CYS Q 137 -13.98 -31.91 24.47
C CYS Q 137 -14.88 -30.80 24.98
N LYS Q 138 -15.56 -30.13 24.05
CA LYS Q 138 -16.55 -29.12 24.36
C LYS Q 138 -17.81 -29.39 23.54
N ILE Q 139 -18.97 -29.24 24.19
CA ILE Q 139 -20.26 -29.52 23.57
C ILE Q 139 -21.02 -28.21 23.45
N TYR Q 140 -21.46 -27.88 22.23
CA TYR Q 140 -22.30 -26.74 21.97
C TYR Q 140 -23.59 -27.20 21.31
N SER Q 141 -24.66 -26.43 21.49
CA SER Q 141 -25.94 -26.79 20.91
C SER Q 141 -26.08 -26.16 19.52
N ASP Q 142 -27.27 -26.26 18.95
CA ASP Q 142 -27.55 -25.69 17.64
C ASP Q 142 -29.05 -25.44 17.53
N ALA Q 143 -29.41 -24.61 16.55
CA ALA Q 143 -30.82 -24.29 16.34
C ALA Q 143 -31.59 -25.55 15.95
N ILE Q 144 -32.79 -25.69 16.50
CA ILE Q 144 -33.65 -26.84 16.27
C ILE Q 144 -34.93 -26.36 15.63
N ASP Q 145 -35.31 -27.00 14.52
CA ASP Q 145 -36.52 -26.60 13.81
C ASP Q 145 -37.76 -27.06 14.58
N PHE Q 146 -38.69 -26.14 14.76
CA PHE Q 146 -39.97 -26.41 15.43
C PHE Q 146 -41.07 -26.01 14.45
N SER Q 147 -41.45 -26.95 13.59
CA SER Q 147 -42.43 -26.71 12.54
C SER Q 147 -43.69 -27.50 12.82
N THR Q 148 -44.85 -26.88 12.53
CA THR Q 148 -46.12 -27.55 12.76
C THR Q 148 -46.39 -28.62 11.72
N GLU Q 149 -45.90 -28.43 10.48
CA GLU Q 149 -46.16 -29.40 9.42
C GLU Q 149 -45.50 -30.74 9.72
N ASP Q 150 -44.35 -30.73 10.40
CA ASP Q 150 -43.65 -31.97 10.76
C ASP Q 150 -44.36 -32.62 11.95
N VAL Q 151 -45.59 -33.06 11.69
CA VAL Q 151 -46.39 -33.70 12.73
C VAL Q 151 -45.84 -35.08 13.06
N THR Q 152 -45.28 -35.79 12.08
CA THR Q 152 -44.75 -37.14 12.26
C THR Q 152 -43.23 -37.14 12.38
N ALA Q 153 -42.65 -36.13 13.02
CA ALA Q 153 -41.20 -36.06 13.20
C ALA Q 153 -40.90 -35.62 14.62
N ALA Q 154 -39.90 -36.26 15.23
CA ALA Q 154 -39.45 -35.91 16.56
C ALA Q 154 -38.37 -34.84 16.50
N VAL Q 155 -38.26 -34.07 17.58
CA VAL Q 155 -37.24 -33.03 17.66
C VAL Q 155 -35.86 -33.67 17.69
N ARG Q 156 -34.94 -33.14 16.88
CA ARG Q 156 -33.59 -33.70 16.74
C ARG Q 156 -32.57 -32.61 17.03
N PRO Q 157 -32.19 -32.44 18.31
CA PRO Q 157 -31.13 -31.48 18.63
C PRO Q 157 -29.82 -31.86 17.95
N SER Q 158 -29.08 -30.84 17.51
CA SER Q 158 -27.77 -31.00 16.90
C SER Q 158 -26.72 -30.48 17.85
N LEU Q 159 -25.71 -31.31 18.13
CA LEU Q 159 -24.65 -30.99 19.06
C LEU Q 159 -23.33 -30.91 18.31
N ARG Q 160 -22.65 -29.78 18.44
CA ARG Q 160 -21.32 -29.59 17.87
C ARG Q 160 -20.31 -29.96 18.94
N ILE Q 161 -19.54 -31.02 18.70
CA ILE Q 161 -18.57 -31.52 19.67
C ILE Q 161 -17.18 -31.21 19.12
N VAL Q 162 -16.40 -30.44 19.88
CA VAL Q 162 -15.04 -30.09 19.51
C VAL Q 162 -14.10 -30.94 20.35
N TYR Q 163 -13.20 -31.66 19.69
CA TYR Q 163 -12.24 -32.52 20.36
C TYR Q 163 -10.84 -31.94 20.23
N ASN Q 164 -10.09 -32.00 21.33
CA ASN Q 164 -8.74 -31.44 21.37
C ASN Q 164 -7.65 -32.49 21.34
N TRP Q 165 -7.96 -33.75 21.60
CA TRP Q 165 -6.96 -34.81 21.49
C TRP Q 165 -7.65 -36.15 21.32
N ILE Q 166 -7.15 -36.94 20.37
CA ILE Q 166 -7.65 -38.27 20.07
C ILE Q 166 -6.68 -39.28 20.68
N GLU Q 167 -7.22 -40.28 21.37
CA GLU Q 167 -6.42 -41.29 22.03
C GLU Q 167 -6.95 -42.68 21.68
N TRP Q 168 -6.05 -43.62 21.45
CA TRP Q 168 -6.44 -45.00 21.21
C TRP Q 168 -5.46 -45.93 21.93
N ASP Q 169 -6.00 -46.90 22.65
CA ASP Q 169 -5.18 -47.84 23.40
C ASP Q 169 -4.55 -48.88 22.48
N GLY R 2 -41.63 -35.49 -47.03
CA GLY R 2 -40.65 -35.05 -46.05
C GLY R 2 -39.33 -34.62 -46.67
N HIS R 3 -38.23 -34.94 -45.99
CA HIS R 3 -36.92 -34.60 -46.50
C HIS R 3 -36.59 -35.41 -47.74
N ASN R 4 -35.82 -34.80 -48.64
CA ASN R 4 -35.50 -35.44 -49.92
C ASN R 4 -34.30 -36.37 -49.78
N ASN R 5 -33.23 -35.90 -49.14
CA ASN R 5 -32.01 -36.69 -48.96
C ASN R 5 -32.22 -37.63 -47.77
N THR R 6 -32.81 -38.79 -48.05
CA THR R 6 -33.17 -39.72 -46.97
C THR R 6 -32.68 -41.13 -47.23
N LYS R 7 -31.83 -41.37 -48.23
CA LYS R 7 -31.38 -42.72 -48.52
C LYS R 7 -30.52 -43.26 -47.38
N GLY R 8 -30.57 -44.56 -47.19
CA GLY R 8 -29.81 -45.21 -46.13
C GLY R 8 -29.37 -46.60 -46.55
N ASN R 9 -28.27 -47.06 -45.95
CA ASN R 9 -27.71 -48.35 -46.24
C ASN R 9 -27.34 -49.08 -44.95
N ARG R 10 -27.30 -50.41 -45.03
CA ARG R 10 -26.96 -51.25 -43.90
C ARG R 10 -25.50 -51.62 -43.84
N LYS R 11 -24.82 -51.69 -45.00
CA LYS R 11 -23.43 -52.13 -45.02
C LYS R 11 -22.53 -51.17 -44.24
N PHE R 12 -22.83 -49.87 -44.26
CA PHE R 12 -22.07 -48.93 -43.45
C PHE R 12 -22.24 -49.23 -41.96
N ILE R 13 -23.47 -49.47 -41.52
CA ILE R 13 -23.72 -49.80 -40.13
C ILE R 13 -23.06 -51.12 -39.76
N LYS R 14 -23.09 -52.10 -40.68
CA LYS R 14 -22.40 -53.37 -40.45
C LYS R 14 -20.91 -53.16 -40.27
N GLY R 15 -20.31 -52.32 -41.12
CA GLY R 15 -18.89 -52.06 -40.99
C GLY R 15 -18.54 -51.37 -39.68
N ARG R 16 -19.33 -50.37 -39.29
CA ARG R 16 -19.07 -49.70 -38.02
C ARG R 16 -19.23 -50.65 -36.84
N TYR R 17 -20.26 -51.50 -36.87
CA TYR R 17 -20.46 -52.46 -35.80
C TYR R 17 -19.32 -53.46 -35.72
N THR R 18 -18.85 -53.95 -36.87
CA THR R 18 -17.73 -54.88 -36.87
C THR R 18 -16.46 -54.22 -36.35
N ALA R 19 -16.20 -52.98 -36.76
CA ALA R 19 -15.02 -52.27 -36.28
C ALA R 19 -15.09 -52.05 -34.77
N ASN R 20 -16.27 -51.70 -34.26
CA ASN R 20 -16.41 -51.50 -32.82
C ASN R 20 -16.25 -52.81 -32.06
N ALA R 21 -16.78 -53.91 -32.58
CA ALA R 21 -16.71 -55.18 -31.88
C ALA R 21 -15.33 -55.83 -31.96
N ALA R 22 -14.55 -55.52 -32.99
CA ALA R 22 -13.25 -56.15 -33.14
C ALA R 22 -12.22 -55.67 -32.12
N LYS R 23 -12.53 -54.63 -31.34
CA LYS R 23 -11.57 -54.09 -30.39
C LYS R 23 -11.43 -54.92 -29.13
N GLY R 24 -12.30 -55.89 -28.90
CA GLY R 24 -12.23 -56.74 -27.73
C GLY R 24 -13.21 -56.33 -26.66
N GLU R 25 -13.13 -57.04 -25.53
CA GLU R 25 -14.02 -56.79 -24.42
C GLU R 25 -13.76 -55.42 -23.80
N ARG R 26 -14.81 -54.84 -23.23
CA ARG R 26 -14.71 -53.57 -22.53
C ARG R 26 -14.43 -53.83 -21.05
N LEU R 27 -13.57 -53.02 -20.46
CA LEU R 27 -13.19 -53.19 -19.06
C LEU R 27 -14.34 -52.75 -18.17
N VAL R 28 -14.96 -53.71 -17.49
CA VAL R 28 -16.03 -53.39 -16.54
C VAL R 28 -15.45 -52.63 -15.36
N SER R 29 -16.22 -51.68 -14.83
CA SER R 29 -15.75 -50.83 -13.75
C SER R 29 -15.58 -51.58 -12.43
N SER R 30 -16.10 -52.80 -12.33
CA SER R 30 -16.00 -53.57 -11.10
C SER R 30 -14.81 -54.52 -11.08
N GLU R 31 -14.01 -54.56 -12.14
CA GLU R 31 -12.86 -55.45 -12.24
C GLU R 31 -11.59 -54.63 -12.04
N PHE R 32 -11.03 -54.69 -10.84
CA PHE R 32 -9.81 -53.95 -10.52
C PHE R 32 -9.18 -54.57 -9.28
N LEU R 33 -7.95 -54.17 -9.00
CA LEU R 33 -7.23 -54.66 -7.83
C LEU R 33 -6.18 -53.64 -7.43
N LEU R 34 -6.33 -53.08 -6.24
CA LEU R 34 -5.39 -52.11 -5.70
C LEU R 34 -4.74 -52.72 -4.46
N THR R 35 -3.43 -52.98 -4.53
CA THR R 35 -2.74 -53.64 -3.43
C THR R 35 -1.52 -52.86 -2.99
N PHE R 36 -1.35 -52.74 -1.68
CA PHE R 36 -0.29 -51.97 -1.07
C PHE R 36 1.01 -52.79 -1.06
N ALA R 37 1.98 -52.34 -0.28
CA ALA R 37 3.23 -53.06 -0.08
C ALA R 37 3.26 -53.61 1.33
N GLY R 38 3.37 -54.94 1.47
CA GLY R 38 3.44 -55.57 2.76
C GLY R 38 2.14 -55.70 3.50
N HIS R 39 1.02 -55.35 2.88
CA HIS R 39 -0.31 -55.44 3.50
C HIS R 39 -1.29 -56.05 2.51
N GLU R 40 -0.91 -57.18 1.92
CA GLU R 40 -1.75 -57.84 0.92
C GLU R 40 -3.07 -58.31 1.48
N ASP R 41 -3.17 -58.51 2.80
CA ASP R 41 -4.42 -58.96 3.41
C ASP R 41 -5.47 -57.86 3.45
N ILE R 42 -5.11 -56.61 3.17
CA ILE R 42 -6.07 -55.51 3.21
C ILE R 42 -6.64 -55.20 1.83
N SER R 43 -5.96 -55.62 0.75
CA SER R 43 -6.41 -55.29 -0.60
C SER R 43 -7.79 -55.86 -0.92
N VAL R 44 -8.21 -56.92 -0.23
CA VAL R 44 -9.55 -57.47 -0.47
C VAL R 44 -10.63 -56.51 -0.01
N LEU R 45 -10.40 -55.80 1.10
CA LEU R 45 -11.42 -54.94 1.69
C LEU R 45 -11.67 -53.66 0.90
N VAL R 46 -10.83 -53.33 -0.08
CA VAL R 46 -11.05 -52.13 -0.88
C VAL R 46 -12.32 -52.28 -1.70
N ARG R 47 -13.05 -51.17 -1.88
CA ARG R 47 -14.35 -51.20 -2.53
C ARG R 47 -14.43 -50.22 -3.69
N THR R 48 -13.69 -49.12 -3.59
CA THR R 48 -13.74 -48.08 -4.62
C THR R 48 -12.39 -47.36 -4.65
N SER R 49 -11.85 -47.16 -5.84
CA SER R 49 -10.55 -46.52 -6.01
C SER R 49 -10.61 -45.59 -7.21
N GLN R 50 -9.45 -45.08 -7.61
CA GLN R 50 -9.37 -44.11 -8.71
C GLN R 50 -7.96 -44.14 -9.29
N ILE R 51 -7.87 -44.40 -10.59
CA ILE R 51 -6.58 -44.28 -11.28
C ILE R 51 -6.17 -42.81 -11.31
N PRO R 52 -4.93 -42.47 -10.98
CA PRO R 52 -4.56 -41.06 -10.78
C PRO R 52 -4.50 -40.29 -12.09
N GLU R 53 -4.27 -38.98 -11.93
CA GLU R 53 -4.19 -38.09 -13.08
C GLU R 53 -3.00 -38.44 -13.96
N MET R 54 -3.19 -38.29 -15.28
CA MET R 54 -2.12 -38.46 -16.26
C MET R 54 -2.11 -37.20 -17.11
N THR R 55 -1.42 -36.17 -16.64
CA THR R 55 -1.41 -34.88 -17.30
C THR R 55 -0.19 -34.09 -16.84
N ARG R 56 0.08 -33.01 -17.55
CA ARG R 56 1.16 -32.09 -17.21
C ARG R 56 0.64 -30.66 -17.25
N GLU R 57 1.29 -29.80 -16.47
CA GLU R 57 0.91 -28.39 -16.43
C GLU R 57 1.14 -27.74 -17.78
N ASP R 58 0.36 -26.70 -18.07
CA ASP R 58 0.47 -25.97 -19.31
C ASP R 58 0.92 -24.53 -19.07
N VAL R 59 1.53 -23.93 -20.08
CA VAL R 59 1.94 -22.54 -20.04
C VAL R 59 1.22 -21.78 -21.15
N GLU R 60 0.78 -20.57 -20.84
CA GLU R 60 -0.04 -19.76 -21.73
C GLU R 60 0.78 -18.59 -22.22
N ASP R 61 1.00 -18.53 -23.53
CA ASP R 61 1.81 -17.48 -24.15
C ASP R 61 0.93 -16.65 -25.07
N TYR R 62 0.91 -15.33 -24.84
CA TYR R 62 0.08 -14.43 -25.64
C TYR R 62 0.92 -13.88 -26.78
N GLY R 63 0.66 -14.36 -28.00
CA GLY R 63 1.37 -13.91 -29.16
C GLY R 63 0.85 -12.60 -29.68
N PRO R 64 1.52 -12.07 -30.71
CA PRO R 64 1.15 -10.76 -31.25
C PRO R 64 -0.25 -10.78 -31.84
N ASN R 65 -0.91 -9.62 -31.79
CA ASN R 65 -2.24 -9.40 -32.37
C ASN R 65 -3.28 -10.30 -31.73
N GLY R 66 -3.10 -10.67 -30.46
CA GLY R 66 -4.10 -11.38 -29.71
C GLY R 66 -4.07 -12.89 -29.82
N VAL R 67 -3.23 -13.45 -30.69
CA VAL R 67 -3.14 -14.90 -30.78
C VAL R 67 -2.52 -15.46 -29.51
N LYS R 68 -2.91 -16.68 -29.16
CA LYS R 68 -2.47 -17.30 -27.92
C LYS R 68 -2.08 -18.74 -28.17
N PHE R 69 -1.16 -19.24 -27.36
CA PHE R 69 -0.61 -20.59 -27.51
C PHE R 69 -0.55 -21.27 -26.16
N ASN R 70 -0.89 -22.56 -26.14
CA ASN R 70 -0.78 -23.39 -24.95
C ASN R 70 0.35 -24.38 -25.19
N GLN R 71 1.35 -24.37 -24.31
CA GLN R 71 2.54 -25.17 -24.49
C GLN R 71 2.72 -26.12 -23.30
N HIS R 72 3.22 -27.32 -23.60
CA HIS R 72 3.49 -28.31 -22.56
C HIS R 72 4.47 -27.76 -21.54
N GLY R 73 4.20 -28.05 -20.27
CA GLY R 73 5.06 -27.63 -19.19
C GLY R 73 5.59 -28.80 -18.38
N PRO R 74 6.09 -28.53 -17.18
CA PRO R 74 6.58 -29.62 -16.33
C PRO R 74 5.45 -30.56 -15.95
N ILE R 75 5.80 -31.85 -15.81
CA ILE R 75 4.81 -32.87 -15.53
C ILE R 75 4.26 -32.71 -14.12
N ARG R 76 3.01 -33.11 -13.94
CA ARG R 76 2.36 -33.13 -12.63
C ARG R 76 2.53 -34.54 -12.07
N ASN R 77 3.36 -34.67 -11.03
CA ASN R 77 3.69 -35.98 -10.50
C ASN R 77 2.78 -36.36 -9.33
N SER R 78 2.72 -35.53 -8.30
CA SER R 78 1.94 -35.85 -7.13
C SER R 78 0.45 -35.64 -7.39
N GLY R 79 -0.36 -35.95 -6.39
CA GLY R 79 -1.79 -35.75 -6.48
C GLY R 79 -2.50 -36.50 -5.37
N GLU R 80 -3.82 -36.37 -5.38
CA GLU R 80 -4.68 -36.90 -4.33
C GLU R 80 -5.81 -37.70 -4.94
N ILE R 81 -6.11 -38.86 -4.36
CA ILE R 81 -7.22 -39.70 -4.79
C ILE R 81 -8.01 -40.14 -3.58
N GLN R 82 -9.26 -40.52 -3.82
CA GLN R 82 -10.18 -40.95 -2.78
C GLN R 82 -10.50 -42.43 -2.96
N VAL R 83 -10.40 -43.20 -1.88
CA VAL R 83 -10.63 -44.63 -1.91
C VAL R 83 -11.64 -44.99 -0.83
N GLN R 84 -12.66 -45.77 -1.20
CA GLN R 84 -13.69 -46.18 -0.26
C GLN R 84 -13.48 -47.64 0.11
N CYS R 85 -13.42 -47.91 1.41
CA CYS R 85 -13.28 -49.26 1.95
C CYS R 85 -14.53 -49.60 2.76
N VAL R 86 -14.55 -50.82 3.30
CA VAL R 86 -15.67 -51.29 4.10
C VAL R 86 -15.10 -51.83 5.41
N GLU R 87 -15.54 -51.27 6.54
CA GLU R 87 -15.04 -51.67 7.83
C GLU R 87 -15.51 -53.07 8.19
N THR R 88 -14.66 -53.81 8.91
CA THR R 88 -15.00 -55.13 9.41
C THR R 88 -15.23 -55.07 10.91
N ILE R 89 -15.72 -56.19 11.46
CA ILE R 89 -16.05 -56.25 12.88
C ILE R 89 -14.80 -56.25 13.75
N GLU R 90 -13.66 -56.67 13.23
CA GLU R 90 -12.41 -56.67 13.98
C GLU R 90 -11.60 -55.41 13.78
N GLY R 91 -12.08 -54.46 12.97
CA GLY R 91 -11.36 -53.22 12.76
C GLY R 91 -10.01 -53.38 12.09
N ASP R 92 -9.92 -54.25 11.08
CA ASP R 92 -8.67 -54.42 10.36
C ASP R 92 -8.26 -53.13 9.65
N ILE R 93 -9.21 -52.47 8.98
CA ILE R 93 -8.91 -51.21 8.32
C ILE R 93 -8.60 -50.13 9.35
N LEU R 94 -9.35 -50.10 10.46
CA LEU R 94 -9.07 -49.14 11.51
C LEU R 94 -7.69 -49.34 12.10
N GLN R 95 -7.32 -50.58 12.37
CA GLN R 95 -5.97 -50.85 12.88
C GLN R 95 -4.91 -50.45 11.86
N PHE R 96 -5.19 -50.68 10.57
CA PHE R 96 -4.24 -50.32 9.52
C PHE R 96 -4.02 -48.80 9.48
N ILE R 97 -5.11 -48.02 9.56
CA ILE R 97 -4.94 -46.58 9.48
C ILE R 97 -4.27 -46.06 10.75
N LYS R 98 -4.58 -46.64 11.91
CA LYS R 98 -3.87 -46.26 13.13
C LYS R 98 -2.38 -46.52 13.01
N ASP R 99 -2.01 -47.68 12.47
CA ASP R 99 -0.60 -48.01 12.28
C ASP R 99 0.06 -47.04 11.31
N ARG R 100 -0.62 -46.70 10.22
CA ARG R 100 -0.06 -45.77 9.25
C ARG R 100 0.15 -44.39 9.85
N ILE R 101 -0.82 -43.90 10.61
CA ILE R 101 -0.69 -42.56 11.18
C ILE R 101 0.36 -42.53 12.29
N ALA R 102 0.51 -43.62 13.04
CA ALA R 102 1.51 -43.64 14.10
C ALA R 102 2.93 -43.84 13.55
N ALA R 103 3.09 -44.63 12.49
CA ALA R 103 4.41 -44.96 11.97
C ALA R 103 5.05 -43.83 11.17
N LYS R 104 4.26 -42.96 10.55
CA LYS R 104 4.77 -41.87 9.71
C LYS R 104 5.68 -42.40 8.61
N ASP R 105 5.23 -43.46 7.95
CA ASP R 105 6.01 -44.11 6.91
C ASP R 105 5.35 -43.92 5.54
N TYR R 106 6.10 -44.26 4.50
CA TYR R 106 5.64 -44.17 3.12
C TYR R 106 5.53 -45.57 2.54
N VAL R 107 4.39 -45.86 1.91
CA VAL R 107 4.16 -47.13 1.27
C VAL R 107 3.95 -46.90 -0.22
N ASP R 108 4.14 -47.95 -1.00
CA ASP R 108 3.94 -47.91 -2.45
C ASP R 108 2.77 -48.81 -2.80
N ILE R 109 1.87 -48.30 -3.63
CA ILE R 109 0.66 -49.04 -4.02
C ILE R 109 0.74 -49.37 -5.50
N THR R 110 0.22 -50.53 -5.87
CA THR R 110 0.13 -50.93 -7.27
C THR R 110 -1.33 -51.17 -7.64
N MET R 111 -1.73 -50.57 -8.76
CA MET R 111 -3.09 -50.64 -9.28
C MET R 111 -3.07 -51.47 -10.55
N ALA R 112 -3.94 -52.47 -10.63
CA ALA R 112 -3.99 -53.33 -11.78
C ALA R 112 -5.43 -53.56 -12.19
N ALA R 113 -5.65 -53.76 -13.48
CA ALA R 113 -6.95 -54.19 -13.99
C ALA R 113 -6.88 -55.70 -14.22
N THR R 114 -7.69 -56.45 -13.48
CA THR R 114 -7.64 -57.92 -13.48
C THR R 114 -9.03 -58.45 -13.82
N PRO R 115 -9.42 -58.39 -15.09
CA PRO R 115 -10.73 -58.92 -15.48
C PRO R 115 -10.76 -60.44 -15.41
N GLU R 116 -11.97 -60.96 -15.28
CA GLU R 116 -12.15 -62.41 -15.23
C GLU R 116 -11.75 -63.07 -16.55
N SER R 117 -11.80 -62.33 -17.65
CA SER R 117 -11.49 -62.90 -18.96
C SER R 117 -10.05 -63.39 -19.03
N LYS R 118 -9.12 -62.57 -18.54
CA LYS R 118 -7.69 -62.92 -18.61
C LYS R 118 -7.20 -63.66 -17.37
N SER R 119 -8.05 -63.82 -16.35
CA SER R 119 -7.62 -64.49 -15.13
C SER R 119 -7.43 -65.99 -15.36
N SER R 120 -6.48 -66.56 -14.64
CA SER R 120 -6.20 -67.99 -14.69
C SER R 120 -6.06 -68.51 -13.27
N GLY R 121 -6.75 -69.60 -12.96
CA GLY R 121 -6.70 -70.13 -11.62
C GLY R 121 -7.47 -69.25 -10.65
N VAL R 122 -7.06 -69.32 -9.37
CA VAL R 122 -7.68 -68.53 -8.32
C VAL R 122 -6.85 -67.28 -8.07
N ASN R 123 -5.90 -67.01 -8.95
CA ASN R 123 -5.01 -65.86 -8.83
C ASN R 123 -5.20 -64.94 -10.03
N ALA R 124 -5.27 -63.64 -9.77
CA ALA R 124 -5.50 -62.67 -10.83
C ALA R 124 -4.29 -62.56 -11.76
N VAL R 125 -4.56 -62.28 -13.02
CA VAL R 125 -3.53 -62.10 -14.04
C VAL R 125 -3.64 -60.67 -14.56
N THR R 126 -2.53 -59.93 -14.50
CA THR R 126 -2.49 -58.54 -14.91
C THR R 126 -1.69 -58.39 -16.20
N LYS R 127 -1.66 -57.16 -16.72
CA LYS R 127 -0.91 -56.84 -17.92
C LYS R 127 -0.15 -55.55 -17.69
N ALA R 128 0.96 -55.40 -18.43
CA ALA R 128 1.78 -54.21 -18.31
C ALA R 128 1.08 -52.95 -18.81
N ALA R 129 0.10 -53.11 -19.71
CA ALA R 129 -0.59 -51.92 -20.24
C ALA R 129 -1.50 -51.29 -19.20
N THR R 130 -2.25 -52.10 -18.46
CA THR R 130 -3.23 -51.61 -17.49
C THR R 130 -2.73 -51.72 -16.05
N THR R 131 -1.43 -51.50 -15.83
CA THR R 131 -0.86 -51.56 -14.49
C THR R 131 -0.13 -50.25 -14.22
N ILE R 132 -0.44 -49.64 -13.08
CA ILE R 132 0.18 -48.39 -12.64
C ILE R 132 0.73 -48.59 -11.24
N GLU R 133 1.74 -47.79 -10.90
CA GLU R 133 2.33 -47.84 -9.56
C GLU R 133 2.46 -46.42 -9.01
N MET R 134 2.06 -46.25 -7.77
CA MET R 134 2.19 -44.97 -7.08
C MET R 134 3.21 -45.13 -5.95
N LEU R 135 4.23 -44.29 -5.97
CA LEU R 135 5.33 -44.37 -5.04
C LEU R 135 5.21 -43.28 -3.97
N ASP R 136 5.76 -43.59 -2.79
CA ASP R 136 5.79 -42.65 -1.67
C ASP R 136 4.39 -42.16 -1.31
N CYS R 137 3.42 -43.07 -1.37
CA CYS R 137 2.05 -42.73 -1.06
C CYS R 137 1.85 -42.54 0.43
N LYS R 138 0.89 -41.69 0.79
CA LYS R 138 0.51 -41.48 2.17
C LYS R 138 -1.00 -41.67 2.29
N ILE R 139 -1.42 -42.35 3.36
CA ILE R 139 -2.82 -42.69 3.59
C ILE R 139 -3.32 -41.89 4.79
N TYR R 140 -4.38 -41.13 4.58
CA TYR R 140 -5.07 -40.43 5.65
C TYR R 140 -6.52 -40.89 5.70
N SER R 141 -7.11 -40.85 6.88
CA SER R 141 -8.49 -41.28 7.05
C SER R 141 -9.44 -40.11 6.85
N ASP R 142 -10.72 -40.33 7.13
CA ASP R 142 -11.73 -39.29 6.99
C ASP R 142 -12.88 -39.61 7.92
N ALA R 143 -13.71 -38.60 8.18
CA ALA R 143 -14.87 -38.78 9.05
C ALA R 143 -15.84 -39.78 8.43
N ILE R 144 -16.38 -40.66 9.27
CA ILE R 144 -17.31 -41.70 8.85
C ILE R 144 -18.64 -41.48 9.54
N ASP R 145 -19.72 -41.48 8.77
CA ASP R 145 -21.04 -41.25 9.33
C ASP R 145 -21.51 -42.48 10.10
N PHE R 146 -21.98 -42.27 11.33
CA PHE R 146 -22.52 -43.33 12.17
C PHE R 146 -23.94 -42.91 12.54
N SER R 147 -24.89 -43.27 11.69
CA SER R 147 -26.28 -42.87 11.86
C SER R 147 -27.13 -44.11 12.16
N THR R 148 -28.11 -43.93 13.05
CA THR R 148 -28.99 -45.05 13.41
C THR R 148 -29.99 -45.35 12.30
N GLU R 149 -30.41 -44.34 11.55
CA GLU R 149 -31.40 -44.56 10.49
C GLU R 149 -30.85 -45.48 9.40
N ASP R 150 -29.55 -45.42 9.13
CA ASP R 150 -28.92 -46.26 8.11
C ASP R 150 -28.74 -47.68 8.66
N VAL R 151 -29.89 -48.33 8.92
CA VAL R 151 -29.88 -49.68 9.45
C VAL R 151 -29.39 -50.68 8.41
N THR R 152 -29.68 -50.43 7.13
CA THR R 152 -29.31 -51.34 6.04
C THR R 152 -28.10 -50.83 5.27
N ALA R 153 -27.14 -50.22 5.97
CA ALA R 153 -25.94 -49.70 5.32
C ALA R 153 -24.72 -50.04 6.17
N ALA R 154 -23.65 -50.47 5.51
CA ALA R 154 -22.41 -50.79 6.18
C ALA R 154 -21.51 -49.55 6.25
N VAL R 155 -20.63 -49.55 7.25
CA VAL R 155 -19.70 -48.44 7.43
C VAL R 155 -18.73 -48.41 6.25
N ARG R 156 -18.51 -47.22 5.69
CA ARG R 156 -17.68 -47.04 4.50
C ARG R 156 -16.59 -46.01 4.82
N PRO R 157 -15.46 -46.43 5.37
CA PRO R 157 -14.35 -45.49 5.60
C PRO R 157 -13.86 -44.88 4.29
N SER R 158 -13.51 -43.61 4.35
CA SER R 158 -12.97 -42.87 3.21
C SER R 158 -11.49 -42.60 3.47
N LEU R 159 -10.66 -42.92 2.50
CA LEU R 159 -9.21 -42.78 2.62
C LEU R 159 -8.71 -41.82 1.55
N ARG R 160 -7.97 -40.81 2.00
CA ARG R 160 -7.29 -39.89 1.09
C ARG R 160 -5.88 -40.43 0.87
N ILE R 161 -5.59 -40.82 -0.37
CA ILE R 161 -4.29 -41.39 -0.73
C ILE R 161 -3.56 -40.34 -1.55
N VAL R 162 -2.39 -39.93 -1.08
CA VAL R 162 -1.56 -38.94 -1.75
C VAL R 162 -0.41 -39.68 -2.43
N TYR R 163 -0.28 -39.50 -3.73
CA TYR R 163 0.78 -40.14 -4.51
C TYR R 163 1.79 -39.08 -4.94
N ASN R 164 3.07 -39.41 -4.78
CA ASN R 164 4.15 -38.48 -5.10
C ASN R 164 4.85 -38.79 -6.42
N TRP R 165 4.64 -39.97 -6.99
CA TRP R 165 5.19 -40.27 -8.30
C TRP R 165 4.43 -41.44 -8.92
N ILE R 166 4.13 -41.30 -10.20
CA ILE R 166 3.43 -42.31 -10.98
C ILE R 166 4.44 -43.02 -11.87
N GLU R 167 4.39 -44.35 -11.89
CA GLU R 167 5.34 -45.16 -12.64
C GLU R 167 4.56 -46.22 -13.42
N TRP R 168 5.00 -46.50 -14.65
CA TRP R 168 4.41 -47.56 -15.45
C TRP R 168 5.50 -48.27 -16.24
N ASP R 169 5.46 -49.60 -16.23
CA ASP R 169 6.46 -50.40 -16.92
C ASP R 169 6.22 -50.41 -18.42
#